data_2NDP
#
_entry.id   2NDP
#
_entity_poly.entity_id   1
_entity_poly.type   'polypeptide(L)'
_entity_poly.pdbx_seq_one_letter_code
;MAKIKSLSAAEYLKEMADETNIKVQDIRLVVTSLQKVLAKELATTGEVRLFDIGKFKLVTTKPRTGINPKTKQKIQIPAG
KKIKLTVSKILTDAVDSHK
;
_entity_poly.pdbx_strand_id   A,B
#
# COMPACT_ATOMS: atom_id res chain seq x y z
N MET A 1 -0.84 -8.99 -18.55
CA MET A 1 -1.89 -9.10 -17.53
C MET A 1 -3.10 -8.32 -17.99
N ALA A 2 -4.02 -7.98 -17.08
CA ALA A 2 -5.22 -7.19 -17.29
C ALA A 2 -4.82 -5.72 -17.37
N LYS A 3 -5.28 -4.99 -18.38
CA LYS A 3 -4.91 -3.62 -18.62
C LYS A 3 -6.00 -2.77 -18.00
N ILE A 4 -5.61 -1.75 -17.24
CA ILE A 4 -6.35 -0.71 -16.56
C ILE A 4 -5.37 0.47 -16.51
N LYS A 5 -5.89 1.60 -16.03
CA LYS A 5 -5.07 2.72 -15.59
C LYS A 5 -4.16 2.31 -14.44
N SER A 6 -2.85 2.54 -14.48
CA SER A 6 -1.90 1.84 -13.63
C SER A 6 -0.60 2.60 -13.45
N LEU A 7 0.21 2.28 -12.43
CA LEU A 7 1.55 2.71 -12.13
C LEU A 7 2.49 1.62 -11.67
N SER A 8 3.66 1.47 -12.30
CA SER A 8 4.79 0.72 -11.78
C SER A 8 5.42 1.62 -10.73
N ALA A 9 6.43 1.06 -10.04
CA ALA A 9 7.33 1.84 -9.22
C ALA A 9 8.19 2.79 -10.06
N ALA A 10 8.37 2.37 -11.31
CA ALA A 10 9.09 3.17 -12.30
C ALA A 10 8.34 4.41 -12.75
N GLU A 11 7.00 4.43 -12.72
CA GLU A 11 6.06 5.51 -12.91
C GLU A 11 6.17 6.62 -11.88
N TYR A 12 6.32 6.24 -10.60
CA TYR A 12 6.56 7.11 -9.48
C TYR A 12 8.01 7.59 -9.52
N LEU A 13 8.97 6.77 -9.95
CA LEU A 13 10.36 7.10 -10.14
C LEU A 13 10.45 8.26 -11.11
N LYS A 14 9.66 8.15 -12.19
CA LYS A 14 9.66 9.16 -13.24
C LYS A 14 8.98 10.41 -12.72
N GLU A 15 7.91 10.28 -11.91
CA GLU A 15 7.14 11.30 -11.25
C GLU A 15 8.03 12.10 -10.27
N MET A 16 8.84 11.39 -9.50
CA MET A 16 9.83 11.93 -8.59
C MET A 16 10.98 12.75 -9.18
N ALA A 17 11.49 12.28 -10.34
CA ALA A 17 12.51 12.93 -11.13
C ALA A 17 11.95 14.18 -11.80
N ASP A 18 10.67 14.17 -12.12
CA ASP A 18 10.03 15.29 -12.78
C ASP A 18 9.71 16.43 -11.84
N GLU A 19 9.56 16.10 -10.56
CA GLU A 19 9.19 16.95 -9.44
C GLU A 19 10.41 17.67 -8.91
N THR A 20 11.63 17.12 -9.06
CA THR A 20 12.77 17.57 -8.27
C THR A 20 14.12 17.42 -8.98
N ASN A 21 14.99 18.43 -8.88
CA ASN A 21 16.35 18.51 -9.39
C ASN A 21 17.43 17.93 -8.48
N ILE A 22 17.16 17.73 -7.19
CA ILE A 22 18.06 17.40 -6.11
C ILE A 22 18.58 15.97 -6.22
N LYS A 23 18.11 15.16 -7.15
CA LYS A 23 18.30 13.72 -7.25
C LYS A 23 18.39 13.20 -8.67
N VAL A 24 19.17 12.18 -9.02
CA VAL A 24 19.42 11.71 -10.37
C VAL A 24 19.19 10.20 -10.43
N GLN A 25 20.22 9.38 -10.63
CA GLN A 25 20.01 7.94 -10.70
C GLN A 25 19.60 7.27 -9.40
N ASP A 26 19.91 8.03 -8.34
CA ASP A 26 19.57 7.81 -6.95
C ASP A 26 18.06 7.76 -6.72
N ILE A 27 17.20 8.05 -7.68
CA ILE A 27 15.75 8.08 -7.61
C ILE A 27 15.26 6.64 -7.57
N ARG A 28 15.92 5.71 -8.29
CA ARG A 28 15.62 4.28 -8.31
C ARG A 28 15.90 3.63 -6.95
N LEU A 29 17.05 3.96 -6.38
CA LEU A 29 17.41 3.78 -4.98
C LEU A 29 16.35 4.25 -4.01
N VAL A 30 16.06 5.56 -3.91
CA VAL A 30 15.22 6.15 -2.90
C VAL A 30 13.84 5.51 -2.91
N VAL A 31 13.31 5.15 -4.08
CA VAL A 31 12.01 4.58 -4.38
C VAL A 31 11.98 3.10 -4.03
N THR A 32 13.09 2.35 -4.11
CA THR A 32 13.24 1.03 -3.54
C THR A 32 13.33 1.09 -2.02
N SER A 33 14.04 2.03 -1.40
CA SER A 33 14.33 2.12 0.00
C SER A 33 13.04 2.38 0.82
N LEU A 34 12.20 3.25 0.25
CA LEU A 34 10.86 3.59 0.67
C LEU A 34 9.98 2.37 0.98
N GLN A 35 10.34 1.26 0.34
CA GLN A 35 9.59 0.02 0.39
C GLN A 35 10.42 -1.15 0.90
N LYS A 36 11.74 -1.28 0.76
CA LYS A 36 12.74 -2.17 1.33
C LYS A 36 12.67 -2.09 2.86
N VAL A 37 12.56 -0.89 3.43
CA VAL A 37 12.60 -0.76 4.86
C VAL A 37 11.22 -0.92 5.52
N LEU A 38 10.25 -1.05 4.61
CA LEU A 38 8.87 -1.26 4.98
C LEU A 38 8.79 -2.76 5.16
N ALA A 39 9.18 -3.49 4.12
CA ALA A 39 9.45 -4.91 4.13
C ALA A 39 10.35 -5.40 5.25
N LYS A 40 11.35 -4.67 5.73
CA LYS A 40 12.17 -5.02 6.88
C LYS A 40 11.50 -4.87 8.24
N GLU A 41 10.63 -3.86 8.33
CA GLU A 41 9.91 -3.51 9.55
C GLU A 41 8.79 -4.52 9.71
N LEU A 42 8.13 -4.92 8.60
CA LEU A 42 7.26 -6.07 8.62
C LEU A 42 7.85 -7.42 8.96
N ALA A 43 9.10 -7.73 8.54
CA ALA A 43 9.86 -8.91 8.86
C ALA A 43 10.27 -8.92 10.32
N THR A 44 10.43 -7.79 11.04
CA THR A 44 10.62 -7.71 12.46
C THR A 44 9.28 -7.76 13.17
N THR A 45 8.17 -7.75 12.41
CA THR A 45 6.78 -7.75 12.72
C THR A 45 6.30 -6.57 13.56
N GLY A 46 6.54 -5.36 13.05
CA GLY A 46 6.26 -4.09 13.67
C GLY A 46 5.17 -3.53 12.77
N GLU A 47 4.23 -2.77 13.33
CA GLU A 47 3.26 -1.97 12.57
C GLU A 47 4.02 -0.80 11.97
N VAL A 48 3.81 -0.50 10.67
CA VAL A 48 4.18 0.79 10.10
C VAL A 48 2.93 1.64 9.93
N ARG A 49 2.84 2.69 10.74
CA ARG A 49 1.84 3.71 10.53
C ARG A 49 2.21 4.99 9.80
N LEU A 50 1.97 5.12 8.50
CA LEU A 50 2.32 6.22 7.63
C LEU A 50 1.09 7.09 7.68
N PHE A 51 1.13 8.21 8.41
CA PHE A 51 0.09 9.18 8.69
C PHE A 51 -0.40 9.79 7.38
N ASP A 52 -1.68 9.62 7.06
CA ASP A 52 -2.53 10.04 5.96
C ASP A 52 -2.87 9.03 4.89
N ILE A 53 -2.26 7.83 4.92
CA ILE A 53 -2.55 6.74 4.02
C ILE A 53 -3.03 5.50 4.76
N GLY A 54 -2.66 5.32 6.03
CA GLY A 54 -2.96 4.20 6.92
C GLY A 54 -1.75 3.41 7.40
N LYS A 55 -2.06 2.19 7.88
CA LYS A 55 -1.11 1.31 8.52
C LYS A 55 -1.10 -0.12 7.98
N PHE A 56 0.10 -0.70 7.78
CA PHE A 56 0.62 -1.97 7.35
C PHE A 56 0.90 -2.76 8.62
N LYS A 57 0.11 -3.78 8.92
CA LYS A 57 0.22 -4.71 10.01
C LYS A 57 0.53 -6.03 9.33
N LEU A 58 1.56 -6.73 9.83
CA LEU A 58 1.66 -8.16 9.60
C LEU A 58 0.50 -8.90 10.24
N VAL A 59 -0.09 -9.91 9.61
CA VAL A 59 -1.16 -10.76 10.09
C VAL A 59 -0.73 -12.20 9.87
N THR A 60 -1.34 -13.14 10.56
CA THR A 60 -1.39 -14.56 10.23
C THR A 60 -2.85 -15.04 10.20
N THR A 61 -3.06 -15.99 9.30
CA THR A 61 -4.24 -16.82 9.20
C THR A 61 -3.85 -18.14 9.88
N LYS A 62 -4.35 -18.38 11.09
CA LYS A 62 -4.15 -19.63 11.80
C LYS A 62 -4.54 -20.90 11.05
N PRO A 63 -3.93 -22.07 11.28
CA PRO A 63 -4.31 -23.25 10.51
C PRO A 63 -5.66 -23.75 10.99
N ARG A 64 -6.48 -24.33 10.12
CA ARG A 64 -7.83 -24.78 10.41
C ARG A 64 -8.15 -26.05 9.63
N THR A 65 -8.68 -27.09 10.29
CA THR A 65 -9.39 -28.21 9.70
C THR A 65 -10.45 -27.66 8.76
N GLY A 66 -10.42 -28.13 7.51
CA GLY A 66 -11.57 -28.14 6.65
C GLY A 66 -12.11 -29.49 6.21
N ILE A 67 -13.43 -29.68 6.11
CA ILE A 67 -13.97 -30.90 5.55
C ILE A 67 -15.08 -30.51 4.56
N ASN A 68 -14.94 -30.99 3.33
CA ASN A 68 -16.08 -31.09 2.43
C ASN A 68 -16.54 -32.53 2.57
N PRO A 69 -17.75 -32.93 2.98
CA PRO A 69 -18.27 -34.27 3.15
C PRO A 69 -18.06 -35.30 2.06
N LYS A 70 -18.10 -34.93 0.79
CA LYS A 70 -17.85 -35.87 -0.30
C LYS A 70 -16.39 -36.18 -0.59
N THR A 71 -15.42 -35.34 -0.24
CA THR A 71 -14.05 -35.76 -0.46
C THR A 71 -13.53 -36.70 0.62
N LYS A 72 -12.67 -37.68 0.31
CA LYS A 72 -12.13 -38.57 1.32
C LYS A 72 -11.03 -37.85 2.10
N GLN A 73 -10.26 -36.97 1.42
CA GLN A 73 -9.19 -36.20 1.98
C GLN A 73 -9.70 -34.95 2.68
N LYS A 74 -9.15 -34.54 3.83
CA LYS A 74 -9.44 -33.35 4.60
C LYS A 74 -8.40 -32.33 4.19
N ILE A 75 -8.76 -31.33 3.36
CA ILE A 75 -7.92 -30.23 2.96
C ILE A 75 -7.96 -29.29 4.17
N GLN A 76 -7.00 -29.45 5.06
CA GLN A 76 -6.72 -28.65 6.23
C GLN A 76 -5.72 -27.57 5.88
N ILE A 77 -6.18 -26.34 5.68
CA ILE A 77 -5.39 -25.20 5.22
C ILE A 77 -4.45 -24.78 6.32
N PRO A 78 -3.14 -24.80 6.06
CA PRO A 78 -2.11 -24.48 7.04
C PRO A 78 -2.03 -23.03 7.51
N ALA A 79 -0.99 -22.70 8.24
CA ALA A 79 -0.71 -21.36 8.75
C ALA A 79 -0.04 -20.65 7.58
N GLY A 80 -0.53 -19.48 7.16
CA GLY A 80 0.14 -18.58 6.25
C GLY A 80 0.24 -17.20 6.90
N LYS A 81 1.38 -16.54 6.72
CA LYS A 81 1.72 -15.23 7.24
C LYS A 81 1.69 -14.19 6.12
N LYS A 82 0.95 -13.11 6.35
CA LYS A 82 0.54 -12.09 5.40
C LYS A 82 0.57 -10.68 5.95
N ILE A 83 0.25 -9.68 5.14
CA ILE A 83 0.12 -8.30 5.54
C ILE A 83 -1.33 -7.93 5.33
N LYS A 84 -1.99 -7.24 6.27
CA LYS A 84 -3.18 -6.45 6.04
C LYS A 84 -2.85 -4.96 6.02
N LEU A 85 -3.52 -4.19 5.17
CA LEU A 85 -3.45 -2.75 5.17
C LEU A 85 -4.77 -2.35 5.84
N THR A 86 -4.73 -1.35 6.73
CA THR A 86 -5.93 -0.73 7.24
C THR A 86 -5.82 0.75 6.88
N VAL A 87 -6.84 1.36 6.26
CA VAL A 87 -6.89 2.70 5.72
C VAL A 87 -6.80 3.81 6.74
N SER A 88 -6.23 4.96 6.35
CA SER A 88 -6.43 6.17 7.12
C SER A 88 -7.72 6.82 6.67
N LYS A 89 -8.34 7.55 7.59
CA LYS A 89 -9.58 8.29 7.42
C LYS A 89 -9.59 9.27 6.26
N ILE A 90 -8.49 10.03 6.10
CA ILE A 90 -8.41 11.14 5.18
C ILE A 90 -8.31 10.68 3.72
N LEU A 91 -7.76 9.47 3.53
CA LEU A 91 -7.70 8.80 2.25
C LEU A 91 -9.07 8.20 1.94
N THR A 92 -9.71 7.34 2.76
CA THR A 92 -10.88 6.62 2.34
C THR A 92 -12.21 7.14 2.90
N ASP A 93 -12.27 7.53 4.17
CA ASP A 93 -13.42 7.39 5.06
C ASP A 93 -14.51 8.44 4.96
N ALA A 94 -15.12 8.53 3.79
CA ALA A 94 -15.98 9.58 3.27
C ALA A 94 -15.25 10.86 2.91
N VAL A 95 -14.05 10.72 2.36
CA VAL A 95 -13.08 11.79 2.21
C VAL A 95 -12.49 11.58 0.84
N ASP A 96 -11.23 11.90 0.52
CA ASP A 96 -10.49 12.01 -0.71
C ASP A 96 -11.09 11.20 -1.85
N SER A 97 -11.01 9.88 -1.67
CA SER A 97 -11.26 8.92 -2.74
C SER A 97 -12.74 8.69 -2.92
N HIS A 98 -13.63 9.17 -2.06
CA HIS A 98 -15.04 8.84 -1.95
C HIS A 98 -15.85 10.07 -2.37
N LYS A 99 -15.28 11.01 -3.12
CA LYS A 99 -15.83 12.19 -3.75
C LYS A 99 -15.40 12.12 -5.22
N MET B 1 7.02 -3.39 18.60
CA MET B 1 7.58 -2.13 18.13
C MET B 1 6.63 -1.59 17.07
N ALA B 2 6.55 -0.31 16.71
CA ALA B 2 5.97 0.21 15.47
C ALA B 2 6.84 1.28 14.84
N LYS B 3 6.41 1.87 13.70
CA LYS B 3 7.18 2.86 12.97
C LYS B 3 6.36 3.95 12.30
N ILE B 4 6.71 5.22 12.55
CA ILE B 4 6.05 6.43 12.10
C ILE B 4 6.67 6.98 10.83
N LYS B 5 5.99 7.82 10.05
CA LYS B 5 6.41 8.45 8.82
C LYS B 5 7.70 9.21 9.05
N SER B 6 7.72 10.06 10.07
CA SER B 6 8.83 10.91 10.49
C SER B 6 10.06 10.10 10.88
N LEU B 7 9.89 8.95 11.51
CA LEU B 7 10.90 7.94 11.78
C LEU B 7 11.45 7.22 10.57
N SER B 8 10.56 7.02 9.61
CA SER B 8 10.90 6.60 8.25
C SER B 8 11.77 7.62 7.52
N ALA B 9 11.35 8.88 7.60
CA ALA B 9 12.02 10.00 6.95
C ALA B 9 13.38 10.30 7.58
N ALA B 10 13.57 9.82 8.81
CA ALA B 10 14.82 9.89 9.52
C ALA B 10 15.80 8.82 9.07
N GLU B 11 15.27 7.61 8.90
CA GLU B 11 16.12 6.48 8.59
C GLU B 11 16.45 6.50 7.10
N TYR B 12 15.73 7.24 6.25
CA TYR B 12 16.11 7.44 4.86
C TYR B 12 17.19 8.49 4.79
N LEU B 13 17.29 9.40 5.76
CA LEU B 13 18.29 10.44 5.77
C LEU B 13 19.64 9.82 6.11
N LYS B 14 19.69 9.00 7.18
CA LYS B 14 20.92 8.36 7.58
C LYS B 14 21.61 7.50 6.52
N GLU B 15 20.86 6.98 5.54
CA GLU B 15 21.33 6.14 4.45
C GLU B 15 21.53 7.00 3.21
N MET B 16 20.82 8.10 3.00
CA MET B 16 20.90 8.94 1.82
C MET B 16 21.41 10.32 2.18
N ALA B 17 22.29 10.46 3.17
CA ALA B 17 23.03 11.69 3.34
C ALA B 17 24.23 11.71 2.39
N ASP B 18 25.11 10.74 2.65
CA ASP B 18 26.32 10.39 1.93
C ASP B 18 27.31 11.54 1.95
N GLU B 19 28.27 11.59 1.00
CA GLU B 19 28.98 12.78 0.61
C GLU B 19 28.08 13.91 0.14
N THR B 20 27.16 13.60 -0.77
CA THR B 20 26.01 14.34 -1.25
C THR B 20 24.84 13.42 -1.61
N ASN B 21 23.60 13.78 -1.34
CA ASN B 21 22.42 13.08 -1.85
C ASN B 21 21.21 13.96 -1.56
N ILE B 22 20.65 13.92 -0.34
CA ILE B 22 19.41 14.62 -0.09
C ILE B 22 19.53 15.10 1.34
N LYS B 23 18.89 16.21 1.71
CA LYS B 23 18.97 16.80 3.03
C LYS B 23 17.65 16.57 3.77
N VAL B 24 17.63 16.59 5.09
CA VAL B 24 16.56 16.58 6.07
C VAL B 24 15.25 17.21 5.66
N GLN B 25 15.18 18.32 4.92
CA GLN B 25 13.96 19.00 4.58
C GLN B 25 13.57 18.53 3.18
N ASP B 26 14.45 17.80 2.49
CA ASP B 26 14.19 17.23 1.17
C ASP B 26 13.72 15.80 1.30
N ILE B 27 14.31 15.02 2.20
CA ILE B 27 13.91 13.67 2.56
C ILE B 27 12.48 13.69 3.12
N ARG B 28 12.15 14.79 3.78
CA ARG B 28 10.82 15.14 4.21
C ARG B 28 9.83 15.35 3.07
N LEU B 29 10.24 15.66 1.84
CA LEU B 29 9.36 15.89 0.73
C LEU B 29 9.17 14.57 -0.02
N VAL B 30 10.20 13.84 -0.44
CA VAL B 30 10.08 12.59 -1.15
C VAL B 30 9.19 11.57 -0.46
N VAL B 31 9.23 11.44 0.87
CA VAL B 31 8.45 10.53 1.68
C VAL B 31 6.98 10.88 1.59
N THR B 32 6.62 12.16 1.47
CA THR B 32 5.27 12.68 1.54
C THR B 32 4.71 12.86 0.13
N SER B 33 5.55 13.22 -0.83
CA SER B 33 5.20 13.16 -2.24
C SER B 33 4.77 11.75 -2.62
N LEU B 34 5.46 10.68 -2.22
CA LEU B 34 5.12 9.29 -2.47
C LEU B 34 3.66 8.96 -2.23
N GLN B 35 3.25 9.12 -0.97
CA GLN B 35 1.95 8.80 -0.40
C GLN B 35 0.82 9.76 -0.77
N LYS B 36 1.17 10.99 -1.16
CA LYS B 36 0.33 11.93 -1.89
C LYS B 36 0.09 11.50 -3.33
N VAL B 37 1.15 11.26 -4.13
CA VAL B 37 0.93 10.90 -5.52
C VAL B 37 0.23 9.57 -5.69
N LEU B 38 0.62 8.58 -4.86
CA LEU B 38 -0.11 7.33 -4.89
C LEU B 38 -1.56 7.40 -4.50
N ALA B 39 -1.94 8.34 -3.63
CA ALA B 39 -3.33 8.64 -3.34
C ALA B 39 -4.06 9.34 -4.48
N LYS B 40 -3.42 10.33 -5.10
CA LYS B 40 -3.90 11.00 -6.30
C LYS B 40 -4.09 10.06 -7.47
N GLU B 41 -3.30 8.98 -7.55
CA GLU B 41 -3.39 8.01 -8.60
C GLU B 41 -4.35 6.87 -8.34
N LEU B 42 -4.73 6.65 -7.09
CA LEU B 42 -5.93 5.86 -6.83
C LEU B 42 -7.17 6.72 -6.95
N ALA B 43 -7.13 8.04 -6.74
CA ALA B 43 -8.24 8.96 -6.91
C ALA B 43 -8.86 8.96 -8.31
N THR B 44 -7.99 8.95 -9.32
CA THR B 44 -8.28 8.82 -10.72
C THR B 44 -8.60 7.42 -11.21
N THR B 45 -8.77 6.44 -10.31
CA THR B 45 -9.15 5.07 -10.43
C THR B 45 -8.04 4.22 -11.06
N GLY B 46 -6.81 4.55 -10.68
CA GLY B 46 -5.65 3.77 -11.05
C GLY B 46 -5.11 2.81 -10.00
N GLU B 47 -4.31 1.82 -10.42
CA GLU B 47 -3.81 0.75 -9.56
C GLU B 47 -2.32 1.01 -9.43
N VAL B 48 -1.81 1.15 -8.21
CA VAL B 48 -0.39 1.20 -7.91
C VAL B 48 0.09 -0.24 -7.82
N ARG B 49 1.00 -0.76 -8.66
CA ARG B 49 1.75 -1.99 -8.61
C ARG B 49 3.18 -1.64 -8.21
N LEU B 50 3.53 -2.03 -6.98
CA LEU B 50 4.88 -1.87 -6.50
C LEU B 50 5.50 -3.26 -6.37
N PHE B 51 6.28 -3.72 -7.38
CA PHE B 51 7.13 -4.89 -7.32
C PHE B 51 8.02 -4.88 -6.08
N ASP B 52 7.92 -6.03 -5.39
CA ASP B 52 8.53 -6.45 -4.14
C ASP B 52 7.60 -6.51 -2.94
N ILE B 53 6.67 -5.57 -2.78
CA ILE B 53 5.68 -5.47 -1.73
C ILE B 53 4.31 -5.94 -2.19
N GLY B 54 3.69 -5.38 -3.22
CA GLY B 54 2.37 -5.77 -3.69
C GLY B 54 1.68 -4.54 -4.27
N LYS B 55 0.34 -4.56 -4.29
CA LYS B 55 -0.51 -3.74 -5.14
C LYS B 55 -1.66 -3.25 -4.28
N PHE B 56 -1.88 -1.93 -4.37
CA PHE B 56 -2.97 -1.18 -3.79
C PHE B 56 -3.90 -0.78 -4.91
N LYS B 57 -5.21 -0.95 -4.71
CA LYS B 57 -6.21 -0.70 -5.74
C LYS B 57 -7.51 -0.24 -5.09
N LEU B 58 -8.40 0.44 -5.81
CA LEU B 58 -9.67 0.72 -5.20
C LEU B 58 -10.61 -0.46 -5.32
N VAL B 59 -11.67 -0.48 -4.52
CA VAL B 59 -12.78 -1.42 -4.54
C VAL B 59 -14.02 -0.61 -4.17
N THR B 60 -15.13 -0.88 -4.86
CA THR B 60 -16.36 -0.11 -4.71
C THR B 60 -17.49 -1.10 -4.52
N THR B 61 -18.15 -1.13 -3.35
CA THR B 61 -19.37 -1.83 -3.01
C THR B 61 -20.27 -1.36 -4.13
N LYS B 62 -20.64 -2.28 -5.02
CA LYS B 62 -21.11 -2.03 -6.38
C LYS B 62 -22.38 -1.21 -6.55
N PRO B 63 -22.33 -0.04 -7.18
CA PRO B 63 -23.54 0.76 -7.27
C PRO B 63 -24.47 0.12 -8.30
N ARG B 64 -25.68 -0.16 -7.81
CA ARG B 64 -26.81 -0.52 -8.65
C ARG B 64 -27.41 0.70 -9.32
N THR B 65 -28.16 0.57 -10.42
CA THR B 65 -28.73 1.73 -11.04
C THR B 65 -30.17 1.75 -10.55
N GLY B 66 -30.66 2.94 -10.22
CA GLY B 66 -31.99 3.23 -9.77
C GLY B 66 -32.56 4.28 -10.71
N ILE B 67 -33.88 4.15 -10.93
CA ILE B 67 -34.69 5.15 -11.58
C ILE B 67 -35.44 5.69 -10.36
N ASN B 68 -34.90 6.74 -9.78
CA ASN B 68 -35.43 7.54 -8.69
C ASN B 68 -36.15 8.77 -9.24
N PRO B 69 -37.30 9.25 -8.75
CA PRO B 69 -38.03 10.38 -9.25
C PRO B 69 -37.25 11.69 -9.37
N LYS B 70 -36.76 12.03 -10.54
CA LYS B 70 -36.18 13.30 -10.92
C LYS B 70 -36.39 13.61 -12.40
N THR B 71 -35.31 13.38 -13.17
CA THR B 71 -35.26 13.45 -14.62
C THR B 71 -35.01 12.07 -15.23
N LYS B 72 -35.08 12.01 -16.56
CA LYS B 72 -34.65 10.93 -17.45
C LYS B 72 -33.35 10.21 -17.12
N GLN B 73 -32.39 10.84 -16.44
CA GLN B 73 -31.06 10.38 -16.11
C GLN B 73 -31.21 9.31 -15.05
N LYS B 74 -30.30 8.34 -14.99
CA LYS B 74 -30.25 7.28 -14.01
C LYS B 74 -29.46 7.74 -12.81
N ILE B 75 -29.89 7.32 -11.60
CA ILE B 75 -29.41 7.75 -10.32
C ILE B 75 -28.87 6.52 -9.62
N GLN B 76 -27.58 6.58 -9.27
CA GLN B 76 -26.85 5.47 -8.69
C GLN B 76 -27.27 5.26 -7.23
N ILE B 77 -27.46 3.99 -6.83
CA ILE B 77 -27.51 3.65 -5.43
C ILE B 77 -26.10 3.80 -4.88
N PRO B 78 -25.94 4.43 -3.70
CA PRO B 78 -24.66 4.98 -3.32
C PRO B 78 -23.61 3.88 -3.12
N ALA B 79 -22.40 3.94 -3.68
CA ALA B 79 -21.29 3.05 -3.37
C ALA B 79 -20.49 3.46 -2.13
N GLY B 80 -19.89 2.42 -1.54
CA GLY B 80 -18.86 2.55 -0.53
C GLY B 80 -17.52 2.30 -1.20
N LYS B 81 -16.61 3.28 -1.11
CA LYS B 81 -15.39 3.36 -1.87
C LYS B 81 -14.29 3.17 -0.83
N LYS B 82 -13.56 2.06 -0.96
CA LYS B 82 -12.45 1.61 -0.14
C LYS B 82 -11.17 1.28 -0.93
N ILE B 83 -10.04 0.97 -0.29
CA ILE B 83 -8.85 0.46 -0.95
C ILE B 83 -8.53 -0.89 -0.33
N LYS B 84 -7.92 -1.76 -1.16
CA LYS B 84 -7.37 -3.05 -0.80
C LYS B 84 -5.90 -3.08 -1.14
N LEU B 85 -5.06 -3.77 -0.36
CA LEU B 85 -3.69 -4.18 -0.61
C LEU B 85 -3.73 -5.70 -0.70
N THR B 86 -3.16 -6.20 -1.79
CA THR B 86 -2.83 -7.60 -2.00
C THR B 86 -1.33 -7.74 -2.21
N VAL B 87 -0.71 -8.63 -1.42
CA VAL B 87 0.71 -8.70 -1.17
C VAL B 87 1.41 -9.47 -2.30
N SER B 88 2.61 -9.04 -2.70
CA SER B 88 3.43 -9.78 -3.63
C SER B 88 4.18 -10.92 -2.97
N LYS B 89 4.55 -11.89 -3.80
CA LYS B 89 5.31 -13.07 -3.43
C LYS B 89 6.50 -12.75 -2.53
N ILE B 90 7.46 -11.92 -2.92
CA ILE B 90 8.69 -11.56 -2.20
C ILE B 90 8.46 -11.02 -0.80
N LEU B 91 7.34 -10.34 -0.57
CA LEU B 91 7.01 -9.81 0.75
C LEU B 91 6.53 -11.01 1.56
N THR B 92 5.45 -11.67 1.15
CA THR B 92 4.82 -12.76 1.87
C THR B 92 5.76 -13.95 2.08
N ASP B 93 6.72 -14.25 1.20
CA ASP B 93 7.62 -15.39 1.31
C ASP B 93 8.68 -15.09 2.35
N ALA B 94 9.12 -13.83 2.47
CA ALA B 94 10.07 -13.39 3.48
C ALA B 94 9.43 -13.21 4.85
N VAL B 95 8.10 -13.13 5.00
CA VAL B 95 7.29 -13.10 6.20
C VAL B 95 7.00 -14.52 6.66
N ASP B 96 6.53 -15.42 5.80
CA ASP B 96 6.44 -16.86 5.95
C ASP B 96 7.72 -17.60 6.32
N SER B 97 8.85 -17.04 5.90
CA SER B 97 10.19 -17.44 6.30
C SER B 97 10.53 -16.88 7.66
N HIS B 98 11.02 -17.62 8.67
CA HIS B 98 11.36 -17.24 10.02
C HIS B 98 12.73 -16.58 9.93
N LYS B 99 13.07 -15.45 10.56
CA LYS B 99 14.42 -14.92 10.60
C LYS B 99 15.06 -15.33 11.91
N MET A 1 0.38 -9.61 -29.06
CA MET A 1 0.78 -9.14 -27.71
C MET A 1 -0.50 -8.75 -26.98
N ALA A 2 -0.70 -9.36 -25.81
CA ALA A 2 -1.67 -9.00 -24.79
C ALA A 2 -1.12 -7.76 -24.08
N LYS A 3 -2.00 -6.82 -23.75
CA LYS A 3 -1.72 -5.53 -23.16
C LYS A 3 -2.47 -5.29 -21.87
N ILE A 4 -1.94 -4.44 -20.98
CA ILE A 4 -2.65 -3.92 -19.83
C ILE A 4 -1.77 -2.77 -19.35
N LYS A 5 -2.36 -1.73 -18.78
CA LYS A 5 -1.69 -0.56 -18.25
C LYS A 5 -1.88 -0.61 -16.73
N SER A 6 -0.73 -0.82 -16.10
CA SER A 6 -0.43 -0.78 -14.69
C SER A 6 0.92 -0.12 -14.47
N LEU A 7 0.93 0.90 -13.61
CA LEU A 7 2.07 1.76 -13.34
C LEU A 7 3.18 1.12 -12.53
N SER A 8 4.35 1.78 -12.52
CA SER A 8 5.62 1.30 -12.01
C SER A 8 6.20 2.57 -11.39
N ALA A 9 7.27 2.42 -10.62
CA ALA A 9 7.98 3.46 -9.88
C ALA A 9 8.27 4.76 -10.61
N ALA A 10 8.40 4.60 -11.92
CA ALA A 10 8.77 5.63 -12.87
C ALA A 10 7.65 6.63 -13.10
N GLU A 11 6.42 6.26 -12.75
CA GLU A 11 5.25 7.01 -13.16
C GLU A 11 5.20 8.26 -12.29
N TYR A 12 5.59 8.13 -11.01
CA TYR A 12 5.84 9.23 -10.11
C TYR A 12 6.62 10.42 -10.65
N LEU A 13 7.65 10.26 -11.45
CA LEU A 13 8.51 11.31 -11.98
C LEU A 13 7.75 12.24 -12.90
N LYS A 14 6.58 11.84 -13.42
CA LYS A 14 5.72 12.69 -14.23
C LYS A 14 5.07 13.68 -13.28
N GLU A 15 4.66 13.33 -12.06
CA GLU A 15 4.18 14.37 -11.18
C GLU A 15 5.33 15.33 -10.91
N MET A 16 6.44 14.83 -10.35
CA MET A 16 7.38 15.67 -9.64
C MET A 16 8.25 16.53 -10.55
N ALA A 17 7.96 16.43 -11.85
CA ALA A 17 8.52 17.07 -13.03
C ALA A 17 8.44 18.59 -13.02
N ASP A 18 7.45 19.14 -12.32
CA ASP A 18 7.24 20.53 -12.01
C ASP A 18 8.10 21.00 -10.84
N GLU A 19 8.33 20.17 -9.82
CA GLU A 19 9.12 20.51 -8.65
C GLU A 19 10.61 20.19 -8.78
N THR A 20 11.06 19.23 -9.61
CA THR A 20 12.42 18.90 -9.97
C THR A 20 12.57 19.15 -11.46
N ASN A 21 13.78 19.59 -11.81
CA ASN A 21 14.33 19.51 -13.14
C ASN A 21 15.84 19.32 -13.29
N ILE A 22 16.70 19.25 -12.26
CA ILE A 22 18.13 19.05 -12.31
C ILE A 22 18.60 17.79 -11.60
N LYS A 23 17.66 16.94 -11.22
CA LYS A 23 17.85 15.60 -10.69
C LYS A 23 16.65 14.72 -11.01
N VAL A 24 16.89 13.46 -11.37
CA VAL A 24 16.01 12.50 -12.01
C VAL A 24 16.46 11.09 -11.64
N GLN A 25 17.76 10.84 -11.75
CA GLN A 25 18.30 9.53 -11.42
C GLN A 25 18.40 9.36 -9.91
N ASP A 26 18.74 10.47 -9.24
CA ASP A 26 18.97 10.54 -7.81
C ASP A 26 17.64 10.40 -7.08
N ILE A 27 16.49 10.69 -7.69
CA ILE A 27 15.13 10.52 -7.22
C ILE A 27 14.78 9.07 -7.01
N ARG A 28 15.39 8.14 -7.76
CA ARG A 28 14.90 6.79 -7.96
C ARG A 28 15.38 5.90 -6.82
N LEU A 29 16.49 6.22 -6.15
CA LEU A 29 16.99 5.60 -4.94
C LEU A 29 16.07 5.82 -3.75
N VAL A 30 15.54 7.03 -3.53
CA VAL A 30 14.60 7.42 -2.50
C VAL A 30 13.29 6.70 -2.73
N VAL A 31 12.76 6.79 -3.95
CA VAL A 31 11.52 6.17 -4.38
C VAL A 31 11.53 4.68 -4.11
N THR A 32 12.72 4.08 -4.22
CA THR A 32 12.97 2.74 -3.75
C THR A 32 12.99 2.47 -2.25
N SER A 33 13.67 3.33 -1.50
CA SER A 33 13.72 3.26 -0.05
C SER A 33 12.41 3.19 0.76
N LEU A 34 11.44 3.93 0.25
CA LEU A 34 10.05 3.98 0.67
C LEU A 34 9.44 2.59 0.75
N GLN A 35 9.87 1.65 -0.08
CA GLN A 35 9.37 0.29 -0.16
C GLN A 35 10.41 -0.58 0.52
N LYS A 36 11.69 -0.41 0.16
CA LYS A 36 12.80 -1.26 0.52
C LYS A 36 13.00 -1.45 2.01
N VAL A 37 13.18 -0.35 2.73
CA VAL A 37 13.50 -0.33 4.14
C VAL A 37 12.23 -0.33 4.99
N LEU A 38 11.04 -0.40 4.39
CA LEU A 38 9.77 -0.68 5.04
C LEU A 38 9.75 -2.19 5.18
N ALA A 39 10.23 -2.94 4.19
CA ALA A 39 10.03 -4.37 4.10
C ALA A 39 11.00 -5.05 5.05
N LYS A 40 12.15 -4.44 5.36
CA LYS A 40 13.11 -4.84 6.36
C LYS A 40 12.43 -4.87 7.73
N GLU A 41 11.54 -3.90 8.01
CA GLU A 41 10.83 -3.75 9.27
C GLU A 41 9.83 -4.86 9.46
N LEU A 42 8.99 -5.07 8.45
CA LEU A 42 7.93 -6.07 8.40
C LEU A 42 8.45 -7.50 8.48
N ALA A 43 9.65 -7.64 7.93
CA ALA A 43 10.31 -8.94 7.97
C ALA A 43 10.88 -9.32 9.33
N THR A 44 10.88 -8.37 10.26
CA THR A 44 11.18 -8.54 11.66
C THR A 44 9.91 -8.35 12.48
N THR A 45 8.75 -8.22 11.85
CA THR A 45 7.42 -8.25 12.42
C THR A 45 7.12 -7.02 13.26
N GLY A 46 7.54 -5.86 12.76
CA GLY A 46 7.57 -4.60 13.48
C GLY A 46 6.35 -3.91 12.89
N GLU A 47 5.44 -3.32 13.66
CA GLU A 47 4.19 -2.83 13.12
C GLU A 47 4.43 -1.38 12.73
N VAL A 48 4.55 -1.03 11.45
CA VAL A 48 4.79 0.36 11.10
C VAL A 48 3.47 1.10 10.92
N ARG A 49 3.38 2.25 11.58
CA ARG A 49 2.39 3.27 11.31
C ARG A 49 2.97 4.39 10.46
N LEU A 50 2.14 4.87 9.53
CA LEU A 50 2.41 6.07 8.75
C LEU A 50 1.31 7.09 9.05
N PHE A 51 1.43 7.98 10.05
CA PHE A 51 0.46 9.05 10.18
C PHE A 51 0.26 9.86 8.91
N ASP A 52 -1.01 10.00 8.53
CA ASP A 52 -1.50 10.48 7.24
C ASP A 52 -1.90 9.47 6.17
N ILE A 53 -1.73 8.19 6.52
CA ILE A 53 -2.00 6.99 5.76
C ILE A 53 -2.73 5.97 6.61
N GLY A 54 -2.24 5.71 7.83
CA GLY A 54 -2.81 4.69 8.68
C GLY A 54 -1.69 3.73 9.07
N LYS A 55 -1.90 2.42 9.13
CA LYS A 55 -0.92 1.40 9.41
C LYS A 55 -0.79 0.22 8.45
N PHE A 56 0.37 -0.40 8.64
CA PHE A 56 0.63 -1.75 8.15
C PHE A 56 0.33 -2.63 9.36
N LYS A 57 -0.87 -3.21 9.45
CA LYS A 57 -1.34 -4.17 10.43
C LYS A 57 -0.75 -5.54 10.09
N LEU A 58 -0.33 -6.35 11.07
CA LEU A 58 -0.05 -7.75 10.85
C LEU A 58 -1.24 -8.53 11.41
N VAL A 59 -1.77 -9.37 10.53
CA VAL A 59 -2.98 -10.10 10.82
C VAL A 59 -2.50 -11.54 10.91
N THR A 60 -3.36 -12.46 11.38
CA THR A 60 -3.05 -13.85 11.57
C THR A 60 -4.31 -14.63 11.21
N THR A 61 -4.36 -15.21 10.01
CA THR A 61 -5.42 -16.10 9.57
C THR A 61 -5.18 -17.47 10.18
N LYS A 62 -6.10 -18.06 10.93
CA LYS A 62 -5.90 -19.36 11.54
C LYS A 62 -5.97 -20.50 10.51
N PRO A 63 -5.35 -21.65 10.80
CA PRO A 63 -5.45 -22.81 9.95
C PRO A 63 -6.87 -23.34 9.95
N ARG A 64 -7.35 -23.96 8.86
CA ARG A 64 -8.75 -24.07 8.49
C ARG A 64 -8.82 -25.24 7.53
N THR A 65 -10.05 -25.65 7.23
CA THR A 65 -10.40 -26.83 6.47
C THR A 65 -11.67 -26.54 5.69
N GLY A 66 -11.62 -26.94 4.41
CA GLY A 66 -12.78 -27.17 3.58
C GLY A 66 -12.73 -28.55 2.94
N ILE A 67 -13.74 -29.03 2.20
CA ILE A 67 -13.72 -30.30 1.50
C ILE A 67 -13.37 -30.08 0.03
N ASN A 68 -13.01 -31.14 -0.70
CA ASN A 68 -12.90 -31.20 -2.15
C ASN A 68 -14.29 -31.41 -2.73
N PRO A 69 -14.64 -30.93 -3.93
CA PRO A 69 -16.04 -30.77 -4.29
C PRO A 69 -16.73 -32.02 -4.80
N LYS A 70 -16.00 -32.98 -5.38
CA LYS A 70 -16.60 -34.18 -5.92
C LYS A 70 -15.96 -35.41 -5.32
N THR A 71 -14.85 -35.33 -4.58
CA THR A 71 -14.39 -36.40 -3.70
C THR A 71 -14.58 -35.95 -2.27
N LYS A 72 -14.36 -36.89 -1.32
CA LYS A 72 -14.70 -36.67 0.06
C LYS A 72 -13.52 -36.11 0.86
N GLN A 73 -12.30 -36.26 0.35
CA GLN A 73 -11.13 -35.79 1.07
C GLN A 73 -11.09 -34.31 1.44
N LYS A 74 -10.65 -33.95 2.64
CA LYS A 74 -10.63 -32.58 3.15
C LYS A 74 -9.37 -31.93 2.64
N ILE A 75 -9.51 -30.64 2.35
CA ILE A 75 -8.45 -29.68 2.10
C ILE A 75 -8.04 -29.21 3.48
N GLN A 76 -6.74 -29.25 3.77
CA GLN A 76 -6.25 -28.47 4.89
C GLN A 76 -5.68 -27.14 4.40
N ILE A 77 -6.14 -26.00 4.92
CA ILE A 77 -5.51 -24.71 4.71
C ILE A 77 -4.48 -24.51 5.81
N PRO A 78 -3.30 -23.93 5.59
CA PRO A 78 -2.25 -23.72 6.55
C PRO A 78 -2.48 -22.52 7.46
N ALA A 79 -1.66 -22.27 8.49
CA ALA A 79 -1.65 -21.17 9.43
C ALA A 79 -0.87 -20.12 8.65
N GLY A 80 -1.49 -18.96 8.40
CA GLY A 80 -0.85 -17.81 7.80
C GLY A 80 -0.69 -16.68 8.79
N LYS A 81 0.48 -16.04 8.66
CA LYS A 81 0.84 -14.72 9.15
C LYS A 81 0.92 -13.87 7.88
N LYS A 82 0.22 -12.75 7.79
CA LYS A 82 0.21 -11.90 6.61
C LYS A 82 0.20 -10.44 7.03
N ILE A 83 0.25 -9.51 6.06
CA ILE A 83 0.29 -8.10 6.39
C ILE A 83 -1.01 -7.56 5.83
N LYS A 84 -1.60 -6.48 6.39
CA LYS A 84 -2.63 -5.68 5.79
C LYS A 84 -2.19 -4.24 5.89
N LEU A 85 -2.44 -3.45 4.84
CA LEU A 85 -2.46 -2.00 4.87
C LEU A 85 -3.91 -1.62 5.20
N THR A 86 -3.99 -0.98 6.37
CA THR A 86 -5.21 -0.45 6.93
C THR A 86 -5.10 1.07 6.96
N VAL A 87 -5.84 1.59 5.99
CA VAL A 87 -6.08 2.99 5.66
C VAL A 87 -6.77 3.82 6.72
N SER A 88 -6.95 5.12 6.49
CA SER A 88 -7.67 5.97 7.41
C SER A 88 -8.47 7.00 6.64
N LYS A 89 -9.33 7.80 7.31
CA LYS A 89 -10.16 8.78 6.64
C LYS A 89 -9.42 9.95 6.02
N ILE A 90 -8.18 10.20 6.51
CA ILE A 90 -7.32 11.19 5.90
C ILE A 90 -6.97 10.91 4.45
N LEU A 91 -7.24 9.68 3.99
CA LEU A 91 -6.89 9.06 2.73
C LEU A 91 -8.15 8.53 2.05
N THR A 92 -9.00 7.87 2.83
CA THR A 92 -10.03 7.01 2.26
C THR A 92 -11.38 7.40 2.86
N ASP A 93 -11.88 8.63 2.72
CA ASP A 93 -13.22 9.05 3.09
C ASP A 93 -13.63 10.21 2.19
N ALA A 94 -14.73 9.99 1.47
CA ALA A 94 -15.54 10.80 0.59
C ALA A 94 -14.85 11.24 -0.70
N VAL A 95 -13.54 11.01 -0.79
CA VAL A 95 -12.66 11.53 -1.81
C VAL A 95 -11.43 10.64 -1.81
N ASP A 96 -10.49 10.75 -2.74
CA ASP A 96 -9.11 10.34 -2.78
C ASP A 96 -8.87 8.86 -3.08
N SER A 97 -9.54 7.99 -2.32
CA SER A 97 -9.66 6.55 -2.47
C SER A 97 -11.01 6.04 -2.01
N HIS A 98 -12.05 6.87 -2.04
CA HIS A 98 -13.41 6.52 -1.64
C HIS A 98 -14.42 7.49 -2.24
N LYS A 99 -14.26 7.73 -3.55
CA LYS A 99 -15.22 8.39 -4.40
C LYS A 99 -15.64 7.22 -5.29
N MET B 1 6.58 -4.57 18.57
CA MET B 1 7.45 -3.40 18.44
C MET B 1 6.83 -2.62 17.27
N ALA B 2 6.83 -1.28 17.36
CA ALA B 2 6.19 -0.34 16.47
C ALA B 2 7.16 0.71 15.94
N LYS B 3 6.74 1.30 14.82
CA LYS B 3 7.42 2.37 14.10
C LYS B 3 6.49 3.43 13.54
N ILE B 4 6.83 4.73 13.53
CA ILE B 4 6.13 5.94 13.16
C ILE B 4 6.80 6.65 11.99
N LYS B 5 6.04 7.32 11.12
CA LYS B 5 6.43 7.94 9.86
C LYS B 5 7.70 8.75 9.91
N SER B 6 7.87 9.61 10.93
CA SER B 6 9.10 10.30 11.29
C SER B 6 10.31 9.39 11.29
N LEU B 7 10.23 8.32 12.08
CA LEU B 7 11.36 7.40 11.99
C LEU B 7 11.44 6.41 10.83
N SER B 8 10.44 6.40 9.96
CA SER B 8 10.52 5.75 8.67
C SER B 8 11.21 6.71 7.72
N ALA B 9 10.90 8.00 7.75
CA ALA B 9 11.55 9.10 7.05
C ALA B 9 13.02 9.25 7.42
N ALA B 10 13.37 9.02 8.68
CA ALA B 10 14.73 9.04 9.17
C ALA B 10 15.53 7.81 8.77
N GLU B 11 14.82 6.76 8.34
CA GLU B 11 15.43 5.58 7.79
C GLU B 11 15.55 5.62 6.27
N TYR B 12 14.62 6.27 5.54
CA TYR B 12 14.78 6.58 4.15
C TYR B 12 15.96 7.54 3.95
N LEU B 13 16.28 8.40 4.92
CA LEU B 13 17.43 9.27 4.87
C LEU B 13 18.72 8.57 5.26
N LYS B 14 18.68 7.57 6.13
CA LYS B 14 19.83 6.72 6.40
C LYS B 14 20.11 5.89 5.15
N GLU B 15 19.08 5.39 4.46
CA GLU B 15 19.22 4.64 3.23
C GLU B 15 19.65 5.43 2.00
N MET B 16 19.30 6.72 1.95
CA MET B 16 19.68 7.65 0.91
C MET B 16 19.95 9.08 1.39
N ALA B 17 21.17 9.56 1.65
CA ALA B 17 21.55 10.94 1.75
C ALA B 17 22.49 11.46 0.67
N ASP B 18 22.81 10.58 -0.29
CA ASP B 18 23.77 10.71 -1.37
C ASP B 18 25.16 10.34 -0.83
N GLU B 19 25.80 11.32 -0.21
CA GLU B 19 26.73 11.35 0.90
C GLU B 19 26.19 12.31 1.95
N THR B 20 25.77 13.52 1.60
CA THR B 20 25.23 14.50 2.54
C THR B 20 24.19 15.45 1.96
N ASN B 21 23.84 15.34 0.67
CA ASN B 21 23.13 16.31 -0.13
C ASN B 21 21.64 16.44 0.15
N ILE B 22 21.03 15.28 0.41
CA ILE B 22 19.63 15.22 0.76
C ILE B 22 19.52 15.36 2.28
N LYS B 23 18.34 15.78 2.78
CA LYS B 23 17.96 16.15 4.11
C LYS B 23 16.50 15.70 4.14
N VAL B 24 15.92 15.52 5.33
CA VAL B 24 14.62 14.97 5.67
C VAL B 24 13.54 15.72 4.91
N GLN B 25 13.62 17.03 4.67
CA GLN B 25 12.73 17.88 3.88
C GLN B 25 12.71 17.33 2.46
N ASP B 26 13.84 16.99 1.83
CA ASP B 26 13.79 16.51 0.46
C ASP B 26 13.14 15.15 0.27
N ILE B 27 13.43 14.22 1.18
CA ILE B 27 12.78 12.96 1.43
C ILE B 27 11.29 13.18 1.63
N ARG B 28 10.92 14.13 2.49
CA ARG B 28 9.54 14.23 2.95
C ARG B 28 8.61 14.85 1.92
N LEU B 29 9.10 15.70 1.03
CA LEU B 29 8.53 16.23 -0.19
C LEU B 29 8.23 15.19 -1.26
N VAL B 30 9.11 14.21 -1.44
CA VAL B 30 8.79 12.98 -2.13
C VAL B 30 7.60 12.26 -1.52
N VAL B 31 7.78 11.87 -0.25
CA VAL B 31 6.83 11.04 0.49
C VAL B 31 5.38 11.48 0.56
N THR B 32 5.19 12.78 0.89
CA THR B 32 3.97 13.57 0.92
C THR B 32 3.28 13.64 -0.43
N SER B 33 4.07 13.64 -1.49
CA SER B 33 3.58 13.64 -2.87
C SER B 33 3.34 12.24 -3.42
N LEU B 34 4.29 11.30 -3.42
CA LEU B 34 4.20 9.93 -3.90
C LEU B 34 2.89 9.24 -3.54
N GLN B 35 2.51 9.34 -2.26
CA GLN B 35 1.29 8.64 -1.88
C GLN B 35 0.02 9.21 -2.50
N LYS B 36 0.01 10.47 -2.91
CA LYS B 36 -1.06 11.18 -3.60
C LYS B 36 -1.08 10.66 -5.03
N VAL B 37 0.05 10.45 -5.71
CA VAL B 37 0.14 10.01 -7.08
C VAL B 37 -0.38 8.58 -7.19
N LEU B 38 0.12 7.71 -6.31
CA LEU B 38 -0.43 6.37 -6.17
C LEU B 38 -1.87 6.34 -5.74
N ALA B 39 -2.39 7.31 -4.98
CA ALA B 39 -3.77 7.31 -4.53
C ALA B 39 -4.71 7.48 -5.72
N LYS B 40 -4.50 8.45 -6.61
CA LYS B 40 -5.25 8.74 -7.81
C LYS B 40 -5.33 7.59 -8.79
N GLU B 41 -4.19 6.92 -8.97
CA GLU B 41 -3.96 5.76 -9.82
C GLU B 41 -4.47 4.47 -9.20
N LEU B 42 -4.65 4.37 -7.87
CA LEU B 42 -5.45 3.37 -7.19
C LEU B 42 -6.95 3.64 -7.23
N ALA B 43 -7.35 4.86 -6.87
CA ALA B 43 -8.69 5.39 -6.96
C ALA B 43 -9.52 4.92 -8.14
N THR B 44 -8.90 4.88 -9.33
CA THR B 44 -9.45 4.75 -10.66
C THR B 44 -9.54 3.27 -11.05
N THR B 45 -9.27 2.36 -10.12
CA THR B 45 -9.51 0.93 -10.21
C THR B 45 -8.27 0.21 -10.71
N GLY B 46 -7.10 0.55 -10.14
CA GLY B 46 -5.77 0.39 -10.69
C GLY B 46 -4.90 -0.54 -9.86
N GLU B 47 -3.83 -1.01 -10.48
CA GLU B 47 -2.76 -1.77 -9.86
C GLU B 47 -1.41 -1.07 -9.97
N VAL B 48 -0.76 -0.84 -8.84
CA VAL B 48 0.55 -0.22 -8.77
C VAL B 48 1.50 -1.40 -8.67
N ARG B 49 2.41 -1.59 -9.62
CA ARG B 49 3.54 -2.51 -9.65
C ARG B 49 4.69 -2.02 -8.80
N LEU B 50 4.96 -2.75 -7.71
CA LEU B 50 5.97 -2.62 -6.70
C LEU B 50 6.33 -4.09 -6.51
N PHE B 51 7.57 -4.30 -6.08
CA PHE B 51 8.14 -5.56 -5.62
C PHE B 51 8.62 -5.34 -4.21
N ASP B 52 9.32 -6.34 -3.63
CA ASP B 52 9.98 -6.34 -2.35
C ASP B 52 8.97 -6.58 -1.24
N ILE B 53 8.14 -5.55 -1.02
CA ILE B 53 7.03 -5.45 -0.10
C ILE B 53 5.71 -5.86 -0.71
N GLY B 54 5.35 -5.55 -1.96
CA GLY B 54 4.20 -6.04 -2.71
C GLY B 54 3.37 -4.93 -3.35
N LYS B 55 2.47 -5.20 -4.30
CA LYS B 55 1.64 -4.25 -5.04
C LYS B 55 0.44 -3.78 -4.25
N PHE B 56 -0.02 -2.57 -4.57
CA PHE B 56 -1.19 -1.97 -3.95
C PHE B 56 -2.26 -1.95 -5.05
N LYS B 57 -3.53 -2.14 -4.65
CA LYS B 57 -4.66 -2.17 -5.56
C LYS B 57 -5.84 -1.54 -4.86
N LEU B 58 -6.83 -1.06 -5.62
CA LEU B 58 -8.11 -0.70 -5.05
C LEU B 58 -9.00 -1.92 -4.85
N VAL B 59 -9.85 -1.98 -3.81
CA VAL B 59 -10.88 -2.97 -3.60
C VAL B 59 -12.14 -2.14 -3.34
N THR B 60 -13.25 -2.65 -3.89
CA THR B 60 -14.40 -1.86 -4.24
C THR B 60 -15.53 -2.77 -3.75
N THR B 61 -16.58 -2.22 -3.14
CA THR B 61 -17.92 -2.75 -3.05
C THR B 61 -18.79 -2.14 -4.15
N LYS B 62 -19.72 -2.94 -4.68
CA LYS B 62 -20.64 -2.50 -5.68
C LYS B 62 -21.61 -1.39 -5.31
N PRO B 63 -21.83 -0.35 -6.12
CA PRO B 63 -22.79 0.66 -5.73
C PRO B 63 -24.25 0.27 -5.89
N ARG B 64 -25.09 0.95 -5.09
CA ARG B 64 -26.52 1.09 -5.27
C ARG B 64 -26.91 2.03 -6.40
N THR B 65 -28.04 1.80 -7.05
CA THR B 65 -28.62 2.68 -8.05
C THR B 65 -29.76 3.46 -7.39
N GLY B 66 -30.03 4.63 -7.95
CA GLY B 66 -31.03 5.63 -7.63
C GLY B 66 -31.66 6.14 -8.93
N ILE B 67 -32.82 6.79 -8.84
CA ILE B 67 -33.50 7.52 -9.89
C ILE B 67 -33.75 8.92 -9.34
N ASN B 68 -33.50 9.91 -10.19
CA ASN B 68 -33.86 11.29 -9.91
C ASN B 68 -35.34 11.49 -10.22
N PRO B 69 -36.15 12.11 -9.34
CA PRO B 69 -37.54 12.36 -9.65
C PRO B 69 -37.85 13.57 -10.50
N LYS B 70 -36.83 14.29 -10.98
CA LYS B 70 -36.99 15.57 -11.66
C LYS B 70 -37.03 15.36 -13.16
N THR B 71 -35.95 14.73 -13.67
CA THR B 71 -35.86 14.19 -15.00
C THR B 71 -35.19 12.83 -14.95
N LYS B 72 -35.51 12.00 -15.94
CA LYS B 72 -34.86 10.75 -16.28
C LYS B 72 -33.34 10.75 -16.38
N GLN B 73 -32.70 10.81 -15.20
CA GLN B 73 -31.28 10.57 -15.09
C GLN B 73 -30.87 9.74 -13.88
N LYS B 74 -29.82 8.93 -14.00
CA LYS B 74 -29.52 7.81 -13.14
C LYS B 74 -28.49 8.29 -12.11
N ILE B 75 -28.50 7.83 -10.87
CA ILE B 75 -27.68 8.23 -9.74
C ILE B 75 -27.04 6.94 -9.23
N GLN B 76 -25.71 6.95 -9.06
CA GLN B 76 -24.88 5.88 -8.57
C GLN B 76 -24.58 6.28 -7.13
N ILE B 77 -25.03 5.49 -6.15
CA ILE B 77 -24.97 5.80 -4.72
C ILE B 77 -23.85 4.96 -4.12
N PRO B 78 -22.90 5.51 -3.38
CA PRO B 78 -21.75 4.71 -3.02
C PRO B 78 -22.12 3.83 -1.83
N ALA B 79 -21.22 2.87 -1.66
CA ALA B 79 -21.29 1.80 -0.67
C ALA B 79 -19.98 1.43 -0.01
N GLY B 80 -18.82 1.75 -0.57
CA GLY B 80 -17.57 1.47 0.09
C GLY B 80 -16.39 1.17 -0.82
N LYS B 81 -15.34 2.01 -0.87
CA LYS B 81 -14.06 1.74 -1.50
C LYS B 81 -12.97 1.97 -0.48
N LYS B 82 -11.85 1.28 -0.66
CA LYS B 82 -10.59 1.39 0.04
C LYS B 82 -9.49 0.80 -0.82
N ILE B 83 -8.21 1.10 -0.54
CA ILE B 83 -7.07 0.44 -1.13
C ILE B 83 -6.57 -0.63 -0.17
N LYS B 84 -5.71 -1.48 -0.74
CA LYS B 84 -5.13 -2.67 -0.15
C LYS B 84 -3.68 -2.87 -0.56
N LEU B 85 -2.92 -3.57 0.28
CA LEU B 85 -1.61 -4.06 -0.12
C LEU B 85 -1.83 -5.55 -0.30
N THR B 86 -1.42 -6.08 -1.47
CA THR B 86 -1.25 -7.49 -1.74
C THR B 86 0.25 -7.75 -1.64
N VAL B 87 0.55 -8.62 -0.67
CA VAL B 87 1.89 -8.97 -0.22
C VAL B 87 2.71 -9.77 -1.22
N SER B 88 3.98 -9.37 -1.35
CA SER B 88 5.03 -10.10 -2.02
C SER B 88 5.39 -11.46 -1.41
N LYS B 89 5.80 -12.31 -2.35
CA LYS B 89 6.35 -13.64 -2.26
C LYS B 89 7.57 -13.72 -1.37
N ILE B 90 8.40 -12.69 -1.48
CA ILE B 90 9.65 -12.59 -0.74
C ILE B 90 9.25 -12.29 0.70
N LEU B 91 8.23 -11.46 0.94
CA LEU B 91 7.84 -10.82 2.18
C LEU B 91 7.18 -11.82 3.13
N THR B 92 6.18 -12.51 2.56
CA THR B 92 5.54 -13.57 3.30
C THR B 92 6.41 -14.75 3.72
N ASP B 93 7.55 -14.90 3.04
CA ASP B 93 8.48 -15.94 3.39
C ASP B 93 9.27 -15.66 4.66
N ALA B 94 9.76 -14.43 4.81
CA ALA B 94 10.53 -13.88 5.91
C ALA B 94 9.66 -13.81 7.16
N VAL B 95 8.38 -13.66 6.86
CA VAL B 95 7.37 -13.47 7.89
C VAL B 95 6.71 -14.79 8.30
N ASP B 96 6.71 -15.80 7.44
CA ASP B 96 6.30 -17.14 7.82
C ASP B 96 7.32 -17.79 8.73
N SER B 97 8.59 -17.48 8.47
CA SER B 97 9.70 -17.82 9.33
C SER B 97 9.57 -17.02 10.61
N HIS B 98 9.50 -17.75 11.72
CA HIS B 98 9.58 -17.34 13.10
C HIS B 98 11.04 -17.09 13.45
N LYS B 99 11.37 -15.82 13.67
CA LYS B 99 12.63 -15.28 14.18
C LYS B 99 12.36 -14.02 14.98
N MET A 1 -1.31 -7.91 -25.11
CA MET A 1 -1.18 -7.30 -23.78
C MET A 1 -2.63 -6.94 -23.45
N ALA A 2 -2.96 -6.86 -22.16
CA ALA A 2 -4.22 -6.27 -21.72
C ALA A 2 -4.01 -4.78 -21.82
N LYS A 3 -5.01 -4.04 -22.32
CA LYS A 3 -5.05 -2.60 -22.37
C LYS A 3 -5.60 -2.16 -21.01
N ILE A 4 -4.63 -1.78 -20.16
CA ILE A 4 -4.89 -1.41 -18.78
C ILE A 4 -3.71 -0.67 -18.19
N LYS A 5 -3.94 0.43 -17.47
CA LYS A 5 -2.91 1.20 -16.79
C LYS A 5 -2.80 0.72 -15.36
N SER A 6 -1.61 1.05 -14.86
CA SER A 6 -1.10 0.95 -13.51
C SER A 6 0.15 1.82 -13.45
N LEU A 7 0.29 2.56 -12.36
CA LEU A 7 1.36 3.53 -12.19
C LEU A 7 2.63 2.92 -11.62
N SER A 8 3.80 3.57 -11.71
CA SER A 8 4.97 3.34 -10.90
C SER A 8 5.47 4.73 -10.53
N ALA A 9 6.79 4.92 -10.37
CA ALA A 9 7.35 6.17 -9.91
C ALA A 9 7.13 7.38 -10.79
N ALA A 10 7.08 7.21 -12.11
CA ALA A 10 6.88 8.29 -13.07
C ALA A 10 5.70 9.21 -12.85
N GLU A 11 4.72 8.64 -12.17
CA GLU A 11 3.42 9.25 -11.94
C GLU A 11 3.65 10.28 -10.85
N TYR A 12 4.67 10.14 -10.00
CA TYR A 12 4.98 11.02 -8.89
C TYR A 12 5.86 12.11 -9.47
N LEU A 13 6.67 11.88 -10.53
CA LEU A 13 7.50 12.86 -11.16
C LEU A 13 6.72 13.95 -11.89
N LYS A 14 5.44 13.72 -12.17
CA LYS A 14 4.43 14.64 -12.63
C LYS A 14 3.92 15.48 -11.49
N GLU A 15 3.92 15.06 -10.21
CA GLU A 15 3.60 15.87 -9.08
C GLU A 15 4.78 16.65 -8.50
N MET A 16 6.01 16.19 -8.71
CA MET A 16 7.27 16.72 -8.24
C MET A 16 7.94 17.38 -9.43
N ALA A 17 7.21 17.67 -10.51
CA ALA A 17 7.83 18.13 -11.73
C ALA A 17 8.47 19.50 -11.52
N ASP A 18 8.05 20.29 -10.53
CA ASP A 18 8.63 21.58 -10.22
C ASP A 18 10.01 21.52 -9.59
N GLU A 19 10.31 20.39 -8.94
CA GLU A 19 11.59 20.06 -8.35
C GLU A 19 12.61 19.50 -9.32
N THR A 20 12.23 18.87 -10.44
CA THR A 20 13.10 18.23 -11.40
C THR A 20 13.61 19.30 -12.35
N ASN A 21 14.93 19.52 -12.33
CA ASN A 21 15.65 20.47 -13.14
C ASN A 21 17.01 19.93 -13.58
N ILE A 22 17.76 19.30 -12.66
CA ILE A 22 19.03 18.68 -13.00
C ILE A 22 19.04 17.19 -12.64
N LYS A 23 18.25 16.67 -11.70
CA LYS A 23 18.16 15.27 -11.36
C LYS A 23 16.70 14.83 -11.50
N VAL A 24 16.47 13.60 -11.97
CA VAL A 24 15.19 13.09 -12.39
C VAL A 24 15.18 11.56 -12.27
N GLN A 25 16.29 10.82 -12.38
CA GLN A 25 16.33 9.40 -12.11
C GLN A 25 16.39 8.98 -10.65
N ASP A 26 17.02 9.80 -9.80
CA ASP A 26 17.37 9.46 -8.44
C ASP A 26 16.19 9.50 -7.46
N ILE A 27 15.11 10.20 -7.85
CA ILE A 27 13.85 10.27 -7.14
C ILE A 27 13.14 8.92 -7.24
N ARG A 28 13.34 8.08 -8.26
CA ARG A 28 12.92 6.70 -8.28
C ARG A 28 13.33 5.87 -7.07
N LEU A 29 14.58 6.11 -6.68
CA LEU A 29 15.16 5.33 -5.61
C LEU A 29 14.74 5.85 -4.24
N VAL A 30 14.40 7.13 -4.14
CA VAL A 30 13.73 7.69 -2.99
C VAL A 30 12.37 7.02 -2.78
N VAL A 31 11.60 6.89 -3.87
CA VAL A 31 10.31 6.24 -3.83
C VAL A 31 10.32 4.74 -3.60
N THR A 32 11.40 4.10 -4.03
CA THR A 32 11.58 2.70 -3.72
C THR A 32 12.10 2.33 -2.36
N SER A 33 12.86 3.24 -1.75
CA SER A 33 13.27 3.15 -0.36
C SER A 33 12.13 3.17 0.64
N LEU A 34 11.08 3.94 0.37
CA LEU A 34 9.82 3.90 1.07
C LEU A 34 9.10 2.55 0.98
N GLN A 35 9.41 1.60 0.08
CA GLN A 35 8.70 0.35 -0.06
C GLN A 35 9.56 -0.79 0.52
N LYS A 36 10.86 -0.64 0.25
CA LYS A 36 11.85 -1.60 0.68
C LYS A 36 12.15 -1.53 2.18
N VAL A 37 12.07 -0.32 2.71
CA VAL A 37 12.37 -0.21 4.13
C VAL A 37 11.12 -0.35 4.97
N LEU A 38 9.95 -0.22 4.34
CA LEU A 38 8.70 -0.72 4.89
C LEU A 38 8.74 -2.24 4.98
N ALA A 39 8.91 -2.98 3.87
CA ALA A 39 9.13 -4.40 3.72
C ALA A 39 10.04 -5.00 4.76
N LYS A 40 11.28 -4.49 4.93
CA LYS A 40 12.27 -4.77 5.94
C LYS A 40 11.69 -4.82 7.35
N GLU A 41 10.73 -3.96 7.64
CA GLU A 41 10.13 -3.80 8.96
C GLU A 41 9.07 -4.87 9.10
N LEU A 42 8.16 -5.05 8.13
CA LEU A 42 7.06 -5.99 8.26
C LEU A 42 7.53 -7.42 8.11
N ALA A 43 8.65 -7.67 7.43
CA ALA A 43 9.40 -8.91 7.24
C ALA A 43 10.21 -9.37 8.45
N THR A 44 10.23 -8.60 9.53
CA THR A 44 10.85 -8.96 10.79
C THR A 44 9.82 -8.85 11.90
N THR A 45 8.50 -8.97 11.67
CA THR A 45 7.37 -8.93 12.58
C THR A 45 7.17 -7.52 13.10
N GLY A 46 7.33 -6.44 12.32
CA GLY A 46 7.19 -5.07 12.73
C GLY A 46 5.88 -4.54 12.17
N GLU A 47 4.92 -4.19 13.00
CA GLU A 47 3.76 -3.38 12.65
C GLU A 47 4.10 -1.94 12.28
N VAL A 48 3.52 -1.37 11.21
CA VAL A 48 3.78 -0.02 10.75
C VAL A 48 2.44 0.70 10.76
N ARG A 49 2.20 1.57 11.75
CA ARG A 49 1.02 2.40 11.96
C ARG A 49 1.39 3.77 11.44
N LEU A 50 1.18 4.11 10.16
CA LEU A 50 1.44 5.41 9.57
C LEU A 50 0.26 6.36 9.71
N PHE A 51 0.30 7.14 10.80
CA PHE A 51 -0.63 8.16 11.18
C PHE A 51 -0.48 9.23 10.10
N ASP A 52 -1.62 9.49 9.44
CA ASP A 52 -1.89 10.25 8.23
C ASP A 52 -1.97 9.47 6.92
N ILE A 53 -1.84 8.15 7.01
CA ILE A 53 -2.05 7.24 5.91
C ILE A 53 -3.14 6.21 6.26
N GLY A 54 -2.86 5.41 7.30
CA GLY A 54 -3.42 4.13 7.63
C GLY A 54 -2.34 3.23 8.24
N LYS A 55 -2.65 1.93 8.15
CA LYS A 55 -1.89 0.93 8.89
C LYS A 55 -1.78 -0.34 8.05
N PHE A 56 -0.53 -0.82 8.04
CA PHE A 56 -0.08 -2.14 7.64
C PHE A 56 -0.25 -2.92 8.93
N LYS A 57 -1.26 -3.79 9.04
CA LYS A 57 -1.63 -4.64 10.17
C LYS A 57 -1.23 -6.07 9.85
N LEU A 58 -0.66 -6.74 10.84
CA LEU A 58 -0.23 -8.13 10.77
C LEU A 58 -1.42 -9.00 11.12
N VAL A 59 -1.94 -9.69 10.09
CA VAL A 59 -3.01 -10.62 10.35
C VAL A 59 -2.44 -12.04 10.44
N THR A 60 -3.35 -12.94 10.79
CA THR A 60 -3.13 -14.37 10.96
C THR A 60 -4.46 -15.11 10.95
N THR A 61 -4.42 -16.35 10.46
CA THR A 61 -5.49 -17.32 10.59
C THR A 61 -5.11 -18.57 11.38
N LYS A 62 -6.02 -19.04 12.24
CA LYS A 62 -5.88 -20.26 13.01
C LYS A 62 -5.99 -21.54 12.21
N PRO A 63 -5.34 -22.62 12.67
CA PRO A 63 -5.45 -23.88 12.00
C PRO A 63 -6.79 -24.58 12.25
N ARG A 64 -7.34 -25.40 11.35
CA ARG A 64 -8.68 -25.96 11.27
C ARG A 64 -8.62 -27.31 10.57
N THR A 65 -9.71 -28.09 10.55
CA THR A 65 -9.80 -29.25 9.71
C THR A 65 -11.14 -29.44 9.03
N GLY A 66 -11.19 -29.98 7.82
CA GLY A 66 -12.33 -30.36 7.00
C GLY A 66 -12.26 -31.83 6.56
N ILE A 67 -13.16 -32.22 5.65
CA ILE A 67 -12.96 -33.51 5.01
C ILE A 67 -13.01 -33.38 3.50
N ASN A 68 -12.52 -34.39 2.77
CA ASN A 68 -12.48 -34.43 1.32
C ASN A 68 -13.77 -34.90 0.66
N PRO A 69 -14.01 -34.51 -0.59
CA PRO A 69 -15.25 -34.83 -1.25
C PRO A 69 -15.54 -36.23 -1.77
N LYS A 70 -14.55 -37.07 -2.05
CA LYS A 70 -14.69 -38.43 -2.53
C LYS A 70 -13.68 -39.41 -1.95
N THR A 71 -13.01 -38.92 -0.92
CA THR A 71 -12.00 -39.52 -0.04
C THR A 71 -12.23 -39.28 1.43
N LYS A 72 -11.86 -40.29 2.21
CA LYS A 72 -12.04 -40.41 3.65
C LYS A 72 -11.13 -39.52 4.49
N GLN A 73 -10.13 -38.94 3.83
CA GLN A 73 -9.12 -38.07 4.38
C GLN A 73 -9.72 -36.76 4.86
N LYS A 74 -9.08 -36.29 5.94
CA LYS A 74 -9.16 -34.95 6.50
C LYS A 74 -8.35 -34.05 5.58
N ILE A 75 -8.75 -32.79 5.35
CA ILE A 75 -7.89 -31.69 5.00
C ILE A 75 -7.50 -31.01 6.31
N GLN A 76 -6.20 -30.79 6.53
CA GLN A 76 -5.68 -29.90 7.56
C GLN A 76 -5.43 -28.56 6.90
N ILE A 77 -6.14 -27.51 7.33
CA ILE A 77 -5.85 -26.13 6.98
C ILE A 77 -4.91 -25.58 8.05
N PRO A 78 -3.71 -25.10 7.69
CA PRO A 78 -2.67 -24.64 8.58
C PRO A 78 -2.91 -23.26 9.20
N ALA A 79 -1.99 -22.80 10.06
CA ALA A 79 -1.92 -21.52 10.72
C ALA A 79 -1.06 -20.68 9.80
N GLY A 80 -1.60 -19.57 9.32
CA GLY A 80 -0.90 -18.70 8.41
C GLY A 80 -0.89 -17.26 8.89
N LYS A 81 0.13 -16.53 8.45
CA LYS A 81 0.35 -15.11 8.63
C LYS A 81 0.35 -14.31 7.33
N LYS A 82 0.08 -13.00 7.36
CA LYS A 82 0.19 -12.16 6.18
C LYS A 82 0.26 -10.76 6.75
N ILE A 83 0.35 -9.82 5.80
CA ILE A 83 0.21 -8.39 5.99
C ILE A 83 -1.18 -8.05 5.48
N LYS A 84 -1.88 -7.08 6.06
CA LYS A 84 -3.01 -6.36 5.51
C LYS A 84 -2.81 -4.85 5.61
N LEU A 85 -3.08 -4.13 4.52
CA LEU A 85 -3.25 -2.69 4.60
C LEU A 85 -4.69 -2.37 4.98
N THR A 86 -4.73 -1.31 5.79
CA THR A 86 -5.92 -0.57 6.17
C THR A 86 -5.56 0.89 5.91
N VAL A 87 -6.58 1.67 5.54
CA VAL A 87 -6.55 3.03 5.01
C VAL A 87 -7.39 4.07 5.72
N SER A 88 -6.86 5.27 6.03
CA SER A 88 -7.54 6.23 6.88
C SER A 88 -8.30 7.15 5.96
N LYS A 89 -9.50 7.58 6.38
CA LYS A 89 -10.43 8.46 5.70
C LYS A 89 -9.87 9.82 5.30
N ILE A 90 -8.69 10.21 5.79
CA ILE A 90 -7.96 11.39 5.39
C ILE A 90 -7.67 11.52 3.91
N LEU A 91 -7.56 10.39 3.21
CA LEU A 91 -7.44 10.29 1.77
C LEU A 91 -8.37 9.27 1.13
N THR A 92 -9.43 8.86 1.82
CA THR A 92 -10.41 7.85 1.44
C THR A 92 -11.79 8.28 1.95
N ASP A 93 -12.07 9.58 2.05
CA ASP A 93 -13.37 10.15 2.36
C ASP A 93 -13.29 11.56 1.85
N ALA A 94 -13.97 11.85 0.73
CA ALA A 94 -14.30 13.16 0.22
C ALA A 94 -13.18 13.76 -0.61
N VAL A 95 -11.99 13.16 -0.75
CA VAL A 95 -10.73 13.74 -1.20
C VAL A 95 -9.93 12.55 -1.68
N ASP A 96 -9.10 12.76 -2.70
CA ASP A 96 -7.98 11.95 -3.12
C ASP A 96 -8.55 10.68 -3.76
N SER A 97 -8.60 9.51 -3.12
CA SER A 97 -8.99 8.25 -3.74
C SER A 97 -10.51 8.13 -3.64
N HIS A 98 -11.27 9.00 -2.99
CA HIS A 98 -12.69 8.76 -2.76
C HIS A 98 -13.40 10.10 -2.63
N LYS A 99 -13.36 10.76 -3.80
CA LYS A 99 -14.06 12.00 -4.05
C LYS A 99 -15.23 11.85 -5.00
N MET B 1 7.10 -3.47 19.53
CA MET B 1 6.38 -2.20 19.46
C MET B 1 6.09 -1.92 17.98
N ALA B 2 5.06 -1.14 17.71
CA ALA B 2 4.61 -0.92 16.36
C ALA B 2 5.19 0.44 16.01
N LYS B 3 5.87 0.52 14.86
CA LYS B 3 6.63 1.71 14.49
C LYS B 3 5.60 2.69 13.98
N ILE B 4 5.91 3.99 14.05
CA ILE B 4 5.20 5.16 13.59
C ILE B 4 5.95 5.82 12.44
N LYS B 5 5.32 6.64 11.59
CA LYS B 5 5.87 7.26 10.40
C LYS B 5 7.17 8.01 10.63
N SER B 6 7.37 8.65 11.80
CA SER B 6 8.52 9.45 12.14
C SER B 6 9.79 8.66 12.40
N LEU B 7 9.66 7.47 12.98
CA LEU B 7 10.73 6.53 13.20
C LEU B 7 11.00 5.73 11.92
N SER B 8 10.04 5.64 11.00
CA SER B 8 10.18 4.95 9.73
C SER B 8 10.85 5.85 8.70
N ALA B 9 10.64 7.17 8.76
CA ALA B 9 11.22 8.24 7.99
C ALA B 9 12.71 8.51 8.15
N ALA B 10 13.14 8.22 9.38
CA ALA B 10 14.51 8.14 9.84
C ALA B 10 15.25 6.91 9.31
N GLU B 11 14.53 5.89 8.82
CA GLU B 11 15.14 4.71 8.25
C GLU B 11 15.33 4.78 6.74
N TYR B 12 14.55 5.70 6.17
CA TYR B 12 14.74 6.03 4.76
C TYR B 12 15.91 6.91 4.36
N LEU B 13 16.44 7.67 5.31
CA LEU B 13 17.69 8.40 5.25
C LEU B 13 18.96 7.54 5.19
N LYS B 14 19.04 6.35 5.80
CA LYS B 14 20.11 5.39 5.62
C LYS B 14 20.42 4.89 4.22
N GLU B 15 19.34 4.68 3.46
CA GLU B 15 19.45 4.20 2.11
C GLU B 15 19.92 5.29 1.16
N MET B 16 19.58 6.54 1.46
CA MET B 16 19.58 7.56 0.42
C MET B 16 20.25 8.88 0.75
N ALA B 17 21.49 8.96 1.26
CA ALA B 17 22.21 10.18 1.52
C ALA B 17 22.86 10.60 0.21
N ASP B 18 22.93 9.75 -0.81
CA ASP B 18 23.71 9.83 -2.04
C ASP B 18 25.11 9.32 -1.72
N GLU B 19 25.73 10.12 -0.85
CA GLU B 19 26.90 10.02 0.00
C GLU B 19 26.86 11.10 1.05
N THR B 20 26.56 12.29 0.54
CA THR B 20 26.20 13.49 1.27
C THR B 20 25.20 14.34 0.52
N ASN B 21 25.08 14.24 -0.80
CA ASN B 21 24.37 15.19 -1.64
C ASN B 21 22.86 15.11 -1.63
N ILE B 22 22.21 14.01 -1.22
CA ILE B 22 20.78 13.94 -0.99
C ILE B 22 20.62 14.09 0.51
N LYS B 23 19.95 15.13 1.00
CA LYS B 23 19.78 15.49 2.40
C LYS B 23 18.42 14.95 2.85
N VAL B 24 17.87 15.55 3.90
CA VAL B 24 16.60 15.18 4.49
C VAL B 24 15.49 15.63 3.54
N GLN B 25 15.52 16.85 3.00
CA GLN B 25 14.37 17.51 2.42
C GLN B 25 14.05 16.98 1.04
N ASP B 26 15.06 16.31 0.48
CA ASP B 26 14.89 15.50 -0.71
C ASP B 26 14.12 14.20 -0.56
N ILE B 27 13.87 13.73 0.67
CA ILE B 27 13.10 12.56 1.02
C ILE B 27 11.79 13.03 1.66
N ARG B 28 11.79 14.11 2.44
CA ARG B 28 10.64 14.53 3.22
C ARG B 28 9.48 15.03 2.36
N LEU B 29 9.72 15.71 1.25
CA LEU B 29 8.89 15.92 0.08
C LEU B 29 8.10 14.67 -0.25
N VAL B 30 8.77 13.63 -0.76
CA VAL B 30 8.23 12.35 -1.17
C VAL B 30 7.33 11.75 -0.10
N VAL B 31 7.80 11.70 1.15
CA VAL B 31 7.25 11.08 2.34
C VAL B 31 5.88 11.62 2.71
N THR B 32 5.51 12.86 2.36
CA THR B 32 4.21 13.45 2.65
C THR B 32 3.40 13.54 1.38
N SER B 33 4.00 13.69 0.18
CA SER B 33 3.41 13.90 -1.12
C SER B 33 2.97 12.64 -1.83
N LEU B 34 3.66 11.51 -1.70
CA LEU B 34 3.52 10.38 -2.59
C LEU B 34 2.19 9.68 -2.36
N GLN B 35 1.73 9.63 -1.11
CA GLN B 35 0.44 9.16 -0.60
C GLN B 35 -0.78 9.85 -1.14
N LYS B 36 -0.64 11.05 -1.75
CA LYS B 36 -1.70 11.68 -2.49
C LYS B 36 -1.79 11.20 -3.94
N VAL B 37 -0.66 10.93 -4.61
CA VAL B 37 -0.51 10.42 -5.95
C VAL B 37 -1.00 8.99 -5.94
N LEU B 38 -0.55 8.23 -4.94
CA LEU B 38 -0.88 6.82 -4.74
C LEU B 38 -2.16 6.68 -3.94
N ALA B 39 -3.12 7.55 -4.25
CA ALA B 39 -4.51 7.69 -3.85
C ALA B 39 -5.39 8.33 -4.92
N LYS B 40 -5.12 9.57 -5.32
CA LYS B 40 -5.78 10.27 -6.40
C LYS B 40 -5.61 9.66 -7.79
N GLU B 41 -4.43 9.19 -8.20
CA GLU B 41 -4.33 8.55 -9.49
C GLU B 41 -4.94 7.16 -9.56
N LEU B 42 -5.52 6.70 -8.45
CA LEU B 42 -6.13 5.38 -8.28
C LEU B 42 -7.64 5.41 -8.36
N ALA B 43 -8.26 6.59 -8.36
CA ALA B 43 -9.63 7.03 -8.58
C ALA B 43 -10.45 6.25 -9.59
N THR B 44 -9.87 5.80 -10.71
CA THR B 44 -10.33 4.95 -11.79
C THR B 44 -10.60 3.52 -11.30
N THR B 45 -10.18 3.14 -10.08
CA THR B 45 -10.16 1.79 -9.55
C THR B 45 -8.89 1.23 -10.18
N GLY B 46 -7.71 1.69 -9.71
CA GLY B 46 -6.39 1.59 -10.31
C GLY B 46 -5.34 0.93 -9.44
N GLU B 47 -4.18 0.60 -10.02
CA GLU B 47 -3.15 -0.30 -9.54
C GLU B 47 -1.79 0.39 -9.60
N VAL B 48 -0.90 0.03 -8.67
CA VAL B 48 0.42 0.58 -8.41
C VAL B 48 1.34 -0.63 -8.55
N ARG B 49 2.53 -0.39 -9.08
CA ARG B 49 3.66 -1.31 -9.21
C ARG B 49 4.97 -0.71 -8.75
N LEU B 50 5.16 -0.50 -7.44
CA LEU B 50 6.40 -0.19 -6.75
C LEU B 50 6.89 -1.48 -6.14
N PHE B 51 8.17 -1.85 -6.20
CA PHE B 51 8.78 -3.10 -5.80
C PHE B 51 8.82 -3.35 -4.30
N ASP B 52 8.94 -4.65 -3.99
CA ASP B 52 9.40 -5.13 -2.71
C ASP B 52 8.28 -5.15 -1.69
N ILE B 53 7.40 -4.16 -1.53
CA ILE B 53 6.24 -4.21 -0.67
C ILE B 53 5.11 -5.03 -1.24
N GLY B 54 5.00 -5.07 -2.57
CA GLY B 54 3.93 -5.66 -3.36
C GLY B 54 3.17 -4.58 -4.11
N LYS B 55 1.91 -4.82 -4.44
CA LYS B 55 1.12 -3.93 -5.27
C LYS B 55 -0.07 -3.41 -4.45
N PHE B 56 -0.32 -2.10 -4.53
CA PHE B 56 -1.48 -1.40 -3.99
C PHE B 56 -2.49 -1.41 -5.13
N LYS B 57 -3.78 -1.70 -4.87
CA LYS B 57 -4.83 -1.54 -5.84
C LYS B 57 -6.03 -0.96 -5.09
N LEU B 58 -6.79 -0.05 -5.69
CA LEU B 58 -8.10 0.39 -5.19
C LEU B 58 -8.94 -0.85 -5.45
N VAL B 59 -9.95 -1.09 -4.61
CA VAL B 59 -11.09 -1.92 -4.90
C VAL B 59 -12.42 -1.29 -4.47
N THR B 60 -13.48 -1.60 -5.21
CA THR B 60 -14.80 -1.03 -5.17
C THR B 60 -15.73 -2.06 -4.52
N THR B 61 -16.62 -1.60 -3.63
CA THR B 61 -17.92 -2.20 -3.39
C THR B 61 -18.92 -1.72 -4.42
N LYS B 62 -19.91 -2.55 -4.77
CA LYS B 62 -20.81 -2.24 -5.87
C LYS B 62 -21.63 -0.98 -5.69
N PRO B 63 -21.63 -0.08 -6.69
CA PRO B 63 -22.32 1.19 -6.62
C PRO B 63 -23.85 1.15 -6.72
N ARG B 64 -24.55 2.26 -6.89
CA ARG B 64 -25.95 2.46 -7.21
C ARG B 64 -26.15 3.88 -7.71
N THR B 65 -27.13 4.15 -8.58
CA THR B 65 -27.44 5.43 -9.16
C THR B 65 -28.94 5.71 -9.01
N GLY B 66 -29.27 6.97 -8.71
CA GLY B 66 -30.58 7.56 -8.89
C GLY B 66 -30.28 8.91 -9.51
N ILE B 67 -31.33 9.73 -9.61
CA ILE B 67 -31.42 11.03 -10.26
C ILE B 67 -32.32 11.94 -9.45
N ASN B 68 -31.83 13.17 -9.35
CA ASN B 68 -32.31 14.34 -8.67
C ASN B 68 -33.46 14.94 -9.47
N PRO B 69 -34.66 15.21 -8.94
CA PRO B 69 -35.81 15.66 -9.70
C PRO B 69 -35.85 17.15 -10.03
N LYS B 70 -35.06 17.94 -9.30
CA LYS B 70 -35.08 19.38 -9.17
C LYS B 70 -34.09 20.04 -10.10
N THR B 71 -33.06 19.32 -10.58
CA THR B 71 -32.09 19.79 -11.54
C THR B 71 -31.42 18.53 -12.09
N LYS B 72 -30.99 18.58 -13.35
CA LYS B 72 -30.81 17.42 -14.22
C LYS B 72 -29.43 16.83 -14.00
N GLN B 73 -29.35 16.07 -12.91
CA GLN B 73 -28.18 15.32 -12.49
C GLN B 73 -28.53 13.97 -11.86
N LYS B 74 -27.83 12.90 -12.22
CA LYS B 74 -27.79 11.54 -11.72
C LYS B 74 -26.78 11.58 -10.58
N ILE B 75 -27.24 10.99 -9.48
CA ILE B 75 -26.50 10.83 -8.25
C ILE B 75 -25.86 9.46 -8.39
N GLN B 76 -24.52 9.39 -8.38
CA GLN B 76 -23.78 8.15 -8.19
C GLN B 76 -23.59 7.98 -6.69
N ILE B 77 -24.00 6.82 -6.15
CA ILE B 77 -24.05 6.45 -4.74
C ILE B 77 -23.00 5.36 -4.59
N PRO B 78 -22.08 5.45 -3.62
CA PRO B 78 -21.15 4.40 -3.30
C PRO B 78 -21.72 3.47 -2.24
N ALA B 79 -21.18 2.24 -2.22
CA ALA B 79 -21.17 1.29 -1.13
C ALA B 79 -19.83 1.21 -0.42
N GLY B 80 -18.80 1.83 -0.99
CA GLY B 80 -17.49 2.17 -0.48
C GLY B 80 -16.24 1.66 -1.17
N LYS B 81 -15.12 2.39 -1.11
CA LYS B 81 -13.85 2.16 -1.78
C LYS B 81 -12.72 2.01 -0.75
N LYS B 82 -11.67 1.25 -1.02
CA LYS B 82 -10.50 1.16 -0.17
C LYS B 82 -9.33 0.83 -1.09
N ILE B 83 -8.12 1.05 -0.57
CA ILE B 83 -6.93 0.57 -1.20
C ILE B 83 -6.59 -0.73 -0.47
N LYS B 84 -6.28 -1.78 -1.23
CA LYS B 84 -5.74 -3.02 -0.68
C LYS B 84 -4.32 -3.27 -1.12
N LEU B 85 -3.59 -4.17 -0.45
CA LEU B 85 -2.23 -4.61 -0.71
C LEU B 85 -2.23 -6.10 -1.03
N THR B 86 -1.45 -6.56 -2.01
CA THR B 86 -1.06 -7.93 -2.23
C THR B 86 0.46 -7.98 -2.30
N VAL B 87 0.95 -8.61 -1.22
CA VAL B 87 2.29 -8.57 -0.64
C VAL B 87 3.27 -9.32 -1.54
N SER B 88 4.48 -8.79 -1.66
CA SER B 88 5.52 -9.34 -2.53
C SER B 88 6.10 -10.63 -1.98
N LYS B 89 6.76 -11.39 -2.83
CA LYS B 89 7.24 -12.77 -2.81
C LYS B 89 8.29 -13.06 -1.75
N ILE B 90 9.27 -12.18 -1.56
CA ILE B 90 10.37 -12.47 -0.67
C ILE B 90 9.98 -12.11 0.75
N LEU B 91 9.34 -10.93 0.89
CA LEU B 91 8.57 -10.40 1.99
C LEU B 91 7.55 -11.40 2.49
N THR B 92 6.68 -11.98 1.65
CA THR B 92 5.60 -12.82 2.11
C THR B 92 6.05 -14.10 2.80
N ASP B 93 7.22 -14.62 2.40
CA ASP B 93 7.91 -15.78 2.93
C ASP B 93 8.62 -15.39 4.21
N ALA B 94 9.27 -14.23 4.30
CA ALA B 94 9.85 -13.75 5.54
C ALA B 94 8.85 -13.36 6.62
N VAL B 95 7.55 -13.25 6.36
CA VAL B 95 6.53 -13.16 7.38
C VAL B 95 6.19 -14.55 7.92
N ASP B 96 6.23 -15.58 7.06
CA ASP B 96 5.88 -16.95 7.30
C ASP B 96 6.99 -17.69 8.04
N SER B 97 8.22 -17.60 7.53
CA SER B 97 9.47 -18.14 8.02
C SER B 97 9.82 -17.49 9.35
N HIS B 98 9.38 -18.15 10.43
CA HIS B 98 9.47 -17.66 11.80
C HIS B 98 10.88 -17.72 12.36
N LYS B 99 11.50 -16.58 12.70
CA LYS B 99 12.75 -16.35 13.40
C LYS B 99 12.77 -15.02 14.13
N MET A 1 -10.08 -9.91 -22.43
CA MET A 1 -9.95 -9.37 -21.07
C MET A 1 -10.00 -7.85 -21.09
N ALA A 2 -10.13 -7.22 -19.93
CA ALA A 2 -10.02 -5.77 -19.73
C ALA A 2 -8.62 -5.22 -19.53
N LYS A 3 -8.41 -4.01 -20.05
CA LYS A 3 -7.18 -3.25 -20.11
C LYS A 3 -7.04 -2.48 -18.80
N ILE A 4 -5.80 -2.14 -18.47
CA ILE A 4 -5.37 -1.54 -17.21
C ILE A 4 -4.37 -0.41 -17.43
N LYS A 5 -4.48 0.71 -16.69
CA LYS A 5 -3.50 1.77 -16.54
C LYS A 5 -2.81 1.39 -15.25
N SER A 6 -1.46 1.49 -15.26
CA SER A 6 -0.64 1.41 -14.07
C SER A 6 0.42 2.52 -14.09
N LEU A 7 1.15 2.73 -13.00
CA LEU A 7 2.12 3.78 -12.73
C LEU A 7 3.20 3.21 -11.83
N SER A 8 4.21 4.01 -11.51
CA SER A 8 5.40 3.60 -10.79
C SER A 8 5.86 4.78 -9.94
N ALA A 9 7.18 4.97 -9.79
CA ALA A 9 7.73 6.13 -9.13
C ALA A 9 7.64 7.30 -10.09
N ALA A 10 7.76 7.09 -11.40
CA ALA A 10 7.79 8.11 -12.42
C ALA A 10 6.63 9.10 -12.49
N GLU A 11 5.50 8.76 -11.88
CA GLU A 11 4.37 9.64 -11.84
C GLU A 11 4.49 10.81 -10.86
N TYR A 12 5.33 10.54 -9.87
CA TYR A 12 5.80 11.41 -8.81
C TYR A 12 6.52 12.66 -9.30
N LEU A 13 7.11 12.56 -10.50
CA LEU A 13 7.86 13.62 -11.12
C LEU A 13 6.93 14.66 -11.71
N LYS A 14 5.62 14.41 -11.81
CA LYS A 14 4.59 15.34 -12.26
C LYS A 14 4.13 16.14 -11.05
N GLU A 15 3.99 15.50 -9.89
CA GLU A 15 3.54 16.09 -8.63
C GLU A 15 4.71 16.93 -8.12
N MET A 16 5.95 16.43 -8.11
CA MET A 16 7.13 17.08 -7.58
C MET A 16 7.87 17.77 -8.72
N ALA A 17 7.14 18.13 -9.77
CA ALA A 17 7.43 19.11 -10.81
C ALA A 17 8.08 20.40 -10.33
N ASP A 18 7.58 20.93 -9.22
CA ASP A 18 7.93 22.19 -8.60
C ASP A 18 9.27 22.15 -7.85
N GLU A 19 9.69 20.93 -7.52
CA GLU A 19 10.85 20.55 -6.74
C GLU A 19 11.75 19.55 -7.47
N THR A 20 11.84 19.79 -8.78
CA THR A 20 12.64 19.02 -9.70
C THR A 20 13.23 19.87 -10.81
N ASN A 21 14.27 20.61 -10.45
CA ASN A 21 14.92 21.71 -11.12
C ASN A 21 16.44 21.62 -11.06
N ILE A 22 17.04 20.79 -10.21
CA ILE A 22 18.43 20.40 -10.22
C ILE A 22 18.67 18.90 -10.30
N LYS A 23 17.60 18.14 -10.06
CA LYS A 23 17.54 16.71 -10.29
C LYS A 23 16.07 16.37 -10.46
N VAL A 24 15.86 15.27 -11.20
CA VAL A 24 14.58 14.80 -11.65
C VAL A 24 14.61 13.28 -11.70
N GLN A 25 15.50 12.62 -12.44
CA GLN A 25 15.56 11.17 -12.44
C GLN A 25 15.88 10.43 -11.15
N ASP A 26 16.70 11.09 -10.34
CA ASP A 26 17.17 10.70 -9.02
C ASP A 26 16.10 10.43 -7.99
N ILE A 27 14.96 11.11 -8.10
CA ILE A 27 13.81 11.05 -7.21
C ILE A 27 13.13 9.69 -7.19
N ARG A 28 13.22 9.07 -8.36
CA ARG A 28 12.85 7.68 -8.61
C ARG A 28 13.50 6.68 -7.67
N LEU A 29 14.75 6.94 -7.23
CA LEU A 29 15.52 6.16 -6.30
C LEU A 29 15.10 6.32 -4.84
N VAL A 30 14.63 7.54 -4.55
CA VAL A 30 14.12 7.92 -3.24
C VAL A 30 12.76 7.30 -3.00
N VAL A 31 11.89 7.20 -4.01
CA VAL A 31 10.70 6.38 -3.99
C VAL A 31 10.87 4.89 -3.73
N THR A 32 11.89 4.30 -4.36
CA THR A 32 12.25 2.91 -4.46
C THR A 32 12.91 2.52 -3.14
N SER A 33 13.75 3.31 -2.49
CA SER A 33 14.43 2.81 -1.29
C SER A 33 13.60 2.88 -0.04
N LEU A 34 12.61 3.77 0.05
CA LEU A 34 11.48 3.94 0.94
C LEU A 34 10.77 2.61 1.18
N GLN A 35 10.64 1.86 0.10
CA GLN A 35 9.91 0.60 0.07
C GLN A 35 10.73 -0.57 0.58
N LYS A 36 12.04 -0.48 0.28
CA LYS A 36 13.09 -1.44 0.56
C LYS A 36 13.16 -1.56 2.07
N VAL A 37 13.51 -0.42 2.69
CA VAL A 37 13.61 -0.16 4.10
C VAL A 37 12.39 -0.63 4.87
N LEU A 38 11.18 -0.31 4.41
CA LEU A 38 9.90 -0.59 5.04
C LEU A 38 9.77 -2.10 5.20
N ALA A 39 9.85 -2.88 4.11
CA ALA A 39 9.53 -4.30 3.97
C ALA A 39 10.51 -5.17 4.74
N LYS A 40 11.48 -4.60 5.46
CA LYS A 40 12.33 -5.33 6.38
C LYS A 40 11.50 -5.58 7.65
N GLU A 41 10.70 -4.58 8.03
CA GLU A 41 9.89 -4.56 9.22
C GLU A 41 8.70 -5.51 9.13
N LEU A 42 8.10 -5.67 7.94
CA LEU A 42 6.97 -6.49 7.63
C LEU A 42 7.34 -7.97 7.52
N ALA A 43 8.55 -8.32 7.08
CA ALA A 43 9.22 -9.61 7.16
C ALA A 43 9.77 -9.96 8.54
N THR A 44 9.45 -9.12 9.53
CA THR A 44 9.56 -9.47 10.94
C THR A 44 8.23 -9.46 11.66
N THR A 45 7.13 -9.36 10.91
CA THR A 45 5.80 -9.50 11.45
C THR A 45 5.50 -8.35 12.39
N GLY A 46 5.33 -7.19 11.75
CA GLY A 46 5.14 -5.84 12.24
C GLY A 46 3.80 -5.27 11.78
N GLU A 47 2.96 -4.87 12.74
CA GLU A 47 1.75 -4.10 12.62
C GLU A 47 2.12 -2.62 12.49
N VAL A 48 2.81 -2.27 11.40
CA VAL A 48 3.28 -0.94 11.07
C VAL A 48 2.08 0.00 10.96
N ARG A 49 2.07 1.02 11.83
CA ARG A 49 1.00 2.00 11.82
C ARG A 49 1.57 3.38 11.47
N LEU A 50 1.26 3.96 10.31
CA LEU A 50 1.68 5.25 9.82
C LEU A 50 0.68 6.38 9.95
N PHE A 51 1.00 7.34 10.82
CA PHE A 51 0.11 8.44 11.16
C PHE A 51 -0.05 9.31 9.93
N ASP A 52 -1.29 9.35 9.44
CA ASP A 52 -1.72 10.03 8.24
C ASP A 52 -1.82 9.24 6.95
N ILE A 53 -1.68 7.92 7.05
CA ILE A 53 -1.67 7.00 5.92
C ILE A 53 -2.65 5.89 6.28
N GLY A 54 -2.53 5.22 7.44
CA GLY A 54 -3.33 4.12 7.93
C GLY A 54 -2.37 3.13 8.57
N LYS A 55 -2.65 1.85 8.30
CA LYS A 55 -2.07 0.74 9.05
C LYS A 55 -1.91 -0.50 8.19
N PHE A 56 -0.87 -1.28 8.47
CA PHE A 56 -0.82 -2.68 8.11
C PHE A 56 -1.26 -3.50 9.29
N LYS A 57 -2.31 -4.30 9.09
CA LYS A 57 -2.80 -5.38 9.93
C LYS A 57 -2.25 -6.68 9.36
N LEU A 58 -1.67 -7.57 10.18
CA LEU A 58 -1.34 -8.91 9.75
C LEU A 58 -2.44 -9.68 10.44
N VAL A 59 -3.50 -9.86 9.66
CA VAL A 59 -4.69 -10.63 9.95
C VAL A 59 -4.43 -12.12 9.80
N THR A 60 -5.39 -12.95 10.27
CA THR A 60 -4.99 -14.33 10.51
C THR A 60 -6.30 -15.14 10.48
N THR A 61 -6.23 -16.36 9.94
CA THR A 61 -7.17 -17.48 10.02
C THR A 61 -6.57 -18.45 11.03
N LYS A 62 -7.37 -18.93 11.97
CA LYS A 62 -6.96 -19.69 13.14
C LYS A 62 -6.81 -21.18 12.84
N PRO A 63 -6.19 -21.99 13.69
CA PRO A 63 -6.20 -23.43 13.47
C PRO A 63 -7.49 -24.06 13.94
N ARG A 64 -7.92 -25.11 13.22
CA ARG A 64 -9.21 -25.72 13.39
C ARG A 64 -9.03 -27.23 13.24
N THR A 65 -10.01 -28.04 13.63
CA THR A 65 -10.03 -29.49 13.59
C THR A 65 -11.44 -29.93 13.20
N GLY A 66 -11.61 -31.26 13.30
CA GLY A 66 -12.75 -32.01 12.82
C GLY A 66 -12.32 -33.34 12.22
N ILE A 67 -13.19 -33.95 11.41
CA ILE A 67 -13.05 -35.18 10.66
C ILE A 67 -13.62 -34.88 9.27
N ASN A 68 -12.91 -35.36 8.25
CA ASN A 68 -13.21 -35.17 6.86
C ASN A 68 -14.37 -36.08 6.43
N PRO A 69 -15.05 -35.78 5.33
CA PRO A 69 -16.30 -36.38 4.91
C PRO A 69 -16.18 -37.72 4.18
N LYS A 70 -15.09 -38.04 3.50
CA LYS A 70 -14.88 -39.22 2.68
C LYS A 70 -13.60 -39.92 3.11
N THR A 71 -12.97 -39.51 4.22
CA THR A 71 -11.92 -40.22 4.91
C THR A 71 -12.20 -40.14 6.39
N LYS A 72 -11.76 -41.11 7.19
CA LYS A 72 -11.94 -41.21 8.62
C LYS A 72 -10.73 -40.61 9.29
N GLN A 73 -9.76 -39.98 8.62
CA GLN A 73 -8.68 -39.18 9.16
C GLN A 73 -9.13 -37.81 9.65
N LYS A 74 -8.24 -37.22 10.46
CA LYS A 74 -8.44 -36.01 11.21
C LYS A 74 -8.29 -34.86 10.23
N ILE A 75 -8.99 -33.74 10.45
CA ILE A 75 -8.76 -32.45 9.84
C ILE A 75 -7.76 -31.75 10.77
N GLN A 76 -6.73 -31.20 10.17
CA GLN A 76 -5.65 -30.48 10.81
C GLN A 76 -5.46 -29.23 9.95
N ILE A 77 -6.16 -28.15 10.28
CA ILE A 77 -6.06 -26.85 9.65
C ILE A 77 -5.05 -26.08 10.48
N PRO A 78 -3.97 -25.63 9.87
CA PRO A 78 -2.97 -24.82 10.55
C PRO A 78 -3.33 -23.34 10.68
N ALA A 79 -2.50 -22.55 11.34
CA ALA A 79 -2.50 -21.10 11.31
C ALA A 79 -1.84 -20.58 10.04
N GLY A 80 -2.49 -19.55 9.50
CA GLY A 80 -2.05 -18.74 8.38
C GLY A 80 -1.95 -17.33 8.96
N LYS A 81 -1.19 -16.43 8.34
CA LYS A 81 -1.23 -14.99 8.54
C LYS A 81 -1.21 -14.36 7.16
N LYS A 82 -1.71 -13.13 7.02
CA LYS A 82 -1.69 -12.34 5.79
C LYS A 82 -1.52 -10.85 6.07
N ILE A 83 -0.67 -10.10 5.40
CA ILE A 83 -0.47 -8.67 5.60
C ILE A 83 -1.66 -8.12 4.82
N LYS A 84 -2.34 -7.14 5.43
CA LYS A 84 -3.46 -6.42 4.86
C LYS A 84 -3.13 -4.95 5.09
N LEU A 85 -2.81 -4.19 4.05
CA LEU A 85 -2.74 -2.74 4.16
C LEU A 85 -4.17 -2.25 4.32
N THR A 86 -4.37 -1.26 5.19
CA THR A 86 -5.58 -0.50 5.37
C THR A 86 -5.16 0.97 5.31
N VAL A 87 -6.15 1.81 5.01
CA VAL A 87 -5.98 3.20 4.66
C VAL A 87 -7.01 4.06 5.38
N SER A 88 -6.54 5.22 5.85
CA SER A 88 -7.25 6.09 6.77
C SER A 88 -8.00 7.13 5.95
N LYS A 89 -9.24 7.50 6.31
CA LYS A 89 -10.20 8.37 5.69
C LYS A 89 -9.70 9.70 5.12
N ILE A 90 -8.51 10.12 5.57
CA ILE A 90 -7.79 11.31 5.20
C ILE A 90 -7.35 11.21 3.77
N LEU A 91 -7.28 10.01 3.18
CA LEU A 91 -6.95 9.77 1.79
C LEU A 91 -7.86 8.82 1.02
N THR A 92 -9.01 8.52 1.60
CA THR A 92 -10.02 7.61 1.09
C THR A 92 -11.44 8.07 1.40
N ASP A 93 -11.74 9.26 1.94
CA ASP A 93 -13.07 9.70 2.30
C ASP A 93 -13.31 11.16 1.91
N ALA A 94 -13.86 11.38 0.71
CA ALA A 94 -14.17 12.71 0.22
C ALA A 94 -12.91 13.50 -0.13
N VAL A 95 -11.83 12.85 -0.59
CA VAL A 95 -10.53 13.28 -1.03
C VAL A 95 -9.77 12.06 -1.55
N ASP A 96 -9.03 12.30 -2.63
CA ASP A 96 -7.92 11.56 -3.17
C ASP A 96 -8.37 10.31 -3.92
N SER A 97 -8.49 9.17 -3.23
CA SER A 97 -8.71 7.89 -3.88
C SER A 97 -10.19 7.65 -4.12
N HIS A 98 -11.02 8.25 -3.25
CA HIS A 98 -12.44 8.36 -3.52
C HIS A 98 -12.72 9.83 -3.20
N LYS A 99 -12.91 10.59 -4.28
CA LYS A 99 -13.46 11.94 -4.30
C LYS A 99 -14.57 11.97 -5.34
N MET B 1 9.17 -4.35 15.18
CA MET B 1 8.38 -3.30 15.86
C MET B 1 7.08 -3.04 15.11
N ALA B 2 5.97 -2.77 15.80
CA ALA B 2 4.70 -2.21 15.38
C ALA B 2 4.85 -0.73 15.03
N LYS B 3 5.77 -0.49 14.08
CA LYS B 3 6.47 0.75 13.87
C LYS B 3 5.72 1.97 13.34
N ILE B 4 6.19 3.17 13.67
CA ILE B 4 5.66 4.47 13.33
C ILE B 4 6.41 5.13 12.19
N LYS B 5 5.70 6.03 11.50
CA LYS B 5 6.09 6.84 10.37
C LYS B 5 7.35 7.67 10.58
N SER B 6 7.39 8.28 11.76
CA SER B 6 8.45 8.93 12.49
C SER B 6 9.80 8.25 12.42
N LEU B 7 9.88 6.97 12.85
CA LEU B 7 11.14 6.27 12.95
C LEU B 7 11.54 5.69 11.61
N SER B 8 10.64 5.23 10.72
CA SER B 8 10.82 4.83 9.35
C SER B 8 11.48 5.97 8.58
N ALA B 9 10.89 7.17 8.61
CA ALA B 9 11.46 8.43 8.16
C ALA B 9 12.80 8.87 8.71
N ALA B 10 13.34 8.19 9.72
CA ALA B 10 14.66 8.34 10.30
C ALA B 10 15.64 7.31 9.77
N GLU B 11 15.20 6.15 9.25
CA GLU B 11 16.02 5.07 8.75
C GLU B 11 16.34 5.24 7.26
N TYR B 12 15.66 6.07 6.48
CA TYR B 12 15.93 6.28 5.06
C TYR B 12 17.14 7.21 4.90
N LEU B 13 17.46 7.89 5.99
CA LEU B 13 18.50 8.89 6.15
C LEU B 13 19.87 8.22 6.14
N LYS B 14 19.89 6.93 6.42
CA LYS B 14 21.11 6.15 6.45
C LYS B 14 21.18 5.39 5.13
N GLU B 15 20.18 5.45 4.24
CA GLU B 15 19.99 4.66 3.04
C GLU B 15 20.30 5.48 1.79
N MET B 16 19.77 6.71 1.75
CA MET B 16 20.08 7.66 0.71
C MET B 16 20.64 8.94 1.33
N ALA B 17 21.96 9.08 1.29
CA ALA B 17 22.68 10.15 1.95
C ALA B 17 24.00 10.61 1.33
N ASP B 18 24.91 9.65 1.35
CA ASP B 18 26.31 9.67 0.96
C ASP B 18 27.01 10.33 2.15
N GLU B 19 27.05 11.65 2.22
CA GLU B 19 27.34 12.58 3.30
C GLU B 19 26.27 13.66 3.22
N THR B 20 26.13 14.32 2.07
CA THR B 20 25.29 15.49 1.86
C THR B 20 24.68 15.52 0.47
N ASN B 21 24.90 14.60 -0.47
CA ASN B 21 24.28 14.68 -1.78
C ASN B 21 22.77 14.51 -1.83
N ILE B 22 22.21 13.44 -1.27
CA ILE B 22 20.78 13.32 -1.04
C ILE B 22 20.59 14.00 0.31
N LYS B 23 19.85 15.11 0.33
CA LYS B 23 19.70 15.86 1.56
C LYS B 23 18.63 15.17 2.38
N VAL B 24 18.37 15.67 3.60
CA VAL B 24 17.29 15.29 4.48
C VAL B 24 15.95 15.67 3.87
N GLN B 25 15.79 16.92 3.40
CA GLN B 25 14.55 17.46 2.88
C GLN B 25 14.29 17.03 1.45
N ASP B 26 15.29 16.46 0.77
CA ASP B 26 15.07 15.64 -0.42
C ASP B 26 14.31 14.35 -0.17
N ILE B 27 14.25 13.87 1.07
CA ILE B 27 13.49 12.70 1.47
C ILE B 27 12.29 13.13 2.29
N ARG B 28 12.46 13.97 3.33
CA ARG B 28 11.45 14.26 4.32
C ARG B 28 10.17 14.85 3.72
N LEU B 29 10.26 15.45 2.54
CA LEU B 29 9.11 16.05 1.88
C LEU B 29 8.37 14.95 1.14
N VAL B 30 9.07 13.99 0.51
CA VAL B 30 8.55 12.86 -0.23
C VAL B 30 7.62 12.01 0.62
N VAL B 31 7.94 11.77 1.90
CA VAL B 31 7.27 11.10 2.99
C VAL B 31 5.99 11.78 3.46
N THR B 32 5.60 12.93 2.92
CA THR B 32 4.39 13.67 3.22
C THR B 32 3.85 14.21 1.91
N SER B 33 3.96 13.40 0.85
CA SER B 33 3.47 13.75 -0.47
C SER B 33 3.28 12.54 -1.37
N LEU B 34 4.10 11.50 -1.21
CA LEU B 34 4.07 10.37 -2.12
C LEU B 34 2.84 9.52 -1.87
N GLN B 35 2.23 9.59 -0.68
CA GLN B 35 1.01 8.99 -0.21
C GLN B 35 -0.22 9.44 -1.00
N LYS B 36 -0.03 10.61 -1.63
CA LYS B 36 -1.18 11.23 -2.25
C LYS B 36 -1.25 10.75 -3.70
N VAL B 37 -0.13 10.59 -4.40
CA VAL B 37 0.03 9.91 -5.67
C VAL B 37 -0.27 8.42 -5.49
N LEU B 38 -0.07 7.74 -4.35
CA LEU B 38 -0.42 6.37 -4.07
C LEU B 38 -1.83 6.24 -3.49
N ALA B 39 -2.72 7.13 -3.96
CA ALA B 39 -4.08 7.34 -3.54
C ALA B 39 -4.86 7.94 -4.70
N LYS B 40 -4.48 9.13 -5.19
CA LYS B 40 -5.20 9.78 -6.25
C LYS B 40 -5.17 9.06 -7.60
N GLU B 41 -4.01 8.61 -8.08
CA GLU B 41 -3.73 8.13 -9.42
C GLU B 41 -4.21 6.70 -9.61
N LEU B 42 -4.62 6.00 -8.54
CA LEU B 42 -5.16 4.66 -8.55
C LEU B 42 -6.64 4.66 -8.91
N ALA B 43 -7.34 5.78 -8.71
CA ALA B 43 -8.78 5.97 -8.73
C ALA B 43 -9.54 5.58 -9.98
N THR B 44 -8.80 5.47 -11.07
CA THR B 44 -9.26 4.90 -12.33
C THR B 44 -9.56 3.42 -12.31
N THR B 45 -9.10 2.68 -11.27
CA THR B 45 -8.91 1.26 -11.09
C THR B 45 -7.53 0.80 -11.53
N GLY B 46 -6.51 1.50 -11.03
CA GLY B 46 -5.14 1.35 -11.43
C GLY B 46 -4.35 0.56 -10.40
N GLU B 47 -3.04 0.79 -10.36
CA GLU B 47 -2.05 -0.04 -9.69
C GLU B 47 -0.74 0.72 -9.75
N VAL B 48 0.02 0.76 -8.64
CA VAL B 48 1.33 1.34 -8.62
C VAL B 48 2.31 0.19 -8.42
N ARG B 49 3.08 0.00 -9.50
CA ARG B 49 4.15 -0.95 -9.74
C ARG B 49 5.35 -0.40 -9.01
N LEU B 50 5.56 -0.71 -7.73
CA LEU B 50 6.76 -0.44 -6.96
C LEU B 50 7.55 -1.72 -6.71
N PHE B 51 8.72 -1.62 -6.09
CA PHE B 51 9.63 -2.74 -6.02
C PHE B 51 10.09 -3.10 -4.61
N ASP B 52 10.09 -4.40 -4.32
CA ASP B 52 10.48 -5.08 -3.10
C ASP B 52 9.33 -5.32 -2.13
N ILE B 53 8.41 -4.36 -2.06
CA ILE B 53 7.32 -4.43 -1.11
C ILE B 53 6.04 -5.11 -1.58
N GLY B 54 5.92 -5.16 -2.92
CA GLY B 54 4.71 -5.56 -3.61
C GLY B 54 4.20 -4.27 -4.21
N LYS B 55 2.92 -4.26 -4.56
CA LYS B 55 2.30 -3.16 -5.28
C LYS B 55 1.10 -2.61 -4.52
N PHE B 56 0.78 -1.34 -4.79
CA PHE B 56 -0.38 -0.64 -4.26
C PHE B 56 -1.38 -0.65 -5.41
N LYS B 57 -2.63 -0.99 -5.15
CA LYS B 57 -3.72 -1.12 -6.09
C LYS B 57 -5.02 -0.62 -5.47
N LEU B 58 -5.97 -0.07 -6.23
CA LEU B 58 -7.32 0.31 -5.85
C LEU B 58 -8.18 -0.94 -5.83
N VAL B 59 -9.24 -0.94 -5.01
CA VAL B 59 -10.33 -1.90 -5.08
C VAL B 59 -11.61 -1.12 -4.81
N THR B 60 -12.66 -1.55 -5.51
CA THR B 60 -13.95 -0.89 -5.43
C THR B 60 -14.93 -1.78 -4.68
N THR B 61 -16.07 -1.24 -4.25
CA THR B 61 -17.40 -1.77 -4.45
C THR B 61 -18.24 -0.98 -5.42
N LYS B 62 -19.02 -1.65 -6.26
CA LYS B 62 -19.82 -1.03 -7.30
C LYS B 62 -20.94 -0.19 -6.73
N PRO B 63 -21.49 0.85 -7.38
CA PRO B 63 -22.48 1.74 -6.82
C PRO B 63 -23.90 1.19 -6.89
N ARG B 64 -24.73 1.73 -5.99
CA ARG B 64 -26.15 1.44 -5.99
C ARG B 64 -26.86 2.41 -6.93
N THR B 65 -27.92 1.99 -7.61
CA THR B 65 -28.49 2.68 -8.76
C THR B 65 -30.00 2.69 -8.80
N GLY B 66 -30.60 2.79 -10.00
CA GLY B 66 -32.01 2.95 -10.30
C GLY B 66 -32.28 4.32 -10.93
N ILE B 67 -33.57 4.59 -11.16
CA ILE B 67 -34.10 5.74 -11.85
C ILE B 67 -34.76 6.62 -10.78
N ASN B 68 -34.43 7.90 -10.73
CA ASN B 68 -35.07 8.92 -9.93
C ASN B 68 -36.52 9.17 -10.32
N PRO B 69 -37.47 9.05 -9.38
CA PRO B 69 -38.88 9.24 -9.66
C PRO B 69 -39.35 10.68 -9.66
N LYS B 70 -38.60 11.66 -9.12
CA LYS B 70 -38.97 13.05 -9.05
C LYS B 70 -38.41 13.87 -10.20
N THR B 71 -37.42 13.38 -10.97
CA THR B 71 -36.92 14.05 -12.15
C THR B 71 -36.28 12.97 -13.02
N LYS B 72 -36.45 13.01 -14.33
CA LYS B 72 -36.21 11.97 -15.31
C LYS B 72 -34.76 11.56 -15.55
N GLN B 73 -34.09 10.91 -14.59
CA GLN B 73 -32.66 10.74 -14.66
C GLN B 73 -32.35 9.49 -13.84
N LYS B 74 -31.17 8.87 -14.05
CA LYS B 74 -30.54 7.72 -13.44
C LYS B 74 -29.70 8.33 -12.33
N ILE B 75 -29.71 7.57 -11.24
CA ILE B 75 -28.96 7.81 -10.03
C ILE B 75 -27.94 6.67 -10.05
N GLN B 76 -26.72 7.03 -9.65
CA GLN B 76 -25.67 6.21 -9.08
C GLN B 76 -25.19 6.83 -7.78
N ILE B 77 -25.32 6.15 -6.63
CA ILE B 77 -24.72 6.46 -5.35
C ILE B 77 -23.50 5.58 -5.23
N PRO B 78 -22.26 5.99 -4.97
CA PRO B 78 -21.22 4.97 -4.79
C PRO B 78 -21.28 4.28 -3.44
N ALA B 79 -20.67 3.10 -3.33
CA ALA B 79 -20.39 2.28 -2.16
C ALA B 79 -19.05 2.65 -1.54
N GLY B 80 -18.11 3.11 -2.38
CA GLY B 80 -16.81 3.57 -1.93
C GLY B 80 -15.73 2.80 -2.70
N LYS B 81 -14.49 3.30 -2.72
CA LYS B 81 -13.32 2.65 -3.27
C LYS B 81 -12.10 3.09 -2.46
N LYS B 82 -11.29 2.11 -2.08
CA LYS B 82 -10.12 2.27 -1.24
C LYS B 82 -8.91 1.58 -1.87
N ILE B 83 -7.84 1.31 -1.11
CA ILE B 83 -6.56 0.82 -1.56
C ILE B 83 -6.36 -0.50 -0.82
N LYS B 84 -5.69 -1.43 -1.50
CA LYS B 84 -5.02 -2.58 -0.92
C LYS B 84 -3.56 -2.62 -1.37
N LEU B 85 -2.78 -3.44 -0.66
CA LEU B 85 -1.54 -3.93 -1.20
C LEU B 85 -1.70 -5.31 -1.84
N THR B 86 -0.70 -5.70 -2.61
CA THR B 86 -0.53 -7.05 -3.09
C THR B 86 0.95 -7.39 -3.16
N VAL B 87 1.33 -8.26 -2.21
CA VAL B 87 2.61 -8.81 -1.84
C VAL B 87 3.49 -9.34 -2.98
N SER B 88 4.80 -9.09 -2.91
CA SER B 88 5.90 -9.56 -3.72
C SER B 88 6.30 -10.97 -3.37
N LYS B 89 7.06 -11.66 -4.21
CA LYS B 89 7.61 -13.00 -4.01
C LYS B 89 8.54 -12.87 -2.83
N ILE B 90 9.35 -11.81 -2.66
CA ILE B 90 10.46 -11.66 -1.74
C ILE B 90 9.89 -11.69 -0.32
N LEU B 91 8.83 -10.91 -0.10
CA LEU B 91 8.26 -10.64 1.21
C LEU B 91 7.39 -11.85 1.58
N THR B 92 6.62 -12.49 0.72
CA THR B 92 5.70 -13.57 1.08
C THR B 92 6.48 -14.74 1.65
N ASP B 93 7.56 -15.16 1.01
CA ASP B 93 8.46 -16.23 1.41
C ASP B 93 9.22 -15.86 2.69
N ALA B 94 9.32 -14.57 2.97
CA ALA B 94 9.89 -14.07 4.21
C ALA B 94 8.94 -13.98 5.40
N VAL B 95 7.61 -13.91 5.21
CA VAL B 95 6.64 -13.94 6.28
C VAL B 95 6.17 -15.36 6.56
N ASP B 96 6.23 -16.23 5.54
CA ASP B 96 6.07 -17.65 5.63
C ASP B 96 7.19 -18.31 6.42
N SER B 97 8.36 -17.66 6.51
CA SER B 97 9.59 -18.02 7.17
C SER B 97 9.25 -17.80 8.63
N HIS B 98 9.11 -18.88 9.40
CA HIS B 98 8.95 -18.85 10.84
C HIS B 98 10.36 -18.72 11.40
N LYS B 99 10.60 -17.50 11.91
CA LYS B 99 11.75 -17.01 12.66
C LYS B 99 11.23 -15.92 13.57
N MET A 1 -13.47 0.99 -24.76
CA MET A 1 -13.39 0.52 -23.36
C MET A 1 -12.16 0.98 -22.60
N ALA A 2 -12.36 1.85 -21.61
CA ALA A 2 -11.32 2.36 -20.73
C ALA A 2 -10.70 1.32 -19.80
N LYS A 3 -9.38 1.23 -19.64
CA LYS A 3 -8.72 0.32 -18.72
C LYS A 3 -8.47 0.99 -17.36
N ILE A 4 -7.92 0.26 -16.37
CA ILE A 4 -7.40 0.90 -15.20
C ILE A 4 -5.98 1.46 -15.40
N LYS A 5 -5.62 2.54 -14.73
CA LYS A 5 -4.39 3.28 -15.00
C LYS A 5 -3.23 2.68 -14.24
N SER A 6 -2.18 2.14 -14.88
CA SER A 6 -0.88 1.83 -14.36
C SER A 6 -0.15 3.14 -14.16
N LEU A 7 0.49 3.34 -13.00
CA LEU A 7 1.45 4.35 -12.62
C LEU A 7 2.34 3.81 -11.50
N SER A 8 3.28 4.66 -11.08
CA SER A 8 4.24 4.39 -10.03
C SER A 8 4.89 5.63 -9.45
N ALA A 9 6.21 5.54 -9.32
CA ALA A 9 7.02 6.45 -8.53
C ALA A 9 7.32 7.74 -9.26
N ALA A 10 7.32 7.64 -10.60
CA ALA A 10 7.40 8.75 -11.51
C ALA A 10 6.29 9.77 -11.36
N GLU A 11 5.04 9.38 -11.09
CA GLU A 11 3.99 10.37 -10.93
C GLU A 11 4.08 11.41 -9.83
N TYR A 12 4.94 11.09 -8.87
CA TYR A 12 5.28 12.02 -7.80
C TYR A 12 5.99 13.28 -8.30
N LEU A 13 6.74 13.22 -9.40
CA LEU A 13 7.62 14.24 -9.94
C LEU A 13 6.87 15.45 -10.48
N LYS A 14 5.56 15.30 -10.75
CA LYS A 14 4.67 16.35 -11.17
C LYS A 14 4.20 17.22 -10.01
N GLU A 15 4.50 16.85 -8.76
CA GLU A 15 4.33 17.70 -7.60
C GLU A 15 5.65 18.22 -7.05
N MET A 16 6.79 17.71 -7.49
CA MET A 16 8.15 18.08 -7.11
C MET A 16 8.85 18.91 -8.18
N ALA A 17 8.15 19.28 -9.25
CA ALA A 17 8.51 19.82 -10.55
C ALA A 17 9.24 21.15 -10.53
N ASP A 18 9.35 21.73 -9.35
CA ASP A 18 10.24 22.90 -9.18
C ASP A 18 11.65 22.44 -8.82
N GLU A 19 12.01 21.18 -8.66
CA GLU A 19 13.34 20.64 -8.37
C GLU A 19 13.47 19.28 -9.03
N THR A 20 13.32 19.26 -10.36
CA THR A 20 13.50 18.19 -11.31
C THR A 20 14.37 18.73 -12.45
N ASN A 21 15.62 19.07 -12.17
CA ASN A 21 16.57 19.74 -13.03
C ASN A 21 17.97 19.14 -13.10
N ILE A 22 18.67 18.89 -11.99
CA ILE A 22 19.97 18.22 -11.97
C ILE A 22 19.83 16.72 -11.85
N LYS A 23 18.60 16.25 -11.63
CA LYS A 23 18.15 14.88 -11.59
C LYS A 23 16.67 14.76 -11.97
N VAL A 24 16.28 13.63 -12.53
CA VAL A 24 14.99 13.24 -13.07
C VAL A 24 14.53 11.81 -12.87
N GLN A 25 15.44 10.86 -13.15
CA GLN A 25 15.17 9.47 -12.90
C GLN A 25 15.63 8.94 -11.54
N ASP A 26 16.56 9.68 -10.94
CA ASP A 26 17.14 9.25 -9.68
C ASP A 26 16.16 9.34 -8.53
N ILE A 27 15.25 10.32 -8.53
CA ILE A 27 14.11 10.49 -7.65
C ILE A 27 13.19 9.29 -7.55
N ARG A 28 13.22 8.36 -8.52
CA ARG A 28 12.55 7.08 -8.45
C ARG A 28 13.12 6.14 -7.40
N LEU A 29 14.42 6.21 -7.14
CA LEU A 29 15.18 5.47 -6.15
C LEU A 29 15.04 6.16 -4.80
N VAL A 30 14.58 7.42 -4.69
CA VAL A 30 14.22 8.04 -3.43
C VAL A 30 12.84 7.50 -3.05
N VAL A 31 11.83 7.38 -3.92
CA VAL A 31 10.50 6.91 -3.62
C VAL A 31 10.62 5.45 -3.18
N THR A 32 11.55 4.69 -3.78
CA THR A 32 11.81 3.29 -3.54
C THR A 32 12.45 3.06 -2.17
N SER A 33 13.13 3.98 -1.48
CA SER A 33 13.85 3.75 -0.24
C SER A 33 12.99 3.41 0.97
N LEU A 34 11.78 3.97 0.99
CA LEU A 34 10.85 3.91 2.11
C LEU A 34 10.16 2.56 2.21
N GLN A 35 9.92 2.03 1.00
CA GLN A 35 9.30 0.78 0.59
C GLN A 35 9.99 -0.46 1.13
N LYS A 36 11.32 -0.34 1.12
CA LYS A 36 12.21 -1.41 1.51
C LYS A 36 12.26 -1.57 3.02
N VAL A 37 11.97 -0.50 3.77
CA VAL A 37 11.77 -0.59 5.20
C VAL A 37 10.39 -1.07 5.64
N LEU A 38 9.28 -0.88 4.93
CA LEU A 38 7.99 -1.46 5.19
C LEU A 38 7.97 -2.97 5.01
N ALA A 39 8.43 -3.40 3.82
CA ALA A 39 8.60 -4.80 3.46
C ALA A 39 9.46 -5.59 4.45
N LYS A 40 10.46 -5.01 5.11
CA LYS A 40 11.33 -5.64 6.07
C LYS A 40 10.57 -5.71 7.38
N GLU A 41 9.85 -4.66 7.81
CA GLU A 41 9.17 -4.54 9.07
C GLU A 41 8.00 -5.51 9.13
N LEU A 42 7.31 -5.61 8.00
CA LEU A 42 6.20 -6.54 7.94
C LEU A 42 6.57 -8.00 7.84
N ALA A 43 7.69 -8.22 7.12
CA ALA A 43 8.19 -9.56 6.94
C ALA A 43 8.91 -10.02 8.20
N THR A 44 9.13 -9.22 9.26
CA THR A 44 9.60 -9.65 10.56
C THR A 44 8.47 -9.56 11.58
N THR A 45 7.20 -9.47 11.18
CA THR A 45 5.98 -9.49 11.96
C THR A 45 5.80 -8.31 12.91
N GLY A 46 6.17 -7.12 12.42
CA GLY A 46 6.02 -5.83 13.08
C GLY A 46 4.95 -5.02 12.36
N GLU A 47 4.12 -4.34 13.16
CA GLU A 47 2.99 -3.52 12.78
C GLU A 47 3.54 -2.12 12.52
N VAL A 48 3.27 -1.55 11.34
CA VAL A 48 3.75 -0.24 11.04
C VAL A 48 2.60 0.77 11.10
N ARG A 49 2.52 1.56 12.17
CA ARG A 49 1.73 2.78 12.15
C ARG A 49 2.61 3.83 11.48
N LEU A 50 2.01 4.60 10.58
CA LEU A 50 2.59 5.76 9.91
C LEU A 50 1.42 6.72 10.10
N PHE A 51 1.28 7.31 11.29
CA PHE A 51 0.15 8.14 11.64
C PHE A 51 0.13 9.39 10.78
N ASP A 52 -1.00 9.59 10.11
CA ASP A 52 -1.36 10.52 9.05
C ASP A 52 -1.35 9.84 7.68
N ILE A 53 -0.88 8.61 7.50
CA ILE A 53 -1.19 7.65 6.46
C ILE A 53 -2.22 6.63 6.94
N GLY A 54 -2.13 6.12 8.15
CA GLY A 54 -2.74 4.87 8.56
C GLY A 54 -1.64 3.92 9.05
N LYS A 55 -2.06 2.66 9.22
CA LYS A 55 -1.23 1.58 9.70
C LYS A 55 -1.40 0.33 8.81
N PHE A 56 -0.35 -0.47 8.63
CA PHE A 56 -0.39 -1.72 7.90
C PHE A 56 -0.66 -2.73 9.00
N LYS A 57 -1.86 -3.30 9.09
CA LYS A 57 -2.33 -4.26 10.07
C LYS A 57 -2.01 -5.65 9.58
N LEU A 58 -1.38 -6.49 10.40
CA LEU A 58 -1.22 -7.92 10.18
C LEU A 58 -2.39 -8.63 10.86
N VAL A 59 -2.85 -9.75 10.27
CA VAL A 59 -3.73 -10.80 10.74
C VAL A 59 -3.09 -12.17 10.50
N THR A 60 -3.49 -13.11 11.35
CA THR A 60 -2.81 -14.39 11.51
C THR A 60 -3.90 -15.43 11.32
N THR A 61 -3.75 -16.28 10.29
CA THR A 61 -4.76 -17.20 9.83
C THR A 61 -4.63 -18.51 10.60
N LYS A 62 -5.75 -19.15 10.89
CA LYS A 62 -5.82 -20.28 11.79
C LYS A 62 -5.43 -21.60 11.12
N PRO A 63 -4.99 -22.64 11.82
CA PRO A 63 -4.80 -23.95 11.22
C PRO A 63 -6.14 -24.61 10.93
N ARG A 64 -6.04 -25.69 10.16
CA ARG A 64 -7.15 -26.50 9.70
C ARG A 64 -6.61 -27.90 9.46
N THR A 65 -7.58 -28.80 9.23
CA THR A 65 -7.33 -30.18 8.86
C THR A 65 -8.23 -30.64 7.73
N GLY A 66 -7.61 -31.37 6.81
CA GLY A 66 -8.21 -31.87 5.60
C GLY A 66 -8.30 -33.38 5.71
N ILE A 67 -8.98 -34.03 4.76
CA ILE A 67 -9.11 -35.46 4.56
C ILE A 67 -8.78 -35.70 3.09
N ASN A 68 -8.16 -36.84 2.76
CA ASN A 68 -7.74 -37.16 1.42
C ASN A 68 -8.86 -37.77 0.62
N PRO A 69 -8.78 -37.89 -0.72
CA PRO A 69 -9.93 -38.27 -1.49
C PRO A 69 -10.08 -39.78 -1.60
N LYS A 70 -9.05 -40.58 -1.84
CA LYS A 70 -9.13 -42.02 -2.00
C LYS A 70 -8.87 -42.82 -0.73
N THR A 71 -8.36 -42.11 0.29
CA THR A 71 -7.91 -42.59 1.58
C THR A 71 -8.54 -41.71 2.65
N LYS A 72 -8.83 -42.21 3.84
CA LYS A 72 -9.30 -41.42 4.97
C LYS A 72 -8.15 -40.70 5.67
N GLN A 73 -6.91 -40.92 5.19
CA GLN A 73 -5.72 -40.19 5.58
C GLN A 73 -5.78 -38.69 5.78
N LYS A 74 -5.33 -38.20 6.94
CA LYS A 74 -5.34 -36.82 7.40
C LYS A 74 -4.38 -35.89 6.66
N ILE A 75 -4.81 -34.63 6.60
CA ILE A 75 -3.99 -33.51 6.18
C ILE A 75 -4.11 -32.47 7.29
N GLN A 76 -3.00 -31.76 7.56
CA GLN A 76 -2.88 -30.62 8.46
C GLN A 76 -2.56 -29.44 7.56
N ILE A 77 -3.25 -28.30 7.62
CA ILE A 77 -2.94 -27.07 6.91
C ILE A 77 -2.39 -26.22 8.04
N PRO A 78 -1.18 -25.69 7.96
CA PRO A 78 -0.56 -24.76 8.89
C PRO A 78 -1.20 -23.38 8.92
N ALA A 79 -0.96 -22.66 10.01
CA ALA A 79 -1.24 -21.27 10.31
C ALA A 79 -0.23 -20.36 9.63
N GLY A 80 -0.75 -19.34 8.93
CA GLY A 80 -0.10 -18.33 8.13
C GLY A 80 -0.36 -16.94 8.69
N LYS A 81 0.02 -15.87 7.97
CA LYS A 81 -0.37 -14.51 8.31
C LYS A 81 -0.14 -13.61 7.10
N LYS A 82 -0.78 -12.43 7.11
CA LYS A 82 -0.97 -11.56 5.97
C LYS A 82 -1.28 -10.15 6.43
N ILE A 83 -1.02 -9.19 5.54
CA ILE A 83 -1.35 -7.79 5.70
C ILE A 83 -2.78 -7.47 5.29
N LYS A 84 -3.33 -6.39 5.87
CA LYS A 84 -4.45 -5.64 5.34
C LYS A 84 -4.10 -4.18 5.55
N LEU A 85 -4.45 -3.24 4.67
CA LEU A 85 -4.07 -1.84 4.65
C LEU A 85 -5.22 -1.08 5.31
N THR A 86 -5.06 -0.37 6.43
CA THR A 86 -5.99 0.58 6.99
C THR A 86 -5.46 1.99 6.74
N VAL A 87 -6.09 2.78 5.87
CA VAL A 87 -5.63 4.11 5.52
C VAL A 87 -6.52 5.15 6.17
N SER A 88 -5.96 6.26 6.64
CA SER A 88 -6.65 7.22 7.49
C SER A 88 -7.50 8.19 6.69
N LYS A 89 -8.57 8.65 7.35
CA LYS A 89 -9.40 9.75 6.93
C LYS A 89 -8.78 10.96 6.23
N ILE A 90 -7.53 11.24 6.58
CA ILE A 90 -6.70 12.32 6.08
C ILE A 90 -6.13 12.05 4.70
N LEU A 91 -6.44 10.87 4.16
CA LEU A 91 -6.38 10.67 2.73
C LEU A 91 -7.54 9.84 2.17
N THR A 92 -8.71 9.69 2.80
CA THR A 92 -9.83 9.00 2.22
C THR A 92 -11.17 9.43 2.80
N ASP A 93 -11.33 10.52 3.53
CA ASP A 93 -12.65 10.95 3.96
C ASP A 93 -12.94 12.35 3.43
N ALA A 94 -13.63 12.44 2.29
CA ALA A 94 -13.92 13.61 1.51
C ALA A 94 -12.68 14.29 0.93
N VAL A 95 -11.59 13.53 0.82
CA VAL A 95 -10.26 13.92 0.37
C VAL A 95 -9.54 12.75 -0.30
N ASP A 96 -8.82 13.14 -1.35
CA ASP A 96 -7.89 12.33 -2.11
C ASP A 96 -8.43 11.07 -2.81
N SER A 97 -8.33 9.91 -2.14
CA SER A 97 -8.65 8.65 -2.76
C SER A 97 -10.17 8.52 -2.74
N HIS A 98 -10.85 9.10 -1.75
CA HIS A 98 -12.29 9.22 -1.71
C HIS A 98 -12.59 10.69 -1.52
N LYS A 99 -12.90 11.39 -2.62
CA LYS A 99 -13.24 12.79 -2.73
C LYS A 99 -14.42 12.79 -3.70
N MET B 1 6.27 -6.56 17.24
CA MET B 1 6.22 -5.31 18.00
C MET B 1 5.79 -4.17 17.09
N ALA B 2 5.29 -3.07 17.66
CA ALA B 2 4.79 -1.89 16.99
C ALA B 2 5.90 -0.89 16.67
N LYS B 3 5.74 -0.17 15.55
CA LYS B 3 6.59 0.95 15.21
C LYS B 3 5.82 2.22 14.85
N ILE B 4 6.50 3.35 14.81
CA ILE B 4 6.03 4.71 14.62
C ILE B 4 6.78 5.39 13.47
N LYS B 5 6.13 6.33 12.81
CA LYS B 5 6.63 7.01 11.62
C LYS B 5 7.99 7.69 11.66
N SER B 6 8.28 8.27 12.83
CA SER B 6 9.50 8.96 13.21
C SER B 6 10.72 8.06 13.14
N LEU B 7 10.60 6.76 13.41
CA LEU B 7 11.66 5.77 13.48
C LEU B 7 11.75 5.10 12.11
N SER B 8 10.63 5.11 11.38
CA SER B 8 10.56 4.65 10.01
C SER B 8 11.46 5.49 9.12
N ALA B 9 11.33 6.82 9.19
CA ALA B 9 11.94 7.82 8.33
C ALA B 9 13.43 7.89 8.61
N ALA B 10 13.88 7.59 9.83
CA ALA B 10 15.30 7.50 10.12
C ALA B 10 16.02 6.38 9.41
N GLU B 11 15.39 5.21 9.24
CA GLU B 11 15.98 3.98 8.76
C GLU B 11 16.19 4.08 7.25
N TYR B 12 15.34 4.81 6.54
CA TYR B 12 15.26 5.02 5.10
C TYR B 12 16.63 5.38 4.54
N LEU B 13 17.35 6.25 5.23
CA LEU B 13 18.64 6.77 4.81
C LEU B 13 19.72 5.70 4.76
N LYS B 14 19.68 4.72 5.66
CA LYS B 14 20.59 3.61 5.88
C LYS B 14 20.22 2.40 5.03
N GLU B 15 18.96 2.31 4.60
CA GLU B 15 18.46 1.26 3.74
C GLU B 15 18.80 1.49 2.26
N MET B 16 18.74 2.72 1.76
CA MET B 16 19.06 3.02 0.38
C MET B 16 19.62 4.43 0.35
N ALA B 17 20.81 4.61 -0.22
CA ALA B 17 21.58 5.83 -0.39
C ALA B 17 22.26 5.86 -1.76
N ASP B 18 22.81 4.73 -2.21
CA ASP B 18 23.71 4.41 -3.29
C ASP B 18 25.11 4.62 -2.70
N GLU B 19 25.97 5.45 -3.29
CA GLU B 19 26.99 6.18 -2.57
C GLU B 19 26.34 7.31 -1.81
N THR B 20 25.48 8.12 -2.43
CA THR B 20 24.80 9.32 -2.00
C THR B 20 23.92 9.88 -3.13
N ASN B 21 23.31 9.10 -4.01
CA ASN B 21 22.39 9.57 -5.02
C ASN B 21 20.93 9.69 -4.60
N ILE B 22 20.45 8.97 -3.60
CA ILE B 22 19.27 9.21 -2.80
C ILE B 22 19.93 10.01 -1.68
N LYS B 23 19.70 11.32 -1.56
CA LYS B 23 20.20 12.09 -0.45
C LYS B 23 19.10 12.33 0.59
N VAL B 24 19.51 12.85 1.76
CA VAL B 24 18.67 12.95 2.93
C VAL B 24 17.67 14.06 2.65
N GLN B 25 18.13 15.21 2.14
CA GLN B 25 17.33 16.28 1.58
C GLN B 25 16.41 16.01 0.41
N ASP B 26 16.46 14.80 -0.18
CA ASP B 26 15.48 14.35 -1.15
C ASP B 26 14.32 13.70 -0.41
N ILE B 27 14.62 12.70 0.44
CA ILE B 27 13.68 11.97 1.26
C ILE B 27 12.72 12.82 2.09
N ARG B 28 13.26 13.89 2.66
CA ARG B 28 12.74 15.00 3.44
C ARG B 28 11.52 15.71 2.86
N LEU B 29 11.31 15.62 1.55
CA LEU B 29 10.19 16.23 0.85
C LEU B 29 9.15 15.16 0.56
N VAL B 30 9.59 13.92 0.28
CA VAL B 30 8.90 12.73 -0.18
C VAL B 30 8.15 12.12 1.01
N VAL B 31 8.77 11.83 2.15
CA VAL B 31 8.31 11.28 3.41
C VAL B 31 7.02 11.92 3.91
N THR B 32 6.78 13.19 3.62
CA THR B 32 5.58 13.89 4.03
C THR B 32 4.81 14.49 2.86
N SER B 33 4.64 13.79 1.74
CA SER B 33 4.11 14.31 0.49
C SER B 33 3.65 13.14 -0.37
N LEU B 34 4.45 12.06 -0.45
CA LEU B 34 4.28 10.88 -1.27
C LEU B 34 2.89 10.30 -1.08
N GLN B 35 2.43 10.02 0.14
CA GLN B 35 1.22 9.44 0.69
C GLN B 35 -0.03 10.09 0.11
N LYS B 36 0.08 11.43 0.00
CA LYS B 36 -0.99 12.21 -0.58
C LYS B 36 -1.01 12.21 -2.10
N VAL B 37 0.15 12.31 -2.76
CA VAL B 37 0.12 12.19 -4.20
C VAL B 37 -0.30 10.81 -4.71
N LEU B 38 0.32 9.73 -4.22
CA LEU B 38 -0.05 8.36 -4.53
C LEU B 38 -1.41 8.00 -3.90
N ALA B 39 -2.09 8.92 -3.20
CA ALA B 39 -3.51 8.73 -3.00
C ALA B 39 -4.31 9.45 -4.06
N LYS B 40 -4.13 10.72 -4.40
CA LYS B 40 -4.88 11.50 -5.37
C LYS B 40 -4.90 10.76 -6.71
N GLU B 41 -3.74 10.29 -7.18
CA GLU B 41 -3.50 9.73 -8.49
C GLU B 41 -4.08 8.34 -8.69
N LEU B 42 -4.66 7.77 -7.64
CA LEU B 42 -5.42 6.54 -7.58
C LEU B 42 -6.92 6.61 -7.84
N ALA B 43 -7.50 7.81 -7.72
CA ALA B 43 -8.92 8.09 -7.73
C ALA B 43 -9.53 7.93 -9.11
N THR B 44 -8.83 8.33 -10.19
CA THR B 44 -8.97 7.97 -11.59
C THR B 44 -9.31 6.53 -11.91
N THR B 45 -9.34 5.55 -11.01
CA THR B 45 -9.11 4.13 -11.18
C THR B 45 -7.63 3.93 -11.47
N GLY B 46 -6.72 3.99 -10.49
CA GLY B 46 -5.32 3.68 -10.61
C GLY B 46 -4.89 2.36 -9.96
N GLU B 47 -3.70 1.89 -10.32
CA GLU B 47 -2.86 0.94 -9.61
C GLU B 47 -1.56 1.72 -9.41
N VAL B 48 -1.11 1.99 -8.20
CA VAL B 48 0.28 2.36 -7.93
C VAL B 48 1.05 1.09 -7.67
N ARG B 49 2.09 0.72 -8.43
CA ARG B 49 2.96 -0.44 -8.37
C ARG B 49 4.23 0.16 -7.76
N LEU B 50 4.75 -0.45 -6.68
CA LEU B 50 5.90 -0.01 -5.91
C LEU B 50 6.83 -1.18 -5.65
N PHE B 51 8.12 -0.92 -5.92
CA PHE B 51 9.03 -2.02 -5.66
C PHE B 51 9.21 -2.51 -4.23
N ASP B 52 9.30 -3.85 -4.25
CA ASP B 52 9.49 -4.77 -3.13
C ASP B 52 8.19 -5.12 -2.41
N ILE B 53 7.50 -4.05 -2.05
CA ILE B 53 6.28 -3.93 -1.26
C ILE B 53 5.09 -4.58 -1.95
N GLY B 54 4.73 -4.15 -3.15
CA GLY B 54 3.61 -4.62 -3.96
C GLY B 54 2.82 -3.43 -4.49
N LYS B 55 1.55 -3.57 -4.86
CA LYS B 55 0.79 -2.62 -5.66
C LYS B 55 -0.23 -2.11 -4.65
N PHE B 56 -0.39 -0.79 -4.64
CA PHE B 56 -1.49 -0.09 -4.01
C PHE B 56 -2.48 0.17 -5.14
N LYS B 57 -3.77 0.22 -4.80
CA LYS B 57 -4.88 0.08 -5.72
C LYS B 57 -6.08 0.74 -5.04
N LEU B 58 -6.92 1.46 -5.76
CA LEU B 58 -8.22 1.87 -5.29
C LEU B 58 -9.20 0.77 -5.67
N VAL B 59 -10.22 0.51 -4.85
CA VAL B 59 -11.38 -0.32 -5.14
C VAL B 59 -12.57 0.42 -4.53
N THR B 60 -13.76 0.30 -5.13
CA THR B 60 -14.97 1.09 -4.98
C THR B 60 -16.10 0.16 -4.56
N THR B 61 -16.94 0.55 -3.61
CA THR B 61 -18.07 -0.24 -3.17
C THR B 61 -19.11 -0.11 -4.27
N LYS B 62 -19.93 -1.15 -4.47
CA LYS B 62 -21.00 -1.11 -5.45
C LYS B 62 -21.96 0.08 -5.39
N PRO B 63 -22.62 0.36 -6.51
CA PRO B 63 -23.47 1.53 -6.63
C PRO B 63 -24.89 1.18 -6.16
N ARG B 64 -25.62 2.21 -5.74
CA ARG B 64 -27.07 2.24 -5.81
C ARG B 64 -27.43 2.63 -7.25
N THR B 65 -28.26 1.78 -7.89
CA THR B 65 -28.71 1.92 -9.26
C THR B 65 -30.21 1.62 -9.38
N GLY B 66 -30.65 1.31 -10.60
CA GLY B 66 -32.04 1.33 -11.00
C GLY B 66 -32.28 2.04 -12.33
N ILE B 67 -33.54 2.14 -12.71
CA ILE B 67 -34.12 3.01 -13.71
C ILE B 67 -34.70 4.12 -12.83
N ASN B 68 -34.45 5.37 -13.25
CA ASN B 68 -34.96 6.57 -12.62
C ASN B 68 -36.42 6.83 -12.96
N PRO B 69 -37.31 7.27 -12.06
CA PRO B 69 -38.71 7.46 -12.37
C PRO B 69 -39.10 8.77 -13.06
N LYS B 70 -38.49 9.93 -12.81
CA LYS B 70 -38.90 11.21 -13.37
C LYS B 70 -38.39 11.52 -14.76
N THR B 71 -37.32 10.84 -15.21
CA THR B 71 -36.87 10.84 -16.59
C THR B 71 -36.19 9.53 -16.93
N LYS B 72 -36.17 9.14 -18.21
CA LYS B 72 -35.65 7.92 -18.79
C LYS B 72 -34.13 7.86 -18.83
N GLN B 73 -33.56 7.32 -17.74
CA GLN B 73 -32.17 7.07 -17.46
C GLN B 73 -31.89 6.18 -16.26
N LYS B 74 -30.63 5.73 -16.11
CA LYS B 74 -30.17 4.82 -15.09
C LYS B 74 -29.60 5.71 -14.00
N ILE B 75 -29.95 5.40 -12.74
CA ILE B 75 -29.46 5.99 -11.51
C ILE B 75 -28.06 5.43 -11.27
N GLN B 76 -27.10 6.25 -10.82
CA GLN B 76 -25.67 5.99 -10.77
C GLN B 76 -24.96 6.61 -9.59
N ILE B 77 -25.31 6.16 -8.38
CA ILE B 77 -24.90 6.84 -7.16
C ILE B 77 -23.82 6.03 -6.46
N PRO B 78 -22.63 6.59 -6.21
CA PRO B 78 -21.54 5.85 -5.63
C PRO B 78 -21.70 5.68 -4.13
N ALA B 79 -20.97 4.77 -3.45
CA ALA B 79 -21.11 4.12 -2.17
C ALA B 79 -19.84 4.06 -1.34
N GLY B 80 -18.71 4.55 -1.86
CA GLY B 80 -17.42 4.76 -1.22
C GLY B 80 -16.36 3.86 -1.83
N LYS B 81 -15.11 4.18 -1.46
CA LYS B 81 -13.90 3.64 -2.02
C LYS B 81 -12.75 3.88 -1.04
N LYS B 82 -11.66 3.15 -1.24
CA LYS B 82 -10.56 2.95 -0.32
C LYS B 82 -9.36 2.40 -1.08
N ILE B 83 -8.16 2.87 -0.76
CA ILE B 83 -6.87 2.27 -1.03
C ILE B 83 -6.74 0.91 -0.37
N LYS B 84 -6.53 -0.17 -1.15
CA LYS B 84 -6.21 -1.52 -0.78
C LYS B 84 -4.83 -1.95 -1.25
N LEU B 85 -4.10 -2.75 -0.47
CA LEU B 85 -2.87 -3.35 -0.91
C LEU B 85 -3.15 -4.58 -1.76
N THR B 86 -2.21 -4.96 -2.63
CA THR B 86 -2.11 -6.27 -3.24
C THR B 86 -0.60 -6.43 -3.18
N VAL B 87 -0.11 -7.13 -2.15
CA VAL B 87 1.22 -7.33 -1.64
C VAL B 87 1.97 -8.08 -2.74
N SER B 88 3.28 -7.87 -2.82
CA SER B 88 4.19 -8.71 -3.56
C SER B 88 4.16 -10.18 -3.16
N LYS B 89 4.31 -11.04 -4.18
CA LYS B 89 4.58 -12.46 -4.14
C LYS B 89 5.77 -12.66 -3.22
N ILE B 90 6.83 -11.87 -3.43
CA ILE B 90 8.12 -12.00 -2.78
C ILE B 90 8.02 -11.59 -1.31
N LEU B 91 7.20 -10.58 -1.01
CA LEU B 91 6.90 -10.23 0.37
C LEU B 91 5.85 -11.08 1.06
N THR B 92 4.77 -11.53 0.42
CA THR B 92 3.69 -12.31 0.99
C THR B 92 4.18 -13.62 1.58
N ASP B 93 5.10 -14.32 0.91
CA ASP B 93 5.91 -15.46 1.31
C ASP B 93 6.43 -15.21 2.72
N ALA B 94 7.23 -14.15 2.80
CA ALA B 94 8.01 -13.65 3.93
C ALA B 94 7.23 -13.30 5.18
N VAL B 95 6.07 -12.70 4.95
CA VAL B 95 5.02 -12.31 5.87
C VAL B 95 4.42 -13.55 6.52
N ASP B 96 3.87 -14.41 5.66
CA ASP B 96 3.18 -15.64 5.99
C ASP B 96 4.08 -16.67 6.67
N SER B 97 5.36 -16.67 6.32
CA SER B 97 6.39 -17.50 6.92
C SER B 97 6.75 -17.01 8.32
N HIS B 98 7.20 -17.97 9.12
CA HIS B 98 7.56 -17.82 10.52
C HIS B 98 8.69 -18.76 10.94
N LYS B 99 9.33 -18.49 12.08
CA LYS B 99 10.33 -19.28 12.76
C LYS B 99 10.25 -18.97 14.25
N MET A 1 -15.73 0.86 -19.53
CA MET A 1 -14.59 0.30 -18.78
C MET A 1 -13.55 1.39 -18.57
N ALA A 2 -13.00 1.46 -17.36
CA ALA A 2 -11.91 2.30 -16.91
C ALA A 2 -10.60 1.78 -17.50
N LYS A 3 -9.71 2.58 -18.09
CA LYS A 3 -8.37 2.29 -18.55
C LYS A 3 -7.53 2.36 -17.28
N ILE A 4 -6.65 1.41 -17.01
CA ILE A 4 -5.66 1.38 -15.94
C ILE A 4 -4.35 1.98 -16.40
N LYS A 5 -3.81 2.92 -15.61
CA LYS A 5 -2.53 3.54 -15.92
C LYS A 5 -1.50 2.78 -15.10
N SER A 6 -0.41 2.40 -15.74
CA SER A 6 0.77 1.85 -15.08
C SER A 6 1.54 3.12 -14.75
N LEU A 7 2.04 3.15 -13.52
CA LEU A 7 2.97 4.17 -13.07
C LEU A 7 4.04 3.52 -12.21
N SER A 8 5.13 4.23 -11.86
CA SER A 8 6.27 3.83 -11.07
C SER A 8 6.86 4.96 -10.27
N ALA A 9 8.17 4.98 -9.94
CA ALA A 9 8.95 5.97 -9.24
C ALA A 9 9.13 7.31 -9.93
N ALA A 10 9.29 7.30 -11.25
CA ALA A 10 9.45 8.40 -12.18
C ALA A 10 8.27 9.36 -12.26
N GLU A 11 7.09 8.94 -11.77
CA GLU A 11 5.97 9.83 -11.77
C GLU A 11 6.12 10.86 -10.64
N TYR A 12 6.87 10.57 -9.58
CA TYR A 12 7.24 11.54 -8.57
C TYR A 12 7.90 12.80 -9.10
N LEU A 13 8.74 12.65 -10.13
CA LEU A 13 9.62 13.65 -10.70
C LEU A 13 8.85 14.77 -11.38
N LYS A 14 7.58 14.67 -11.73
CA LYS A 14 6.82 15.82 -12.18
C LYS A 14 6.40 16.67 -10.98
N GLU A 15 6.06 16.06 -9.85
CA GLU A 15 5.57 16.72 -8.65
C GLU A 15 6.69 17.59 -8.05
N MET A 16 7.92 17.08 -8.07
CA MET A 16 9.12 17.73 -7.60
C MET A 16 9.78 18.68 -8.60
N ALA A 17 8.97 19.25 -9.49
CA ALA A 17 9.23 20.14 -10.63
C ALA A 17 10.30 21.19 -10.34
N ASP A 18 10.14 21.92 -9.24
CA ASP A 18 10.91 23.12 -8.95
C ASP A 18 12.05 22.67 -8.03
N GLU A 19 12.29 21.40 -7.71
CA GLU A 19 13.49 20.94 -7.07
C GLU A 19 14.16 19.78 -7.79
N THR A 20 14.11 19.75 -9.12
CA THR A 20 14.77 18.76 -9.96
C THR A 20 15.53 19.43 -11.08
N ASN A 21 16.76 19.80 -10.73
CA ASN A 21 17.62 20.63 -11.57
C ASN A 21 19.07 20.15 -11.40
N ILE A 22 19.60 19.74 -10.24
CA ILE A 22 20.93 19.17 -10.18
C ILE A 22 20.91 17.65 -10.03
N LYS A 23 19.77 17.05 -9.69
CA LYS A 23 19.43 15.65 -9.88
C LYS A 23 18.00 15.49 -10.39
N VAL A 24 17.64 14.34 -10.94
CA VAL A 24 16.29 13.98 -11.36
C VAL A 24 16.23 12.47 -11.26
N GLN A 25 17.27 11.75 -11.71
CA GLN A 25 17.31 10.32 -11.82
C GLN A 25 17.63 9.75 -10.44
N ASP A 26 18.34 10.45 -9.56
CA ASP A 26 18.75 10.10 -8.21
C ASP A 26 17.59 10.28 -7.25
N ILE A 27 16.43 10.76 -7.70
CA ILE A 27 15.21 10.96 -6.94
C ILE A 27 14.37 9.70 -7.02
N ARG A 28 14.55 8.82 -8.00
CA ARG A 28 13.86 7.55 -8.16
C ARG A 28 14.25 6.54 -7.06
N LEU A 29 15.45 6.72 -6.51
CA LEU A 29 16.00 6.02 -5.37
C LEU A 29 15.34 6.46 -4.07
N VAL A 30 14.87 7.71 -4.08
CA VAL A 30 14.33 8.29 -2.87
C VAL A 30 12.91 7.78 -2.71
N VAL A 31 12.22 7.42 -3.80
CA VAL A 31 10.96 6.73 -3.65
C VAL A 31 11.14 5.23 -3.42
N THR A 32 12.30 4.69 -3.83
CA THR A 32 12.56 3.28 -3.64
C THR A 32 12.99 2.90 -2.24
N SER A 33 13.67 3.79 -1.52
CA SER A 33 14.29 3.57 -0.24
C SER A 33 13.27 3.22 0.83
N LEU A 34 12.07 3.81 0.85
CA LEU A 34 10.96 3.41 1.68
C LEU A 34 10.65 1.92 1.67
N GLN A 35 10.52 1.30 0.50
CA GLN A 35 9.77 0.06 0.38
C GLN A 35 10.57 -1.08 1.03
N LYS A 36 11.84 -0.87 1.37
CA LYS A 36 12.82 -1.73 1.98
C LYS A 36 12.75 -1.69 3.49
N VAL A 37 12.20 -0.65 4.13
CA VAL A 37 11.97 -0.58 5.55
C VAL A 37 10.62 -1.22 5.81
N LEU A 38 9.63 -1.03 4.92
CA LEU A 38 8.35 -1.69 4.99
C LEU A 38 8.50 -3.20 4.93
N ALA A 39 9.12 -3.71 3.87
CA ALA A 39 9.29 -5.13 3.62
C ALA A 39 10.21 -5.84 4.63
N LYS A 40 10.94 -5.11 5.48
CA LYS A 40 11.78 -5.69 6.51
C LYS A 40 10.92 -5.89 7.75
N GLU A 41 10.25 -4.84 8.24
CA GLU A 41 9.37 -4.87 9.38
C GLU A 41 8.10 -5.73 9.25
N LEU A 42 7.55 -5.71 8.04
CA LEU A 42 6.46 -6.59 7.66
C LEU A 42 6.80 -8.08 7.54
N ALA A 43 8.06 -8.48 7.29
CA ALA A 43 8.47 -9.86 7.27
C ALA A 43 8.81 -10.30 8.69
N THR A 44 8.87 -9.38 9.65
CA THR A 44 9.24 -9.68 11.02
C THR A 44 8.06 -9.31 11.92
N THR A 45 6.86 -9.15 11.38
CA THR A 45 5.60 -9.15 12.09
C THR A 45 5.32 -7.90 12.88
N GLY A 46 5.95 -6.76 12.52
CA GLY A 46 5.80 -5.45 13.11
C GLY A 46 4.96 -4.50 12.28
N GLU A 47 4.04 -3.78 12.92
CA GLU A 47 3.02 -2.96 12.29
C GLU A 47 3.56 -1.57 12.00
N VAL A 48 3.48 -1.11 10.76
CA VAL A 48 3.93 0.14 10.20
C VAL A 48 2.70 1.02 10.02
N ARG A 49 2.32 1.76 11.07
CA ARG A 49 1.27 2.75 11.05
C ARG A 49 1.85 3.97 10.35
N LEU A 50 1.06 4.51 9.41
CA LEU A 50 1.41 5.67 8.60
C LEU A 50 0.26 6.66 8.63
N PHE A 51 0.05 7.47 9.65
CA PHE A 51 -0.84 8.62 9.71
C PHE A 51 -0.60 9.49 8.48
N ASP A 52 -1.65 9.72 7.70
CA ASP A 52 -1.80 10.30 6.38
C ASP A 52 -2.08 9.24 5.33
N ILE A 53 -1.76 7.95 5.51
CA ILE A 53 -2.15 6.87 4.64
C ILE A 53 -3.22 6.10 5.39
N GLY A 54 -2.90 5.80 6.66
CA GLY A 54 -3.64 5.04 7.64
C GLY A 54 -2.70 4.06 8.33
N LYS A 55 -2.61 2.87 7.76
CA LYS A 55 -1.61 1.87 8.13
C LYS A 55 -1.63 0.62 7.25
N PHE A 56 -0.57 -0.18 7.38
CA PHE A 56 -0.66 -1.57 6.99
C PHE A 56 -1.10 -2.39 8.20
N LYS A 57 -1.93 -3.41 7.97
CA LYS A 57 -2.65 -4.18 8.96
C LYS A 57 -2.10 -5.60 8.85
N LEU A 58 -1.70 -6.13 10.01
CA LEU A 58 -1.36 -7.54 10.15
C LEU A 58 -2.62 -8.36 10.42
N VAL A 59 -2.78 -9.50 9.75
CA VAL A 59 -3.86 -10.44 9.94
C VAL A 59 -3.27 -11.77 10.39
N THR A 60 -3.96 -12.53 11.23
CA THR A 60 -3.64 -13.89 11.60
C THR A 60 -4.98 -14.60 11.82
N THR A 61 -4.94 -15.89 11.54
CA THR A 61 -5.80 -16.96 12.02
C THR A 61 -4.99 -17.82 13.00
N LYS A 62 -5.74 -18.22 14.04
CA LYS A 62 -5.21 -18.71 15.30
C LYS A 62 -4.68 -20.11 15.12
N PRO A 63 -3.89 -20.65 16.07
CA PRO A 63 -3.47 -22.03 15.97
C PRO A 63 -4.64 -22.88 16.47
N ARG A 64 -4.56 -24.18 16.18
CA ARG A 64 -5.53 -25.21 16.40
C ARG A 64 -4.93 -26.56 16.75
N THR A 65 -5.60 -27.52 17.39
CA THR A 65 -5.28 -28.92 17.42
C THR A 65 -6.51 -29.79 17.19
N GLY A 66 -6.32 -30.95 16.58
CA GLY A 66 -7.39 -31.94 16.62
C GLY A 66 -6.92 -33.37 16.87
N ILE A 67 -7.76 -34.36 16.57
CA ILE A 67 -7.49 -35.76 16.82
C ILE A 67 -7.42 -36.50 15.48
N ASN A 68 -6.40 -37.32 15.30
CA ASN A 68 -6.46 -38.38 14.31
C ASN A 68 -7.49 -39.44 14.65
N PRO A 69 -8.47 -39.81 13.81
CA PRO A 69 -9.50 -40.81 14.11
C PRO A 69 -9.02 -42.23 14.28
N LYS A 70 -7.98 -42.67 13.57
CA LYS A 70 -7.64 -44.07 13.43
C LYS A 70 -6.70 -44.52 14.55
N THR A 71 -5.83 -43.62 15.04
CA THR A 71 -4.78 -43.84 16.02
C THR A 71 -4.78 -42.63 16.96
N LYS A 72 -3.90 -42.63 17.97
CA LYS A 72 -3.91 -41.69 19.07
C LYS A 72 -2.85 -40.63 18.86
N GLN A 73 -2.96 -39.97 17.70
CA GLN A 73 -2.12 -38.84 17.32
C GLN A 73 -2.95 -37.58 17.52
N LYS A 74 -2.24 -36.55 17.98
CA LYS A 74 -2.60 -35.15 18.03
C LYS A 74 -2.15 -34.40 16.78
N ILE A 75 -3.01 -33.61 16.15
CA ILE A 75 -2.76 -32.95 14.88
C ILE A 75 -2.54 -31.53 15.35
N GLN A 76 -1.33 -31.02 15.10
CA GLN A 76 -1.03 -29.60 15.16
C GLN A 76 -1.30 -28.92 13.83
N ILE A 77 -2.36 -28.11 13.79
CA ILE A 77 -2.78 -27.31 12.67
C ILE A 77 -2.14 -25.97 12.99
N PRO A 78 -1.43 -25.27 12.10
CA PRO A 78 -0.65 -24.11 12.46
C PRO A 78 -1.54 -22.87 12.38
N ALA A 79 -1.09 -21.80 13.03
CA ALA A 79 -1.58 -20.45 12.88
C ALA A 79 -1.10 -19.80 11.59
N GLY A 80 -1.77 -18.70 11.26
CA GLY A 80 -1.70 -18.07 9.96
C GLY A 80 -1.18 -16.65 10.17
N LYS A 81 -0.47 -16.10 9.17
CA LYS A 81 -0.14 -14.70 9.21
C LYS A 81 0.06 -14.14 7.80
N LYS A 82 -0.43 -12.93 7.53
CA LYS A 82 -0.52 -12.12 6.33
C LYS A 82 -0.36 -10.63 6.54
N ILE A 83 -0.33 -9.80 5.50
CA ILE A 83 -0.41 -8.36 5.44
C ILE A 83 -1.43 -7.82 4.45
N LYS A 84 -1.93 -6.61 4.74
CA LYS A 84 -2.81 -5.80 3.92
C LYS A 84 -2.60 -4.33 4.26
N LEU A 85 -2.94 -3.46 3.30
CA LEU A 85 -2.99 -2.03 3.56
C LEU A 85 -4.40 -1.76 4.06
N THR A 86 -4.65 -0.82 4.97
CA THR A 86 -5.95 -0.19 5.15
C THR A 86 -5.74 1.31 5.15
N VAL A 87 -6.16 2.01 4.10
CA VAL A 87 -6.14 3.44 3.94
C VAL A 87 -7.26 4.04 4.78
N SER A 88 -7.08 5.30 5.19
CA SER A 88 -7.96 6.10 6.02
C SER A 88 -8.47 7.27 5.19
N LYS A 89 -9.57 7.92 5.58
CA LYS A 89 -10.42 8.84 4.86
C LYS A 89 -9.72 10.00 4.16
N ILE A 90 -8.61 10.49 4.73
CA ILE A 90 -7.70 11.56 4.40
C ILE A 90 -7.03 11.43 3.04
N LEU A 91 -7.08 10.27 2.38
CA LEU A 91 -6.76 10.15 0.96
C LEU A 91 -7.65 9.21 0.14
N THR A 92 -8.83 8.90 0.70
CA THR A 92 -9.70 7.81 0.30
C THR A 92 -11.17 8.06 0.60
N ASP A 93 -11.59 9.27 0.97
CA ASP A 93 -13.00 9.56 1.07
C ASP A 93 -13.33 11.06 1.01
N ALA A 94 -13.77 11.53 -0.16
CA ALA A 94 -14.05 12.90 -0.56
C ALA A 94 -12.82 13.64 -1.04
N VAL A 95 -11.64 13.04 -1.15
CA VAL A 95 -10.31 13.56 -1.42
C VAL A 95 -9.46 12.43 -2.00
N ASP A 96 -8.65 12.73 -3.01
CA ASP A 96 -7.63 11.88 -3.61
C ASP A 96 -8.04 10.62 -4.35
N SER A 97 -7.86 9.41 -3.83
CA SER A 97 -8.25 8.19 -4.52
C SER A 97 -9.72 7.83 -4.65
N HIS A 98 -10.60 8.49 -3.89
CA HIS A 98 -12.05 8.37 -3.97
C HIS A 98 -12.61 9.72 -3.55
N LYS A 99 -12.56 10.75 -4.39
CA LYS A 99 -13.16 12.07 -4.39
C LYS A 99 -14.56 11.93 -4.99
N MET B 1 4.46 -5.12 17.85
CA MET B 1 4.47 -3.72 18.30
C MET B 1 4.28 -2.80 17.10
N ALA B 2 3.99 -1.54 17.40
CA ALA B 2 3.63 -0.56 16.39
C ALA B 2 4.84 0.35 16.21
N LYS B 3 5.17 0.73 14.97
CA LYS B 3 6.06 1.82 14.64
C LYS B 3 5.24 2.91 13.97
N ILE B 4 5.47 4.18 14.28
CA ILE B 4 4.84 5.34 13.68
C ILE B 4 5.82 5.97 12.70
N LYS B 5 5.31 6.76 11.76
CA LYS B 5 5.80 7.46 10.60
C LYS B 5 7.14 8.14 10.85
N SER B 6 7.31 8.84 11.98
CA SER B 6 8.48 9.57 12.39
C SER B 6 9.69 8.70 12.69
N LEU B 7 9.43 7.45 13.11
CA LEU B 7 10.41 6.40 13.23
C LEU B 7 10.81 5.79 11.88
N SER B 8 9.83 5.66 11.00
CA SER B 8 9.95 5.01 9.71
C SER B 8 10.69 6.03 8.85
N ALA B 9 10.46 7.34 8.99
CA ALA B 9 11.07 8.48 8.34
C ALA B 9 12.43 8.91 8.87
N ALA B 10 12.84 8.32 9.99
CA ALA B 10 14.24 8.19 10.37
C ALA B 10 14.90 7.02 9.63
N GLU B 11 14.14 5.94 9.45
CA GLU B 11 14.64 4.62 9.12
C GLU B 11 14.93 4.40 7.64
N TYR B 12 14.28 5.06 6.67
CA TYR B 12 14.60 4.98 5.26
C TYR B 12 16.04 5.29 4.90
N LEU B 13 16.64 6.30 5.54
CA LEU B 13 18.05 6.63 5.40
C LEU B 13 19.06 5.61 5.89
N LYS B 14 18.68 4.60 6.66
CA LYS B 14 19.62 3.58 7.10
C LYS B 14 19.69 2.50 6.02
N GLU B 15 18.49 2.13 5.57
CA GLU B 15 18.32 0.93 4.76
C GLU B 15 18.66 1.20 3.30
N MET B 16 18.30 2.37 2.77
CA MET B 16 18.71 2.74 1.44
C MET B 16 19.16 4.19 1.53
N ALA B 17 20.46 4.47 1.49
CA ALA B 17 21.04 5.77 1.22
C ALA B 17 21.68 5.95 -0.16
N ASP B 18 22.15 4.84 -0.75
CA ASP B 18 22.95 4.73 -1.94
C ASP B 18 24.33 5.31 -1.65
N GLU B 19 24.77 5.10 -0.41
CA GLU B 19 25.98 5.51 0.31
C GLU B 19 25.78 6.88 0.94
N THR B 20 25.43 7.85 0.09
CA THR B 20 25.39 9.26 0.45
C THR B 20 24.52 10.11 -0.45
N ASN B 21 23.83 9.46 -1.40
CA ASN B 21 23.01 10.12 -2.40
C ASN B 21 21.75 10.72 -1.83
N ILE B 22 21.15 10.06 -0.83
CA ILE B 22 19.95 10.52 -0.13
C ILE B 22 20.34 11.08 1.25
N LYS B 23 20.00 12.35 1.44
CA LYS B 23 20.11 13.04 2.71
C LYS B 23 18.75 13.31 3.31
N VAL B 24 18.70 13.89 4.52
CA VAL B 24 17.50 14.25 5.27
C VAL B 24 16.51 15.09 4.51
N GLN B 25 16.98 16.02 3.68
CA GLN B 25 16.20 17.03 2.98
C GLN B 25 15.54 16.52 1.72
N ASP B 26 15.94 15.34 1.24
CA ASP B 26 15.35 14.64 0.11
C ASP B 26 14.12 13.85 0.58
N ILE B 27 14.34 13.09 1.65
CA ILE B 27 13.42 12.23 2.40
C ILE B 27 12.33 13.06 3.07
N ARG B 28 12.66 14.22 3.64
CA ARG B 28 11.77 15.15 4.30
C ARG B 28 10.62 15.62 3.42
N LEU B 29 10.98 15.91 2.17
CA LEU B 29 10.12 16.25 1.05
C LEU B 29 9.17 15.12 0.70
N VAL B 30 9.75 13.99 0.28
CA VAL B 30 9.14 12.72 -0.07
C VAL B 30 8.04 12.26 0.86
N VAL B 31 8.26 12.11 2.17
CA VAL B 31 7.34 11.69 3.20
C VAL B 31 6.19 12.64 3.56
N THR B 32 5.93 13.67 2.77
CA THR B 32 4.84 14.62 2.80
C THR B 32 4.32 14.98 1.42
N SER B 33 4.60 14.15 0.42
CA SER B 33 4.31 14.48 -0.96
C SER B 33 4.00 13.17 -1.68
N LEU B 34 4.81 12.12 -1.50
CA LEU B 34 4.85 10.91 -2.29
C LEU B 34 3.55 10.09 -2.32
N GLN B 35 2.92 10.09 -1.14
CA GLN B 35 1.68 9.41 -0.84
C GLN B 35 0.50 10.23 -1.36
N LYS B 36 0.71 11.49 -1.74
CA LYS B 36 -0.23 12.27 -2.51
C LYS B 36 -0.10 12.12 -4.02
N VAL B 37 1.07 11.79 -4.57
CA VAL B 37 1.11 11.54 -5.99
C VAL B 37 0.36 10.23 -6.21
N LEU B 38 0.69 9.13 -5.53
CA LEU B 38 0.23 7.76 -5.52
C LEU B 38 -1.10 7.49 -4.86
N ALA B 39 -1.88 8.54 -4.59
CA ALA B 39 -3.31 8.37 -4.40
C ALA B 39 -4.08 8.91 -5.61
N LYS B 40 -3.61 9.99 -6.22
CA LYS B 40 -4.42 10.75 -7.14
C LYS B 40 -4.53 10.05 -8.49
N GLU B 41 -3.45 9.35 -8.82
CA GLU B 41 -3.20 8.74 -10.10
C GLU B 41 -4.00 7.45 -10.25
N LEU B 42 -4.71 7.02 -9.20
CA LEU B 42 -5.47 5.80 -9.12
C LEU B 42 -6.99 5.89 -9.18
N ALA B 43 -7.68 6.99 -8.88
CA ALA B 43 -9.12 7.22 -8.86
C ALA B 43 -10.12 6.74 -9.89
N THR B 44 -9.68 6.54 -11.13
CA THR B 44 -10.40 5.91 -12.23
C THR B 44 -9.51 4.78 -12.74
N THR B 45 -8.82 4.04 -11.87
CA THR B 45 -8.01 2.83 -11.89
C THR B 45 -6.58 3.16 -12.27
N GLY B 46 -5.60 2.69 -11.50
CA GLY B 46 -4.18 2.74 -11.79
C GLY B 46 -3.45 1.51 -11.25
N GLU B 47 -2.17 1.28 -11.54
CA GLU B 47 -1.33 0.30 -10.87
C GLU B 47 0.06 0.89 -10.71
N VAL B 48 0.46 1.05 -9.44
CA VAL B 48 1.73 1.54 -8.93
C VAL B 48 2.73 0.39 -8.96
N ARG B 49 3.62 0.20 -9.92
CA ARG B 49 4.60 -0.87 -9.97
C ARG B 49 5.85 -0.51 -9.16
N LEU B 50 5.92 -1.22 -8.03
CA LEU B 50 7.02 -1.10 -7.09
C LEU B 50 7.48 -2.53 -6.82
N PHE B 51 8.55 -2.54 -6.02
CA PHE B 51 9.37 -3.67 -5.64
C PHE B 51 9.35 -3.73 -4.12
N ASP B 52 9.70 -4.89 -3.53
CA ASP B 52 10.03 -5.21 -2.17
C ASP B 52 8.79 -5.43 -1.33
N ILE B 53 7.86 -4.47 -1.28
CA ILE B 53 6.54 -4.66 -0.70
C ILE B 53 5.64 -5.29 -1.77
N GLY B 54 5.65 -4.97 -3.06
CA GLY B 54 4.64 -5.36 -4.03
C GLY B 54 4.17 -4.05 -4.66
N LYS B 55 2.87 -3.90 -4.93
CA LYS B 55 2.32 -2.78 -5.67
C LYS B 55 0.99 -2.39 -5.05
N PHE B 56 0.45 -1.23 -5.40
CA PHE B 56 -0.79 -0.55 -5.07
C PHE B 56 -1.59 -0.35 -6.33
N LYS B 57 -2.90 -0.51 -6.09
CA LYS B 57 -3.94 -0.41 -7.10
C LYS B 57 -5.26 -0.01 -6.46
N LEU B 58 -6.26 0.29 -7.26
CA LEU B 58 -7.65 0.54 -6.89
C LEU B 58 -8.36 -0.80 -6.87
N VAL B 59 -9.39 -0.86 -6.01
CA VAL B 59 -10.50 -1.78 -5.86
C VAL B 59 -11.78 -0.97 -5.90
N THR B 60 -12.80 -1.40 -6.63
CA THR B 60 -14.09 -0.77 -6.84
C THR B 60 -15.16 -1.77 -6.44
N THR B 61 -16.23 -1.21 -5.87
CA THR B 61 -17.45 -1.93 -5.51
C THR B 61 -18.43 -1.60 -6.62
N LYS B 62 -19.21 -2.58 -7.07
CA LYS B 62 -20.33 -2.37 -7.97
C LYS B 62 -21.40 -1.48 -7.37
N PRO B 63 -22.05 -0.65 -8.18
CA PRO B 63 -22.75 0.54 -7.76
C PRO B 63 -24.14 0.26 -7.20
N ARG B 64 -24.80 1.23 -6.56
CA ARG B 64 -26.13 1.10 -6.00
C ARG B 64 -27.10 1.75 -6.97
N THR B 65 -27.87 0.86 -7.60
CA THR B 65 -28.83 1.15 -8.64
C THR B 65 -30.25 0.63 -8.36
N GLY B 66 -31.14 0.81 -9.36
CA GLY B 66 -32.54 0.49 -9.36
C GLY B 66 -33.29 1.74 -9.82
N ILE B 67 -34.60 1.76 -9.55
CA ILE B 67 -35.55 2.83 -9.79
C ILE B 67 -35.51 3.78 -8.62
N ASN B 68 -35.41 5.09 -8.93
CA ASN B 68 -35.59 6.12 -7.93
C ASN B 68 -37.06 6.16 -7.57
N PRO B 69 -37.44 6.08 -6.29
CA PRO B 69 -38.85 5.88 -5.95
C PRO B 69 -39.69 7.12 -6.21
N LYS B 70 -39.17 8.32 -6.03
CA LYS B 70 -39.93 9.55 -5.92
C LYS B 70 -40.19 10.16 -7.28
N THR B 71 -39.44 9.90 -8.36
CA THR B 71 -39.57 10.42 -9.70
C THR B 71 -38.99 9.43 -10.71
N LYS B 72 -39.33 9.58 -11.99
CA LYS B 72 -38.91 8.72 -13.07
C LYS B 72 -37.45 8.89 -13.47
N GLN B 73 -36.56 8.30 -12.65
CA GLN B 73 -35.14 8.22 -12.89
C GLN B 73 -34.60 6.89 -12.38
N LYS B 74 -33.30 6.60 -12.54
CA LYS B 74 -32.53 5.62 -11.83
C LYS B 74 -31.81 6.13 -10.59
N ILE B 75 -31.57 5.28 -9.60
CA ILE B 75 -30.48 5.42 -8.64
C ILE B 75 -29.15 5.18 -9.33
N GLN B 76 -28.18 6.09 -9.20
CA GLN B 76 -26.85 5.96 -9.73
C GLN B 76 -25.91 6.47 -8.64
N ILE B 77 -25.84 5.78 -7.50
CA ILE B 77 -25.19 6.23 -6.29
C ILE B 77 -23.95 5.37 -6.20
N PRO B 78 -22.76 5.90 -5.85
CA PRO B 78 -21.55 5.13 -5.64
C PRO B 78 -21.62 4.21 -4.43
N ALA B 79 -21.13 2.98 -4.46
CA ALA B 79 -20.91 2.15 -3.27
C ALA B 79 -19.57 2.48 -2.65
N GLY B 80 -18.64 3.04 -3.43
CA GLY B 80 -17.30 3.37 -2.98
C GLY B 80 -16.21 2.56 -3.65
N LYS B 81 -14.98 2.99 -3.45
CA LYS B 81 -13.76 2.46 -4.04
C LYS B 81 -12.59 2.91 -3.17
N LYS B 82 -11.51 2.13 -3.11
CA LYS B 82 -10.35 2.35 -2.27
C LYS B 82 -9.08 1.86 -2.95
N ILE B 83 -7.97 2.19 -2.29
CA ILE B 83 -6.67 1.71 -2.71
C ILE B 83 -6.36 0.50 -1.83
N LYS B 84 -5.69 -0.50 -2.40
CA LYS B 84 -5.26 -1.78 -1.87
C LYS B 84 -3.77 -1.99 -2.12
N LEU B 85 -3.09 -2.74 -1.26
CA LEU B 85 -1.82 -3.41 -1.54
C LEU B 85 -2.10 -4.74 -2.22
N THR B 86 -1.15 -5.17 -3.04
CA THR B 86 -0.96 -6.51 -3.54
C THR B 86 0.48 -6.97 -3.42
N VAL B 87 0.74 -7.75 -2.35
CA VAL B 87 2.04 -8.13 -1.83
C VAL B 87 2.85 -8.98 -2.79
N SER B 88 4.14 -8.65 -2.82
CA SER B 88 5.19 -9.31 -3.56
C SER B 88 5.32 -10.81 -3.31
N LYS B 89 5.87 -11.49 -4.30
CA LYS B 89 6.16 -12.92 -4.21
C LYS B 89 7.25 -13.26 -3.21
N ILE B 90 8.18 -12.36 -2.90
CA ILE B 90 9.34 -12.54 -2.06
C ILE B 90 8.77 -12.42 -0.65
N LEU B 91 7.97 -11.41 -0.35
CA LEU B 91 7.29 -11.08 0.89
C LEU B 91 6.23 -12.11 1.27
N THR B 92 5.31 -12.50 0.38
CA THR B 92 4.24 -13.40 0.77
C THR B 92 4.69 -14.83 1.04
N ASP B 93 5.84 -15.19 0.47
CA ASP B 93 6.55 -16.43 0.72
C ASP B 93 7.19 -16.39 2.10
N ALA B 94 7.86 -15.27 2.38
CA ALA B 94 8.53 -14.91 3.61
C ALA B 94 7.58 -14.76 4.79
N VAL B 95 6.28 -14.47 4.64
CA VAL B 95 5.29 -14.39 5.70
C VAL B 95 4.41 -15.64 5.73
N ASP B 96 4.33 -16.43 4.66
CA ASP B 96 3.93 -17.81 4.78
C ASP B 96 4.87 -18.70 5.57
N SER B 97 6.19 -18.60 5.36
CA SER B 97 7.19 -19.22 6.21
C SER B 97 7.17 -18.65 7.63
N HIS B 98 7.48 -19.57 8.55
CA HIS B 98 7.82 -19.28 9.94
C HIS B 98 8.64 -20.44 10.47
N LYS B 99 9.96 -20.37 10.66
CA LYS B 99 10.84 -21.32 11.32
C LYS B 99 11.64 -20.61 12.41
N MET A 1 -14.51 -0.65 -19.50
CA MET A 1 -13.65 -0.42 -18.34
C MET A 1 -12.54 0.56 -18.67
N ALA A 2 -12.22 1.51 -17.79
CA ALA A 2 -11.23 2.53 -18.06
C ALA A 2 -9.75 2.16 -18.23
N LYS A 3 -8.94 2.96 -18.93
CA LYS A 3 -7.59 2.67 -19.32
C LYS A 3 -6.63 2.78 -18.14
N ILE A 4 -6.08 1.64 -17.71
CA ILE A 4 -5.25 1.55 -16.51
C ILE A 4 -3.97 2.28 -16.86
N LYS A 5 -3.58 3.29 -16.08
CA LYS A 5 -2.31 3.95 -16.22
C LYS A 5 -1.21 3.22 -15.46
N SER A 6 -0.11 2.92 -16.15
CA SER A 6 1.08 2.35 -15.55
C SER A 6 1.94 3.47 -14.98
N LEU A 7 2.52 3.35 -13.79
CA LEU A 7 3.48 4.29 -13.26
C LEU A 7 4.48 3.58 -12.33
N SER A 8 5.51 4.38 -12.05
CA SER A 8 6.41 3.99 -10.99
C SER A 8 6.87 5.29 -10.35
N ALA A 9 8.11 5.21 -9.83
CA ALA A 9 8.74 6.25 -9.04
C ALA A 9 9.08 7.45 -9.93
N ALA A 10 9.38 7.18 -11.20
CA ALA A 10 9.72 8.25 -12.14
C ALA A 10 8.59 9.22 -12.48
N GLU A 11 7.35 8.84 -12.18
CA GLU A 11 6.14 9.61 -12.31
C GLU A 11 6.08 10.68 -11.23
N TYR A 12 6.79 10.58 -10.10
CA TYR A 12 6.70 11.47 -8.95
C TYR A 12 7.51 12.72 -9.18
N LEU A 13 8.60 12.63 -9.96
CA LEU A 13 9.52 13.64 -10.44
C LEU A 13 8.96 14.94 -10.98
N LYS A 14 7.69 15.03 -11.36
CA LYS A 14 6.93 16.20 -11.77
C LYS A 14 6.36 17.07 -10.66
N GLU A 15 6.19 16.46 -9.49
CA GLU A 15 5.64 17.09 -8.30
C GLU A 15 6.71 17.85 -7.51
N MET A 16 7.99 17.62 -7.70
CA MET A 16 9.12 18.12 -6.95
C MET A 16 9.99 18.87 -7.95
N ALA A 17 9.53 19.38 -9.09
CA ALA A 17 10.26 19.87 -10.24
C ALA A 17 10.83 21.28 -10.16
N ASP A 18 10.51 22.04 -9.12
CA ASP A 18 11.00 23.39 -8.94
C ASP A 18 12.03 23.34 -7.82
N GLU A 19 12.10 22.27 -7.04
CA GLU A 19 12.97 22.27 -5.88
C GLU A 19 14.27 21.55 -6.17
N THR A 20 14.25 20.70 -7.20
CA THR A 20 15.38 20.01 -7.78
C THR A 20 16.09 20.80 -8.86
N ASN A 21 17.41 20.77 -8.90
CA ASN A 21 18.37 21.51 -9.69
C ASN A 21 19.64 20.77 -10.05
N ILE A 22 20.40 20.19 -9.11
CA ILE A 22 21.62 19.44 -9.32
C ILE A 22 21.44 17.93 -9.43
N LYS A 23 20.32 17.40 -8.95
CA LYS A 23 19.80 16.04 -9.04
C LYS A 23 18.29 16.20 -9.18
N VAL A 24 17.70 15.35 -10.03
CA VAL A 24 16.27 15.21 -10.20
C VAL A 24 15.99 13.73 -10.41
N GLN A 25 16.79 12.94 -11.13
CA GLN A 25 16.50 11.54 -11.34
C GLN A 25 16.86 10.68 -10.13
N ASP A 26 17.75 11.13 -9.23
CA ASP A 26 18.07 10.40 -8.03
C ASP A 26 16.86 10.13 -7.15
N ILE A 27 15.82 10.96 -7.20
CA ILE A 27 14.66 11.02 -6.32
C ILE A 27 13.84 9.74 -6.41
N ARG A 28 13.87 9.00 -7.53
CA ARG A 28 13.36 7.67 -7.81
C ARG A 28 13.80 6.69 -6.73
N LEU A 29 15.06 6.78 -6.28
CA LEU A 29 15.69 6.08 -5.18
C LEU A 29 15.02 6.35 -3.84
N VAL A 30 14.80 7.63 -3.54
CA VAL A 30 14.16 8.17 -2.35
C VAL A 30 12.81 7.48 -2.16
N VAL A 31 11.92 7.44 -3.16
CA VAL A 31 10.65 6.75 -3.21
C VAL A 31 10.72 5.23 -3.11
N THR A 32 11.89 4.61 -3.27
CA THR A 32 12.24 3.21 -3.15
C THR A 32 12.70 2.84 -1.74
N SER A 33 13.37 3.75 -1.02
CA SER A 33 13.84 3.52 0.33
C SER A 33 12.84 3.05 1.38
N LEU A 34 11.60 3.52 1.22
CA LEU A 34 10.46 3.12 2.01
C LEU A 34 10.05 1.66 1.82
N GLN A 35 9.99 1.28 0.54
CA GLN A 35 9.49 0.02 0.05
C GLN A 35 10.39 -1.13 0.48
N LYS A 36 11.69 -0.86 0.66
CA LYS A 36 12.73 -1.73 1.14
C LYS A 36 12.60 -1.95 2.64
N VAL A 37 11.96 -1.11 3.46
CA VAL A 37 11.76 -1.28 4.88
C VAL A 37 10.43 -1.94 5.19
N LEU A 38 9.43 -1.70 4.34
CA LEU A 38 8.17 -2.39 4.42
C LEU A 38 8.22 -3.87 4.08
N ALA A 39 9.09 -4.24 3.14
CA ALA A 39 9.41 -5.60 2.76
C ALA A 39 10.33 -6.26 3.78
N LYS A 40 10.95 -5.45 4.64
CA LYS A 40 11.68 -5.92 5.79
C LYS A 40 10.85 -6.06 7.06
N GLU A 41 10.09 -5.02 7.42
CA GLU A 41 9.24 -4.95 8.60
C GLU A 41 8.14 -6.00 8.56
N LEU A 42 7.49 -6.16 7.40
CA LEU A 42 6.28 -6.95 7.22
C LEU A 42 6.62 -8.41 7.00
N ALA A 43 7.86 -8.80 6.70
CA ALA A 43 8.27 -10.17 6.55
C ALA A 43 8.73 -10.70 7.90
N THR A 44 9.34 -9.86 8.76
CA THR A 44 9.53 -10.18 10.15
C THR A 44 8.30 -10.08 11.04
N THR A 45 7.23 -9.44 10.55
CA THR A 45 5.93 -9.34 11.17
C THR A 45 5.81 -8.11 12.07
N GLY A 46 6.11 -6.93 11.52
CA GLY A 46 6.10 -5.69 12.26
C GLY A 46 5.20 -4.70 11.54
N GLU A 47 4.16 -4.29 12.28
CA GLU A 47 3.10 -3.40 11.85
C GLU A 47 3.66 -2.00 11.62
N VAL A 48 3.34 -1.43 10.46
CA VAL A 48 3.84 -0.11 10.13
C VAL A 48 2.61 0.78 10.02
N ARG A 49 2.52 1.68 11.00
CA ARG A 49 1.53 2.74 11.10
C ARG A 49 2.10 3.99 10.46
N LEU A 50 1.38 4.60 9.52
CA LEU A 50 1.75 5.55 8.50
C LEU A 50 0.68 6.64 8.58
N PHE A 51 0.73 7.51 9.61
CA PHE A 51 -0.09 8.67 9.85
C PHE A 51 -0.22 9.66 8.71
N ASP A 52 -1.36 9.67 8.00
CA ASP A 52 -1.77 10.27 6.74
C ASP A 52 -1.90 9.31 5.56
N ILE A 53 -1.82 8.01 5.86
CA ILE A 53 -2.11 6.93 4.94
C ILE A 53 -3.09 6.00 5.64
N GLY A 54 -2.80 5.61 6.90
CA GLY A 54 -3.46 4.56 7.65
C GLY A 54 -2.44 3.54 8.17
N LYS A 55 -2.48 2.27 7.81
CA LYS A 55 -1.43 1.31 8.15
C LYS A 55 -1.32 0.07 7.28
N PHE A 56 -0.18 -0.62 7.36
CA PHE A 56 -0.01 -1.98 6.90
C PHE A 56 -0.26 -2.88 8.11
N LYS A 57 -1.46 -3.47 8.10
CA LYS A 57 -2.09 -4.33 9.09
C LYS A 57 -1.79 -5.80 8.89
N LEU A 58 -1.40 -6.41 10.02
CA LEU A 58 -1.02 -7.81 10.13
C LEU A 58 -2.34 -8.46 10.53
N VAL A 59 -2.92 -9.27 9.63
CA VAL A 59 -4.09 -10.11 9.80
C VAL A 59 -3.67 -11.54 10.15
N THR A 60 -4.24 -12.22 11.15
CA THR A 60 -3.70 -13.46 11.63
C THR A 60 -4.81 -14.41 12.07
N THR A 61 -4.72 -15.73 11.90
CA THR A 61 -5.67 -16.79 12.12
C THR A 61 -5.14 -17.66 13.26
N LYS A 62 -6.02 -17.97 14.22
CA LYS A 62 -5.93 -18.96 15.27
C LYS A 62 -5.60 -20.36 14.78
N PRO A 63 -4.71 -21.10 15.45
CA PRO A 63 -4.56 -22.51 15.22
C PRO A 63 -5.70 -23.37 15.75
N ARG A 64 -5.91 -24.58 15.21
CA ARG A 64 -6.82 -25.59 15.72
C ARG A 64 -6.12 -26.91 15.50
N THR A 65 -6.87 -28.00 15.77
CA THR A 65 -6.51 -29.39 15.59
C THR A 65 -7.72 -30.03 14.93
N GLY A 66 -7.54 -30.99 14.02
CA GLY A 66 -8.53 -31.85 13.39
C GLY A 66 -8.22 -33.32 13.66
N ILE A 67 -9.02 -34.25 13.09
CA ILE A 67 -8.89 -35.69 13.15
C ILE A 67 -9.12 -36.19 11.73
N ASN A 68 -8.51 -37.28 11.26
CA ASN A 68 -8.75 -37.79 9.92
C ASN A 68 -10.14 -38.42 10.02
N PRO A 69 -11.11 -38.23 9.13
CA PRO A 69 -12.40 -38.89 9.21
C PRO A 69 -12.47 -40.40 8.96
N LYS A 70 -11.36 -40.99 8.50
CA LYS A 70 -11.26 -42.36 8.05
C LYS A 70 -10.29 -43.20 8.88
N THR A 71 -9.04 -42.81 9.09
CA THR A 71 -8.09 -43.49 9.93
C THR A 71 -7.98 -42.78 11.27
N LYS A 72 -7.46 -43.43 12.30
CA LYS A 72 -7.26 -42.86 13.63
C LYS A 72 -5.99 -42.04 13.48
N GLN A 73 -6.07 -40.83 12.92
CA GLN A 73 -5.00 -39.85 12.95
C GLN A 73 -5.50 -38.43 13.24
N LYS A 74 -4.65 -37.61 13.84
CA LYS A 74 -4.92 -36.20 14.02
C LYS A 74 -4.57 -35.41 12.77
N ILE A 75 -5.17 -34.24 12.63
CA ILE A 75 -4.92 -33.23 11.60
C ILE A 75 -4.57 -31.95 12.35
N GLN A 76 -3.60 -31.16 11.85
CA GLN A 76 -3.09 -30.00 12.55
C GLN A 76 -3.14 -28.75 11.70
N ILE A 77 -3.78 -27.68 12.19
CA ILE A 77 -4.09 -26.47 11.45
C ILE A 77 -3.21 -25.45 12.18
N PRO A 78 -2.15 -24.91 11.57
CA PRO A 78 -1.19 -24.02 12.16
C PRO A 78 -1.73 -22.60 12.25
N ALA A 79 -1.02 -21.80 13.05
CA ALA A 79 -1.35 -20.41 13.27
C ALA A 79 -0.91 -19.58 12.07
N GLY A 80 -1.85 -18.86 11.42
CA GLY A 80 -1.63 -18.29 10.11
C GLY A 80 -1.43 -16.78 10.15
N LYS A 81 -0.71 -16.15 9.21
CA LYS A 81 -0.52 -14.71 9.04
C LYS A 81 -0.52 -14.21 7.61
N LYS A 82 -1.16 -13.05 7.38
CA LYS A 82 -1.36 -12.28 6.18
C LYS A 82 -1.26 -10.78 6.46
N ILE A 83 -1.14 -9.93 5.44
CA ILE A 83 -1.08 -8.49 5.53
C ILE A 83 -2.00 -7.80 4.52
N LYS A 84 -2.47 -6.60 4.87
CA LYS A 84 -3.10 -5.63 3.99
C LYS A 84 -2.70 -4.22 4.39
N LEU A 85 -2.73 -3.26 3.44
CA LEU A 85 -2.88 -1.82 3.53
C LEU A 85 -4.34 -1.56 3.95
N THR A 86 -4.51 -0.92 5.09
CA THR A 86 -5.78 -0.46 5.61
C THR A 86 -5.70 1.06 5.64
N VAL A 87 -6.60 1.79 4.98
CA VAL A 87 -6.38 3.20 4.73
C VAL A 87 -7.11 4.26 5.56
N SER A 88 -6.44 5.36 5.93
CA SER A 88 -7.01 6.51 6.63
C SER A 88 -7.76 7.39 5.64
N LYS A 89 -8.89 7.97 6.05
CA LYS A 89 -9.75 8.71 5.16
C LYS A 89 -9.22 9.86 4.31
N ILE A 90 -8.06 10.40 4.68
CA ILE A 90 -7.53 11.67 4.23
C ILE A 90 -7.21 11.77 2.74
N LEU A 91 -7.25 10.64 2.03
CA LEU A 91 -6.89 10.50 0.63
C LEU A 91 -7.92 9.66 -0.11
N THR A 92 -9.10 9.42 0.46
CA THR A 92 -10.02 8.46 -0.11
C THR A 92 -11.47 8.73 0.23
N ASP A 93 -11.82 9.37 1.34
CA ASP A 93 -13.22 9.68 1.56
C ASP A 93 -13.47 11.12 1.15
N ALA A 94 -14.04 11.35 -0.04
CA ALA A 94 -14.49 12.58 -0.64
C ALA A 94 -13.39 13.45 -1.23
N VAL A 95 -12.18 12.92 -1.37
CA VAL A 95 -11.01 13.69 -1.77
C VAL A 95 -9.98 12.72 -2.35
N ASP A 96 -9.06 13.17 -3.19
CA ASP A 96 -7.86 12.51 -3.66
C ASP A 96 -8.09 11.44 -4.70
N SER A 97 -8.33 10.19 -4.25
CA SER A 97 -8.68 9.01 -5.00
C SER A 97 -10.15 8.93 -5.37
N HIS A 98 -10.89 9.77 -4.63
CA HIS A 98 -12.31 10.02 -4.78
C HIS A 98 -12.73 11.45 -4.55
N LYS A 99 -12.07 12.43 -5.19
CA LYS A 99 -12.66 13.77 -5.22
C LYS A 99 -13.66 13.72 -6.36
N MET B 1 5.25 -5.37 17.43
CA MET B 1 5.68 -4.02 17.83
C MET B 1 5.48 -3.13 16.61
N ALA B 2 4.25 -2.59 16.61
CA ALA B 2 3.83 -1.52 15.72
C ALA B 2 4.83 -0.37 15.67
N LYS B 3 5.12 0.19 14.51
CA LYS B 3 5.90 1.39 14.25
C LYS B 3 5.15 2.63 13.78
N ILE B 4 5.65 3.80 14.17
CA ILE B 4 4.92 5.00 13.79
C ILE B 4 5.70 5.71 12.70
N LYS B 5 5.12 6.65 11.94
CA LYS B 5 5.68 7.35 10.80
C LYS B 5 7.12 7.81 10.94
N SER B 6 7.46 8.60 11.97
CA SER B 6 8.70 9.27 12.26
C SER B 6 9.83 8.31 12.59
N LEU B 7 9.43 7.13 13.08
CA LEU B 7 10.26 6.00 13.44
C LEU B 7 10.59 5.17 12.20
N SER B 8 9.59 4.88 11.36
CA SER B 8 9.68 4.35 10.02
C SER B 8 10.58 5.22 9.15
N ALA B 9 10.51 6.55 9.28
CA ALA B 9 11.21 7.51 8.44
C ALA B 9 12.69 7.54 8.76
N ALA B 10 13.13 6.71 9.72
CA ALA B 10 14.50 6.60 10.18
C ALA B 10 15.17 5.44 9.46
N GLU B 11 14.47 4.33 9.21
CA GLU B 11 15.13 3.13 8.74
C GLU B 11 15.40 3.26 7.26
N TYR B 12 14.66 4.04 6.46
CA TYR B 12 14.71 4.35 5.04
C TYR B 12 16.10 4.80 4.64
N LEU B 13 16.69 5.56 5.58
CA LEU B 13 17.98 6.21 5.43
C LEU B 13 19.14 5.37 5.93
N LYS B 14 18.96 4.10 6.33
CA LYS B 14 19.94 3.11 6.72
C LYS B 14 19.92 1.93 5.77
N GLU B 15 18.72 1.40 5.43
CA GLU B 15 18.60 0.30 4.51
C GLU B 15 18.98 0.74 3.11
N MET B 16 18.81 2.03 2.77
CA MET B 16 18.97 2.60 1.45
C MET B 16 19.70 3.94 1.43
N ALA B 17 20.79 4.09 0.66
CA ALA B 17 21.57 5.31 0.72
C ALA B 17 22.25 5.74 -0.57
N ASP B 18 22.73 4.73 -1.32
CA ASP B 18 23.50 4.82 -2.54
C ASP B 18 24.83 5.54 -2.36
N GLU B 19 25.62 4.99 -1.42
CA GLU B 19 26.66 5.55 -0.59
C GLU B 19 26.02 6.68 0.22
N THR B 20 25.76 7.85 -0.39
CA THR B 20 25.69 9.15 0.22
C THR B 20 24.88 10.01 -0.74
N ASN B 21 23.73 9.54 -1.25
CA ASN B 21 22.82 10.14 -2.19
C ASN B 21 21.43 10.28 -1.62
N ILE B 22 20.92 9.41 -0.74
CA ILE B 22 19.68 9.58 -0.03
C ILE B 22 19.87 10.20 1.35
N LYS B 23 19.35 11.41 1.51
CA LYS B 23 19.43 12.17 2.75
C LYS B 23 18.04 12.62 3.20
N VAL B 24 17.92 13.02 4.46
CA VAL B 24 16.70 13.29 5.22
C VAL B 24 15.91 14.46 4.67
N GLN B 25 16.67 15.44 4.16
CA GLN B 25 16.15 16.63 3.49
C GLN B 25 15.46 16.25 2.19
N ASP B 26 15.70 15.07 1.61
CA ASP B 26 14.97 14.49 0.51
C ASP B 26 13.63 13.99 1.04
N ILE B 27 13.70 13.01 1.95
CA ILE B 27 12.67 12.40 2.77
C ILE B 27 11.64 13.42 3.26
N ARG B 28 12.00 14.54 3.91
CA ARG B 28 11.22 15.57 4.56
C ARG B 28 10.36 16.48 3.71
N LEU B 29 10.42 16.27 2.41
CA LEU B 29 9.43 16.57 1.40
C LEU B 29 8.63 15.34 0.95
N VAL B 30 9.22 14.24 0.48
CA VAL B 30 8.66 13.06 -0.15
C VAL B 30 7.74 12.33 0.81
N VAL B 31 8.00 12.33 2.12
CA VAL B 31 7.23 11.78 3.22
C VAL B 31 5.96 12.58 3.47
N THR B 32 5.62 13.65 2.74
CA THR B 32 4.48 14.53 2.91
C THR B 32 3.89 14.84 1.53
N SER B 33 4.23 14.04 0.53
CA SER B 33 3.72 14.13 -0.84
C SER B 33 3.37 12.85 -1.59
N LEU B 34 4.32 11.90 -1.52
CA LEU B 34 4.28 10.61 -2.16
C LEU B 34 2.90 9.97 -2.13
N GLN B 35 2.29 9.93 -0.94
CA GLN B 35 0.97 9.38 -0.69
C GLN B 35 -0.13 10.01 -1.53
N LYS B 36 -0.09 11.32 -1.81
CA LYS B 36 -1.04 12.08 -2.60
C LYS B 36 -0.86 11.76 -4.08
N VAL B 37 0.36 11.65 -4.62
CA VAL B 37 0.45 11.42 -6.05
C VAL B 37 0.06 9.98 -6.37
N LEU B 38 0.41 8.96 -5.58
CA LEU B 38 0.03 7.56 -5.54
C LEU B 38 -1.42 7.32 -5.09
N ALA B 39 -2.33 8.26 -5.31
CA ALA B 39 -3.75 8.25 -5.00
C ALA B 39 -4.47 9.09 -6.05
N LYS B 40 -3.95 10.29 -6.34
CA LYS B 40 -4.57 11.16 -7.34
C LYS B 40 -4.37 10.63 -8.75
N GLU B 41 -3.26 9.91 -8.91
CA GLU B 41 -2.99 9.08 -10.08
C GLU B 41 -3.86 7.83 -10.10
N LEU B 42 -4.47 7.39 -9.00
CA LEU B 42 -5.26 6.18 -9.04
C LEU B 42 -6.74 6.41 -9.30
N ALA B 43 -7.13 7.69 -9.34
CA ALA B 43 -8.45 8.26 -9.47
C ALA B 43 -9.39 7.58 -10.45
N THR B 44 -8.92 7.02 -11.57
CA THR B 44 -9.59 6.19 -12.55
C THR B 44 -8.73 5.01 -12.96
N THR B 45 -8.13 4.37 -11.95
CA THR B 45 -7.31 3.19 -12.01
C THR B 45 -5.88 3.41 -12.43
N GLY B 46 -4.98 3.17 -11.47
CA GLY B 46 -3.54 3.30 -11.49
C GLY B 46 -2.98 1.95 -11.11
N GLU B 47 -2.03 1.45 -11.90
CA GLU B 47 -1.17 0.36 -11.47
C GLU B 47 0.22 0.89 -11.20
N VAL B 48 0.69 0.90 -9.96
CA VAL B 48 1.88 1.63 -9.53
C VAL B 48 2.85 0.47 -9.35
N ARG B 49 3.79 0.34 -10.31
CA ARG B 49 4.74 -0.75 -10.41
C ARG B 49 5.98 -0.42 -9.59
N LEU B 50 6.01 -0.67 -8.28
CA LEU B 50 7.16 -0.68 -7.40
C LEU B 50 7.65 -2.09 -7.12
N PHE B 51 8.90 -2.34 -6.76
CA PHE B 51 9.39 -3.65 -6.39
C PHE B 51 9.39 -3.77 -4.86
N ASP B 52 9.59 -4.98 -4.32
CA ASP B 52 10.02 -5.48 -3.04
C ASP B 52 8.85 -5.67 -2.07
N ILE B 53 7.96 -4.68 -1.96
CA ILE B 53 6.69 -4.88 -1.28
C ILE B 53 5.62 -5.33 -2.25
N GLY B 54 5.56 -4.86 -3.49
CA GLY B 54 4.55 -5.15 -4.48
C GLY B 54 4.00 -3.92 -5.19
N LYS B 55 2.82 -4.03 -5.82
CA LYS B 55 2.17 -2.91 -6.48
C LYS B 55 1.01 -2.40 -5.65
N PHE B 56 0.61 -1.18 -5.99
CA PHE B 56 -0.52 -0.49 -5.39
C PHE B 56 -1.51 -0.21 -6.53
N LYS B 57 -2.78 -0.25 -6.13
CA LYS B 57 -3.83 -0.12 -7.12
C LYS B 57 -5.12 0.38 -6.45
N LEU B 58 -6.10 0.87 -7.22
CA LEU B 58 -7.43 1.18 -6.75
C LEU B 58 -8.25 -0.10 -6.85
N VAL B 59 -9.15 -0.27 -5.87
CA VAL B 59 -10.33 -1.13 -5.86
C VAL B 59 -11.59 -0.28 -5.77
N THR B 60 -12.55 -0.44 -6.69
CA THR B 60 -13.82 0.25 -6.62
C THR B 60 -14.81 -0.59 -5.83
N THR B 61 -15.72 0.06 -5.10
CA THR B 61 -16.96 -0.55 -4.67
C THR B 61 -17.97 -0.28 -5.79
N LYS B 62 -18.83 -1.27 -6.08
CA LYS B 62 -19.95 -1.23 -7.00
C LYS B 62 -20.86 -0.04 -6.72
N PRO B 63 -21.51 0.59 -7.70
CA PRO B 63 -22.35 1.74 -7.46
C PRO B 63 -23.61 1.39 -6.70
N ARG B 64 -24.07 2.37 -5.91
CA ARG B 64 -25.39 2.39 -5.31
C ARG B 64 -26.41 2.61 -6.41
N THR B 65 -27.37 1.72 -6.63
CA THR B 65 -28.38 1.72 -7.66
C THR B 65 -29.79 1.69 -7.10
N GLY B 66 -30.72 0.91 -7.65
CA GLY B 66 -32.12 0.84 -7.26
C GLY B 66 -32.98 1.48 -8.34
N ILE B 67 -34.29 1.22 -8.35
CA ILE B 67 -35.25 1.96 -9.15
C ILE B 67 -35.49 3.23 -8.33
N ASN B 68 -35.68 4.35 -9.06
CA ASN B 68 -36.00 5.64 -8.49
C ASN B 68 -37.47 5.64 -8.17
N PRO B 69 -37.81 6.03 -6.94
CA PRO B 69 -39.23 6.08 -6.59
C PRO B 69 -39.83 7.40 -7.02
N LYS B 70 -39.08 8.49 -7.14
CA LYS B 70 -39.60 9.81 -7.43
C LYS B 70 -40.00 10.13 -8.87
N THR B 71 -39.37 9.49 -9.85
CA THR B 71 -39.80 9.35 -11.23
C THR B 71 -39.29 8.01 -11.76
N LYS B 72 -39.87 7.48 -12.83
CA LYS B 72 -39.53 6.16 -13.32
C LYS B 72 -38.20 6.21 -14.08
N GLN B 73 -37.07 5.77 -13.52
CA GLN B 73 -35.70 5.77 -13.99
C GLN B 73 -34.91 4.84 -13.10
N LYS B 74 -33.64 4.59 -13.45
CA LYS B 74 -32.71 3.79 -12.69
C LYS B 74 -31.75 4.69 -11.92
N ILE B 75 -31.60 4.44 -10.62
CA ILE B 75 -30.59 5.11 -9.84
C ILE B 75 -29.17 4.67 -10.17
N GLN B 76 -28.15 5.52 -10.06
CA GLN B 76 -26.78 5.23 -10.43
C GLN B 76 -25.95 6.28 -9.68
N ILE B 77 -25.77 6.18 -8.37
CA ILE B 77 -24.98 7.05 -7.52
C ILE B 77 -23.74 6.27 -7.12
N PRO B 78 -22.53 6.82 -7.27
CA PRO B 78 -21.28 6.13 -6.97
C PRO B 78 -21.15 6.02 -5.46
N ALA B 79 -20.62 4.86 -5.05
CA ALA B 79 -20.35 4.44 -3.68
C ALA B 79 -19.01 4.85 -3.10
N GLY B 80 -17.94 4.81 -3.91
CA GLY B 80 -16.57 5.09 -3.52
C GLY B 80 -15.56 4.10 -4.07
N LYS B 81 -14.30 4.28 -3.72
CA LYS B 81 -13.12 3.59 -4.20
C LYS B 81 -12.05 3.97 -3.18
N LYS B 82 -11.14 2.99 -3.04
CA LYS B 82 -10.03 2.86 -2.12
C LYS B 82 -8.78 2.27 -2.75
N ILE B 83 -7.66 2.48 -2.05
CA ILE B 83 -6.36 1.93 -2.36
C ILE B 83 -6.21 0.59 -1.66
N LYS B 84 -5.49 -0.36 -2.26
CA LYS B 84 -5.06 -1.58 -1.64
C LYS B 84 -3.71 -1.98 -2.22
N LEU B 85 -2.94 -2.77 -1.48
CA LEU B 85 -1.70 -3.41 -1.90
C LEU B 85 -2.09 -4.69 -2.62
N THR B 86 -1.22 -5.14 -3.52
CA THR B 86 -1.05 -6.49 -4.04
C THR B 86 0.34 -6.87 -3.56
N VAL B 87 0.45 -7.85 -2.66
CA VAL B 87 1.68 -8.28 -2.03
C VAL B 87 2.69 -8.85 -3.01
N SER B 88 4.00 -8.66 -2.81
CA SER B 88 4.93 -9.22 -3.77
C SER B 88 5.17 -10.72 -3.60
N LYS B 89 5.53 -11.47 -4.63
CA LYS B 89 5.72 -12.91 -4.68
C LYS B 89 6.92 -13.30 -3.83
N ILE B 90 7.83 -12.37 -3.50
CA ILE B 90 8.97 -12.47 -2.62
C ILE B 90 8.40 -12.38 -1.21
N LEU B 91 7.60 -11.35 -0.93
CA LEU B 91 7.16 -10.92 0.38
C LEU B 91 6.17 -11.94 0.88
N THR B 92 5.26 -12.42 0.03
CA THR B 92 4.23 -13.36 0.42
C THR B 92 4.82 -14.66 0.93
N ASP B 93 5.88 -15.10 0.23
CA ASP B 93 6.64 -16.29 0.57
C ASP B 93 7.38 -16.13 1.89
N ALA B 94 7.77 -14.93 2.31
CA ALA B 94 8.55 -14.70 3.50
C ALA B 94 7.63 -14.32 4.64
N VAL B 95 6.47 -13.69 4.46
CA VAL B 95 5.35 -13.79 5.38
C VAL B 95 4.89 -15.21 5.64
N ASP B 96 4.65 -16.07 4.64
CA ASP B 96 4.41 -17.48 4.75
C ASP B 96 5.42 -18.30 5.54
N SER B 97 6.70 -17.99 5.31
CA SER B 97 7.77 -18.62 6.05
C SER B 97 7.82 -17.96 7.41
N HIS B 98 8.34 -18.68 8.41
CA HIS B 98 8.48 -18.29 9.81
C HIS B 98 9.75 -18.79 10.46
N LYS B 99 10.17 -18.06 11.49
CA LYS B 99 11.35 -18.42 12.28
C LYS B 99 11.11 -17.98 13.71
N MET A 1 -13.62 7.28 -20.88
CA MET A 1 -13.13 5.95 -21.24
C MET A 1 -12.74 5.42 -19.87
N ALA A 2 -13.17 4.22 -19.51
CA ALA A 2 -12.89 3.59 -18.23
C ALA A 2 -11.56 2.88 -18.38
N LYS A 3 -10.55 3.44 -17.71
CA LYS A 3 -9.16 3.02 -17.69
C LYS A 3 -8.57 3.12 -16.29
N ILE A 4 -7.75 2.09 -16.01
CA ILE A 4 -6.88 1.90 -14.89
C ILE A 4 -5.50 2.44 -15.23
N LYS A 5 -5.03 3.59 -14.74
CA LYS A 5 -3.74 4.21 -15.01
C LYS A 5 -2.57 3.34 -14.55
N SER A 6 -1.55 3.12 -15.36
CA SER A 6 -0.31 2.56 -14.86
C SER A 6 0.66 3.66 -14.49
N LEU A 7 1.13 3.62 -13.25
CA LEU A 7 2.31 4.41 -12.92
C LEU A 7 3.32 3.66 -12.07
N SER A 8 4.53 4.15 -11.76
CA SER A 8 5.56 3.73 -10.84
C SER A 8 6.24 4.98 -10.29
N ALA A 9 7.54 4.91 -10.04
CA ALA A 9 8.20 5.96 -9.28
C ALA A 9 8.57 7.19 -10.09
N ALA A 10 8.43 7.10 -11.42
CA ALA A 10 8.83 8.09 -12.39
C ALA A 10 7.79 9.17 -12.67
N GLU A 11 6.59 8.92 -12.14
CA GLU A 11 5.42 9.75 -12.25
C GLU A 11 5.28 10.66 -11.04
N TYR A 12 6.22 10.71 -10.10
CA TYR A 12 6.23 11.68 -9.02
C TYR A 12 6.84 13.01 -9.42
N LEU A 13 7.81 12.99 -10.33
CA LEU A 13 8.68 14.04 -10.80
C LEU A 13 7.94 15.24 -11.34
N LYS A 14 6.93 15.09 -12.22
CA LYS A 14 6.02 16.13 -12.67
C LYS A 14 5.25 16.90 -11.61
N GLU A 15 5.16 16.35 -10.41
CA GLU A 15 4.53 17.03 -9.29
C GLU A 15 5.55 17.79 -8.45
N MET A 16 6.80 17.66 -8.88
CA MET A 16 8.02 18.24 -8.37
C MET A 16 8.68 19.27 -9.27
N ALA A 17 7.96 19.78 -10.28
CA ALA A 17 8.38 20.43 -11.50
C ALA A 17 9.27 21.65 -11.33
N ASP A 18 8.91 22.57 -10.43
CA ASP A 18 9.85 23.60 -10.06
C ASP A 18 10.73 23.24 -8.87
N GLU A 19 10.31 22.32 -8.01
CA GLU A 19 11.04 21.70 -6.93
C GLU A 19 12.22 20.80 -7.30
N THR A 20 12.37 20.42 -8.57
CA THR A 20 13.51 19.75 -9.15
C THR A 20 14.21 20.88 -9.87
N ASN A 21 15.50 21.13 -9.61
CA ASN A 21 16.16 22.29 -10.17
C ASN A 21 17.66 22.07 -10.26
N ILE A 22 18.28 21.14 -9.54
CA ILE A 22 19.67 20.75 -9.71
C ILE A 22 19.69 19.22 -9.77
N LYS A 23 18.74 18.44 -9.25
CA LYS A 23 18.43 17.03 -9.46
C LYS A 23 16.96 16.85 -9.77
N VAL A 24 16.71 15.72 -10.42
CA VAL A 24 15.42 15.34 -10.95
C VAL A 24 15.07 13.86 -10.96
N GLN A 25 15.94 12.97 -11.47
CA GLN A 25 15.72 11.53 -11.53
C GLN A 25 16.41 10.80 -10.40
N ASP A 26 17.23 11.54 -9.65
CA ASP A 26 17.79 11.09 -8.39
C ASP A 26 16.73 11.15 -7.32
N ILE A 27 15.49 11.57 -7.59
CA ILE A 27 14.28 11.50 -6.80
C ILE A 27 13.65 10.11 -6.94
N ARG A 28 13.77 9.39 -8.05
CA ARG A 28 13.36 8.01 -8.17
C ARG A 28 13.87 7.04 -7.12
N LEU A 29 15.13 7.31 -6.75
CA LEU A 29 15.94 6.67 -5.74
C LEU A 29 15.45 6.90 -4.33
N VAL A 30 14.70 7.99 -4.14
CA VAL A 30 14.05 8.15 -2.87
C VAL A 30 12.84 7.22 -2.74
N VAL A 31 11.99 7.22 -3.76
CA VAL A 31 10.79 6.39 -3.76
C VAL A 31 11.03 4.89 -3.70
N THR A 32 12.15 4.43 -4.27
CA THR A 32 12.63 3.07 -4.15
C THR A 32 13.17 2.66 -2.78
N SER A 33 13.54 3.55 -1.85
CA SER A 33 14.27 3.27 -0.63
C SER A 33 13.33 2.82 0.46
N LEU A 34 12.15 3.45 0.61
CA LEU A 34 11.08 3.12 1.51
C LEU A 34 10.64 1.67 1.62
N GLN A 35 10.39 1.13 0.43
CA GLN A 35 9.67 -0.11 0.23
C GLN A 35 10.48 -1.30 0.73
N LYS A 36 11.82 -1.24 0.83
CA LYS A 36 12.88 -2.18 1.18
C LYS A 36 13.02 -2.19 2.70
N VAL A 37 12.66 -1.13 3.41
CA VAL A 37 12.64 -1.07 4.86
C VAL A 37 11.34 -1.70 5.31
N LEU A 38 10.25 -1.28 4.67
CA LEU A 38 8.92 -1.65 5.11
C LEU A 38 8.71 -3.13 4.85
N ALA A 39 9.45 -3.69 3.89
CA ALA A 39 9.35 -5.08 3.44
C ALA A 39 10.09 -6.04 4.36
N LYS A 40 10.90 -5.52 5.29
CA LYS A 40 11.70 -6.28 6.24
C LYS A 40 10.87 -6.51 7.48
N GLU A 41 10.13 -5.49 7.91
CA GLU A 41 9.29 -5.44 9.10
C GLU A 41 8.02 -6.26 8.86
N LEU A 42 7.47 -6.23 7.64
CA LEU A 42 6.37 -7.06 7.20
C LEU A 42 6.66 -8.52 6.93
N ALA A 43 7.92 -8.89 6.76
CA ALA A 43 8.42 -10.25 6.62
C ALA A 43 8.71 -10.86 7.99
N THR A 44 9.00 -10.06 9.01
CA THR A 44 9.33 -10.58 10.32
C THR A 44 8.27 -10.33 11.39
N THR A 45 7.18 -9.65 11.03
CA THR A 45 5.96 -9.66 11.81
C THR A 45 6.09 -8.54 12.83
N GLY A 46 6.44 -7.30 12.48
CA GLY A 46 6.18 -6.10 13.25
C GLY A 46 5.49 -5.14 12.30
N GLU A 47 4.70 -4.21 12.84
CA GLU A 47 3.85 -3.19 12.26
C GLU A 47 4.70 -1.97 11.94
N VAL A 48 4.24 -1.07 11.06
CA VAL A 48 4.83 0.23 10.82
C VAL A 48 3.59 1.09 10.60
N ARG A 49 3.54 2.17 11.39
CA ARG A 49 2.56 3.24 11.47
C ARG A 49 3.04 4.50 10.76
N LEU A 50 2.36 4.94 9.70
CA LEU A 50 2.79 6.16 9.03
C LEU A 50 1.64 7.14 9.26
N PHE A 51 1.76 8.01 10.26
CA PHE A 51 0.87 9.09 10.63
C PHE A 51 0.64 10.04 9.46
N ASP A 52 -0.58 10.05 8.93
CA ASP A 52 -0.96 10.67 7.67
C ASP A 52 -1.08 9.72 6.49
N ILE A 53 -0.84 8.41 6.60
CA ILE A 53 -1.43 7.40 5.74
C ILE A 53 -2.35 6.57 6.63
N GLY A 54 -1.92 6.09 7.80
CA GLY A 54 -2.54 4.97 8.45
C GLY A 54 -1.43 3.99 8.82
N LYS A 55 -1.52 2.69 8.51
CA LYS A 55 -0.59 1.66 8.91
C LYS A 55 -0.55 0.42 8.00
N PHE A 56 0.63 -0.16 7.86
CA PHE A 56 0.85 -1.45 7.22
C PHE A 56 0.73 -2.38 8.41
N LYS A 57 -0.42 -3.05 8.54
CA LYS A 57 -1.10 -3.68 9.65
C LYS A 57 -0.82 -5.17 9.52
N LEU A 58 -0.51 -5.87 10.62
CA LEU A 58 -0.44 -7.32 10.72
C LEU A 58 -1.80 -7.95 10.98
N VAL A 59 -2.27 -8.95 10.22
CA VAL A 59 -3.55 -9.60 10.37
C VAL A 59 -3.43 -11.12 10.41
N THR A 60 -4.43 -11.90 10.83
CA THR A 60 -4.41 -13.34 10.90
C THR A 60 -5.67 -14.02 10.37
N THR A 61 -5.63 -15.25 9.87
CA THR A 61 -6.78 -16.05 9.46
C THR A 61 -6.84 -17.30 10.33
N LYS A 62 -7.82 -17.50 11.22
CA LYS A 62 -8.05 -18.61 12.11
C LYS A 62 -7.67 -20.02 11.63
N PRO A 63 -7.01 -20.78 12.51
CA PRO A 63 -6.60 -22.13 12.18
C PRO A 63 -7.81 -23.04 12.08
N ARG A 64 -7.55 -24.31 11.76
CA ARG A 64 -8.52 -25.34 11.47
C ARG A 64 -8.23 -26.62 12.25
N THR A 65 -9.01 -27.68 12.10
CA THR A 65 -8.92 -29.00 12.68
C THR A 65 -9.61 -30.06 11.84
N GLY A 66 -9.06 -31.29 11.83
CA GLY A 66 -9.81 -32.35 11.22
C GLY A 66 -9.80 -33.61 12.09
N ILE A 67 -10.13 -34.74 11.49
CA ILE A 67 -10.05 -36.13 11.92
C ILE A 67 -9.61 -37.00 10.74
N ASN A 68 -8.89 -38.09 11.03
CA ASN A 68 -8.34 -39.12 10.18
C ASN A 68 -9.50 -40.05 9.87
N PRO A 69 -9.55 -40.80 8.75
CA PRO A 69 -10.61 -41.70 8.40
C PRO A 69 -10.48 -43.13 8.90
N LYS A 70 -9.29 -43.56 9.35
CA LYS A 70 -9.01 -44.86 9.94
C LYS A 70 -9.22 -44.85 11.44
N THR A 71 -8.59 -43.89 12.11
CA THR A 71 -8.42 -43.90 13.55
C THR A 71 -8.95 -42.57 14.08
N LYS A 72 -9.40 -42.62 15.34
CA LYS A 72 -9.94 -41.49 16.07
C LYS A 72 -8.93 -40.43 16.45
N GLN A 73 -7.93 -40.11 15.62
CA GLN A 73 -6.94 -39.08 15.80
C GLN A 73 -7.57 -37.84 15.20
N LYS A 74 -7.31 -36.72 15.88
CA LYS A 74 -7.66 -35.35 15.55
C LYS A 74 -6.38 -34.77 14.99
N ILE A 75 -6.53 -34.16 13.81
CA ILE A 75 -5.49 -33.42 13.12
C ILE A 75 -5.64 -31.95 13.53
N GLN A 76 -4.56 -31.31 13.98
CA GLN A 76 -4.61 -29.87 14.21
C GLN A 76 -3.88 -29.26 13.04
N ILE A 77 -4.42 -28.12 12.58
CA ILE A 77 -4.21 -27.49 11.30
C ILE A 77 -3.94 -26.00 11.49
N PRO A 78 -2.81 -25.43 11.05
CA PRO A 78 -2.36 -24.17 11.60
C PRO A 78 -2.87 -23.00 10.78
N ALA A 79 -2.53 -21.84 11.38
CA ALA A 79 -3.06 -20.57 10.91
C ALA A 79 -2.22 -20.05 9.75
N GLY A 80 -2.61 -19.03 8.99
CA GLY A 80 -1.79 -18.28 8.06
C GLY A 80 -1.87 -16.81 8.45
N LYS A 81 -0.73 -16.15 8.62
CA LYS A 81 -0.69 -14.74 8.98
C LYS A 81 -0.58 -13.89 7.73
N LYS A 82 -1.12 -12.67 7.81
CA LYS A 82 -1.34 -11.80 6.67
C LYS A 82 -0.95 -10.36 7.05
N ILE A 83 -0.85 -9.55 5.99
CA ILE A 83 -0.54 -8.12 6.06
C ILE A 83 -1.56 -7.39 5.23
N LYS A 84 -1.94 -6.17 5.62
CA LYS A 84 -2.62 -5.18 4.81
C LYS A 84 -2.22 -3.78 5.23
N LEU A 85 -2.34 -2.86 4.27
CA LEU A 85 -2.30 -1.41 4.37
C LEU A 85 -3.72 -0.97 4.71
N THR A 86 -3.83 0.00 5.61
CA THR A 86 -5.03 0.67 6.08
C THR A 86 -4.77 2.15 5.85
N VAL A 87 -5.70 2.80 5.16
CA VAL A 87 -5.70 4.23 4.96
C VAL A 87 -6.72 4.90 5.87
N SER A 88 -6.18 5.86 6.63
CA SER A 88 -6.88 6.88 7.36
C SER A 88 -7.66 7.77 6.38
N LYS A 89 -8.65 8.42 7.00
CA LYS A 89 -9.57 9.34 6.35
C LYS A 89 -8.91 10.48 5.58
N ILE A 90 -7.80 11.02 6.10
CA ILE A 90 -7.01 12.10 5.54
C ILE A 90 -6.41 11.93 4.15
N LEU A 91 -6.38 10.71 3.61
CA LEU A 91 -6.28 10.48 2.19
C LEU A 91 -7.16 9.40 1.56
N THR A 92 -8.41 9.29 2.02
CA THR A 92 -9.49 8.60 1.36
C THR A 92 -10.88 9.22 1.54
N ASP A 93 -11.26 9.72 2.72
CA ASP A 93 -12.64 9.94 3.10
C ASP A 93 -13.00 11.32 2.59
N ALA A 94 -13.40 11.40 1.32
CA ALA A 94 -13.95 12.58 0.69
C ALA A 94 -12.79 13.54 0.52
N VAL A 95 -11.54 13.07 0.41
CA VAL A 95 -10.34 13.81 0.11
C VAL A 95 -9.46 12.85 -0.69
N ASP A 96 -8.73 13.33 -1.70
CA ASP A 96 -7.71 12.67 -2.49
C ASP A 96 -8.22 11.48 -3.31
N SER A 97 -8.11 10.28 -2.74
CA SER A 97 -8.09 9.07 -3.55
C SER A 97 -9.53 8.62 -3.80
N HIS A 98 -10.49 9.11 -3.00
CA HIS A 98 -11.93 8.98 -3.02
C HIS A 98 -12.55 10.37 -2.82
N LYS A 99 -12.05 11.37 -3.55
CA LYS A 99 -12.62 12.70 -3.39
C LYS A 99 -13.98 12.83 -4.06
N MET B 1 5.77 -5.49 17.85
CA MET B 1 6.28 -4.12 18.04
C MET B 1 5.89 -3.23 16.86
N ALA B 2 5.54 -1.98 17.20
CA ALA B 2 5.21 -0.87 16.32
C ALA B 2 6.38 0.10 16.20
N LYS B 3 6.46 0.72 15.01
CA LYS B 3 7.29 1.86 14.73
C LYS B 3 6.50 2.95 14.02
N ILE B 4 7.09 4.13 13.96
CA ILE B 4 6.48 5.38 13.49
C ILE B 4 7.21 6.03 12.31
N LYS B 5 6.53 6.91 11.57
CA LYS B 5 7.00 7.79 10.54
C LYS B 5 8.30 8.54 10.77
N SER B 6 8.47 9.24 11.89
CA SER B 6 9.71 9.84 12.34
C SER B 6 10.87 8.87 12.54
N LEU B 7 10.68 7.63 13.00
CA LEU B 7 11.72 6.65 13.19
C LEU B 7 12.02 6.00 11.86
N SER B 8 10.99 5.66 11.08
CA SER B 8 11.14 4.97 9.80
C SER B 8 11.91 5.76 8.76
N ALA B 9 11.82 7.09 8.86
CA ALA B 9 12.40 8.06 7.96
C ALA B 9 13.92 8.11 8.04
N ALA B 10 14.54 7.70 9.16
CA ALA B 10 15.97 7.55 9.28
C ALA B 10 16.54 6.21 8.84
N GLU B 11 15.68 5.22 8.56
CA GLU B 11 16.02 3.89 8.13
C GLU B 11 16.09 3.76 6.61
N TYR B 12 15.37 4.70 5.98
CA TYR B 12 15.28 4.70 4.53
C TYR B 12 16.59 5.12 3.88
N LEU B 13 17.35 6.02 4.54
CA LEU B 13 18.71 6.38 4.22
C LEU B 13 19.74 5.29 4.56
N LYS B 14 19.44 4.38 5.48
CA LYS B 14 20.28 3.32 5.99
C LYS B 14 20.16 2.17 5.01
N GLU B 15 18.95 1.76 4.64
CA GLU B 15 18.73 0.80 3.58
C GLU B 15 19.23 1.35 2.25
N MET B 16 18.97 2.62 1.98
CA MET B 16 19.30 3.17 0.68
C MET B 16 19.49 4.68 0.64
N ALA B 17 20.71 5.20 0.50
CA ALA B 17 21.00 6.62 0.39
C ALA B 17 21.68 6.96 -0.93
N ASP B 18 22.38 6.00 -1.53
CA ASP B 18 23.23 6.17 -2.70
C ASP B 18 24.55 6.77 -2.28
N GLU B 19 25.11 6.27 -1.17
CA GLU B 19 26.27 6.81 -0.49
C GLU B 19 25.83 7.98 0.38
N THR B 20 25.54 9.13 -0.22
CA THR B 20 25.17 10.41 0.36
C THR B 20 24.30 11.27 -0.55
N ASN B 21 23.60 10.67 -1.50
CA ASN B 21 22.98 11.40 -2.57
C ASN B 21 21.60 11.86 -2.17
N ILE B 22 20.86 11.02 -1.43
CA ILE B 22 19.63 11.39 -0.76
C ILE B 22 20.15 11.80 0.62
N LYS B 23 19.63 12.89 1.17
CA LYS B 23 19.92 13.37 2.51
C LYS B 23 18.60 13.47 3.27
N VAL B 24 18.65 13.73 4.58
CA VAL B 24 17.55 13.70 5.52
C VAL B 24 16.52 14.73 5.11
N GLN B 25 17.00 15.86 4.56
CA GLN B 25 16.23 16.91 3.92
C GLN B 25 15.42 16.47 2.70
N ASP B 26 15.75 15.36 2.05
CA ASP B 26 15.01 14.96 0.86
C ASP B 26 13.92 13.97 1.22
N ILE B 27 14.16 13.18 2.27
CA ILE B 27 13.15 12.39 2.95
C ILE B 27 12.12 13.30 3.60
N ARG B 28 12.51 14.35 4.34
CA ARG B 28 11.70 15.32 5.06
C ARG B 28 10.72 16.07 4.16
N LEU B 29 11.05 16.27 2.88
CA LEU B 29 10.17 16.74 1.84
C LEU B 29 9.28 15.56 1.49
N VAL B 30 9.74 14.45 0.91
CA VAL B 30 9.04 13.34 0.33
C VAL B 30 8.05 12.69 1.29
N VAL B 31 8.29 12.60 2.59
CA VAL B 31 7.44 12.00 3.60
C VAL B 31 6.28 12.91 3.98
N THR B 32 6.06 13.99 3.22
CA THR B 32 4.92 14.88 3.29
C THR B 32 4.51 15.32 1.90
N SER B 33 4.73 14.53 0.85
CA SER B 33 4.31 14.76 -0.52
C SER B 33 4.05 13.48 -1.31
N LEU B 34 4.87 12.44 -1.18
CA LEU B 34 4.73 11.20 -1.92
C LEU B 34 3.40 10.49 -1.76
N GLN B 35 2.92 10.43 -0.51
CA GLN B 35 1.63 9.87 -0.14
C GLN B 35 0.48 10.68 -0.72
N LYS B 36 0.58 11.88 -1.31
CA LYS B 36 -0.51 12.56 -1.96
C LYS B 36 -0.53 12.19 -3.43
N VAL B 37 0.59 12.27 -4.15
CA VAL B 37 0.73 11.81 -5.52
C VAL B 37 0.29 10.36 -5.64
N LEU B 38 0.97 9.48 -4.90
CA LEU B 38 0.54 8.09 -4.79
C LEU B 38 -0.67 7.82 -3.89
N ALA B 39 -1.66 8.68 -4.16
CA ALA B 39 -3.02 8.65 -3.68
C ALA B 39 -3.93 9.33 -4.70
N LYS B 40 -3.67 10.58 -5.10
CA LYS B 40 -4.43 11.25 -6.13
C LYS B 40 -4.38 10.66 -7.53
N GLU B 41 -3.25 10.01 -7.84
CA GLU B 41 -3.02 9.38 -9.13
C GLU B 41 -3.55 7.96 -9.06
N LEU B 42 -4.14 7.56 -7.92
CA LEU B 42 -4.98 6.37 -7.87
C LEU B 42 -6.45 6.64 -8.12
N ALA B 43 -7.00 7.84 -8.05
CA ALA B 43 -8.42 8.16 -7.91
C ALA B 43 -9.15 7.93 -9.24
N THR B 44 -8.48 8.00 -10.41
CA THR B 44 -8.85 7.57 -11.74
C THR B 44 -9.15 6.10 -11.92
N THR B 45 -8.91 5.27 -10.90
CA THR B 45 -8.52 3.88 -11.00
C THR B 45 -7.07 3.85 -11.43
N GLY B 46 -6.14 3.45 -10.57
CA GLY B 46 -4.77 3.20 -10.95
C GLY B 46 -4.17 1.98 -10.27
N GLU B 47 -3.02 1.52 -10.79
CA GLU B 47 -2.09 0.55 -10.26
C GLU B 47 -0.76 1.28 -10.23
N VAL B 48 -0.22 1.63 -9.06
CA VAL B 48 1.12 2.08 -8.77
C VAL B 48 2.01 0.87 -8.51
N ARG B 49 2.87 0.64 -9.51
CA ARG B 49 3.69 -0.54 -9.59
C ARG B 49 4.96 -0.16 -8.84
N LEU B 50 5.07 -0.62 -7.59
CA LEU B 50 6.28 -0.47 -6.81
C LEU B 50 7.14 -1.72 -6.97
N PHE B 51 8.37 -1.61 -6.43
CA PHE B 51 9.22 -2.78 -6.31
C PHE B 51 9.31 -3.12 -4.81
N ASP B 52 9.77 -4.36 -4.59
CA ASP B 52 10.16 -4.98 -3.34
C ASP B 52 8.96 -5.45 -2.53
N ILE B 53 8.19 -4.54 -1.93
CA ILE B 53 7.01 -4.86 -1.13
C ILE B 53 5.91 -5.58 -1.89
N GLY B 54 5.63 -5.29 -3.16
CA GLY B 54 4.35 -5.41 -3.82
C GLY B 54 4.01 -4.19 -4.67
N LYS B 55 2.74 -3.87 -4.83
CA LYS B 55 2.16 -2.79 -5.62
C LYS B 55 0.98 -2.20 -4.89
N PHE B 56 0.63 -0.94 -5.21
CA PHE B 56 -0.49 -0.22 -4.66
C PHE B 56 -1.46 -0.10 -5.84
N LYS B 57 -2.74 -0.26 -5.47
CA LYS B 57 -3.89 -0.04 -6.31
C LYS B 57 -5.12 0.47 -5.58
N LEU B 58 -6.08 1.02 -6.33
CA LEU B 58 -7.37 1.38 -5.79
C LEU B 58 -8.18 0.09 -5.69
N VAL B 59 -9.24 0.21 -4.91
CA VAL B 59 -10.40 -0.65 -4.98
C VAL B 59 -11.67 0.19 -5.04
N THR B 60 -12.63 -0.26 -5.85
CA THR B 60 -14.00 0.16 -6.08
C THR B 60 -14.79 -0.75 -5.16
N THR B 61 -15.70 -0.31 -4.30
CA THR B 61 -16.85 -0.99 -3.74
C THR B 61 -17.89 -1.19 -4.84
N LYS B 62 -18.73 -2.24 -4.73
CA LYS B 62 -19.72 -2.56 -5.72
C LYS B 62 -20.81 -1.50 -5.64
N PRO B 63 -21.35 -1.01 -6.75
CA PRO B 63 -22.37 0.02 -6.74
C PRO B 63 -23.76 -0.45 -6.32
N ARG B 64 -24.70 0.38 -5.83
CA ARG B 64 -26.01 -0.04 -5.38
C ARG B 64 -26.98 0.07 -6.54
N THR B 65 -28.14 -0.55 -6.37
CA THR B 65 -29.11 -0.57 -7.44
C THR B 65 -30.56 -0.43 -6.99
N GLY B 66 -31.44 -0.84 -7.93
CA GLY B 66 -32.87 -0.97 -7.84
C GLY B 66 -33.52 -0.40 -9.09
N ILE B 67 -34.72 0.17 -8.98
CA ILE B 67 -35.52 0.78 -10.03
C ILE B 67 -35.78 2.24 -9.68
N ASN B 68 -35.60 3.11 -10.66
CA ASN B 68 -35.82 4.55 -10.62
C ASN B 68 -37.30 4.80 -10.43
N PRO B 69 -37.71 5.61 -9.45
CA PRO B 69 -39.11 5.91 -9.22
C PRO B 69 -39.81 6.88 -10.16
N LYS B 70 -39.08 7.75 -10.87
CA LYS B 70 -39.84 8.64 -11.73
C LYS B 70 -39.99 8.13 -13.16
N THR B 71 -39.17 7.18 -13.61
CA THR B 71 -39.22 6.57 -14.93
C THR B 71 -38.67 5.17 -14.87
N LYS B 72 -39.01 4.44 -15.94
CA LYS B 72 -38.60 3.06 -16.15
C LYS B 72 -37.17 3.07 -16.67
N GLN B 73 -36.33 2.97 -15.63
CA GLN B 73 -34.92 2.65 -15.72
C GLN B 73 -34.47 2.03 -14.41
N LYS B 74 -33.33 1.34 -14.44
CA LYS B 74 -32.65 0.80 -13.27
C LYS B 74 -31.78 1.89 -12.66
N ILE B 75 -31.31 1.64 -11.44
CA ILE B 75 -30.39 2.48 -10.72
C ILE B 75 -29.03 1.78 -10.80
N GLN B 76 -28.09 2.71 -10.92
CA GLN B 76 -26.67 2.41 -10.95
C GLN B 76 -26.05 3.59 -10.21
N ILE B 77 -25.64 3.47 -8.95
CA ILE B 77 -25.08 4.58 -8.20
C ILE B 77 -23.91 4.07 -7.35
N PRO B 78 -22.88 4.89 -7.16
CA PRO B 78 -21.66 4.53 -6.47
C PRO B 78 -21.82 4.38 -4.97
N ALA B 79 -20.92 3.56 -4.40
CA ALA B 79 -20.74 3.31 -2.99
C ALA B 79 -19.38 3.84 -2.55
N GLY B 80 -18.45 4.04 -3.48
CA GLY B 80 -17.12 4.58 -3.22
C GLY B 80 -15.93 3.64 -3.35
N LYS B 81 -14.75 4.12 -2.93
CA LYS B 81 -13.44 3.61 -3.26
C LYS B 81 -12.43 3.89 -2.16
N LYS B 82 -11.27 3.20 -2.11
CA LYS B 82 -10.12 3.48 -1.28
C LYS B 82 -8.88 2.91 -1.96
N ILE B 83 -7.73 2.90 -1.29
CA ILE B 83 -6.49 2.29 -1.72
C ILE B 83 -6.16 1.06 -0.90
N LYS B 84 -5.32 0.19 -1.47
CA LYS B 84 -4.90 -1.10 -0.93
C LYS B 84 -3.47 -1.34 -1.42
N LEU B 85 -2.75 -2.17 -0.66
CA LEU B 85 -1.53 -2.84 -1.07
C LEU B 85 -2.06 -4.13 -1.68
N THR B 86 -1.22 -4.62 -2.59
CA THR B 86 -1.22 -6.01 -3.00
C THR B 86 0.22 -6.48 -2.89
N VAL B 87 0.46 -7.55 -2.13
CA VAL B 87 1.81 -7.94 -1.75
C VAL B 87 2.53 -8.73 -2.82
N SER B 88 3.85 -8.60 -2.94
CA SER B 88 4.66 -9.19 -3.97
C SER B 88 4.78 -10.69 -3.74
N LYS B 89 5.11 -11.44 -4.81
CA LYS B 89 5.51 -12.84 -4.83
C LYS B 89 6.85 -13.07 -4.13
N ILE B 90 7.66 -12.02 -4.03
CA ILE B 90 8.92 -11.97 -3.31
C ILE B 90 8.64 -12.00 -1.81
N LEU B 91 7.76 -11.11 -1.33
CA LEU B 91 7.60 -10.92 0.10
C LEU B 91 6.64 -11.97 0.64
N THR B 92 5.60 -12.41 -0.06
CA THR B 92 4.57 -13.33 0.41
C THR B 92 5.05 -14.73 0.72
N ASP B 93 6.26 -15.09 0.27
CA ASP B 93 7.01 -16.31 0.43
C ASP B 93 7.49 -16.34 1.87
N ALA B 94 7.65 -15.19 2.55
CA ALA B 94 8.09 -15.07 3.92
C ALA B 94 6.93 -15.00 4.90
N VAL B 95 5.77 -14.49 4.49
CA VAL B 95 4.52 -14.21 5.17
C VAL B 95 3.73 -15.51 5.21
N ASP B 96 3.66 -16.23 4.08
CA ASP B 96 3.03 -17.53 3.89
C ASP B 96 3.97 -18.66 4.28
N SER B 97 4.61 -18.49 5.44
CA SER B 97 5.72 -19.23 6.00
C SER B 97 5.74 -18.97 7.50
N HIS B 98 5.55 -20.06 8.24
CA HIS B 98 5.65 -20.03 9.69
C HIS B 98 7.11 -20.19 10.05
N LYS B 99 7.62 -19.12 10.67
CA LYS B 99 8.84 -19.10 11.46
C LYS B 99 8.67 -18.48 12.83
N MET A 1 -13.16 -2.51 -22.88
CA MET A 1 -11.84 -3.04 -22.48
C MET A 1 -10.90 -1.86 -22.42
N ALA A 2 -10.74 -1.12 -21.32
CA ALA A 2 -9.92 0.06 -21.15
C ALA A 2 -8.51 -0.33 -20.74
N LYS A 3 -7.67 0.67 -20.50
CA LYS A 3 -6.36 0.61 -19.90
C LYS A 3 -6.47 0.76 -18.39
N ILE A 4 -5.46 0.18 -17.73
CA ILE A 4 -5.15 0.57 -16.37
C ILE A 4 -3.74 1.12 -16.55
N LYS A 5 -3.50 2.40 -16.25
CA LYS A 5 -2.19 3.03 -16.34
C LYS A 5 -1.18 2.54 -15.30
N SER A 6 -0.11 1.84 -15.69
CA SER A 6 0.97 1.30 -14.90
C SER A 6 1.95 2.43 -14.63
N LEU A 7 2.27 2.63 -13.35
CA LEU A 7 3.21 3.68 -12.98
C LEU A 7 4.19 3.14 -11.95
N SER A 8 5.27 3.86 -11.73
CA SER A 8 6.26 3.60 -10.70
C SER A 8 6.85 4.97 -10.38
N ALA A 9 8.13 5.04 -10.01
CA ALA A 9 8.80 6.27 -9.66
C ALA A 9 8.79 7.36 -10.71
N ALA A 10 8.93 7.11 -12.02
CA ALA A 10 8.92 8.05 -13.13
C ALA A 10 7.82 9.09 -13.14
N GLU A 11 6.64 8.66 -12.70
CA GLU A 11 5.43 9.45 -12.52
C GLU A 11 5.44 10.50 -11.41
N TYR A 12 6.47 10.49 -10.54
CA TYR A 12 6.56 11.37 -9.41
C TYR A 12 7.29 12.63 -9.85
N LEU A 13 8.18 12.55 -10.85
CA LEU A 13 9.09 13.62 -11.22
C LEU A 13 8.35 14.71 -11.97
N LYS A 14 7.23 14.47 -12.65
CA LYS A 14 6.51 15.41 -13.49
C LYS A 14 5.75 16.37 -12.59
N GLU A 15 5.26 15.96 -11.41
CA GLU A 15 4.42 16.75 -10.54
C GLU A 15 5.23 17.50 -9.51
N MET A 16 6.51 17.13 -9.39
CA MET A 16 7.55 17.75 -8.60
C MET A 16 8.45 18.71 -9.34
N ALA A 17 8.14 19.16 -10.57
CA ALA A 17 8.98 19.96 -11.44
C ALA A 17 9.54 21.23 -10.88
N ASP A 18 8.86 21.92 -9.95
CA ASP A 18 9.26 23.18 -9.39
C ASP A 18 10.23 23.05 -8.21
N GLU A 19 10.45 21.82 -7.73
CA GLU A 19 11.18 21.41 -6.56
C GLU A 19 12.19 20.33 -6.93
N THR A 20 12.55 20.34 -8.21
CA THR A 20 13.73 19.76 -8.83
C THR A 20 14.33 20.84 -9.73
N ASN A 21 15.55 21.29 -9.40
CA ASN A 21 16.21 22.42 -9.98
C ASN A 21 17.73 22.38 -10.01
N ILE A 22 18.43 21.52 -9.26
CA ILE A 22 19.79 21.09 -9.51
C ILE A 22 19.89 19.57 -9.66
N LYS A 23 18.82 18.80 -9.47
CA LYS A 23 18.64 17.37 -9.69
C LYS A 23 17.24 17.13 -10.24
N VAL A 24 16.93 15.97 -10.83
CA VAL A 24 15.58 15.53 -11.09
C VAL A 24 15.47 14.01 -10.96
N GLN A 25 16.34 13.21 -11.59
CA GLN A 25 16.23 11.77 -11.64
C GLN A 25 16.87 11.07 -10.47
N ASP A 26 17.70 11.70 -9.63
CA ASP A 26 18.34 11.19 -8.42
C ASP A 26 17.34 10.94 -7.29
N ILE A 27 16.14 11.55 -7.38
CA ILE A 27 14.93 11.40 -6.63
C ILE A 27 14.41 9.97 -6.72
N ARG A 28 14.59 9.21 -7.81
CA ARG A 28 13.99 7.90 -7.88
C ARG A 28 14.59 6.92 -6.90
N LEU A 29 15.85 7.10 -6.46
CA LEU A 29 16.60 6.34 -5.48
C LEU A 29 16.07 6.57 -4.08
N VAL A 30 15.58 7.77 -3.75
CA VAL A 30 14.97 8.14 -2.48
C VAL A 30 13.66 7.41 -2.24
N VAL A 31 12.86 7.31 -3.31
CA VAL A 31 11.55 6.70 -3.37
C VAL A 31 11.64 5.19 -3.20
N THR A 32 12.76 4.54 -3.51
CA THR A 32 13.21 3.17 -3.29
C THR A 32 13.49 2.91 -1.80
N SER A 33 14.11 3.89 -1.14
CA SER A 33 14.58 3.79 0.22
C SER A 33 13.45 3.62 1.23
N LEU A 34 12.27 4.09 0.86
CA LEU A 34 11.03 3.95 1.61
C LEU A 34 10.55 2.51 1.66
N GLN A 35 10.62 1.77 0.55
CA GLN A 35 9.99 0.47 0.40
C GLN A 35 10.89 -0.63 0.95
N LYS A 36 12.21 -0.47 1.04
CA LYS A 36 13.18 -1.38 1.58
C LYS A 36 13.08 -1.75 3.06
N VAL A 37 12.40 -0.92 3.86
CA VAL A 37 12.22 -1.19 5.26
C VAL A 37 10.95 -2.01 5.47
N LEU A 38 9.85 -1.60 4.86
CA LEU A 38 8.59 -2.29 4.65
C LEU A 38 8.81 -3.73 4.22
N ALA A 39 9.70 -4.01 3.27
CA ALA A 39 10.20 -5.31 2.84
C ALA A 39 10.70 -6.25 3.92
N LYS A 40 11.20 -5.74 5.05
CA LYS A 40 11.71 -6.47 6.20
C LYS A 40 10.61 -6.53 7.25
N GLU A 41 10.17 -5.43 7.87
CA GLU A 41 9.36 -5.29 9.06
C GLU A 41 8.05 -6.06 8.88
N LEU A 42 7.44 -5.98 7.70
CA LEU A 42 6.19 -6.58 7.31
C LEU A 42 6.37 -7.99 6.74
N ALA A 43 7.54 -8.60 6.77
CA ALA A 43 7.76 -10.00 6.47
C ALA A 43 8.03 -10.70 7.79
N THR A 44 8.85 -10.15 8.69
CA THR A 44 9.15 -10.71 9.99
C THR A 44 7.92 -10.55 10.88
N THR A 45 6.88 -9.79 10.56
CA THR A 45 5.58 -9.65 11.20
C THR A 45 5.48 -8.49 12.18
N GLY A 46 5.64 -7.24 11.75
CA GLY A 46 5.58 -5.99 12.48
C GLY A 46 4.47 -5.12 11.89
N GLU A 47 3.99 -4.16 12.67
CA GLU A 47 3.18 -3.05 12.24
C GLU A 47 4.05 -1.84 11.96
N VAL A 48 3.64 -0.98 11.03
CA VAL A 48 4.22 0.31 10.69
C VAL A 48 2.99 1.19 10.59
N ARG A 49 2.97 2.23 11.44
CA ARG A 49 1.94 3.24 11.61
C ARG A 49 2.52 4.42 10.87
N LEU A 50 1.88 4.82 9.76
CA LEU A 50 2.24 5.92 8.89
C LEU A 50 1.13 6.97 8.93
N PHE A 51 1.39 7.98 9.77
CA PHE A 51 0.45 9.06 9.98
C PHE A 51 0.21 9.78 8.66
N ASP A 52 -0.97 9.78 8.02
CA ASP A 52 -1.33 10.38 6.76
C ASP A 52 -1.43 9.34 5.64
N ILE A 53 -1.20 8.07 5.97
CA ILE A 53 -1.44 6.87 5.20
C ILE A 53 -2.45 6.03 5.96
N GLY A 54 -2.06 5.72 7.20
CA GLY A 54 -2.80 4.89 8.13
C GLY A 54 -1.86 3.88 8.78
N LYS A 55 -2.17 2.58 8.68
CA LYS A 55 -1.24 1.53 9.10
C LYS A 55 -1.26 0.47 8.02
N PHE A 56 -0.20 -0.33 8.11
CA PHE A 56 -0.14 -1.70 7.65
C PHE A 56 -0.66 -2.56 8.81
N LYS A 57 -1.70 -3.30 8.42
CA LYS A 57 -2.49 -4.14 9.30
C LYS A 57 -2.22 -5.60 8.95
N LEU A 58 -1.83 -6.34 9.98
CA LEU A 58 -1.55 -7.77 9.94
C LEU A 58 -2.90 -8.45 10.17
N VAL A 59 -3.33 -9.31 9.26
CA VAL A 59 -4.57 -10.06 9.39
C VAL A 59 -4.18 -11.54 9.45
N THR A 60 -4.96 -12.27 10.24
CA THR A 60 -4.68 -13.65 10.52
C THR A 60 -5.96 -14.49 10.63
N THR A 61 -6.11 -15.49 9.75
CA THR A 61 -7.17 -16.47 9.86
C THR A 61 -6.96 -17.57 10.89
N LYS A 62 -8.06 -18.19 11.34
CA LYS A 62 -8.27 -19.18 12.37
C LYS A 62 -7.45 -20.46 12.23
N PRO A 63 -7.03 -21.11 13.31
CA PRO A 63 -6.49 -22.46 13.22
C PRO A 63 -7.64 -23.43 13.17
N ARG A 64 -7.40 -24.59 12.54
CA ARG A 64 -8.31 -25.68 12.24
C ARG A 64 -7.82 -26.98 12.88
N THR A 65 -8.74 -27.94 13.00
CA THR A 65 -8.56 -29.33 13.31
C THR A 65 -9.59 -30.16 12.53
N GLY A 66 -9.13 -30.77 11.44
CA GLY A 66 -9.87 -31.70 10.59
C GLY A 66 -9.14 -33.03 10.53
N ILE A 67 -9.52 -34.04 9.73
CA ILE A 67 -9.16 -35.42 9.89
C ILE A 67 -8.15 -35.65 8.76
N ASN A 68 -7.33 -36.71 8.88
CA ASN A 68 -6.39 -37.18 7.90
C ASN A 68 -7.08 -37.84 6.71
N PRO A 69 -6.51 -37.65 5.53
CA PRO A 69 -7.13 -38.02 4.27
C PRO A 69 -7.18 -39.50 3.88
N LYS A 70 -6.43 -40.35 4.57
CA LYS A 70 -6.24 -41.72 4.17
C LYS A 70 -5.98 -42.66 5.34
N THR A 71 -5.76 -42.14 6.55
CA THR A 71 -5.37 -42.83 7.76
C THR A 71 -6.27 -42.29 8.87
N LYS A 72 -6.52 -43.11 9.89
CA LYS A 72 -7.36 -42.85 11.05
C LYS A 72 -6.77 -41.89 12.08
N GLN A 73 -6.48 -40.64 11.68
CA GLN A 73 -5.84 -39.59 12.42
C GLN A 73 -6.50 -38.22 12.37
N LYS A 74 -6.16 -37.28 13.27
CA LYS A 74 -6.61 -35.91 13.47
C LYS A 74 -5.38 -35.05 13.35
N ILE A 75 -5.47 -33.85 12.74
CA ILE A 75 -4.35 -32.96 12.54
C ILE A 75 -4.73 -31.73 13.36
N GLN A 76 -3.71 -30.94 13.74
CA GLN A 76 -3.89 -29.56 14.15
C GLN A 76 -3.28 -28.72 13.04
N ILE A 77 -4.11 -28.07 12.21
CA ILE A 77 -3.78 -27.33 11.02
C ILE A 77 -3.54 -25.89 11.46
N PRO A 78 -2.45 -25.20 11.11
CA PRO A 78 -2.12 -23.93 11.69
C PRO A 78 -2.98 -22.77 11.24
N ALA A 79 -2.89 -21.66 11.99
CA ALA A 79 -3.34 -20.35 11.58
C ALA A 79 -2.40 -19.77 10.54
N GLY A 80 -2.84 -18.96 9.58
CA GLY A 80 -1.98 -18.19 8.69
C GLY A 80 -2.26 -16.71 8.71
N LYS A 81 -1.44 -16.03 7.90
CA LYS A 81 -1.31 -14.59 7.97
C LYS A 81 -1.08 -13.94 6.61
N LYS A 82 -1.66 -12.75 6.41
CA LYS A 82 -1.42 -11.80 5.36
C LYS A 82 -1.06 -10.45 5.97
N ILE A 83 -0.85 -9.43 5.14
CA ILE A 83 -0.76 -8.02 5.42
C ILE A 83 -1.82 -7.31 4.59
N LYS A 84 -2.38 -6.18 5.03
CA LYS A 84 -3.25 -5.27 4.32
C LYS A 84 -2.96 -3.84 4.76
N LEU A 85 -3.17 -2.91 3.83
CA LEU A 85 -3.17 -1.48 4.02
C LEU A 85 -4.59 -1.04 4.35
N THR A 86 -4.72 -0.24 5.42
CA THR A 86 -5.96 0.30 5.93
C THR A 86 -5.80 1.81 5.93
N VAL A 87 -6.61 2.62 5.26
CA VAL A 87 -6.31 3.96 4.79
C VAL A 87 -7.02 5.00 5.63
N SER A 88 -6.38 6.15 5.87
CA SER A 88 -7.01 7.22 6.61
C SER A 88 -7.78 8.11 5.65
N LYS A 89 -8.92 8.66 6.10
CA LYS A 89 -9.75 9.52 5.28
C LYS A 89 -9.11 10.76 4.68
N ILE A 90 -8.00 11.21 5.28
CA ILE A 90 -7.21 12.32 4.79
C ILE A 90 -6.52 12.05 3.47
N LEU A 91 -6.57 10.84 2.90
CA LEU A 91 -5.98 10.33 1.68
C LEU A 91 -7.03 9.67 0.78
N THR A 92 -8.26 9.58 1.23
CA THR A 92 -9.29 8.75 0.61
C THR A 92 -10.71 9.29 0.78
N ASP A 93 -11.03 10.52 1.18
CA ASP A 93 -12.38 11.06 1.21
C ASP A 93 -12.37 12.55 0.86
N ALA A 94 -12.78 12.76 -0.40
CA ALA A 94 -12.97 14.08 -0.98
C ALA A 94 -11.65 14.57 -1.57
N VAL A 95 -10.65 13.70 -1.52
CA VAL A 95 -9.25 14.02 -1.78
C VAL A 95 -8.64 12.78 -2.41
N ASP A 96 -7.62 12.95 -3.24
CA ASP A 96 -6.59 12.02 -3.66
C ASP A 96 -7.09 10.74 -4.31
N SER A 97 -7.08 9.56 -3.68
CA SER A 97 -7.49 8.32 -4.30
C SER A 97 -9.01 8.25 -4.43
N HIS A 98 -9.79 9.02 -3.67
CA HIS A 98 -11.23 9.06 -3.74
C HIS A 98 -11.75 10.49 -3.55
N LYS A 99 -11.89 11.23 -4.66
CA LYS A 99 -12.72 12.39 -4.83
C LYS A 99 -14.03 11.87 -5.41
N MET B 1 7.55 -3.81 18.72
CA MET B 1 6.96 -2.48 18.96
C MET B 1 6.63 -1.91 17.59
N ALA B 2 5.42 -1.41 17.32
CA ALA B 2 4.89 -0.71 16.17
C ALA B 2 5.66 0.58 15.92
N LYS B 3 5.86 0.92 14.64
CA LYS B 3 6.74 2.02 14.28
C LYS B 3 5.90 3.18 13.76
N ILE B 4 5.90 4.30 14.47
CA ILE B 4 5.35 5.58 14.03
C ILE B 4 6.20 6.11 12.90
N LYS B 5 5.61 6.97 12.04
CA LYS B 5 6.23 7.50 10.85
C LYS B 5 7.60 8.12 11.05
N SER B 6 7.84 8.74 12.20
CA SER B 6 9.09 9.45 12.46
C SER B 6 10.17 8.49 12.94
N LEU B 7 9.89 7.28 13.40
CA LEU B 7 10.83 6.18 13.51
C LEU B 7 11.02 5.55 12.14
N SER B 8 9.94 5.30 11.39
CA SER B 8 9.89 4.66 10.08
C SER B 8 10.76 5.52 9.18
N ALA B 9 10.72 6.85 9.22
CA ALA B 9 11.31 7.77 8.27
C ALA B 9 12.78 7.97 8.60
N ALA B 10 13.27 7.50 9.75
CA ALA B 10 14.68 7.50 10.07
C ALA B 10 15.30 6.22 9.51
N GLU B 11 14.64 5.06 9.50
CA GLU B 11 15.09 3.76 9.00
C GLU B 11 15.40 3.77 7.52
N TYR B 12 14.65 4.55 6.73
CA TYR B 12 14.92 4.74 5.32
C TYR B 12 16.37 5.09 4.99
N LEU B 13 16.95 6.04 5.73
CA LEU B 13 18.30 6.48 5.53
C LEU B 13 19.33 5.54 6.15
N LYS B 14 18.91 4.72 7.12
CA LYS B 14 19.79 3.76 7.76
C LYS B 14 19.95 2.48 6.96
N GLU B 15 18.93 2.18 6.16
CA GLU B 15 18.82 1.07 5.23
C GLU B 15 19.37 1.36 3.85
N MET B 16 18.93 2.42 3.14
CA MET B 16 19.44 2.84 1.86
C MET B 16 19.73 4.33 1.85
N ALA B 17 21.02 4.68 1.81
CA ALA B 17 21.61 5.98 1.61
C ALA B 17 22.45 6.10 0.34
N ASP B 18 22.99 4.96 -0.10
CA ASP B 18 23.85 4.66 -1.22
C ASP B 18 25.13 5.47 -1.07
N GLU B 19 25.89 5.19 -0.01
CA GLU B 19 26.92 5.94 0.68
C GLU B 19 26.23 7.06 1.44
N THR B 20 25.84 8.12 0.75
CA THR B 20 25.08 9.25 1.25
C THR B 20 24.36 10.09 0.21
N ASN B 21 24.12 9.39 -0.91
CA ASN B 21 23.47 10.02 -2.04
C ASN B 21 22.06 10.50 -1.74
N ILE B 22 21.32 9.77 -0.91
CA ILE B 22 20.03 10.21 -0.41
C ILE B 22 20.38 10.76 0.95
N LYS B 23 19.58 11.70 1.47
CA LYS B 23 19.65 12.41 2.72
C LYS B 23 18.25 12.81 3.23
N VAL B 24 18.14 13.31 4.45
CA VAL B 24 16.94 13.63 5.20
C VAL B 24 16.14 14.69 4.46
N GLN B 25 16.82 15.57 3.73
CA GLN B 25 16.14 16.63 3.02
C GLN B 25 15.22 16.02 1.97
N ASP B 26 15.75 15.07 1.20
CA ASP B 26 15.12 14.30 0.13
C ASP B 26 13.89 13.52 0.59
N ILE B 27 14.03 12.78 1.68
CA ILE B 27 12.95 12.20 2.47
C ILE B 27 11.93 13.21 2.99
N ARG B 28 12.30 14.45 3.32
CA ARG B 28 11.40 15.39 3.96
C ARG B 28 10.45 16.02 2.95
N LEU B 29 10.73 16.04 1.64
CA LEU B 29 9.77 16.34 0.60
C LEU B 29 9.00 15.07 0.29
N VAL B 30 9.61 13.90 0.06
CA VAL B 30 8.90 12.66 -0.19
C VAL B 30 7.72 12.35 0.70
N VAL B 31 8.03 12.26 2.00
CA VAL B 31 7.16 11.81 3.07
C VAL B 31 5.97 12.74 3.29
N THR B 32 5.64 13.73 2.48
CA THR B 32 4.61 14.76 2.46
C THR B 32 4.27 15.15 1.02
N SER B 33 4.41 14.32 0.00
CA SER B 33 4.22 14.60 -1.42
C SER B 33 3.91 13.28 -2.12
N LEU B 34 4.85 12.32 -2.14
CA LEU B 34 4.82 11.05 -2.82
C LEU B 34 3.51 10.26 -2.68
N GLN B 35 3.00 10.08 -1.47
CA GLN B 35 1.74 9.47 -1.14
C GLN B 35 0.58 10.21 -1.77
N LYS B 36 0.58 11.54 -1.91
CA LYS B 36 -0.43 12.37 -2.53
C LYS B 36 -0.35 12.18 -4.03
N VAL B 37 0.82 12.30 -4.67
CA VAL B 37 1.00 12.19 -6.10
C VAL B 37 0.63 10.82 -6.62
N LEU B 38 1.04 9.71 -5.97
CA LEU B 38 0.68 8.36 -6.34
C LEU B 38 -0.76 7.97 -6.07
N ALA B 39 -1.36 8.45 -4.96
CA ALA B 39 -2.77 8.34 -4.63
C ALA B 39 -3.70 8.96 -5.66
N LYS B 40 -3.31 10.12 -6.21
CA LYS B 40 -4.10 10.82 -7.22
C LYS B 40 -3.92 10.23 -8.62
N GLU B 41 -2.89 9.38 -8.76
CA GLU B 41 -2.69 8.65 -10.00
C GLU B 41 -3.54 7.40 -10.07
N LEU B 42 -3.74 6.74 -8.92
CA LEU B 42 -4.67 5.64 -8.85
C LEU B 42 -6.11 6.06 -9.07
N ALA B 43 -6.48 7.34 -8.92
CA ALA B 43 -7.80 7.93 -8.91
C ALA B 43 -8.33 8.10 -10.33
N THR B 44 -7.64 7.48 -11.29
CA THR B 44 -8.21 7.27 -12.60
C THR B 44 -7.84 5.87 -13.10
N THR B 45 -7.88 4.81 -12.30
CA THR B 45 -7.60 3.44 -12.69
C THR B 45 -6.12 3.31 -12.96
N GLY B 46 -5.32 3.69 -11.95
CA GLY B 46 -3.88 3.55 -12.08
C GLY B 46 -3.47 2.30 -11.30
N GLU B 47 -2.23 1.87 -11.46
CA GLU B 47 -1.59 0.84 -10.65
C GLU B 47 -0.15 1.25 -10.36
N VAL B 48 0.12 1.46 -9.08
CA VAL B 48 1.44 1.80 -8.61
C VAL B 48 2.09 0.46 -8.26
N ARG B 49 3.08 0.05 -9.08
CA ARG B 49 4.14 -0.86 -8.74
C ARG B 49 5.35 -0.12 -8.16
N LEU B 50 5.90 -0.47 -6.99
CA LEU B 50 7.05 0.11 -6.34
C LEU B 50 8.00 -0.96 -5.79
N PHE B 51 9.23 -0.58 -5.45
CA PHE B 51 10.34 -1.50 -5.25
C PHE B 51 10.12 -2.45 -4.08
N ASP B 52 9.94 -3.74 -4.34
CA ASP B 52 10.23 -4.78 -3.35
C ASP B 52 9.14 -4.92 -2.29
N ILE B 53 8.11 -4.07 -2.39
CA ILE B 53 6.92 -4.19 -1.58
C ILE B 53 5.82 -4.96 -2.32
N GLY B 54 5.70 -4.77 -3.63
CA GLY B 54 4.72 -5.35 -4.54
C GLY B 54 3.98 -4.19 -5.17
N LYS B 55 2.66 -4.06 -4.99
CA LYS B 55 1.92 -3.03 -5.68
C LYS B 55 0.63 -2.66 -4.96
N PHE B 56 0.31 -1.37 -5.10
CA PHE B 56 -0.91 -0.78 -4.58
C PHE B 56 -1.85 -0.46 -5.73
N LYS B 57 -3.15 -0.64 -5.52
CA LYS B 57 -4.08 -0.56 -6.63
C LYS B 57 -5.38 0.06 -6.12
N LEU B 58 -6.20 0.53 -7.06
CA LEU B 58 -7.52 1.05 -6.82
C LEU B 58 -8.52 -0.10 -6.87
N VAL B 59 -9.50 -0.15 -5.96
CA VAL B 59 -10.62 -1.06 -5.93
C VAL B 59 -11.90 -0.39 -5.46
N THR B 60 -13.00 -0.60 -6.20
CA THR B 60 -14.36 -0.23 -5.85
C THR B 60 -14.88 -1.10 -4.73
N THR B 61 -15.80 -0.48 -3.96
CA THR B 61 -16.71 -1.02 -2.97
C THR B 61 -18.02 -1.05 -3.74
N LYS B 62 -18.83 -2.05 -3.38
CA LYS B 62 -20.03 -2.50 -4.06
C LYS B 62 -21.05 -1.38 -3.95
N PRO B 63 -21.62 -0.96 -5.08
CA PRO B 63 -22.65 0.06 -5.11
C PRO B 63 -23.97 -0.42 -4.52
N ARG B 64 -24.85 0.56 -4.25
CA ARG B 64 -26.24 0.48 -3.85
C ARG B 64 -27.06 0.66 -5.12
N THR B 65 -28.24 0.04 -5.04
CA THR B 65 -29.28 0.17 -6.05
C THR B 65 -30.53 0.74 -5.43
N GLY B 66 -31.74 0.32 -5.83
CA GLY B 66 -33.10 0.69 -5.51
C GLY B 66 -33.93 0.78 -6.78
N ILE B 67 -35.26 0.92 -6.67
CA ILE B 67 -36.14 1.22 -7.78
C ILE B 67 -36.58 2.66 -7.52
N ASN B 68 -36.83 3.37 -8.63
CA ASN B 68 -37.34 4.72 -8.58
C ASN B 68 -38.85 4.66 -8.43
N PRO B 69 -39.51 5.37 -7.51
CA PRO B 69 -40.96 5.44 -7.33
C PRO B 69 -41.68 6.35 -8.32
N LYS B 70 -40.99 7.31 -8.95
CA LYS B 70 -41.47 8.31 -9.90
C LYS B 70 -41.77 7.76 -11.29
N THR B 71 -41.08 6.72 -11.75
CA THR B 71 -41.34 6.04 -13.01
C THR B 71 -40.63 4.72 -12.74
N LYS B 72 -41.19 3.61 -13.21
CA LYS B 72 -40.71 2.26 -12.95
C LYS B 72 -39.37 2.05 -13.64
N GLN B 73 -38.28 2.30 -12.90
CA GLN B 73 -36.92 2.12 -13.39
C GLN B 73 -35.96 1.96 -12.22
N LYS B 74 -34.84 1.29 -12.49
CA LYS B 74 -33.87 0.85 -11.50
C LYS B 74 -32.93 2.03 -11.33
N ILE B 75 -32.54 2.29 -10.07
CA ILE B 75 -31.47 3.17 -9.66
C ILE B 75 -30.23 2.32 -9.39
N GLN B 76 -29.05 2.89 -9.56
CA GLN B 76 -27.74 2.34 -9.25
C GLN B 76 -26.84 3.55 -9.13
N ILE B 77 -26.19 3.58 -7.96
CA ILE B 77 -25.27 4.58 -7.44
C ILE B 77 -24.07 4.03 -6.70
N PRO B 78 -22.89 4.62 -6.88
CA PRO B 78 -21.63 4.29 -6.26
C PRO B 78 -21.56 4.69 -4.80
N ALA B 79 -20.79 3.87 -4.06
CA ALA B 79 -20.50 3.98 -2.65
C ALA B 79 -19.01 4.28 -2.58
N GLY B 80 -18.27 4.13 -3.67
CA GLY B 80 -16.92 4.64 -3.75
C GLY B 80 -15.92 3.51 -3.89
N LYS B 81 -14.67 3.87 -3.63
CA LYS B 81 -13.43 3.11 -3.81
C LYS B 81 -12.32 3.59 -2.90
N LYS B 82 -11.14 2.95 -2.91
CA LYS B 82 -10.02 3.05 -2.02
C LYS B 82 -8.81 2.35 -2.61
N ILE B 83 -7.69 2.42 -1.88
CA ILE B 83 -6.41 1.84 -2.25
C ILE B 83 -6.28 0.49 -1.57
N LYS B 84 -5.86 -0.57 -2.25
CA LYS B 84 -5.53 -1.91 -1.78
C LYS B 84 -4.04 -2.13 -2.00
N LEU B 85 -3.47 -2.94 -1.10
CA LEU B 85 -2.11 -3.46 -1.17
C LEU B 85 -2.23 -4.85 -1.79
N THR B 86 -1.21 -5.29 -2.52
CA THR B 86 -0.89 -6.68 -2.77
C THR B 86 0.63 -6.86 -2.76
N VAL B 87 1.09 -7.87 -2.01
CA VAL B 87 2.43 -8.15 -1.54
C VAL B 87 3.25 -8.91 -2.57
N SER B 88 4.56 -8.65 -2.66
CA SER B 88 5.59 -9.27 -3.47
C SER B 88 5.85 -10.74 -3.17
N LYS B 89 6.42 -11.53 -4.08
CA LYS B 89 6.47 -12.98 -4.15
C LYS B 89 7.39 -13.44 -3.02
N ILE B 90 8.49 -12.76 -2.69
CA ILE B 90 9.35 -13.20 -1.60
C ILE B 90 8.68 -12.93 -0.27
N LEU B 91 8.18 -11.73 0.00
CA LEU B 91 7.56 -11.23 1.20
C LEU B 91 6.30 -12.00 1.62
N THR B 92 5.46 -12.46 0.69
CA THR B 92 4.36 -13.36 0.95
C THR B 92 4.78 -14.81 1.16
N ASP B 93 5.95 -15.25 0.67
CA ASP B 93 6.56 -16.51 0.98
C ASP B 93 7.19 -16.50 2.37
N ALA B 94 7.70 -15.36 2.81
CA ALA B 94 8.18 -15.27 4.18
C ALA B 94 7.14 -15.14 5.28
N VAL B 95 5.89 -14.91 4.86
CA VAL B 95 4.78 -14.66 5.75
C VAL B 95 3.90 -15.91 5.71
N ASP B 96 4.01 -16.73 4.66
CA ASP B 96 3.54 -18.10 4.57
C ASP B 96 4.33 -18.95 5.55
N SER B 97 5.59 -19.22 5.18
CA SER B 97 6.60 -19.95 5.90
C SER B 97 7.27 -18.87 6.74
N HIS B 98 6.69 -18.59 7.92
CA HIS B 98 7.34 -18.15 9.13
C HIS B 98 8.17 -19.32 9.64
N LYS B 99 9.36 -19.03 10.18
CA LYS B 99 10.38 -19.95 10.63
C LYS B 99 11.43 -19.15 11.41
N MET A 1 -13.37 7.17 -21.22
CA MET A 1 -13.38 5.70 -21.03
C MET A 1 -12.47 5.43 -19.84
N ALA A 2 -12.66 4.42 -18.98
CA ALA A 2 -11.75 4.23 -17.87
C ALA A 2 -11.07 2.89 -18.12
N LYS A 3 -9.84 2.78 -17.63
CA LYS A 3 -8.94 1.63 -17.58
C LYS A 3 -7.98 1.82 -16.42
N ILE A 4 -7.51 0.70 -15.88
CA ILE A 4 -6.71 0.71 -14.67
C ILE A 4 -5.28 1.13 -15.05
N LYS A 5 -4.73 2.22 -14.51
CA LYS A 5 -3.43 2.67 -14.95
C LYS A 5 -2.36 1.95 -14.16
N SER A 6 -1.23 1.55 -14.74
CA SER A 6 -0.02 1.10 -14.07
C SER A 6 0.95 2.25 -13.92
N LEU A 7 1.42 2.45 -12.68
CA LEU A 7 2.29 3.58 -12.43
C LEU A 7 3.26 3.09 -11.35
N SER A 8 4.42 3.72 -11.36
CA SER A 8 5.43 3.51 -10.36
C SER A 8 6.02 4.89 -10.11
N ALA A 9 7.20 4.80 -9.49
CA ALA A 9 7.94 5.86 -8.84
C ALA A 9 7.98 7.25 -9.47
N ALA A 10 8.22 7.23 -10.77
CA ALA A 10 8.34 8.35 -11.69
C ALA A 10 7.07 9.17 -11.91
N GLU A 11 5.89 8.65 -11.60
CA GLU A 11 4.61 9.34 -11.66
C GLU A 11 4.47 10.39 -10.57
N TYR A 12 5.42 10.52 -9.63
CA TYR A 12 5.48 11.50 -8.56
C TYR A 12 6.04 12.80 -9.13
N LEU A 13 6.98 12.69 -10.08
CA LEU A 13 7.78 13.80 -10.55
C LEU A 13 7.03 14.97 -11.18
N LYS A 14 5.90 14.69 -11.87
CA LYS A 14 5.15 15.62 -12.68
C LYS A 14 4.59 16.73 -11.81
N GLU A 15 4.10 16.42 -10.60
CA GLU A 15 3.57 17.37 -9.65
C GLU A 15 4.74 18.02 -8.94
N MET A 16 5.89 17.36 -8.79
CA MET A 16 7.10 17.69 -8.08
C MET A 16 7.92 18.72 -8.85
N ALA A 17 7.50 19.08 -10.07
CA ALA A 17 8.18 19.87 -11.07
C ALA A 17 8.73 21.24 -10.67
N ASP A 18 8.25 22.02 -9.69
CA ASP A 18 8.97 23.19 -9.24
C ASP A 18 10.08 22.84 -8.25
N GLU A 19 9.89 21.80 -7.45
CA GLU A 19 10.84 21.34 -6.45
C GLU A 19 12.06 20.68 -7.07
N THR A 20 11.89 19.88 -8.13
CA THR A 20 12.92 19.37 -9.01
C THR A 20 13.53 20.55 -9.79
N ASN A 21 14.68 21.12 -9.45
CA ASN A 21 15.35 22.23 -10.11
C ASN A 21 16.85 22.04 -10.16
N ILE A 22 17.46 21.21 -9.31
CA ILE A 22 18.88 20.87 -9.49
C ILE A 22 19.02 19.38 -9.71
N LYS A 23 17.97 18.55 -9.71
CA LYS A 23 17.97 17.14 -10.02
C LYS A 23 16.50 16.81 -10.28
N VAL A 24 16.27 15.67 -10.95
CA VAL A 24 14.95 15.36 -11.43
C VAL A 24 14.64 13.87 -11.38
N GLN A 25 15.23 13.01 -12.20
CA GLN A 25 15.00 11.59 -12.33
C GLN A 25 15.60 10.96 -11.08
N ASP A 26 16.55 11.54 -10.36
CA ASP A 26 17.25 10.90 -9.27
C ASP A 26 16.34 10.58 -8.10
N ILE A 27 15.19 11.24 -7.93
CA ILE A 27 14.34 11.14 -6.77
C ILE A 27 13.69 9.77 -6.65
N ARG A 28 13.59 9.03 -7.76
CA ARG A 28 13.02 7.71 -7.96
C ARG A 28 13.69 6.70 -7.04
N LEU A 29 14.89 6.94 -6.52
CA LEU A 29 15.64 6.12 -5.59
C LEU A 29 15.21 6.39 -4.17
N VAL A 30 14.88 7.67 -3.88
CA VAL A 30 14.36 8.09 -2.59
C VAL A 30 13.02 7.38 -2.43
N VAL A 31 12.17 7.34 -3.47
CA VAL A 31 10.85 6.74 -3.49
C VAL A 31 10.99 5.23 -3.43
N THR A 32 12.08 4.66 -3.97
CA THR A 32 12.39 3.25 -3.78
C THR A 32 12.76 2.96 -2.33
N SER A 33 13.73 3.64 -1.69
CA SER A 33 14.22 3.23 -0.39
C SER A 33 13.23 3.12 0.75
N LEU A 34 12.14 3.89 0.69
CA LEU A 34 11.12 4.01 1.69
C LEU A 34 10.36 2.71 1.89
N GLN A 35 10.15 2.03 0.76
CA GLN A 35 9.36 0.82 0.65
C GLN A 35 10.10 -0.41 1.16
N LYS A 36 11.40 -0.47 0.85
CA LYS A 36 12.35 -1.54 1.05
C LYS A 36 12.61 -1.98 2.49
N VAL A 37 12.35 -1.05 3.42
CA VAL A 37 12.39 -1.34 4.83
C VAL A 37 11.12 -1.98 5.36
N LEU A 38 9.94 -1.67 4.77
CA LEU A 38 8.67 -2.31 5.07
C LEU A 38 8.61 -3.69 4.47
N ALA A 39 9.36 -3.93 3.39
CA ALA A 39 9.48 -5.22 2.73
C ALA A 39 10.07 -6.24 3.68
N LYS A 40 10.76 -5.84 4.74
CA LYS A 40 11.44 -6.64 5.73
C LYS A 40 10.67 -6.58 7.03
N GLU A 41 10.05 -5.46 7.42
CA GLU A 41 9.38 -5.35 8.70
C GLU A 41 8.11 -6.16 8.68
N LEU A 42 7.27 -6.06 7.63
CA LEU A 42 6.07 -6.87 7.56
C LEU A 42 6.38 -8.33 7.32
N ALA A 43 7.57 -8.64 6.79
CA ALA A 43 8.13 -9.96 6.71
C ALA A 43 8.41 -10.67 8.03
N THR A 44 8.65 -9.85 9.06
CA THR A 44 8.91 -10.31 10.41
C THR A 44 7.70 -10.11 11.32
N THR A 45 6.52 -9.92 10.72
CA THR A 45 5.30 -9.72 11.48
C THR A 45 5.27 -8.33 12.08
N GLY A 46 5.96 -7.35 11.52
CA GLY A 46 6.36 -6.10 12.17
C GLY A 46 5.53 -4.91 11.71
N GLU A 47 5.20 -4.05 12.68
CA GLU A 47 4.21 -3.01 12.50
C GLU A 47 4.96 -1.75 12.08
N VAL A 48 4.18 -1.09 11.22
CA VAL A 48 4.45 0.19 10.59
C VAL A 48 3.15 0.98 10.67
N ARG A 49 3.29 2.25 11.04
CA ARG A 49 2.17 3.19 11.09
C ARG A 49 2.60 4.39 10.26
N LEU A 50 1.79 4.77 9.26
CA LEU A 50 2.12 5.89 8.41
C LEU A 50 1.15 7.05 8.51
N PHE A 51 1.45 8.23 9.08
CA PHE A 51 0.46 9.23 9.36
C PHE A 51 0.06 9.86 8.03
N ASP A 52 -1.23 10.18 7.90
CA ASP A 52 -1.89 10.82 6.79
C ASP A 52 -2.17 9.82 5.68
N ILE A 53 -1.73 8.57 5.78
CA ILE A 53 -2.03 7.52 4.83
C ILE A 53 -2.80 6.40 5.53
N GLY A 54 -2.26 5.69 6.52
CA GLY A 54 -2.81 4.51 7.15
C GLY A 54 -1.75 3.75 7.93
N LYS A 55 -2.08 2.56 8.46
CA LYS A 55 -1.21 1.65 9.18
C LYS A 55 -1.32 0.22 8.67
N PHE A 56 -0.18 -0.45 8.87
CA PHE A 56 -0.11 -1.81 8.39
C PHE A 56 -0.45 -2.84 9.46
N LYS A 57 -1.55 -3.57 9.22
CA LYS A 57 -2.13 -4.52 10.14
C LYS A 57 -1.55 -5.88 9.84
N LEU A 58 -1.31 -6.65 10.91
CA LEU A 58 -0.96 -8.06 10.76
C LEU A 58 -2.20 -8.86 11.13
N VAL A 59 -2.72 -9.70 10.22
CA VAL A 59 -3.90 -10.52 10.48
C VAL A 59 -3.42 -11.94 10.64
N THR A 60 -4.20 -12.89 11.19
CA THR A 60 -3.97 -14.32 11.20
C THR A 60 -5.08 -14.98 10.40
N THR A 61 -4.95 -16.28 10.11
CA THR A 61 -5.93 -17.19 9.54
C THR A 61 -5.96 -18.40 10.48
N LYS A 62 -6.98 -18.59 11.32
CA LYS A 62 -7.13 -19.46 12.46
C LYS A 62 -6.61 -20.88 12.25
N PRO A 63 -6.21 -21.59 13.30
CA PRO A 63 -5.79 -22.97 13.13
C PRO A 63 -6.94 -23.93 12.98
N ARG A 64 -6.61 -25.13 12.49
CA ARG A 64 -7.50 -26.17 12.01
C ARG A 64 -7.08 -27.55 12.51
N THR A 65 -8.00 -28.48 12.27
CA THR A 65 -7.81 -29.91 12.40
C THR A 65 -8.22 -30.61 11.13
N GLY A 66 -7.65 -31.81 10.97
CA GLY A 66 -8.11 -32.82 10.04
C GLY A 66 -7.99 -34.14 10.77
N ILE A 67 -8.12 -35.21 9.99
CA ILE A 67 -7.95 -36.58 10.44
C ILE A 67 -6.93 -37.25 9.54
N ASN A 68 -6.35 -38.35 10.04
CA ASN A 68 -5.51 -39.25 9.27
C ASN A 68 -6.48 -39.99 8.36
N PRO A 69 -6.13 -40.38 7.13
CA PRO A 69 -6.97 -41.05 6.15
C PRO A 69 -6.95 -42.58 6.18
N LYS A 70 -6.07 -43.18 6.99
CA LYS A 70 -5.85 -44.60 7.10
C LYS A 70 -5.80 -45.15 8.50
N THR A 71 -6.14 -44.33 9.50
CA THR A 71 -6.33 -44.52 10.92
C THR A 71 -7.26 -43.43 11.43
N LYS A 72 -8.00 -43.53 12.54
CA LYS A 72 -8.83 -42.59 13.24
C LYS A 72 -8.10 -41.65 14.20
N GLN A 73 -6.98 -41.11 13.73
CA GLN A 73 -5.99 -40.27 14.42
C GLN A 73 -6.06 -38.82 13.97
N LYS A 74 -6.05 -37.85 14.88
CA LYS A 74 -6.25 -36.44 14.62
C LYS A 74 -4.98 -35.81 14.06
N ILE A 75 -5.07 -34.66 13.39
CA ILE A 75 -3.95 -33.90 12.85
C ILE A 75 -4.10 -32.42 13.20
N GLN A 76 -3.07 -31.79 13.74
CA GLN A 76 -3.13 -30.39 14.14
C GLN A 76 -2.56 -29.60 12.96
N ILE A 77 -3.31 -28.62 12.45
CA ILE A 77 -2.90 -27.78 11.35
C ILE A 77 -2.68 -26.41 11.99
N PRO A 78 -1.63 -25.69 11.57
CA PRO A 78 -1.34 -24.38 12.10
C PRO A 78 -2.17 -23.24 11.54
N ALA A 79 -2.21 -22.17 12.32
CA ALA A 79 -2.55 -20.91 11.69
C ALA A 79 -1.52 -20.43 10.67
N GLY A 80 -2.01 -19.47 9.88
CA GLY A 80 -1.23 -18.74 8.91
C GLY A 80 -1.41 -17.26 9.17
N LYS A 81 -0.70 -16.38 8.46
CA LYS A 81 -0.53 -14.97 8.76
C LYS A 81 -0.47 -14.15 7.47
N LYS A 82 -1.22 -13.05 7.39
CA LYS A 82 -1.22 -12.16 6.24
C LYS A 82 -1.03 -10.73 6.70
N ILE A 83 -0.77 -9.79 5.79
CA ILE A 83 -0.60 -8.39 6.11
C ILE A 83 -1.84 -7.77 5.51
N LYS A 84 -2.28 -6.65 6.07
CA LYS A 84 -3.42 -5.91 5.58
C LYS A 84 -3.17 -4.43 5.84
N LEU A 85 -3.55 -3.56 4.89
CA LEU A 85 -3.51 -2.11 4.98
C LEU A 85 -4.82 -1.63 5.59
N THR A 86 -4.76 -0.69 6.53
CA THR A 86 -5.88 0.09 7.01
C THR A 86 -5.63 1.58 6.73
N VAL A 87 -6.50 2.30 6.01
CA VAL A 87 -6.24 3.59 5.42
C VAL A 87 -7.10 4.61 6.16
N SER A 88 -6.46 5.75 6.42
CA SER A 88 -7.00 6.83 7.23
C SER A 88 -7.97 7.62 6.36
N LYS A 89 -9.13 8.03 6.89
CA LYS A 89 -10.16 8.90 6.33
C LYS A 89 -9.74 10.13 5.53
N ILE A 90 -8.68 10.77 6.03
CA ILE A 90 -8.11 12.00 5.52
C ILE A 90 -7.71 11.93 4.05
N LEU A 91 -7.15 10.81 3.57
CA LEU A 91 -6.77 10.56 2.19
C LEU A 91 -7.96 10.02 1.42
N THR A 92 -9.11 9.61 1.97
CA THR A 92 -10.16 8.79 1.40
C THR A 92 -11.56 9.13 1.90
N ASP A 93 -11.75 10.44 2.03
CA ASP A 93 -13.03 11.04 2.33
C ASP A 93 -12.87 12.45 1.80
N ALA A 94 -13.94 12.92 1.15
CA ALA A 94 -14.14 14.24 0.61
C ALA A 94 -13.24 14.60 -0.56
N VAL A 95 -11.94 14.28 -0.50
CA VAL A 95 -10.92 14.70 -1.44
C VAL A 95 -9.81 13.66 -1.48
N ASP A 96 -9.00 13.75 -2.53
CA ASP A 96 -7.86 12.92 -2.86
C ASP A 96 -8.38 11.70 -3.60
N SER A 97 -8.32 10.52 -2.98
CA SER A 97 -8.68 9.26 -3.61
C SER A 97 -10.17 9.08 -3.86
N HIS A 98 -10.97 9.94 -3.24
CA HIS A 98 -12.39 9.65 -3.10
C HIS A 98 -13.10 11.00 -3.02
N LYS A 99 -12.87 11.83 -4.04
CA LYS A 99 -13.56 13.05 -4.38
C LYS A 99 -14.92 12.64 -4.92
N MET B 1 8.92 -2.47 19.12
CA MET B 1 8.26 -1.22 18.73
C MET B 1 7.72 -1.04 17.32
N ALA B 2 6.58 -0.37 17.12
CA ALA B 2 6.07 0.01 15.82
C ALA B 2 6.83 1.10 15.09
N LYS B 3 7.40 0.96 13.88
CA LYS B 3 8.35 1.88 13.27
C LYS B 3 7.64 3.00 12.55
N ILE B 4 7.67 4.18 13.18
CA ILE B 4 7.15 5.48 12.85
C ILE B 4 8.24 6.21 12.08
N LYS B 5 7.87 7.33 11.44
CA LYS B 5 8.66 8.26 10.65
C LYS B 5 10.04 8.64 11.17
N SER B 6 10.16 8.94 12.47
CA SER B 6 11.38 9.53 13.01
C SER B 6 12.39 8.43 13.30
N LEU B 7 11.99 7.26 13.78
CA LEU B 7 12.77 6.06 13.98
C LEU B 7 13.28 5.42 12.69
N SER B 8 12.60 5.63 11.55
CA SER B 8 12.92 4.91 10.35
C SER B 8 13.80 5.83 9.53
N ALA B 9 14.18 7.05 9.95
CA ALA B 9 14.77 8.13 9.19
C ALA B 9 16.14 7.77 8.63
N ALA B 10 17.00 7.15 9.44
CA ALA B 10 18.29 6.72 8.93
C ALA B 10 18.22 5.25 8.53
N GLU B 11 17.12 4.54 8.78
CA GLU B 11 16.98 3.13 8.52
C GLU B 11 16.82 2.95 7.01
N TYR B 12 16.28 3.98 6.36
CA TYR B 12 15.94 4.01 4.95
C TYR B 12 17.26 4.09 4.20
N LEU B 13 18.22 4.88 4.68
CA LEU B 13 19.52 5.10 4.07
C LEU B 13 20.53 4.01 4.40
N LYS B 14 20.44 3.33 5.56
CA LYS B 14 21.11 2.11 5.88
C LYS B 14 20.68 1.01 4.94
N GLU B 15 19.45 1.02 4.44
CA GLU B 15 19.07 0.06 3.42
C GLU B 15 19.50 0.43 1.99
N MET B 16 19.09 1.60 1.49
CA MET B 16 19.47 2.07 0.18
C MET B 16 19.83 3.55 0.20
N ALA B 17 21.06 3.89 -0.14
CA ALA B 17 21.52 5.26 -0.33
C ALA B 17 22.26 5.54 -1.63
N ASP B 18 22.93 4.51 -2.13
CA ASP B 18 23.81 4.45 -3.27
C ASP B 18 25.09 5.22 -2.93
N GLU B 19 25.70 4.76 -1.84
CA GLU B 19 26.68 5.44 -1.01
C GLU B 19 26.02 6.63 -0.33
N THR B 20 26.00 7.80 -0.98
CA THR B 20 25.47 9.01 -0.40
C THR B 20 24.89 9.92 -1.48
N ASN B 21 24.27 9.27 -2.47
CA ASN B 21 23.30 9.81 -3.42
C ASN B 21 22.02 10.26 -2.75
N ILE B 22 21.28 9.41 -2.03
CA ILE B 22 20.08 9.78 -1.32
C ILE B 22 20.52 10.10 0.11
N LYS B 23 19.99 11.21 0.64
CA LYS B 23 20.17 11.77 1.97
C LYS B 23 18.86 12.17 2.60
N VAL B 24 18.85 12.43 3.92
CA VAL B 24 17.70 12.69 4.77
C VAL B 24 16.97 13.96 4.34
N GLN B 25 17.70 14.93 3.79
CA GLN B 25 17.19 16.01 2.98
C GLN B 25 16.07 15.60 2.03
N ASP B 26 16.21 14.49 1.29
CA ASP B 26 15.31 14.05 0.24
C ASP B 26 14.07 13.42 0.85
N ILE B 27 14.22 12.66 1.94
CA ILE B 27 13.23 11.96 2.73
C ILE B 27 12.18 12.92 3.26
N ARG B 28 12.69 14.03 3.81
CA ARG B 28 11.92 15.13 4.35
C ARG B 28 11.06 15.90 3.37
N LEU B 29 11.29 15.77 2.06
CA LEU B 29 10.36 16.22 1.05
C LEU B 29 9.31 15.16 0.72
N VAL B 30 9.76 13.91 0.52
CA VAL B 30 9.00 12.88 -0.17
C VAL B 30 8.09 12.21 0.86
N VAL B 31 8.37 12.17 2.16
CA VAL B 31 7.58 11.52 3.18
C VAL B 31 6.25 12.21 3.47
N THR B 32 6.07 13.46 3.03
CA THR B 32 4.93 14.31 3.29
C THR B 32 4.37 14.86 1.98
N SER B 33 4.54 14.11 0.88
CA SER B 33 3.99 14.39 -0.42
C SER B 33 3.75 13.24 -1.38
N LEU B 34 4.54 12.16 -1.34
CA LEU B 34 4.48 11.07 -2.28
C LEU B 34 3.12 10.39 -2.36
N GLN B 35 2.47 10.36 -1.19
CA GLN B 35 1.18 9.75 -0.98
C GLN B 35 0.00 10.50 -1.59
N LYS B 36 0.07 11.83 -1.50
CA LYS B 36 -0.81 12.81 -2.10
C LYS B 36 -0.76 12.82 -3.62
N VAL B 37 0.42 12.70 -4.23
CA VAL B 37 0.50 12.66 -5.67
C VAL B 37 0.05 11.30 -6.19
N LEU B 38 0.09 10.17 -5.48
CA LEU B 38 -0.29 8.84 -5.89
C LEU B 38 -1.79 8.69 -5.68
N ALA B 39 -2.45 9.40 -4.74
CA ALA B 39 -3.85 9.43 -4.41
C ALA B 39 -4.66 10.08 -5.52
N LYS B 40 -4.09 11.04 -6.26
CA LYS B 40 -4.50 11.52 -7.57
C LYS B 40 -4.63 10.44 -8.63
N GLU B 41 -3.67 9.52 -8.72
CA GLU B 41 -3.65 8.49 -9.75
C GLU B 41 -4.57 7.32 -9.44
N LEU B 42 -4.70 7.10 -8.12
CA LEU B 42 -5.54 6.10 -7.50
C LEU B 42 -7.04 6.23 -7.70
N ALA B 43 -7.51 7.49 -7.65
CA ALA B 43 -8.86 8.00 -7.83
C ALA B 43 -9.60 7.64 -9.10
N THR B 44 -9.00 6.92 -10.04
CA THR B 44 -9.58 6.47 -11.30
C THR B 44 -9.05 5.08 -11.61
N THR B 45 -8.56 4.36 -10.62
CA THR B 45 -8.12 2.98 -10.71
C THR B 45 -6.66 3.06 -11.11
N GLY B 46 -5.75 3.07 -10.11
CA GLY B 46 -4.30 3.10 -10.28
C GLY B 46 -3.80 1.88 -9.53
N GLU B 47 -3.11 0.96 -10.20
CA GLU B 47 -2.25 -0.02 -9.56
C GLU B 47 -0.86 0.58 -9.39
N VAL B 48 -0.65 1.19 -8.23
CA VAL B 48 0.58 1.77 -7.73
C VAL B 48 1.55 0.67 -7.33
N ARG B 49 2.43 0.32 -8.28
CA ARG B 49 3.39 -0.75 -8.21
C ARG B 49 4.63 -0.11 -7.60
N LEU B 50 5.07 -0.63 -6.46
CA LEU B 50 6.17 -0.11 -5.65
C LEU B 50 7.10 -1.26 -5.35
N PHE B 51 8.39 -0.90 -5.31
CA PHE B 51 9.54 -1.77 -5.41
C PHE B 51 9.75 -2.51 -4.09
N ASP B 52 9.38 -3.80 -3.99
CA ASP B 52 9.62 -4.77 -2.94
C ASP B 52 8.48 -4.85 -1.94
N ILE B 53 7.56 -3.88 -1.81
CA ILE B 53 6.34 -3.75 -1.03
C ILE B 53 5.19 -4.43 -1.75
N GLY B 54 5.12 -4.38 -3.09
CA GLY B 54 4.08 -5.08 -3.81
C GLY B 54 3.45 -4.12 -4.81
N LYS B 55 2.14 -3.91 -4.71
CA LYS B 55 1.42 -2.91 -5.46
C LYS B 55 0.34 -2.51 -4.47
N PHE B 56 -0.11 -1.27 -4.61
CA PHE B 56 -1.33 -0.78 -3.99
C PHE B 56 -2.27 -0.53 -5.18
N LYS B 57 -3.57 -0.69 -4.94
CA LYS B 57 -4.66 -0.56 -5.88
C LYS B 57 -5.83 0.15 -5.23
N LEU B 58 -6.68 0.85 -6.02
CA LEU B 58 -7.99 1.12 -5.49
C LEU B 58 -8.98 0.03 -5.86
N VAL B 59 -9.79 -0.29 -4.85
CA VAL B 59 -10.97 -1.14 -4.92
C VAL B 59 -12.26 -0.35 -4.75
N THR B 60 -13.08 -0.35 -5.80
CA THR B 60 -14.44 0.14 -5.77
C THR B 60 -15.41 -0.73 -4.96
N THR B 61 -16.28 -0.16 -4.12
CA THR B 61 -17.30 -0.95 -3.44
C THR B 61 -18.56 -1.09 -4.28
N LYS B 62 -19.20 -2.26 -4.17
CA LYS B 62 -20.37 -2.57 -4.95
C LYS B 62 -21.53 -1.60 -4.91
N PRO B 63 -21.81 -0.68 -5.84
CA PRO B 63 -22.85 0.33 -5.75
C PRO B 63 -24.26 -0.24 -5.88
N ARG B 64 -25.19 0.63 -5.49
CA ARG B 64 -26.61 0.30 -5.40
C ARG B 64 -27.19 0.83 -6.70
N THR B 65 -28.32 0.31 -7.16
CA THR B 65 -29.00 0.62 -8.40
C THR B 65 -30.49 0.79 -8.14
N GLY B 66 -31.15 1.85 -8.62
CA GLY B 66 -32.59 2.04 -8.65
C GLY B 66 -33.01 2.55 -10.02
N ILE B 67 -34.32 2.79 -10.21
CA ILE B 67 -34.97 3.17 -11.44
C ILE B 67 -35.61 4.54 -11.24
N ASN B 68 -35.36 5.40 -12.22
CA ASN B 68 -35.98 6.71 -12.21
C ASN B 68 -37.38 6.47 -12.75
N PRO B 69 -38.44 6.90 -12.05
CA PRO B 69 -39.81 6.62 -12.45
C PRO B 69 -40.29 7.53 -13.58
N LYS B 70 -39.62 8.65 -13.83
CA LYS B 70 -40.08 9.76 -14.62
C LYS B 70 -39.33 9.94 -15.93
N THR B 71 -38.24 9.19 -16.05
CA THR B 71 -37.50 9.15 -17.29
C THR B 71 -36.88 7.76 -17.38
N LYS B 72 -36.19 7.40 -18.47
CA LYS B 72 -35.91 6.08 -18.99
C LYS B 72 -34.59 5.49 -18.52
N GLN B 73 -34.23 5.90 -17.31
CA GLN B 73 -32.91 5.87 -16.68
C GLN B 73 -32.82 5.01 -15.44
N LYS B 74 -31.60 4.50 -15.22
CA LYS B 74 -31.14 3.89 -13.98
C LYS B 74 -30.43 4.94 -13.13
N ILE B 75 -30.55 4.84 -11.81
CA ILE B 75 -29.87 5.75 -10.90
C ILE B 75 -28.87 4.80 -10.25
N GLN B 76 -27.60 5.21 -10.14
CA GLN B 76 -26.67 4.47 -9.31
C GLN B 76 -26.28 5.34 -8.13
N ILE B 77 -26.32 4.73 -6.94
CA ILE B 77 -25.98 5.39 -5.69
C ILE B 77 -24.73 4.67 -5.17
N PRO B 78 -23.61 5.33 -4.91
CA PRO B 78 -22.32 4.73 -4.61
C PRO B 78 -22.24 4.20 -3.19
N ALA B 79 -21.26 3.30 -3.06
CA ALA B 79 -20.77 2.63 -1.89
C ALA B 79 -19.35 3.06 -1.59
N GLY B 80 -18.55 3.37 -2.62
CA GLY B 80 -17.38 4.21 -2.60
C GLY B 80 -16.18 3.40 -3.06
N LYS B 81 -14.96 3.77 -2.65
CA LYS B 81 -13.70 3.24 -3.14
C LYS B 81 -12.62 3.56 -2.09
N LYS B 82 -11.60 2.72 -1.99
CA LYS B 82 -10.46 2.75 -1.10
C LYS B 82 -9.25 2.04 -1.67
N ILE B 83 -8.08 2.38 -1.14
CA ILE B 83 -6.80 1.75 -1.42
C ILE B 83 -6.84 0.42 -0.67
N LYS B 84 -6.47 -0.62 -1.43
CA LYS B 84 -6.07 -1.91 -0.92
C LYS B 84 -4.60 -2.09 -1.21
N LEU B 85 -3.93 -2.92 -0.40
CA LEU B 85 -2.58 -3.43 -0.54
C LEU B 85 -2.75 -4.79 -1.21
N THR B 86 -1.69 -5.38 -1.75
CA THR B 86 -1.39 -6.75 -2.07
C THR B 86 0.11 -6.92 -2.22
N VAL B 87 0.73 -7.60 -1.25
CA VAL B 87 2.16 -7.70 -1.03
C VAL B 87 2.91 -8.38 -2.16
N SER B 88 4.22 -8.19 -2.23
CA SER B 88 5.10 -8.81 -3.22
C SER B 88 5.20 -10.33 -3.04
N LYS B 89 6.10 -11.03 -3.70
CA LYS B 89 6.46 -12.42 -3.46
C LYS B 89 7.33 -12.60 -2.21
N ILE B 90 8.13 -11.60 -1.81
CA ILE B 90 9.05 -11.54 -0.69
C ILE B 90 8.31 -11.80 0.60
N LEU B 91 7.31 -10.95 0.78
CA LEU B 91 6.25 -10.93 1.77
C LEU B 91 5.26 -12.05 1.57
N THR B 92 5.33 -12.99 0.61
CA THR B 92 4.41 -14.11 0.53
C THR B 92 5.25 -15.23 1.11
N ASP B 93 6.48 -15.46 0.63
CA ASP B 93 7.46 -16.45 1.00
C ASP B 93 7.84 -16.42 2.47
N ALA B 94 8.24 -15.26 2.99
CA ALA B 94 8.82 -15.13 4.31
C ALA B 94 7.81 -15.27 5.44
N VAL B 95 6.54 -15.05 5.07
CA VAL B 95 5.37 -15.11 5.91
C VAL B 95 4.54 -16.38 5.75
N ASP B 96 4.67 -17.15 4.67
CA ASP B 96 4.04 -18.45 4.50
C ASP B 96 4.84 -19.61 5.07
N SER B 97 6.13 -19.35 5.22
CA SER B 97 7.18 -20.20 5.73
C SER B 97 8.24 -19.26 6.31
N HIS B 98 8.12 -18.95 7.60
CA HIS B 98 9.00 -18.13 8.41
C HIS B 98 10.30 -18.89 8.61
N LYS B 99 11.49 -18.29 8.42
CA LYS B 99 12.80 -18.80 8.76
C LYS B 99 13.61 -17.73 9.49
N MET A 1 -8.92 1.83 -28.01
CA MET A 1 -9.10 0.88 -26.91
C MET A 1 -8.78 1.64 -25.63
N ALA A 2 -9.60 1.45 -24.58
CA ALA A 2 -9.40 2.00 -23.24
C ALA A 2 -8.32 1.17 -22.58
N LYS A 3 -7.14 1.74 -22.32
CA LYS A 3 -6.05 1.17 -21.58
C LYS A 3 -5.77 1.99 -20.34
N ILE A 4 -5.67 1.34 -19.18
CA ILE A 4 -5.47 1.80 -17.82
C ILE A 4 -3.97 2.05 -17.72
N LYS A 5 -3.57 3.10 -17.01
CA LYS A 5 -2.20 3.53 -16.78
C LYS A 5 -1.56 2.69 -15.68
N SER A 6 -0.28 2.40 -15.88
CA SER A 6 0.67 1.86 -14.92
C SER A 6 1.74 2.92 -14.71
N LEU A 7 2.24 3.22 -13.50
CA LEU A 7 3.26 4.20 -13.22
C LEU A 7 4.19 3.69 -12.13
N SER A 8 5.19 4.44 -11.67
CA SER A 8 6.14 4.10 -10.63
C SER A 8 6.56 5.45 -10.08
N ALA A 9 7.74 5.46 -9.45
CA ALA A 9 8.49 6.52 -8.79
C ALA A 9 8.90 7.71 -9.65
N ALA A 10 8.96 7.47 -10.95
CA ALA A 10 9.07 8.35 -12.10
C ALA A 10 8.06 9.48 -12.17
N GLU A 11 6.79 9.16 -11.95
CA GLU A 11 5.59 9.97 -12.08
C GLU A 11 5.51 11.03 -10.99
N TYR A 12 6.37 10.96 -9.97
CA TYR A 12 6.48 12.01 -8.96
C TYR A 12 7.41 13.15 -9.40
N LEU A 13 8.33 12.87 -10.32
CA LEU A 13 9.33 13.83 -10.72
C LEU A 13 8.70 14.85 -11.66
N LYS A 14 7.48 14.75 -12.19
CA LYS A 14 6.85 15.80 -12.98
C LYS A 14 6.22 16.87 -12.09
N GLU A 15 5.95 16.60 -10.82
CA GLU A 15 5.41 17.53 -9.84
C GLU A 15 6.54 18.30 -9.18
N MET A 16 7.59 17.61 -8.71
CA MET A 16 8.91 18.02 -8.28
C MET A 16 9.81 18.64 -9.34
N ALA A 17 9.30 19.02 -10.52
CA ALA A 17 10.01 19.41 -11.72
C ALA A 17 10.66 20.79 -11.64
N ASP A 18 10.56 21.59 -10.57
CA ASP A 18 11.39 22.76 -10.39
C ASP A 18 12.53 22.47 -9.43
N GLU A 19 12.17 21.80 -8.32
CA GLU A 19 13.06 21.48 -7.23
C GLU A 19 13.99 20.32 -7.56
N THR A 20 13.90 19.76 -8.78
CA THR A 20 14.98 18.98 -9.36
C THR A 20 15.75 19.81 -10.36
N ASN A 21 16.93 20.23 -9.92
CA ASN A 21 17.81 21.16 -10.61
C ASN A 21 19.28 20.79 -10.46
N ILE A 22 19.71 20.07 -9.43
CA ILE A 22 21.01 19.45 -9.29
C ILE A 22 20.93 17.95 -9.42
N LYS A 23 19.76 17.42 -9.06
CA LYS A 23 19.44 16.02 -9.27
C LYS A 23 18.01 15.82 -9.72
N VAL A 24 17.70 14.60 -10.15
CA VAL A 24 16.45 14.14 -10.73
C VAL A 24 16.31 12.63 -10.60
N GLN A 25 17.23 11.95 -11.28
CA GLN A 25 17.37 10.50 -11.35
C GLN A 25 17.42 9.66 -10.10
N ASP A 26 18.14 10.22 -9.13
CA ASP A 26 18.49 9.51 -7.91
C ASP A 26 17.35 9.59 -6.91
N ILE A 27 16.32 10.43 -7.12
CA ILE A 27 15.15 10.64 -6.30
C ILE A 27 14.31 9.38 -6.32
N ARG A 28 14.37 8.60 -7.40
CA ARG A 28 13.84 7.27 -7.52
C ARG A 28 14.42 6.36 -6.44
N LEU A 29 15.72 6.42 -6.12
CA LEU A 29 16.30 5.61 -5.08
C LEU A 29 15.80 6.09 -3.74
N VAL A 30 15.74 7.41 -3.49
CA VAL A 30 15.08 7.99 -2.35
C VAL A 30 13.73 7.43 -1.97
N VAL A 31 12.82 7.30 -2.94
CA VAL A 31 11.45 6.86 -2.80
C VAL A 31 11.31 5.37 -2.54
N THR A 32 12.25 4.60 -3.11
CA THR A 32 12.30 3.15 -3.05
C THR A 32 12.59 2.68 -1.61
N SER A 33 13.44 3.36 -0.85
CA SER A 33 14.02 2.95 0.42
C SER A 33 12.88 2.80 1.42
N LEU A 34 11.82 3.59 1.28
CA LEU A 34 10.57 3.62 2.02
C LEU A 34 9.79 2.32 1.78
N GLN A 35 9.84 1.74 0.60
CA GLN A 35 9.08 0.57 0.21
C GLN A 35 9.78 -0.71 0.64
N LYS A 36 11.09 -0.66 0.85
CA LYS A 36 11.94 -1.75 1.31
C LYS A 36 11.67 -1.90 2.81
N VAL A 37 11.35 -0.86 3.58
CA VAL A 37 11.11 -0.90 5.02
C VAL A 37 9.80 -1.58 5.35
N LEU A 38 8.89 -1.65 4.37
CA LEU A 38 7.63 -2.35 4.46
C LEU A 38 7.95 -3.79 4.12
N ALA A 39 8.61 -4.11 3.01
CA ALA A 39 8.98 -5.42 2.52
C ALA A 39 9.64 -6.44 3.45
N LYS A 40 10.38 -5.95 4.43
CA LYS A 40 11.13 -6.63 5.48
C LYS A 40 10.28 -6.84 6.73
N GLU A 41 9.68 -5.76 7.22
CA GLU A 41 8.90 -5.72 8.44
C GLU A 41 7.60 -6.51 8.32
N LEU A 42 6.91 -6.36 7.18
CA LEU A 42 5.64 -6.99 6.94
C LEU A 42 5.83 -8.47 6.62
N ALA A 43 7.01 -8.91 6.18
CA ALA A 43 7.33 -10.30 5.95
C ALA A 43 7.62 -11.05 7.24
N THR A 44 8.06 -10.28 8.24
CA THR A 44 8.29 -10.69 9.61
C THR A 44 7.13 -10.39 10.56
N THR A 45 5.98 -10.11 9.93
CA THR A 45 4.63 -10.07 10.45
C THR A 45 4.56 -9.01 11.54
N GLY A 46 5.05 -7.82 11.19
CA GLY A 46 5.42 -6.64 11.94
C GLY A 46 4.76 -5.43 11.31
N GLU A 47 4.37 -4.40 12.06
CA GLU A 47 3.41 -3.37 11.73
C GLU A 47 4.11 -2.03 11.65
N VAL A 48 3.68 -1.26 10.65
CA VAL A 48 4.13 0.08 10.39
C VAL A 48 2.92 1.00 10.45
N ARG A 49 3.03 2.12 11.19
CA ARG A 49 2.11 3.23 11.10
C ARG A 49 2.58 4.20 10.02
N LEU A 50 1.78 4.65 9.05
CA LEU A 50 2.04 5.41 7.84
C LEU A 50 1.42 6.77 8.13
N PHE A 51 2.28 7.78 8.20
CA PHE A 51 1.92 9.14 8.56
C PHE A 51 1.06 9.80 7.48
N ASP A 52 -0.07 10.38 7.90
CA ASP A 52 -1.02 11.11 7.10
C ASP A 52 -1.84 10.19 6.20
N ILE A 53 -1.80 8.86 6.37
CA ILE A 53 -2.35 7.82 5.53
C ILE A 53 -3.15 6.81 6.35
N GLY A 54 -2.53 6.20 7.37
CA GLY A 54 -3.12 5.16 8.18
C GLY A 54 -2.10 4.09 8.54
N LYS A 55 -2.51 2.83 8.39
CA LYS A 55 -1.58 1.76 8.63
C LYS A 55 -1.59 0.59 7.65
N PHE A 56 -0.80 -0.44 7.96
CA PHE A 56 -1.10 -1.81 7.56
C PHE A 56 -1.76 -2.58 8.69
N LYS A 57 -2.85 -3.29 8.39
CA LYS A 57 -3.50 -4.18 9.33
C LYS A 57 -2.90 -5.57 9.05
N LEU A 58 -2.40 -6.27 10.08
CA LEU A 58 -1.72 -7.54 10.18
C LEU A 58 -2.85 -8.48 10.55
N VAL A 59 -3.45 -9.20 9.58
CA VAL A 59 -4.58 -10.04 9.87
C VAL A 59 -4.08 -11.46 10.14
N THR A 60 -4.60 -12.08 11.22
CA THR A 60 -4.29 -13.44 11.60
C THR A 60 -5.44 -14.35 12.02
N THR A 61 -5.58 -15.50 11.37
CA THR A 61 -6.40 -16.58 11.90
C THR A 61 -5.48 -17.39 12.79
N LYS A 62 -5.79 -17.49 14.09
CA LYS A 62 -5.11 -18.16 15.17
C LYS A 62 -4.76 -19.61 14.88
N PRO A 63 -3.84 -20.21 15.66
CA PRO A 63 -3.72 -21.66 15.68
C PRO A 63 -4.86 -22.24 16.50
N ARG A 64 -5.32 -23.45 16.19
CA ARG A 64 -6.28 -24.23 16.93
C ARG A 64 -5.91 -25.70 16.90
N THR A 65 -6.72 -26.50 17.62
CA THR A 65 -6.72 -27.95 17.69
C THR A 65 -8.14 -28.49 17.62
N GLY A 66 -8.37 -29.38 16.66
CA GLY A 66 -9.59 -30.16 16.51
C GLY A 66 -9.21 -31.62 16.76
N ILE A 67 -10.13 -32.54 16.44
CA ILE A 67 -10.18 -33.97 16.56
C ILE A 67 -10.66 -34.51 15.23
N ASN A 68 -10.15 -35.72 14.93
CA ASN A 68 -10.72 -36.67 14.00
C ASN A 68 -12.14 -37.11 14.30
N PRO A 69 -13.09 -37.16 13.37
CA PRO A 69 -14.46 -37.43 13.78
C PRO A 69 -14.79 -38.89 14.06
N LYS A 70 -14.06 -39.87 13.57
CA LYS A 70 -14.31 -41.30 13.73
C LYS A 70 -13.47 -42.02 14.76
N THR A 71 -12.36 -41.40 15.17
CA THR A 71 -11.43 -41.87 16.19
C THR A 71 -11.06 -40.71 17.10
N LYS A 72 -10.59 -41.07 18.30
CA LYS A 72 -10.12 -40.05 19.20
C LYS A 72 -8.66 -39.82 18.80
N GLN A 73 -8.34 -38.74 18.10
CA GLN A 73 -7.04 -38.45 17.52
C GLN A 73 -7.04 -36.94 17.35
N LYS A 74 -6.00 -36.31 17.86
CA LYS A 74 -5.83 -34.87 17.77
C LYS A 74 -5.19 -34.37 16.48
N ILE A 75 -5.77 -33.32 15.87
CA ILE A 75 -5.38 -32.71 14.62
C ILE A 75 -5.16 -31.24 14.93
N GLN A 76 -3.99 -30.65 14.72
CA GLN A 76 -3.72 -29.23 14.87
C GLN A 76 -4.05 -28.46 13.59
N ILE A 77 -4.61 -27.26 13.77
CA ILE A 77 -4.90 -26.29 12.75
C ILE A 77 -3.88 -25.16 12.89
N PRO A 78 -2.99 -24.91 11.92
CA PRO A 78 -1.86 -24.03 12.05
C PRO A 78 -2.26 -22.56 11.97
N ALA A 79 -1.36 -21.70 12.44
CA ALA A 79 -1.54 -20.27 12.33
C ALA A 79 -1.38 -19.88 10.87
N GLY A 80 -2.34 -19.07 10.39
CA GLY A 80 -2.36 -18.40 9.10
C GLY A 80 -2.61 -16.90 9.17
N LYS A 81 -2.23 -16.10 8.17
CA LYS A 81 -2.11 -14.66 8.17
C LYS A 81 -2.28 -13.99 6.83
N LYS A 82 -2.79 -12.75 6.77
CA LYS A 82 -2.86 -11.93 5.58
C LYS A 82 -2.46 -10.50 5.93
N ILE A 83 -1.96 -9.75 4.94
CA ILE A 83 -1.78 -8.31 4.94
C ILE A 83 -3.02 -7.68 4.36
N LYS A 84 -3.48 -6.58 4.95
CA LYS A 84 -4.47 -5.62 4.50
C LYS A 84 -3.87 -4.24 4.70
N LEU A 85 -3.77 -3.48 3.62
CA LEU A 85 -3.47 -2.07 3.67
C LEU A 85 -4.67 -1.35 4.28
N THR A 86 -4.56 -0.41 5.21
CA THR A 86 -5.70 0.31 5.76
C THR A 86 -5.47 1.81 5.72
N VAL A 87 -5.86 2.49 4.64
CA VAL A 87 -5.71 3.92 4.47
C VAL A 87 -6.98 4.51 5.12
N SER A 88 -6.75 5.47 6.01
CA SER A 88 -7.76 6.19 6.77
C SER A 88 -8.35 7.30 5.92
N LYS A 89 -9.52 7.79 6.34
CA LYS A 89 -10.34 8.87 5.85
C LYS A 89 -9.64 10.06 5.20
N ILE A 90 -8.53 10.47 5.81
CA ILE A 90 -7.58 11.51 5.47
C ILE A 90 -7.04 11.52 4.04
N LEU A 91 -7.26 10.51 3.19
CA LEU A 91 -6.76 10.46 1.83
C LEU A 91 -7.76 9.88 0.84
N THR A 92 -8.83 9.28 1.38
CA THR A 92 -9.72 8.40 0.64
C THR A 92 -11.18 8.44 1.10
N ASP A 93 -11.58 9.61 1.63
CA ASP A 93 -12.91 9.94 2.10
C ASP A 93 -13.04 11.45 2.14
N ALA A 94 -13.77 11.92 1.13
CA ALA A 94 -14.12 13.28 0.74
C ALA A 94 -12.83 14.03 0.46
N VAL A 95 -11.71 13.48 0.03
CA VAL A 95 -10.40 14.12 -0.06
C VAL A 95 -9.58 13.26 -1.01
N ASP A 96 -8.64 13.90 -1.71
CA ASP A 96 -7.59 13.36 -2.54
C ASP A 96 -7.80 12.22 -3.54
N SER A 97 -7.90 10.94 -3.13
CA SER A 97 -8.06 9.77 -3.95
C SER A 97 -9.53 9.52 -4.23
N HIS A 98 -10.40 9.94 -3.29
CA HIS A 98 -11.81 9.63 -3.29
C HIS A 98 -12.50 10.82 -2.63
N LYS A 99 -13.16 11.63 -3.47
CA LYS A 99 -13.78 12.92 -3.28
C LYS A 99 -15.05 13.13 -4.08
N MET B 1 5.31 -3.81 19.35
CA MET B 1 5.99 -2.56 19.01
C MET B 1 5.67 -2.28 17.55
N ALA B 2 4.93 -1.21 17.28
CA ALA B 2 4.63 -0.74 15.95
C ALA B 2 5.60 0.38 15.60
N LYS B 3 6.08 0.36 14.35
CA LYS B 3 7.02 1.32 13.80
C LYS B 3 6.25 2.56 13.37
N ILE B 4 6.46 3.71 14.03
CA ILE B 4 5.95 5.03 13.72
C ILE B 4 7.10 5.71 13.00
N LYS B 5 6.86 6.79 12.26
CA LYS B 5 7.79 7.52 11.43
C LYS B 5 9.21 7.68 11.98
N SER B 6 9.35 8.19 13.21
CA SER B 6 10.56 8.43 13.96
C SER B 6 11.62 7.33 13.92
N LEU B 7 11.17 6.09 14.18
CA LEU B 7 12.01 4.92 14.16
C LEU B 7 12.34 4.54 12.72
N SER B 8 11.33 4.63 11.87
CA SER B 8 11.41 4.21 10.48
C SER B 8 12.32 5.15 9.69
N ALA B 9 12.40 6.44 10.04
CA ALA B 9 13.16 7.49 9.38
C ALA B 9 14.67 7.31 9.43
N ALA B 10 15.07 6.42 10.34
CA ALA B 10 16.42 5.92 10.55
C ALA B 10 16.72 4.66 9.77
N GLU B 11 15.73 3.77 9.82
CA GLU B 11 15.72 2.45 9.22
C GLU B 11 15.80 2.53 7.70
N TYR B 12 15.31 3.63 7.12
CA TYR B 12 15.20 3.76 5.68
C TYR B 12 16.61 3.86 5.14
N LEU B 13 17.47 4.63 5.82
CA LEU B 13 18.87 4.79 5.51
C LEU B 13 19.75 3.66 6.04
N LYS B 14 19.23 2.77 6.88
CA LYS B 14 19.86 1.54 7.33
C LYS B 14 19.63 0.46 6.29
N GLU B 15 18.41 0.44 5.71
CA GLU B 15 18.01 -0.55 4.72
C GLU B 15 18.44 -0.25 3.30
N MET B 16 18.56 1.03 2.90
CA MET B 16 18.93 1.45 1.57
C MET B 16 19.39 2.90 1.68
N ALA B 17 20.72 3.08 1.60
CA ALA B 17 21.24 4.43 1.50
C ALA B 17 21.91 4.77 0.17
N ASP B 18 22.44 3.76 -0.51
CA ASP B 18 23.09 3.82 -1.81
C ASP B 18 24.42 4.56 -1.64
N GLU B 19 25.21 4.09 -0.66
CA GLU B 19 26.37 4.71 -0.04
C GLU B 19 25.90 5.78 0.92
N THR B 20 25.77 6.99 0.37
CA THR B 20 25.11 8.14 0.96
C THR B 20 24.62 9.04 -0.15
N ASN B 21 23.96 8.47 -1.15
CA ASN B 21 23.22 9.18 -2.19
C ASN B 21 21.90 9.59 -1.53
N ILE B 22 21.29 8.80 -0.65
CA ILE B 22 19.99 9.04 -0.06
C ILE B 22 20.31 9.61 1.32
N LYS B 23 19.65 10.69 1.72
CA LYS B 23 19.84 11.31 3.02
C LYS B 23 18.50 11.77 3.56
N VAL B 24 18.52 12.07 4.86
CA VAL B 24 17.35 12.57 5.56
C VAL B 24 16.73 13.79 4.89
N GLN B 25 17.56 14.69 4.36
CA GLN B 25 17.20 15.89 3.61
C GLN B 25 16.24 15.57 2.47
N ASP B 26 16.37 14.37 1.89
CA ASP B 26 15.67 14.05 0.66
C ASP B 26 14.36 13.30 0.89
N ILE B 27 14.36 12.57 2.00
CA ILE B 27 13.21 11.86 2.54
C ILE B 27 12.22 12.88 3.08
N ARG B 28 12.76 14.00 3.58
CA ARG B 28 12.02 15.09 4.19
C ARG B 28 11.03 15.78 3.26
N LEU B 29 11.24 15.86 1.94
CA LEU B 29 10.27 16.38 1.01
C LEU B 29 9.30 15.24 0.73
N VAL B 30 9.80 14.03 0.47
CA VAL B 30 9.01 12.87 0.10
C VAL B 30 7.87 12.46 1.03
N VAL B 31 8.25 12.12 2.26
CA VAL B 31 7.35 11.52 3.22
C VAL B 31 6.15 12.37 3.63
N THR B 32 6.09 13.64 3.23
CA THR B 32 5.00 14.55 3.48
C THR B 32 4.34 15.10 2.22
N SER B 33 4.61 14.56 1.04
CA SER B 33 4.07 14.84 -0.28
C SER B 33 3.53 13.62 -1.02
N LEU B 34 4.26 12.52 -1.03
CA LEU B 34 4.23 11.49 -2.05
C LEU B 34 2.91 10.74 -2.20
N GLN B 35 2.41 10.44 -0.99
CA GLN B 35 1.07 9.97 -0.74
C GLN B 35 -0.08 10.76 -1.40
N LYS B 36 0.18 12.06 -1.58
CA LYS B 36 -0.77 13.02 -2.09
C LYS B 36 -0.58 13.29 -3.58
N VAL B 37 0.68 13.33 -4.02
CA VAL B 37 1.02 13.62 -5.39
C VAL B 37 0.57 12.50 -6.30
N LEU B 38 0.76 11.26 -5.83
CA LEU B 38 0.24 10.01 -6.31
C LEU B 38 -1.29 9.95 -6.15
N ALA B 39 -1.95 10.66 -5.23
CA ALA B 39 -3.36 10.49 -4.96
C ALA B 39 -4.20 11.03 -6.12
N LYS B 40 -3.76 12.05 -6.85
CA LYS B 40 -4.27 12.58 -8.10
C LYS B 40 -4.01 11.79 -9.37
N GLU B 41 -2.94 10.99 -9.39
CA GLU B 41 -2.72 9.99 -10.41
C GLU B 41 -3.61 8.77 -10.18
N LEU B 42 -3.91 8.53 -8.90
CA LEU B 42 -4.74 7.44 -8.40
C LEU B 42 -6.20 7.73 -8.70
N ALA B 43 -6.65 8.95 -8.43
CA ALA B 43 -7.95 9.55 -8.70
C ALA B 43 -8.39 9.45 -10.15
N THR B 44 -7.50 9.34 -11.14
CA THR B 44 -7.82 9.03 -12.51
C THR B 44 -7.34 7.66 -12.96
N THR B 45 -7.07 6.76 -12.02
CA THR B 45 -6.69 5.37 -12.19
C THR B 45 -5.36 5.24 -12.93
N GLY B 46 -4.26 5.22 -12.17
CA GLY B 46 -2.92 4.83 -12.57
C GLY B 46 -2.58 3.76 -11.55
N GLU B 47 -2.28 2.50 -11.93
CA GLU B 47 -1.65 1.47 -11.12
C GLU B 47 -0.27 1.96 -10.70
N VAL B 48 0.06 2.04 -9.41
CA VAL B 48 1.30 2.63 -8.96
C VAL B 48 2.15 1.39 -8.63
N ARG B 49 3.17 1.15 -9.42
CA ARG B 49 3.97 -0.05 -9.35
C ARG B 49 5.35 0.24 -8.75
N LEU B 50 5.34 0.62 -7.48
CA LEU B 50 6.58 1.05 -6.84
C LEU B 50 7.30 -0.21 -6.41
N PHE B 51 8.63 -0.16 -6.46
CA PHE B 51 9.57 -1.26 -6.23
C PHE B 51 9.47 -1.84 -4.82
N ASP B 52 9.33 -3.16 -4.73
CA ASP B 52 9.53 -4.00 -3.56
C ASP B 52 8.24 -4.24 -2.79
N ILE B 53 7.38 -3.23 -2.68
CA ILE B 53 6.09 -3.33 -2.04
C ILE B 53 5.20 -4.24 -2.89
N GLY B 54 5.20 -4.04 -4.20
CA GLY B 54 4.17 -4.64 -5.04
C GLY B 54 3.51 -3.52 -5.83
N LYS B 55 2.18 -3.44 -5.79
CA LYS B 55 1.52 -2.32 -6.44
C LYS B 55 0.47 -1.68 -5.55
N PHE B 56 0.36 -0.36 -5.51
CA PHE B 56 -0.83 0.26 -4.96
C PHE B 56 -1.70 0.55 -6.17
N LYS B 57 -2.99 0.66 -5.85
CA LYS B 57 -4.12 0.79 -6.75
C LYS B 57 -5.44 1.18 -6.13
N LEU B 58 -6.29 1.90 -6.88
CA LEU B 58 -7.59 2.41 -6.54
C LEU B 58 -8.49 1.26 -6.99
N VAL B 59 -9.32 0.77 -6.06
CA VAL B 59 -10.24 -0.32 -6.36
C VAL B 59 -11.58 0.26 -5.92
N THR B 60 -12.56 0.13 -6.80
CA THR B 60 -13.93 0.59 -6.65
C THR B 60 -14.82 -0.45 -6.00
N THR B 61 -15.53 -0.09 -4.93
CA THR B 61 -16.36 -0.86 -4.03
C THR B 61 -17.72 -1.14 -4.67
N LYS B 62 -18.11 -2.42 -4.51
CA LYS B 62 -19.37 -3.03 -4.91
C LYS B 62 -20.64 -2.23 -4.69
N PRO B 63 -21.50 -1.84 -5.65
CA PRO B 63 -22.77 -1.18 -5.40
C PRO B 63 -23.83 -2.19 -4.96
N ARG B 64 -25.00 -1.68 -4.62
CA ARG B 64 -26.34 -2.26 -4.55
C ARG B 64 -27.09 -1.86 -5.82
N THR B 65 -28.15 -2.57 -6.18
CA THR B 65 -28.83 -2.51 -7.47
C THR B 65 -30.31 -2.74 -7.16
N GLY B 66 -31.16 -1.84 -7.65
CA GLY B 66 -32.58 -2.03 -7.48
C GLY B 66 -33.36 -1.85 -8.78
N ILE B 67 -34.70 -1.85 -8.72
CA ILE B 67 -35.61 -1.56 -9.80
C ILE B 67 -36.52 -0.38 -9.49
N ASN B 68 -36.78 0.42 -10.52
CA ASN B 68 -37.56 1.66 -10.45
C ASN B 68 -38.99 1.18 -10.29
N PRO B 69 -39.82 1.76 -9.42
CA PRO B 69 -41.22 1.44 -9.27
C PRO B 69 -42.07 2.21 -10.27
N LYS B 70 -41.52 3.00 -11.19
CA LYS B 70 -42.32 3.91 -11.97
C LYS B 70 -42.19 3.69 -13.48
N THR B 71 -41.16 2.94 -13.88
CA THR B 71 -40.61 2.72 -15.20
C THR B 71 -39.76 1.46 -15.16
N LYS B 72 -39.51 0.89 -16.33
CA LYS B 72 -38.84 -0.38 -16.55
C LYS B 72 -37.35 -0.11 -16.70
N GLN B 73 -36.73 0.65 -15.79
CA GLN B 73 -35.34 0.95 -15.49
C GLN B 73 -34.97 0.38 -14.13
N LYS B 74 -33.68 0.13 -13.89
CA LYS B 74 -33.03 -0.18 -12.64
C LYS B 74 -32.81 1.12 -11.88
N ILE B 75 -32.37 1.12 -10.63
CA ILE B 75 -31.73 2.19 -9.89
C ILE B 75 -30.51 1.49 -9.31
N GLN B 76 -29.34 2.10 -9.53
CA GLN B 76 -28.04 1.65 -9.07
C GLN B 76 -27.72 2.55 -7.88
N ILE B 77 -27.21 1.99 -6.78
CA ILE B 77 -26.84 2.64 -5.54
C ILE B 77 -25.38 2.41 -5.16
N PRO B 78 -24.46 3.33 -5.44
CA PRO B 78 -23.02 3.18 -5.31
C PRO B 78 -22.59 3.17 -3.86
N ALA B 79 -21.35 2.70 -3.63
CA ALA B 79 -20.78 2.60 -2.31
C ALA B 79 -19.61 3.58 -2.25
N GLY B 80 -18.76 3.57 -3.27
CA GLY B 80 -17.57 4.39 -3.29
C GLY B 80 -16.40 3.51 -3.72
N LYS B 81 -15.23 3.84 -3.18
CA LYS B 81 -13.94 3.45 -3.71
C LYS B 81 -12.80 3.66 -2.73
N LYS B 82 -11.76 2.82 -2.83
CA LYS B 82 -10.64 2.85 -1.92
C LYS B 82 -9.30 2.59 -2.61
N ILE B 83 -8.26 3.09 -1.92
CA ILE B 83 -6.89 2.71 -2.16
C ILE B 83 -6.73 1.33 -1.54
N LYS B 84 -6.18 0.44 -2.38
CA LYS B 84 -5.97 -0.97 -2.15
C LYS B 84 -4.52 -1.27 -2.44
N LEU B 85 -4.01 -2.41 -1.94
CA LEU B 85 -2.69 -2.94 -2.24
C LEU B 85 -2.78 -4.40 -2.67
N THR B 86 -1.84 -4.93 -3.45
CA THR B 86 -1.56 -6.33 -3.65
C THR B 86 -0.04 -6.54 -3.61
N VAL B 87 0.52 -7.48 -2.86
CA VAL B 87 1.94 -7.46 -2.54
C VAL B 87 2.76 -8.25 -3.55
N SER B 88 4.08 -7.98 -3.46
CA SER B 88 5.21 -8.55 -4.15
C SER B 88 5.50 -10.02 -3.89
N LYS B 89 6.41 -10.61 -4.67
CA LYS B 89 6.85 -11.99 -4.61
C LYS B 89 7.74 -12.11 -3.38
N ILE B 90 8.42 -11.02 -3.02
CA ILE B 90 9.07 -10.81 -1.74
C ILE B 90 8.11 -10.99 -0.58
N LEU B 91 7.04 -10.21 -0.53
CA LEU B 91 6.04 -10.29 0.52
C LEU B 91 5.12 -11.50 0.50
N THR B 92 4.65 -12.01 -0.64
CA THR B 92 3.78 -13.16 -0.73
C THR B 92 4.42 -14.47 -0.26
N ASP B 93 5.59 -14.83 -0.78
CA ASP B 93 6.12 -16.11 -0.39
C ASP B 93 6.58 -16.04 1.06
N ALA B 94 6.87 -14.87 1.63
CA ALA B 94 7.36 -14.68 2.98
C ALA B 94 6.21 -14.59 3.97
N VAL B 95 4.98 -14.26 3.58
CA VAL B 95 3.77 -14.37 4.38
C VAL B 95 3.49 -15.86 4.60
N ASP B 96 3.77 -16.80 3.70
CA ASP B 96 3.90 -18.22 3.98
C ASP B 96 5.10 -18.57 4.86
N SER B 97 6.28 -18.18 4.37
CA SER B 97 7.53 -18.69 4.91
C SER B 97 8.64 -17.70 4.64
N HIS B 98 8.88 -16.83 5.63
CA HIS B 98 10.02 -15.94 5.69
C HIS B 98 11.33 -16.69 5.83
N LYS B 99 12.34 -16.28 5.07
CA LYS B 99 13.75 -16.65 5.13
C LYS B 99 14.49 -15.77 4.13
N MET A 1 -9.67 2.32 -27.49
CA MET A 1 -9.45 1.07 -26.76
C MET A 1 -9.23 1.38 -25.28
N ALA A 2 -9.93 0.69 -24.38
CA ALA A 2 -9.89 0.89 -22.94
C ALA A 2 -8.81 0.01 -22.31
N LYS A 3 -7.60 0.54 -22.45
CA LYS A 3 -6.44 -0.03 -21.79
C LYS A 3 -6.44 0.55 -20.38
N ILE A 4 -5.91 -0.26 -19.45
CA ILE A 4 -5.56 0.02 -18.08
C ILE A 4 -4.16 0.63 -18.02
N LYS A 5 -3.98 1.74 -17.31
CA LYS A 5 -2.72 2.47 -17.28
C LYS A 5 -2.01 1.92 -16.05
N SER A 6 -0.68 1.73 -16.17
CA SER A 6 0.24 1.40 -15.11
C SER A 6 1.28 2.52 -15.06
N LEU A 7 1.86 2.82 -13.89
CA LEU A 7 2.71 3.96 -13.70
C LEU A 7 3.74 3.54 -12.64
N SER A 8 4.77 4.32 -12.31
CA SER A 8 5.76 4.24 -11.26
C SER A 8 6.27 5.63 -10.90
N ALA A 9 7.43 5.65 -10.25
CA ALA A 9 8.13 6.79 -9.69
C ALA A 9 8.68 7.78 -10.70
N ALA A 10 8.70 7.41 -11.99
CA ALA A 10 9.07 8.33 -13.06
C ALA A 10 7.96 9.32 -13.38
N GLU A 11 6.70 8.97 -13.09
CA GLU A 11 5.53 9.81 -13.20
C GLU A 11 5.39 10.74 -12.02
N TYR A 12 6.00 10.45 -10.87
CA TYR A 12 6.05 11.33 -9.70
C TYR A 12 7.06 12.44 -9.90
N LEU A 13 8.15 12.15 -10.62
CA LEU A 13 9.21 13.12 -10.88
C LEU A 13 8.86 14.32 -11.75
N LYS A 14 8.05 14.14 -12.79
CA LYS A 14 7.62 15.20 -13.68
C LYS A 14 6.67 16.17 -13.02
N GLU A 15 6.01 15.91 -11.89
CA GLU A 15 5.25 16.85 -11.11
C GLU A 15 6.17 17.69 -10.24
N MET A 16 7.27 17.10 -9.75
CA MET A 16 8.24 17.67 -8.83
C MET A 16 9.36 18.52 -9.42
N ALA A 17 9.47 18.66 -10.74
CA ALA A 17 10.59 19.22 -11.46
C ALA A 17 11.42 20.38 -10.92
N ASP A 18 10.73 21.44 -10.49
CA ASP A 18 11.33 22.65 -9.96
C ASP A 18 12.12 22.36 -8.68
N GLU A 19 11.63 21.52 -7.77
CA GLU A 19 12.19 21.04 -6.53
C GLU A 19 13.42 20.17 -6.75
N THR A 20 13.38 19.23 -7.68
CA THR A 20 14.40 18.28 -8.10
C THR A 20 15.50 18.91 -8.94
N ASN A 21 15.93 20.13 -8.58
CA ASN A 21 16.99 20.92 -9.14
C ASN A 21 18.35 20.35 -8.72
N ILE A 22 18.44 19.65 -7.59
CA ILE A 22 19.68 19.11 -7.09
C ILE A 22 20.04 17.78 -7.72
N LYS A 23 19.09 16.86 -7.88
CA LYS A 23 19.07 15.53 -8.44
C LYS A 23 17.66 15.04 -8.70
N VAL A 24 17.55 14.03 -9.55
CA VAL A 24 16.32 13.62 -10.21
C VAL A 24 16.38 12.10 -10.24
N GLN A 25 17.37 11.41 -10.80
CA GLN A 25 17.37 9.98 -11.05
C GLN A 25 17.86 9.22 -9.83
N ASP A 26 18.38 9.99 -8.86
CA ASP A 26 18.91 9.54 -7.60
C ASP A 26 17.77 9.63 -6.59
N ILE A 27 16.60 10.26 -6.82
CA ILE A 27 15.43 10.35 -6.00
C ILE A 27 14.69 9.02 -5.91
N ARG A 28 15.03 8.11 -6.82
CA ARG A 28 14.40 6.80 -6.94
C ARG A 28 14.87 5.88 -5.83
N LEU A 29 16.13 6.07 -5.42
CA LEU A 29 16.87 5.35 -4.40
C LEU A 29 16.30 5.84 -3.08
N VAL A 30 15.93 7.12 -2.97
CA VAL A 30 15.31 7.62 -1.76
C VAL A 30 13.86 7.16 -1.64
N VAL A 31 13.11 7.03 -2.75
CA VAL A 31 11.85 6.32 -2.86
C VAL A 31 11.93 4.85 -2.48
N THR A 32 13.05 4.21 -2.84
CA THR A 32 13.19 2.80 -2.58
C THR A 32 13.47 2.62 -1.09
N SER A 33 14.32 3.42 -0.43
CA SER A 33 14.52 3.38 1.01
C SER A 33 13.29 3.20 1.87
N LEU A 34 12.20 3.95 1.69
CA LEU A 34 10.87 3.81 2.24
C LEU A 34 10.29 2.42 2.07
N GLN A 35 10.28 1.90 0.85
CA GLN A 35 9.58 0.66 0.53
C GLN A 35 10.36 -0.58 0.95
N LYS A 36 11.69 -0.51 1.00
CA LYS A 36 12.48 -1.64 1.45
C LYS A 36 12.22 -2.04 2.89
N VAL A 37 11.93 -1.08 3.77
CA VAL A 37 11.55 -1.20 5.15
C VAL A 37 10.19 -1.89 5.23
N LEU A 38 9.22 -1.64 4.34
CA LEU A 38 7.96 -2.36 4.29
C LEU A 38 8.22 -3.83 3.96
N ALA A 39 9.15 -4.05 3.03
CA ALA A 39 9.42 -5.38 2.52
C ALA A 39 9.92 -6.38 3.54
N LYS A 40 10.67 -5.89 4.54
CA LYS A 40 11.24 -6.62 5.66
C LYS A 40 10.39 -6.52 6.91
N GLU A 41 9.74 -5.40 7.21
CA GLU A 41 9.06 -5.26 8.49
C GLU A 41 7.74 -6.01 8.44
N LEU A 42 7.07 -5.97 7.29
CA LEU A 42 5.96 -6.86 6.94
C LEU A 42 6.35 -8.33 6.79
N ALA A 43 7.60 -8.75 6.77
CA ALA A 43 7.94 -10.16 6.80
C ALA A 43 8.26 -10.67 8.20
N THR A 44 8.95 -9.89 9.02
CA THR A 44 9.26 -10.24 10.39
C THR A 44 8.02 -10.19 11.29
N THR A 45 6.98 -9.42 10.97
CA THR A 45 5.62 -9.38 11.48
C THR A 45 5.50 -8.19 12.44
N GLY A 46 5.35 -6.99 11.87
CA GLY A 46 5.12 -5.75 12.58
C GLY A 46 4.04 -4.92 11.91
N GLU A 47 3.81 -3.67 12.31
CA GLU A 47 2.78 -2.83 11.76
C GLU A 47 3.47 -1.49 11.46
N VAL A 48 3.20 -0.90 10.30
CA VAL A 48 3.79 0.33 9.82
C VAL A 48 2.65 1.30 9.64
N ARG A 49 2.72 2.48 10.29
CA ARG A 49 1.67 3.47 10.28
C ARG A 49 2.26 4.77 9.74
N LEU A 50 1.73 5.34 8.66
CA LEU A 50 2.19 6.48 7.88
C LEU A 50 1.08 7.51 8.09
N PHE A 51 1.49 8.56 8.82
CA PHE A 51 0.57 9.51 9.38
C PHE A 51 -0.14 10.29 8.27
N ASP A 52 -1.47 10.37 8.26
CA ASP A 52 -2.41 10.99 7.35
C ASP A 52 -2.78 10.19 6.11
N ILE A 53 -2.00 9.14 5.88
CA ILE A 53 -2.00 8.19 4.78
C ILE A 53 -2.66 6.93 5.29
N GLY A 54 -2.26 6.46 6.48
CA GLY A 54 -2.77 5.28 7.13
C GLY A 54 -1.77 4.16 7.34
N LYS A 55 -2.18 2.88 7.39
CA LYS A 55 -1.42 1.78 7.93
C LYS A 55 -1.42 0.51 7.07
N PHE A 56 -0.26 -0.11 6.84
CA PHE A 56 -0.07 -1.51 6.55
C PHE A 56 -0.46 -2.36 7.75
N LYS A 57 -1.01 -3.57 7.56
CA LYS A 57 -1.16 -4.56 8.61
C LYS A 57 -1.01 -5.96 8.06
N LEU A 58 -0.72 -6.93 8.93
CA LEU A 58 -1.09 -8.32 8.73
C LEU A 58 -2.40 -8.63 9.45
N VAL A 59 -3.27 -9.35 8.74
CA VAL A 59 -4.50 -9.88 9.29
C VAL A 59 -4.21 -11.35 9.56
N THR A 60 -3.94 -11.56 10.85
CA THR A 60 -3.54 -12.86 11.36
C THR A 60 -4.08 -13.09 12.76
N THR A 61 -3.84 -14.29 13.26
CA THR A 61 -4.18 -14.78 14.58
C THR A 61 -2.93 -15.29 15.31
N LYS A 62 -3.08 -15.64 16.59
CA LYS A 62 -2.11 -16.37 17.36
C LYS A 62 -2.22 -17.88 17.16
N PRO A 63 -1.23 -18.75 17.42
CA PRO A 63 -1.47 -20.18 17.38
C PRO A 63 -2.30 -20.66 18.56
N ARG A 64 -3.09 -21.73 18.39
CA ARG A 64 -3.96 -22.39 19.34
C ARG A 64 -3.85 -23.89 19.22
N THR A 65 -4.42 -24.63 20.17
CA THR A 65 -4.41 -26.08 20.25
C THR A 65 -5.69 -26.47 21.00
N GLY A 66 -6.24 -27.64 20.66
CA GLY A 66 -7.48 -28.28 21.06
C GLY A 66 -7.19 -29.77 21.22
N ILE A 67 -8.22 -30.56 21.54
CA ILE A 67 -8.19 -32.01 21.63
C ILE A 67 -9.21 -32.54 20.62
N ASN A 68 -8.87 -33.77 20.19
CA ASN A 68 -9.43 -34.57 19.14
C ASN A 68 -10.55 -35.30 19.86
N PRO A 69 -11.76 -35.37 19.31
CA PRO A 69 -12.82 -36.12 19.94
C PRO A 69 -12.90 -37.62 19.68
N LYS A 70 -12.21 -38.08 18.64
CA LYS A 70 -12.27 -39.42 18.10
C LYS A 70 -11.19 -40.33 18.67
N THR A 71 -10.03 -39.82 19.12
CA THR A 71 -8.97 -40.55 19.76
C THR A 71 -8.32 -39.63 20.78
N LYS A 72 -7.38 -40.17 21.56
CA LYS A 72 -6.62 -39.43 22.57
C LYS A 72 -5.41 -38.82 21.90
N GLN A 73 -5.65 -37.78 21.08
CA GLN A 73 -4.76 -36.94 20.30
C GLN A 73 -5.03 -35.47 20.61
N LYS A 74 -4.17 -34.53 20.21
CA LYS A 74 -4.37 -33.11 20.14
C LYS A 74 -4.61 -32.61 18.72
N ILE A 75 -5.20 -31.42 18.61
CA ILE A 75 -5.39 -30.70 17.35
C ILE A 75 -4.54 -29.45 17.52
N GLN A 76 -3.80 -29.10 16.47
CA GLN A 76 -3.05 -27.86 16.27
C GLN A 76 -3.89 -26.92 15.41
N ILE A 77 -3.96 -25.65 15.82
CA ILE A 77 -4.71 -24.63 15.11
C ILE A 77 -3.67 -23.55 14.85
N PRO A 78 -3.12 -23.45 13.66
CA PRO A 78 -2.10 -22.52 13.23
C PRO A 78 -2.77 -21.21 12.85
N ALA A 79 -1.91 -20.19 12.63
CA ALA A 79 -2.28 -18.93 12.04
C ALA A 79 -1.81 -18.97 10.60
N GLY A 80 -2.61 -18.28 9.79
CA GLY A 80 -2.54 -17.86 8.40
C GLY A 80 -2.55 -16.35 8.22
N LYS A 81 -1.70 -15.84 7.33
CA LYS A 81 -1.48 -14.42 7.20
C LYS A 81 -1.68 -13.96 5.76
N LYS A 82 -2.21 -12.71 5.70
CA LYS A 82 -2.28 -11.84 4.55
C LYS A 82 -2.08 -10.35 4.85
N ILE A 83 -1.45 -9.62 3.95
CA ILE A 83 -0.97 -8.28 4.20
C ILE A 83 -1.98 -7.36 3.54
N LYS A 84 -2.52 -6.39 4.26
CA LYS A 84 -3.50 -5.41 3.82
C LYS A 84 -2.96 -4.02 4.15
N LEU A 85 -3.28 -3.06 3.27
CA LEU A 85 -3.10 -1.63 3.46
C LEU A 85 -4.45 -1.14 3.95
N THR A 86 -4.48 -0.09 4.77
CA THR A 86 -5.70 0.56 5.20
C THR A 86 -5.35 2.04 5.13
N VAL A 87 -5.77 2.66 4.02
CA VAL A 87 -5.58 4.08 3.77
C VAL A 87 -6.70 4.84 4.46
N SER A 88 -6.33 5.89 5.19
CA SER A 88 -7.26 6.70 5.95
C SER A 88 -8.13 7.61 5.09
N LYS A 89 -9.36 7.83 5.52
CA LYS A 89 -10.33 8.63 4.80
C LYS A 89 -9.91 9.98 4.26
N ILE A 90 -8.99 10.71 4.91
CA ILE A 90 -8.58 12.00 4.39
C ILE A 90 -7.64 11.98 3.19
N LEU A 91 -7.40 10.77 2.68
CA LEU A 91 -6.79 10.49 1.40
C LEU A 91 -7.71 9.72 0.46
N THR A 92 -8.86 9.18 0.87
CA THR A 92 -9.57 8.18 0.11
C THR A 92 -11.07 8.18 0.28
N ASP A 93 -11.66 9.28 0.75
CA ASP A 93 -13.11 9.45 0.75
C ASP A 93 -13.37 10.94 0.71
N ALA A 94 -14.00 11.43 -0.37
CA ALA A 94 -14.45 12.78 -0.63
C ALA A 94 -13.30 13.77 -0.76
N VAL A 95 -12.07 13.29 -0.93
CA VAL A 95 -10.85 13.94 -1.39
C VAL A 95 -9.98 12.96 -2.17
N ASP A 96 -9.05 13.58 -2.92
CA ASP A 96 -7.86 12.93 -3.37
C ASP A 96 -8.11 11.80 -4.36
N SER A 97 -8.07 10.57 -3.83
CA SER A 97 -8.11 9.36 -4.63
C SER A 97 -9.48 8.80 -4.94
N HIS A 98 -10.49 9.33 -4.25
CA HIS A 98 -11.88 8.94 -4.44
C HIS A 98 -12.61 10.23 -4.03
N LYS A 99 -13.02 11.04 -5.00
CA LYS A 99 -13.83 12.24 -4.92
C LYS A 99 -14.73 12.32 -6.14
N MET B 1 4.38 -3.12 19.76
CA MET B 1 4.11 -1.73 19.36
C MET B 1 4.08 -1.76 17.83
N ALA B 2 3.26 -0.93 17.19
CA ALA B 2 3.29 -0.47 15.80
C ALA B 2 4.37 0.59 15.64
N LYS B 3 5.17 0.50 14.57
CA LYS B 3 6.10 1.51 14.12
C LYS B 3 5.35 2.75 13.65
N ILE B 4 5.35 3.78 14.49
CA ILE B 4 5.04 5.17 14.20
C ILE B 4 6.26 5.99 13.81
N LYS B 5 5.96 7.27 13.60
CA LYS B 5 6.76 8.30 12.97
C LYS B 5 8.26 8.14 13.13
N SER B 6 8.77 8.27 14.36
CA SER B 6 10.16 8.39 14.68
C SER B 6 10.91 7.08 14.56
N LEU B 7 10.20 5.98 14.83
CA LEU B 7 10.71 4.63 14.76
C LEU B 7 10.86 4.18 13.31
N SER B 8 9.97 4.57 12.39
CA SER B 8 10.10 4.48 10.95
C SER B 8 11.19 5.42 10.44
N ALA B 9 11.37 6.64 10.93
CA ALA B 9 12.22 7.73 10.51
C ALA B 9 13.69 7.34 10.43
N ALA B 10 14.15 6.53 11.38
CA ALA B 10 15.58 6.30 11.46
C ALA B 10 15.96 4.92 10.94
N GLU B 11 15.03 4.18 10.32
CA GLU B 11 15.26 2.86 9.77
C GLU B 11 15.71 3.07 8.33
N TYR B 12 15.29 4.14 7.64
CA TYR B 12 15.35 4.29 6.21
C TYR B 12 16.80 4.37 5.74
N LEU B 13 17.57 5.27 6.35
CA LEU B 13 19.00 5.45 6.18
C LEU B 13 19.89 4.37 6.78
N LYS B 14 19.27 3.31 7.30
CA LYS B 14 19.93 2.12 7.82
C LYS B 14 19.72 1.00 6.82
N GLU B 15 18.50 0.92 6.30
CA GLU B 15 18.10 -0.22 5.50
C GLU B 15 18.62 -0.05 4.08
N MET B 16 18.85 1.17 3.58
CA MET B 16 19.40 1.51 2.28
C MET B 16 19.70 3.00 2.26
N ALA B 17 20.97 3.33 2.02
CA ALA B 17 21.52 4.67 2.12
C ALA B 17 22.37 5.13 0.94
N ASP B 18 22.84 4.22 0.09
CA ASP B 18 23.64 4.42 -1.10
C ASP B 18 25.00 5.04 -0.79
N GLU B 19 25.60 4.62 0.33
CA GLU B 19 26.81 5.08 0.97
C GLU B 19 26.36 6.33 1.70
N THR B 20 26.08 7.45 1.04
CA THR B 20 25.53 8.70 1.55
C THR B 20 24.94 9.56 0.44
N ASN B 21 24.72 8.95 -0.73
CA ASN B 21 24.01 9.63 -1.80
C ASN B 21 22.52 9.81 -1.51
N ILE B 22 21.95 9.15 -0.50
CA ILE B 22 20.71 9.50 0.13
C ILE B 22 21.15 10.18 1.42
N LYS B 23 20.66 11.37 1.75
CA LYS B 23 20.69 11.98 3.06
C LYS B 23 19.28 12.29 3.54
N VAL B 24 19.11 12.67 4.81
CA VAL B 24 17.80 12.80 5.40
C VAL B 24 16.89 13.88 4.83
N GLN B 25 17.45 14.96 4.30
CA GLN B 25 16.72 16.05 3.69
C GLN B 25 15.94 15.62 2.46
N ASP B 26 16.52 14.67 1.70
CA ASP B 26 15.91 14.05 0.53
C ASP B 26 14.78 13.20 1.05
N ILE B 27 14.93 12.42 2.12
CA ILE B 27 13.91 11.57 2.70
C ILE B 27 12.73 12.39 3.18
N ARG B 28 12.98 13.48 3.91
CA ARG B 28 11.99 14.42 4.37
C ARG B 28 11.22 15.12 3.27
N LEU B 29 11.53 15.03 1.97
CA LEU B 29 10.78 15.46 0.81
C LEU B 29 9.88 14.31 0.41
N VAL B 30 10.41 13.15 0.01
CA VAL B 30 9.67 12.02 -0.53
C VAL B 30 8.54 11.51 0.36
N VAL B 31 8.74 11.43 1.69
CA VAL B 31 7.80 11.02 2.71
C VAL B 31 6.56 11.90 2.85
N THR B 32 6.58 13.06 2.20
CA THR B 32 5.49 14.02 2.15
C THR B 32 5.36 14.58 0.74
N SER B 33 5.37 13.73 -0.29
CA SER B 33 5.12 14.09 -1.66
C SER B 33 4.59 12.96 -2.53
N LEU B 34 5.30 11.83 -2.53
CA LEU B 34 4.95 10.58 -3.18
C LEU B 34 3.46 10.25 -3.28
N GLN B 35 2.78 10.08 -2.16
CA GLN B 35 1.38 9.75 -1.99
C GLN B 35 0.41 10.59 -2.80
N LYS B 36 0.52 11.90 -2.54
CA LYS B 36 -0.30 13.04 -2.87
C LYS B 36 -0.30 13.25 -4.38
N VAL B 37 0.89 13.04 -4.98
CA VAL B 37 1.18 13.27 -6.37
C VAL B 37 0.80 12.07 -7.21
N LEU B 38 0.73 10.89 -6.59
CA LEU B 38 0.11 9.75 -7.23
C LEU B 38 -1.34 9.44 -6.89
N ALA B 39 -1.92 10.21 -5.98
CA ALA B 39 -3.26 10.13 -5.41
C ALA B 39 -4.24 10.44 -6.54
N LYS B 40 -4.01 11.41 -7.41
CA LYS B 40 -4.76 11.67 -8.61
C LYS B 40 -4.58 10.80 -9.86
N GLU B 41 -3.58 9.91 -9.85
CA GLU B 41 -3.34 8.89 -10.85
C GLU B 41 -4.14 7.64 -10.49
N LEU B 42 -4.24 7.28 -9.20
CA LEU B 42 -5.08 6.19 -8.76
C LEU B 42 -6.56 6.52 -8.95
N ALA B 43 -6.85 7.82 -8.96
CA ALA B 43 -8.16 8.45 -9.04
C ALA B 43 -8.57 8.55 -10.50
N THR B 44 -7.80 7.99 -11.44
CA THR B 44 -8.15 7.77 -12.84
C THR B 44 -7.92 6.31 -13.18
N THR B 45 -7.68 5.42 -12.19
CA THR B 45 -7.40 4.00 -12.21
C THR B 45 -6.03 3.58 -12.72
N GLY B 46 -4.95 4.30 -12.42
CA GLY B 46 -3.61 3.98 -12.85
C GLY B 46 -2.96 3.14 -11.73
N GLU B 47 -2.38 2.01 -12.15
CA GLU B 47 -1.75 1.00 -11.30
C GLU B 47 -0.41 1.62 -10.92
N VAL B 48 -0.13 1.85 -9.64
CA VAL B 48 1.11 2.40 -9.10
C VAL B 48 1.97 1.21 -8.73
N ARG B 49 3.02 0.82 -9.47
CA ARG B 49 3.97 -0.23 -9.18
C ARG B 49 5.15 0.45 -8.51
N LEU B 50 5.44 0.01 -7.28
CA LEU B 50 6.62 0.37 -6.51
C LEU B 50 7.51 -0.74 -5.96
N PHE B 51 8.79 -0.40 -5.89
CA PHE B 51 9.99 -1.20 -5.69
C PHE B 51 10.01 -2.00 -4.40
N ASP B 52 10.12 -3.33 -4.40
CA ASP B 52 10.32 -4.15 -3.23
C ASP B 52 9.00 -4.43 -2.55
N ILE B 53 8.01 -3.52 -2.57
CA ILE B 53 6.76 -3.62 -1.86
C ILE B 53 5.65 -4.37 -2.58
N GLY B 54 5.55 -4.07 -3.87
CA GLY B 54 4.48 -4.55 -4.73
C GLY B 54 3.86 -3.46 -5.57
N LYS B 55 2.53 -3.37 -5.57
CA LYS B 55 1.81 -2.39 -6.36
C LYS B 55 0.53 -1.94 -5.65
N PHE B 56 0.03 -0.74 -5.96
CA PHE B 56 -1.07 -0.12 -5.25
C PHE B 56 -2.00 0.19 -6.40
N LYS B 57 -3.32 -0.02 -6.23
CA LYS B 57 -4.39 0.10 -7.21
C LYS B 57 -5.71 0.40 -6.54
N LEU B 58 -6.66 1.00 -7.26
CA LEU B 58 -8.02 1.32 -6.87
C LEU B 58 -8.94 0.13 -7.11
N VAL B 59 -9.77 -0.34 -6.17
CA VAL B 59 -10.50 -1.57 -6.25
C VAL B 59 -11.88 -1.10 -5.83
N THR B 60 -12.92 -1.55 -6.53
CA THR B 60 -14.29 -1.23 -6.20
C THR B 60 -14.90 -2.26 -5.25
N THR B 61 -15.86 -1.85 -4.41
CA THR B 61 -16.74 -2.75 -3.68
C THR B 61 -17.96 -2.70 -4.58
N LYS B 62 -18.57 -3.86 -4.85
CA LYS B 62 -19.64 -4.15 -5.80
C LYS B 62 -20.85 -3.32 -5.39
N PRO B 63 -21.45 -2.58 -6.34
CA PRO B 63 -22.59 -1.76 -5.99
C PRO B 63 -23.91 -2.49 -5.98
N ARG B 64 -24.99 -1.78 -5.62
CA ARG B 64 -26.37 -2.19 -5.56
C ARG B 64 -27.16 -1.20 -6.42
N THR B 65 -28.40 -1.63 -6.70
CA THR B 65 -29.40 -0.81 -7.36
C THR B 65 -30.76 -1.05 -6.72
N GLY B 66 -31.68 -0.12 -6.98
CA GLY B 66 -33.01 -0.09 -6.43
C GLY B 66 -33.96 0.22 -7.58
N ILE B 67 -35.25 0.09 -7.26
CA ILE B 67 -36.43 0.54 -7.97
C ILE B 67 -37.15 1.47 -6.99
N ASN B 68 -37.81 2.48 -7.55
CA ASN B 68 -38.59 3.43 -6.78
C ASN B 68 -39.96 2.80 -6.54
N PRO B 69 -40.56 2.80 -5.36
CA PRO B 69 -41.84 2.12 -5.20
C PRO B 69 -43.03 2.99 -5.61
N LYS B 70 -42.83 4.30 -5.68
CA LYS B 70 -43.94 5.21 -5.89
C LYS B 70 -44.18 5.35 -7.38
N THR B 71 -43.15 5.23 -8.24
CA THR B 71 -43.23 5.16 -9.70
C THR B 71 -42.30 4.09 -10.24
N LYS B 72 -42.42 3.55 -11.46
CA LYS B 72 -41.59 2.61 -12.19
C LYS B 72 -40.43 3.40 -12.76
N GLN B 73 -39.43 3.72 -11.94
CA GLN B 73 -38.12 4.26 -12.22
C GLN B 73 -37.04 3.61 -11.37
N LYS B 74 -35.77 3.81 -11.72
CA LYS B 74 -34.64 3.10 -11.17
C LYS B 74 -33.76 4.04 -10.36
N ILE B 75 -32.94 3.46 -9.45
CA ILE B 75 -32.18 4.06 -8.38
C ILE B 75 -30.83 3.32 -8.53
N GLN B 76 -29.73 4.08 -8.49
CA GLN B 76 -28.39 3.54 -8.38
C GLN B 76 -27.90 3.82 -6.96
N ILE B 77 -27.25 2.84 -6.36
CA ILE B 77 -26.69 2.87 -5.02
C ILE B 77 -25.23 2.45 -5.10
N PRO B 78 -24.27 3.37 -4.90
CA PRO B 78 -22.87 3.06 -4.90
C PRO B 78 -22.55 2.40 -3.56
N ALA B 79 -21.61 1.45 -3.58
CA ALA B 79 -21.07 0.88 -2.37
C ALA B 79 -19.70 1.50 -2.13
N GLY B 80 -18.89 1.73 -3.15
CA GLY B 80 -17.65 2.49 -3.06
C GLY B 80 -16.50 1.96 -3.93
N LYS B 81 -15.36 2.62 -3.74
CA LYS B 81 -14.06 2.40 -4.35
C LYS B 81 -12.88 2.91 -3.53
N LYS B 82 -11.76 2.18 -3.38
CA LYS B 82 -10.67 2.41 -2.46
C LYS B 82 -9.36 1.84 -2.98
N ILE B 83 -8.21 2.30 -2.45
CA ILE B 83 -6.87 1.88 -2.80
C ILE B 83 -6.62 0.57 -2.05
N LYS B 84 -6.03 -0.40 -2.72
CA LYS B 84 -5.69 -1.72 -2.22
C LYS B 84 -4.21 -1.84 -2.56
N LEU B 85 -3.49 -2.61 -1.75
CA LEU B 85 -2.12 -3.06 -1.91
C LEU B 85 -2.16 -4.47 -2.46
N THR B 86 -1.22 -4.83 -3.35
CA THR B 86 -1.02 -6.18 -3.83
C THR B 86 0.48 -6.40 -4.01
N VAL B 87 0.88 -7.44 -3.30
CA VAL B 87 2.21 -7.61 -2.75
C VAL B 87 3.25 -8.13 -3.73
N SER B 88 4.53 -7.86 -3.48
CA SER B 88 5.70 -8.42 -4.14
C SER B 88 5.96 -9.89 -3.85
N LYS B 89 6.77 -10.47 -4.74
CA LYS B 89 7.45 -11.74 -4.58
C LYS B 89 8.10 -11.94 -3.22
N ILE B 90 8.75 -10.92 -2.64
CA ILE B 90 9.41 -10.94 -1.35
C ILE B 90 8.45 -11.14 -0.18
N LEU B 91 7.22 -10.63 -0.24
CA LEU B 91 6.22 -10.79 0.80
C LEU B 91 5.38 -12.05 0.60
N THR B 92 5.21 -12.38 -0.69
CA THR B 92 4.66 -13.64 -1.10
C THR B 92 5.41 -14.88 -0.62
N ASP B 93 6.72 -14.82 -0.41
CA ASP B 93 7.50 -15.81 0.30
C ASP B 93 7.20 -15.89 1.79
N ALA B 94 7.18 -14.76 2.51
CA ALA B 94 7.02 -14.68 3.97
C ALA B 94 5.61 -14.94 4.46
N VAL B 95 4.55 -14.72 3.66
CA VAL B 95 3.18 -15.15 3.83
C VAL B 95 3.15 -16.67 4.00
N ASP B 96 3.92 -17.38 3.19
CA ASP B 96 3.95 -18.83 3.22
C ASP B 96 4.93 -19.31 4.30
N SER B 97 6.12 -18.69 4.40
CA SER B 97 6.81 -18.63 5.67
C SER B 97 7.94 -17.61 5.68
N HIS B 98 8.03 -16.83 6.75
CA HIS B 98 9.17 -15.98 6.98
C HIS B 98 10.44 -16.79 7.22
N LYS B 99 11.50 -16.51 6.45
CA LYS B 99 12.79 -17.13 6.34
C LYS B 99 13.72 -16.04 5.85
N MET A 1 -10.18 -6.38 -22.69
CA MET A 1 -8.87 -5.96 -22.17
C MET A 1 -8.84 -4.48 -21.82
N ALA A 2 -8.55 -4.10 -20.58
CA ALA A 2 -8.39 -2.71 -20.18
C ALA A 2 -6.96 -2.24 -20.44
N LYS A 3 -6.87 -0.95 -20.79
CA LYS A 3 -5.66 -0.19 -21.02
C LYS A 3 -5.31 0.40 -19.67
N ILE A 4 -4.37 -0.29 -19.01
CA ILE A 4 -3.88 0.08 -17.70
C ILE A 4 -2.55 0.76 -17.99
N LYS A 5 -2.37 1.94 -17.39
CA LYS A 5 -1.06 2.54 -17.34
C LYS A 5 -0.23 1.91 -16.22
N SER A 6 0.83 1.32 -16.75
CA SER A 6 1.91 0.82 -15.92
C SER A 6 2.78 2.02 -15.54
N LEU A 7 2.93 2.42 -14.27
CA LEU A 7 3.71 3.53 -13.80
C LEU A 7 4.44 3.15 -12.51
N SER A 8 5.50 3.88 -12.12
CA SER A 8 6.32 3.71 -10.94
C SER A 8 6.91 5.02 -10.44
N ALA A 9 8.20 5.06 -10.07
CA ALA A 9 8.78 6.26 -9.51
C ALA A 9 9.22 7.31 -10.53
N ALA A 10 9.20 7.02 -11.84
CA ALA A 10 9.44 7.93 -12.93
C ALA A 10 8.52 9.13 -12.95
N GLU A 11 7.24 8.86 -12.66
CA GLU A 11 6.17 9.81 -12.46
C GLU A 11 6.33 10.95 -11.46
N TYR A 12 7.33 10.89 -10.56
CA TYR A 12 7.31 11.73 -9.38
C TYR A 12 8.29 12.88 -9.55
N LEU A 13 9.23 12.67 -10.48
CA LEU A 13 10.32 13.55 -10.85
C LEU A 13 9.77 14.81 -11.47
N LYS A 14 8.85 14.66 -12.44
CA LYS A 14 8.38 15.68 -13.33
C LYS A 14 7.26 16.53 -12.73
N GLU A 15 6.77 16.09 -11.57
CA GLU A 15 5.91 16.80 -10.66
C GLU A 15 6.75 17.42 -9.56
N MET A 16 8.08 17.37 -9.66
CA MET A 16 9.03 18.02 -8.77
C MET A 16 9.99 18.84 -9.62
N ALA A 17 9.67 19.26 -10.85
CA ALA A 17 10.54 19.88 -11.83
C ALA A 17 10.76 21.37 -11.57
N ASP A 18 10.89 21.75 -10.30
CA ASP A 18 11.24 23.06 -9.77
C ASP A 18 11.87 22.76 -8.42
N GLU A 19 11.19 21.97 -7.58
CA GLU A 19 11.63 21.65 -6.23
C GLU A 19 12.97 20.94 -6.11
N THR A 20 13.14 19.71 -6.60
CA THR A 20 14.41 19.02 -6.55
C THR A 20 15.18 19.51 -7.78
N ASN A 21 16.24 20.27 -7.55
CA ASN A 21 17.05 20.75 -8.65
C ASN A 21 18.53 20.64 -8.35
N ILE A 22 18.99 20.30 -7.14
CA ILE A 22 20.37 19.93 -6.89
C ILE A 22 20.52 18.47 -7.26
N LYS A 23 19.40 17.74 -7.38
CA LYS A 23 19.50 16.39 -7.88
C LYS A 23 18.13 16.14 -8.50
N VAL A 24 18.10 15.13 -9.39
CA VAL A 24 16.86 14.72 -10.01
C VAL A 24 16.84 13.24 -10.40
N GLN A 25 18.00 12.76 -10.85
CA GLN A 25 18.20 11.36 -11.17
C GLN A 25 18.26 10.58 -9.86
N ASP A 26 18.93 11.18 -8.88
CA ASP A 26 19.17 10.64 -7.55
C ASP A 26 17.91 10.67 -6.69
N ILE A 27 16.84 11.33 -7.13
CA ILE A 27 15.55 11.41 -6.46
C ILE A 27 14.83 10.08 -6.50
N ARG A 28 15.12 9.23 -7.50
CA ARG A 28 14.60 7.89 -7.68
C ARG A 28 14.93 7.00 -6.48
N LEU A 29 16.06 7.30 -5.84
CA LEU A 29 16.70 6.56 -4.76
C LEU A 29 16.04 6.90 -3.43
N VAL A 30 15.59 8.14 -3.24
CA VAL A 30 14.80 8.65 -2.14
C VAL A 30 13.42 8.02 -2.11
N VAL A 31 12.79 7.79 -3.27
CA VAL A 31 11.52 7.12 -3.41
C VAL A 31 11.66 5.62 -3.16
N THR A 32 12.84 5.03 -3.33
CA THR A 32 13.06 3.61 -3.15
C THR A 32 13.16 3.28 -1.67
N SER A 33 13.79 4.15 -0.90
CA SER A 33 14.04 3.98 0.52
C SER A 33 12.87 3.67 1.43
N LEU A 34 11.83 4.45 1.17
CA LEU A 34 10.58 4.45 1.91
C LEU A 34 9.85 3.13 1.68
N GLN A 35 9.95 2.45 0.54
CA GLN A 35 9.16 1.30 0.14
C GLN A 35 9.80 0.07 0.77
N LYS A 36 11.14 -0.04 0.72
CA LYS A 36 11.86 -1.09 1.43
C LYS A 36 11.60 -1.26 2.92
N VAL A 37 11.39 -0.15 3.64
CA VAL A 37 10.98 -0.28 5.03
C VAL A 37 9.73 -1.12 5.17
N LEU A 38 8.69 -0.74 4.42
CA LEU A 38 7.37 -1.33 4.43
C LEU A 38 7.40 -2.80 4.05
N ALA A 39 8.14 -3.12 2.97
CA ALA A 39 8.30 -4.46 2.45
C ALA A 39 8.91 -5.43 3.46
N LYS A 40 10.01 -4.99 4.07
CA LYS A 40 10.71 -5.76 5.09
C LYS A 40 9.90 -5.99 6.35
N GLU A 41 9.04 -5.03 6.73
CA GLU A 41 8.22 -5.11 7.91
C GLU A 41 7.11 -6.13 7.70
N LEU A 42 6.42 -6.10 6.57
CA LEU A 42 5.37 -7.00 6.13
C LEU A 42 5.83 -8.46 6.09
N ALA A 43 7.05 -8.73 5.63
CA ALA A 43 7.72 -10.02 5.51
C ALA A 43 7.97 -10.65 6.87
N THR A 44 8.53 -9.87 7.80
CA THR A 44 8.85 -10.17 9.18
C THR A 44 7.68 -10.18 10.15
N THR A 45 6.52 -9.79 9.61
CA THR A 45 5.18 -9.92 10.17
C THR A 45 5.03 -8.97 11.35
N GLY A 46 5.04 -7.69 11.01
CA GLY A 46 4.79 -6.55 11.86
C GLY A 46 3.74 -5.55 11.38
N GLU A 47 4.01 -4.26 11.51
CA GLU A 47 3.21 -3.10 11.15
C GLU A 47 3.99 -1.80 10.99
N VAL A 48 3.71 -1.03 9.93
CA VAL A 48 4.16 0.35 9.88
C VAL A 48 2.92 1.23 9.91
N ARG A 49 2.96 2.16 10.86
CA ARG A 49 1.89 3.11 11.06
C ARG A 49 2.46 4.45 10.63
N LEU A 50 2.18 4.81 9.37
CA LEU A 50 2.63 6.02 8.71
C LEU A 50 1.60 7.11 8.99
N PHE A 51 2.05 8.32 9.30
CA PHE A 51 1.18 9.33 9.89
C PHE A 51 0.47 10.10 8.79
N ASP A 52 -0.86 9.97 8.80
CA ASP A 52 -1.78 10.64 7.89
C ASP A 52 -2.09 9.83 6.64
N ILE A 53 -1.24 8.87 6.27
CA ILE A 53 -1.37 7.99 5.14
C ILE A 53 -2.23 6.81 5.58
N GLY A 54 -1.92 6.22 6.73
CA GLY A 54 -2.64 5.11 7.34
C GLY A 54 -1.61 4.09 7.85
N LYS A 55 -1.99 2.81 7.86
CA LYS A 55 -1.14 1.74 8.31
C LYS A 55 -1.09 0.63 7.27
N PHE A 56 0.09 -0.02 7.19
CA PHE A 56 0.53 -1.24 6.56
C PHE A 56 0.74 -2.26 7.68
N LYS A 57 -0.02 -3.35 7.61
CA LYS A 57 -0.19 -4.36 8.62
C LYS A 57 -0.52 -5.72 8.01
N LEU A 58 -0.57 -6.75 8.88
CA LEU A 58 -1.23 -8.02 8.62
C LEU A 58 -2.36 -8.31 9.58
N VAL A 59 -3.30 -9.10 9.03
CA VAL A 59 -4.54 -9.55 9.65
C VAL A 59 -4.26 -11.03 9.89
N THR A 60 -4.68 -11.59 11.03
CA THR A 60 -4.33 -12.94 11.38
C THR A 60 -5.41 -13.59 12.23
N THR A 61 -5.72 -14.87 12.00
CA THR A 61 -6.73 -15.66 12.65
C THR A 61 -6.08 -16.47 13.76
N LYS A 62 -6.62 -16.70 14.96
CA LYS A 62 -6.05 -17.59 15.96
C LYS A 62 -6.12 -19.05 15.54
N PRO A 63 -5.24 -19.89 16.07
CA PRO A 63 -5.40 -21.30 15.74
C PRO A 63 -6.51 -21.94 16.55
N ARG A 64 -6.94 -23.05 15.95
CA ARG A 64 -8.03 -23.85 16.47
C ARG A 64 -7.54 -25.30 16.50
N THR A 65 -8.22 -26.20 17.21
CA THR A 65 -8.19 -27.64 17.31
C THR A 65 -9.53 -28.31 17.66
N GLY A 66 -9.79 -29.51 17.13
CA GLY A 66 -11.01 -30.27 17.36
C GLY A 66 -10.54 -31.71 17.48
N ILE A 67 -11.41 -32.61 17.95
CA ILE A 67 -11.29 -34.05 17.92
C ILE A 67 -12.20 -34.65 16.85
N ASN A 68 -11.90 -35.85 16.33
CA ASN A 68 -12.63 -36.48 15.25
C ASN A 68 -13.70 -37.29 15.99
N PRO A 69 -14.98 -37.23 15.61
CA PRO A 69 -16.05 -37.88 16.35
C PRO A 69 -16.02 -39.40 16.19
N LYS A 70 -15.39 -39.93 15.14
CA LYS A 70 -15.37 -41.31 14.69
C LYS A 70 -14.16 -42.07 15.18
N THR A 71 -12.99 -41.47 15.44
CA THR A 71 -11.67 -42.02 15.64
C THR A 71 -10.81 -41.20 16.59
N LYS A 72 -9.79 -41.79 17.21
CA LYS A 72 -8.81 -41.10 18.02
C LYS A 72 -7.84 -40.26 17.20
N GLN A 73 -8.35 -39.17 16.63
CA GLN A 73 -7.64 -38.35 15.66
C GLN A 73 -7.82 -36.88 16.07
N LYS A 74 -6.81 -36.18 16.57
CA LYS A 74 -6.99 -34.80 16.97
C LYS A 74 -6.62 -33.99 15.73
N ILE A 75 -7.42 -33.00 15.35
CA ILE A 75 -7.26 -32.28 14.10
C ILE A 75 -6.81 -30.87 14.46
N GLN A 76 -5.78 -30.34 13.82
CA GLN A 76 -5.10 -29.07 14.02
C GLN A 76 -5.56 -28.18 12.88
N ILE A 77 -5.99 -26.97 13.26
CA ILE A 77 -6.30 -25.85 12.39
C ILE A 77 -5.33 -24.71 12.72
N PRO A 78 -4.26 -24.50 11.97
CA PRO A 78 -3.28 -23.51 12.35
C PRO A 78 -3.63 -22.09 11.92
N ALA A 79 -2.82 -21.14 12.40
CA ALA A 79 -3.11 -19.74 12.13
C ALA A 79 -2.81 -19.32 10.71
N GLY A 80 -3.66 -18.48 10.10
CA GLY A 80 -3.58 -17.87 8.78
C GLY A 80 -3.32 -16.38 8.91
N LYS A 81 -2.50 -15.77 8.05
CA LYS A 81 -2.06 -14.40 8.10
C LYS A 81 -2.11 -13.78 6.71
N LYS A 82 -2.54 -12.53 6.57
CA LYS A 82 -2.67 -11.86 5.29
C LYS A 82 -2.40 -10.37 5.42
N ILE A 83 -1.77 -9.72 4.44
CA ILE A 83 -1.28 -8.35 4.49
C ILE A 83 -2.50 -7.53 4.10
N LYS A 84 -2.69 -6.39 4.74
CA LYS A 84 -3.71 -5.41 4.39
C LYS A 84 -3.10 -4.04 4.64
N LEU A 85 -3.30 -3.17 3.66
CA LEU A 85 -3.10 -1.73 3.75
C LEU A 85 -4.44 -1.08 4.11
N THR A 86 -4.41 0.04 4.82
CA THR A 86 -5.49 1.01 4.98
C THR A 86 -4.98 2.38 4.57
N VAL A 87 -5.86 3.20 3.97
CA VAL A 87 -5.67 4.59 3.59
C VAL A 87 -6.71 5.36 4.40
N SER A 88 -6.19 6.42 5.02
CA SER A 88 -6.89 7.33 5.90
C SER A 88 -7.76 8.34 5.17
N LYS A 89 -8.89 8.75 5.73
CA LYS A 89 -9.95 9.61 5.23
C LYS A 89 -9.65 10.69 4.21
N ILE A 90 -8.82 11.64 4.62
CA ILE A 90 -8.39 12.84 3.93
C ILE A 90 -7.67 12.55 2.62
N LEU A 91 -7.21 11.30 2.44
CA LEU A 91 -6.57 10.93 1.20
C LEU A 91 -7.48 10.13 0.27
N THR A 92 -8.60 9.67 0.82
CA THR A 92 -9.50 8.76 0.15
C THR A 92 -10.98 9.01 0.44
N ASP A 93 -11.51 10.21 0.67
CA ASP A 93 -12.94 10.40 0.85
C ASP A 93 -13.36 11.70 0.18
N ALA A 94 -13.72 11.63 -1.10
CA ALA A 94 -14.11 12.73 -1.96
C ALA A 94 -13.01 13.66 -2.46
N VAL A 95 -11.76 13.22 -2.25
CA VAL A 95 -10.56 13.92 -2.67
C VAL A 95 -9.57 12.83 -3.05
N ASP A 96 -8.60 13.26 -3.86
CA ASP A 96 -7.33 12.64 -4.16
C ASP A 96 -7.52 11.35 -4.95
N SER A 97 -7.63 10.20 -4.28
CA SER A 97 -7.65 8.87 -4.86
C SER A 97 -9.08 8.44 -5.20
N HIS A 98 -10.08 8.85 -4.42
CA HIS A 98 -11.48 8.54 -4.50
C HIS A 98 -12.27 9.84 -4.52
N LYS A 99 -12.51 10.26 -5.78
CA LYS A 99 -13.22 11.44 -6.22
C LYS A 99 -14.11 11.08 -7.41
N MET B 1 6.48 -3.44 18.84
CA MET B 1 5.53 -2.36 18.52
C MET B 1 5.43 -2.29 17.00
N ALA B 2 4.26 -1.79 16.56
CA ALA B 2 3.97 -1.20 15.27
C ALA B 2 4.91 -0.02 15.07
N LYS B 3 5.41 0.15 13.85
CA LYS B 3 6.56 0.97 13.54
C LYS B 3 6.03 2.38 13.26
N ILE B 4 6.10 3.28 14.24
CA ILE B 4 5.65 4.65 14.16
C ILE B 4 6.61 5.50 13.35
N LYS B 5 6.17 6.66 12.84
CA LYS B 5 6.97 7.71 12.22
C LYS B 5 8.38 7.99 12.70
N SER B 6 8.60 8.08 14.01
CA SER B 6 9.86 8.33 14.69
C SER B 6 10.84 7.17 14.75
N LEU B 7 10.35 5.94 14.50
CA LEU B 7 11.09 4.72 14.40
C LEU B 7 11.36 4.43 12.92
N SER B 8 10.51 4.90 12.01
CA SER B 8 10.75 4.90 10.58
C SER B 8 11.68 6.01 10.12
N ALA B 9 11.60 7.18 10.77
CA ALA B 9 12.50 8.26 10.46
C ALA B 9 13.96 7.93 10.72
N ALA B 10 14.29 6.99 11.61
CA ALA B 10 15.61 6.44 11.87
C ALA B 10 15.88 5.09 11.22
N GLU B 11 14.91 4.56 10.47
CA GLU B 11 15.06 3.34 9.72
C GLU B 11 15.36 3.60 8.25
N TYR B 12 14.85 4.59 7.53
CA TYR B 12 14.96 4.77 6.09
C TYR B 12 16.39 4.72 5.60
N LEU B 13 17.23 5.46 6.33
CA LEU B 13 18.62 5.67 5.97
C LEU B 13 19.50 4.50 6.41
N LYS B 14 19.10 3.73 7.42
CA LYS B 14 19.68 2.50 7.93
C LYS B 14 19.49 1.48 6.82
N GLU B 15 18.26 1.47 6.31
CA GLU B 15 17.92 0.56 5.23
C GLU B 15 18.54 0.91 3.89
N MET B 16 18.27 2.11 3.34
CA MET B 16 18.75 2.62 2.08
C MET B 16 19.03 4.11 2.27
N ALA B 17 20.32 4.46 2.30
CA ALA B 17 20.86 5.79 2.10
C ALA B 17 21.80 5.83 0.90
N ASP B 18 22.42 4.68 0.63
CA ASP B 18 23.52 4.43 -0.29
C ASP B 18 24.83 5.09 0.13
N GLU B 19 25.12 5.02 1.43
CA GLU B 19 26.12 5.79 2.15
C GLU B 19 25.73 7.20 2.51
N THR B 20 25.47 8.04 1.49
CA THR B 20 25.37 9.49 1.62
C THR B 20 24.59 10.13 0.48
N ASN B 21 23.98 9.28 -0.35
CA ASN B 21 23.21 9.74 -1.48
C ASN B 21 22.03 10.45 -0.81
N ILE B 22 21.24 9.76 0.00
CA ILE B 22 20.02 10.27 0.61
C ILE B 22 20.51 10.88 1.91
N LYS B 23 20.00 12.08 2.22
CA LYS B 23 20.06 12.78 3.48
C LYS B 23 18.65 12.85 4.03
N VAL B 24 18.56 12.92 5.37
CA VAL B 24 17.31 13.06 6.09
C VAL B 24 16.39 14.21 5.67
N GLN B 25 16.91 15.25 5.02
CA GLN B 25 16.22 16.36 4.38
C GLN B 25 15.45 15.85 3.18
N ASP B 26 16.10 15.02 2.37
CA ASP B 26 15.49 14.48 1.17
C ASP B 26 14.28 13.63 1.52
N ILE B 27 14.37 12.69 2.48
CA ILE B 27 13.33 11.98 3.19
C ILE B 27 12.14 12.85 3.57
N ARG B 28 12.39 13.90 4.37
CA ARG B 28 11.39 14.85 4.80
C ARG B 28 10.66 15.68 3.75
N LEU B 29 10.96 15.54 2.47
CA LEU B 29 10.18 16.29 1.50
C LEU B 29 9.17 15.32 0.90
N VAL B 30 9.73 14.24 0.36
CA VAL B 30 9.17 13.03 -0.23
C VAL B 30 8.01 12.41 0.51
N VAL B 31 8.03 12.31 1.84
CA VAL B 31 6.98 11.77 2.68
C VAL B 31 5.73 12.65 2.83
N THR B 32 5.67 13.88 2.34
CA THR B 32 4.58 14.81 2.54
C THR B 32 3.99 15.20 1.18
N SER B 33 4.34 14.42 0.15
CA SER B 33 4.13 14.78 -1.23
C SER B 33 3.76 13.61 -2.14
N LEU B 34 4.58 12.55 -2.06
CA LEU B 34 4.55 11.37 -2.89
C LEU B 34 3.17 10.80 -3.15
N GLN B 35 2.44 10.65 -2.04
CA GLN B 35 1.12 10.06 -1.88
C GLN B 35 -0.02 10.91 -2.43
N LYS B 36 0.24 12.20 -2.64
CA LYS B 36 -0.67 13.06 -3.37
C LYS B 36 -0.54 12.65 -4.83
N VAL B 37 0.69 12.59 -5.33
CA VAL B 37 1.05 12.36 -6.71
C VAL B 37 0.70 10.97 -7.22
N LEU B 38 0.77 9.97 -6.35
CA LEU B 38 0.30 8.63 -6.66
C LEU B 38 -1.18 8.38 -6.46
N ALA B 39 -1.87 9.02 -5.51
CA ALA B 39 -3.32 8.99 -5.45
C ALA B 39 -4.03 9.33 -6.75
N LYS B 40 -3.78 10.47 -7.38
CA LYS B 40 -4.42 10.95 -8.59
C LYS B 40 -4.28 10.02 -9.78
N GLU B 41 -3.16 9.33 -9.91
CA GLU B 41 -2.90 8.34 -10.93
C GLU B 41 -3.46 6.95 -10.71
N LEU B 42 -3.70 6.58 -9.45
CA LEU B 42 -4.40 5.38 -9.03
C LEU B 42 -5.90 5.58 -9.20
N ALA B 43 -6.38 6.82 -9.12
CA ALA B 43 -7.77 7.24 -9.28
C ALA B 43 -8.35 6.89 -10.65
N THR B 44 -7.55 6.35 -11.59
CA THR B 44 -7.95 5.80 -12.87
C THR B 44 -7.44 4.36 -12.99
N THR B 45 -7.31 3.74 -14.18
CA THR B 45 -6.63 2.47 -14.37
C THR B 45 -5.13 2.66 -14.54
N GLY B 46 -4.57 2.91 -13.35
CA GLY B 46 -3.16 3.19 -13.11
C GLY B 46 -2.77 2.04 -12.20
N GLU B 47 -1.79 1.22 -12.56
CA GLU B 47 -1.16 0.11 -11.89
C GLU B 47 0.15 0.66 -11.32
N VAL B 48 0.21 0.99 -10.02
CA VAL B 48 1.31 1.66 -9.40
C VAL B 48 2.13 0.56 -8.74
N ARG B 49 3.21 0.21 -9.44
CA ARG B 49 4.31 -0.66 -9.03
C ARG B 49 5.31 0.23 -8.30
N LEU B 50 5.72 -0.18 -7.10
CA LEU B 50 6.69 0.50 -6.26
C LEU B 50 7.62 -0.62 -5.84
N PHE B 51 8.94 -0.39 -5.72
CA PHE B 51 9.99 -1.36 -5.56
C PHE B 51 9.98 -2.05 -4.21
N ASP B 52 10.09 -3.39 -4.21
CA ASP B 52 10.21 -4.37 -3.18
C ASP B 52 8.83 -4.64 -2.60
N ILE B 53 7.94 -3.64 -2.43
CA ILE B 53 6.61 -3.71 -1.86
C ILE B 53 5.62 -4.37 -2.79
N GLY B 54 5.66 -4.06 -4.10
CA GLY B 54 4.90 -4.79 -5.08
C GLY B 54 4.07 -3.82 -5.92
N LYS B 55 2.76 -3.99 -6.09
CA LYS B 55 1.95 -3.04 -6.82
C LYS B 55 0.61 -2.84 -6.14
N PHE B 56 0.21 -1.57 -6.13
CA PHE B 56 -0.98 -0.97 -5.59
C PHE B 56 -1.87 -0.79 -6.80
N LYS B 57 -3.17 -0.79 -6.52
CA LYS B 57 -4.32 -0.67 -7.41
C LYS B 57 -5.63 -0.35 -6.72
N LEU B 58 -6.46 0.42 -7.44
CA LEU B 58 -7.80 0.77 -7.00
C LEU B 58 -8.74 -0.33 -7.45
N VAL B 59 -9.52 -0.87 -6.52
CA VAL B 59 -10.52 -1.90 -6.74
C VAL B 59 -11.81 -1.40 -6.12
N THR B 60 -12.95 -1.74 -6.71
CA THR B 60 -14.25 -1.21 -6.32
C THR B 60 -14.84 -1.97 -5.14
N THR B 61 -15.85 -1.37 -4.51
CA THR B 61 -16.85 -2.01 -3.66
C THR B 61 -18.15 -2.02 -4.44
N LYS B 62 -18.81 -3.17 -4.35
CA LYS B 62 -20.04 -3.60 -4.98
C LYS B 62 -21.22 -2.75 -4.55
N PRO B 63 -21.97 -2.13 -5.48
CA PRO B 63 -23.15 -1.37 -5.10
C PRO B 63 -24.24 -2.16 -4.39
N ARG B 64 -25.12 -1.38 -3.76
CA ARG B 64 -26.49 -1.69 -3.40
C ARG B 64 -27.47 -1.15 -4.44
N THR B 65 -28.70 -1.70 -4.38
CA THR B 65 -29.83 -1.52 -5.26
C THR B 65 -31.14 -1.65 -4.49
N GLY B 66 -32.10 -0.78 -4.79
CA GLY B 66 -33.44 -0.82 -4.25
C GLY B 66 -34.53 -0.60 -5.30
N ILE B 67 -35.83 -0.53 -5.00
CA ILE B 67 -36.95 -0.26 -5.88
C ILE B 67 -37.52 1.09 -5.49
N ASN B 68 -38.04 1.86 -6.44
CA ASN B 68 -38.82 3.08 -6.31
C ASN B 68 -40.23 2.72 -5.82
N PRO B 69 -40.73 3.45 -4.81
CA PRO B 69 -42.07 3.20 -4.33
C PRO B 69 -43.18 3.65 -5.27
N LYS B 70 -43.05 4.82 -5.88
CA LYS B 70 -44.02 5.59 -6.63
C LYS B 70 -44.26 5.13 -8.07
N THR B 71 -43.28 4.36 -8.56
CA THR B 71 -43.19 3.93 -9.93
C THR B 71 -42.35 2.68 -10.08
N LYS B 72 -42.60 1.96 -11.17
CA LYS B 72 -41.78 0.85 -11.60
C LYS B 72 -40.43 1.42 -12.02
N GLN B 73 -39.40 1.32 -11.18
CA GLN B 73 -38.06 1.82 -11.36
C GLN B 73 -37.09 1.36 -10.28
N LYS B 74 -35.87 1.01 -10.68
CA LYS B 74 -34.80 0.61 -9.78
C LYS B 74 -33.97 1.85 -9.44
N ILE B 75 -33.55 2.01 -8.18
CA ILE B 75 -32.55 2.94 -7.68
C ILE B 75 -31.21 2.21 -7.58
N GLN B 76 -30.09 2.87 -7.84
CA GLN B 76 -28.76 2.30 -7.84
C GLN B 76 -28.00 3.06 -6.75
N ILE B 77 -27.35 2.42 -5.78
CA ILE B 77 -26.71 3.10 -4.66
C ILE B 77 -25.27 2.63 -4.55
N PRO B 78 -24.21 3.43 -4.63
CA PRO B 78 -22.85 2.93 -4.68
C PRO B 78 -22.23 2.60 -3.33
N ALA B 79 -21.05 2.00 -3.29
CA ALA B 79 -20.34 1.67 -2.08
C ALA B 79 -18.84 1.98 -2.00
N GLY B 80 -18.36 2.79 -2.92
CA GLY B 80 -17.05 3.43 -2.89
C GLY B 80 -15.92 2.78 -3.69
N LYS B 81 -14.71 3.32 -3.60
CA LYS B 81 -13.49 2.82 -4.22
C LYS B 81 -12.33 2.81 -3.22
N LYS B 82 -11.42 1.84 -3.27
CA LYS B 82 -10.30 1.79 -2.35
C LYS B 82 -9.08 1.39 -3.18
N ILE B 83 -7.90 1.81 -2.71
CA ILE B 83 -6.61 1.25 -3.03
C ILE B 83 -6.44 -0.05 -2.24
N LYS B 84 -5.98 -1.12 -2.91
CA LYS B 84 -5.41 -2.30 -2.30
C LYS B 84 -3.97 -2.28 -2.80
N LEU B 85 -3.10 -2.88 -1.97
CA LEU B 85 -1.90 -3.52 -2.46
C LEU B 85 -2.11 -5.02 -2.74
N THR B 86 -1.53 -5.48 -3.85
CA THR B 86 -1.31 -6.87 -4.16
C THR B 86 0.21 -7.05 -4.17
N VAL B 87 0.73 -8.13 -3.59
CA VAL B 87 2.03 -8.19 -2.95
C VAL B 87 3.14 -8.62 -3.91
N SER B 88 4.38 -8.59 -3.42
CA SER B 88 5.62 -8.90 -4.09
C SER B 88 5.96 -10.39 -4.02
N LYS B 89 6.92 -10.92 -4.78
CA LYS B 89 7.50 -12.23 -4.75
C LYS B 89 8.18 -12.39 -3.38
N ILE B 90 8.84 -11.34 -2.91
CA ILE B 90 9.47 -11.34 -1.60
C ILE B 90 8.49 -11.57 -0.47
N LEU B 91 7.32 -10.93 -0.47
CA LEU B 91 6.26 -11.10 0.50
C LEU B 91 5.44 -12.36 0.29
N THR B 92 5.34 -12.95 -0.90
CA THR B 92 4.71 -14.23 -1.11
C THR B 92 5.43 -15.44 -0.53
N ASP B 93 6.76 -15.38 -0.60
CA ASP B 93 7.64 -16.43 -0.12
C ASP B 93 7.96 -16.22 1.36
N ALA B 94 8.01 -14.95 1.77
CA ALA B 94 8.03 -14.61 3.18
C ALA B 94 6.81 -14.96 4.02
N VAL B 95 5.54 -14.74 3.64
CA VAL B 95 4.35 -15.25 4.28
C VAL B 95 4.20 -16.77 4.31
N ASP B 96 4.87 -17.42 3.36
CA ASP B 96 5.03 -18.86 3.34
C ASP B 96 5.99 -19.39 4.40
N SER B 97 7.19 -18.82 4.38
CA SER B 97 8.22 -19.10 5.34
C SER B 97 9.30 -18.04 5.11
N HIS B 98 9.50 -17.15 6.09
CA HIS B 98 10.36 -15.99 5.99
C HIS B 98 11.78 -16.44 6.27
N LYS B 99 12.62 -16.28 5.24
CA LYS B 99 14.02 -16.69 5.33
C LYS B 99 14.91 -15.67 4.65
N MET A 1 -13.60 -2.84 -22.24
CA MET A 1 -12.23 -2.90 -21.71
C MET A 1 -11.61 -1.53 -21.55
N ALA A 2 -10.81 -1.40 -20.48
CA ALA A 2 -10.03 -0.21 -20.16
C ALA A 2 -8.57 -0.35 -20.58
N LYS A 3 -7.83 0.76 -20.68
CA LYS A 3 -6.38 0.84 -20.85
C LYS A 3 -5.93 1.36 -19.49
N ILE A 4 -5.38 0.48 -18.67
CA ILE A 4 -4.91 0.76 -17.32
C ILE A 4 -3.43 1.05 -17.56
N LYS A 5 -2.95 2.20 -17.08
CA LYS A 5 -1.65 2.82 -17.32
C LYS A 5 -0.76 2.20 -16.25
N SER A 6 0.38 1.73 -16.74
CA SER A 6 1.54 1.36 -15.96
C SER A 6 2.36 2.61 -15.73
N LEU A 7 2.83 2.78 -14.49
CA LEU A 7 3.70 3.86 -14.11
C LEU A 7 4.44 3.42 -12.86
N SER A 8 5.40 4.24 -12.41
CA SER A 8 6.21 4.07 -11.21
C SER A 8 6.89 5.42 -11.07
N ALA A 9 8.13 5.42 -10.57
CA ALA A 9 8.95 6.54 -10.14
C ALA A 9 9.15 7.67 -11.14
N ALA A 10 9.21 7.47 -12.46
CA ALA A 10 9.23 8.60 -13.37
C ALA A 10 8.17 9.68 -13.23
N GLU A 11 6.91 9.28 -13.07
CA GLU A 11 5.73 10.11 -13.20
C GLU A 11 5.77 11.16 -12.10
N TYR A 12 6.27 10.81 -10.92
CA TYR A 12 6.64 11.66 -9.82
C TYR A 12 7.56 12.80 -10.26
N LEU A 13 8.71 12.46 -10.82
CA LEU A 13 9.74 13.35 -11.32
C LEU A 13 9.31 14.24 -12.48
N LYS A 14 8.30 13.79 -13.24
CA LYS A 14 7.65 14.35 -14.40
C LYS A 14 6.74 15.51 -14.01
N GLU A 15 6.28 15.45 -12.75
CA GLU A 15 5.45 16.46 -12.12
C GLU A 15 6.20 17.48 -11.27
N MET A 16 7.28 16.99 -10.64
CA MET A 16 8.07 17.74 -9.67
C MET A 16 9.24 18.51 -10.27
N ALA A 17 9.18 18.83 -11.57
CA ALA A 17 10.14 19.52 -12.40
C ALA A 17 10.79 20.76 -11.79
N ASP A 18 10.08 21.61 -11.05
CA ASP A 18 10.63 22.75 -10.35
C ASP A 18 11.59 22.31 -9.27
N GLU A 19 11.26 21.22 -8.59
CA GLU A 19 11.85 20.93 -7.29
C GLU A 19 12.87 19.82 -7.51
N THR A 20 12.72 18.87 -8.43
CA THR A 20 13.65 17.79 -8.66
C THR A 20 14.22 17.89 -10.07
N ASN A 21 15.48 18.32 -10.22
CA ASN A 21 16.12 18.29 -11.52
C ASN A 21 17.63 18.32 -11.35
N ILE A 22 18.15 19.13 -10.41
CA ILE A 22 19.57 19.25 -10.19
C ILE A 22 20.03 17.96 -9.55
N LYS A 23 19.23 17.41 -8.64
CA LYS A 23 19.18 16.10 -8.00
C LYS A 23 17.81 15.56 -8.36
N VAL A 24 17.90 14.43 -9.07
CA VAL A 24 16.90 13.82 -9.90
C VAL A 24 16.90 12.31 -9.83
N GLN A 25 18.07 11.78 -10.22
CA GLN A 25 18.36 10.36 -10.19
C GLN A 25 18.51 9.81 -8.78
N ASP A 26 19.05 10.60 -7.86
CA ASP A 26 19.29 10.25 -6.47
C ASP A 26 17.99 10.20 -5.67
N ILE A 27 16.94 10.87 -6.15
CA ILE A 27 15.66 11.00 -5.48
C ILE A 27 14.92 9.67 -5.40
N ARG A 28 15.22 8.84 -6.42
CA ARG A 28 14.57 7.57 -6.59
C ARG A 28 14.88 6.61 -5.45
N LEU A 29 16.09 6.72 -4.88
CA LEU A 29 16.59 6.02 -3.72
C LEU A 29 15.85 6.35 -2.44
N VAL A 30 15.46 7.62 -2.39
CA VAL A 30 14.76 8.23 -1.27
C VAL A 30 13.31 7.76 -1.33
N VAL A 31 12.77 7.51 -2.52
CA VAL A 31 11.47 6.88 -2.61
C VAL A 31 11.59 5.43 -2.17
N THR A 32 12.64 4.72 -2.59
CA THR A 32 12.98 3.35 -2.34
C THR A 32 13.29 3.10 -0.87
N SER A 33 13.88 4.07 -0.17
CA SER A 33 14.19 3.89 1.24
C SER A 33 13.01 3.88 2.19
N LEU A 34 11.84 4.29 1.69
CA LEU A 34 10.63 4.11 2.48
C LEU A 34 10.11 2.70 2.27
N GLN A 35 10.32 2.09 1.11
CA GLN A 35 9.71 0.84 0.68
C GLN A 35 10.49 -0.32 1.31
N LYS A 36 11.81 -0.16 1.38
CA LYS A 36 12.70 -1.24 1.76
C LYS A 36 12.47 -1.51 3.23
N VAL A 37 12.10 -0.49 4.00
CA VAL A 37 11.68 -0.67 5.37
C VAL A 37 10.27 -1.22 5.37
N LEU A 38 9.28 -0.66 4.66
CA LEU A 38 7.90 -1.06 4.54
C LEU A 38 7.60 -2.52 4.20
N ALA A 39 8.29 -3.09 3.22
CA ALA A 39 8.14 -4.49 2.87
C ALA A 39 8.73 -5.43 3.91
N LYS A 40 9.65 -4.95 4.74
CA LYS A 40 10.50 -5.74 5.63
C LYS A 40 9.69 -6.06 6.87
N GLU A 41 8.95 -5.13 7.48
CA GLU A 41 7.97 -5.32 8.53
C GLU A 41 6.79 -6.16 8.05
N LEU A 42 6.42 -5.89 6.80
CA LEU A 42 5.45 -6.66 6.06
C LEU A 42 5.88 -8.11 5.92
N ALA A 43 7.17 -8.39 5.73
CA ALA A 43 7.69 -9.74 5.62
C ALA A 43 7.79 -10.47 6.95
N THR A 44 8.13 -9.73 8.01
CA THR A 44 8.11 -10.22 9.39
C THR A 44 6.77 -10.25 10.12
N THR A 45 5.66 -9.76 9.54
CA THR A 45 4.30 -9.81 10.01
C THR A 45 3.95 -8.77 11.06
N GLY A 46 4.18 -7.50 10.74
CA GLY A 46 4.00 -6.37 11.63
C GLY A 46 2.95 -5.37 11.16
N GLU A 47 2.99 -4.13 11.63
CA GLU A 47 2.06 -3.10 11.20
C GLU A 47 2.94 -1.84 11.17
N VAL A 48 2.73 -0.99 10.16
CA VAL A 48 3.39 0.29 9.99
C VAL A 48 2.25 1.30 9.88
N ARG A 49 2.16 2.24 10.82
CA ARG A 49 1.17 3.29 10.68
C ARG A 49 1.97 4.48 10.17
N LEU A 50 1.40 5.07 9.12
CA LEU A 50 1.89 6.31 8.53
C LEU A 50 1.20 7.48 9.20
N PHE A 51 1.84 8.64 9.26
CA PHE A 51 1.15 9.81 9.76
C PHE A 51 0.01 10.26 8.87
N ASP A 52 -1.19 10.33 9.46
CA ASP A 52 -2.47 10.69 8.88
C ASP A 52 -3.07 9.70 7.89
N ILE A 53 -2.29 9.20 6.92
CA ILE A 53 -2.59 8.41 5.74
C ILE A 53 -3.39 7.16 6.04
N GLY A 54 -3.08 6.45 7.12
CA GLY A 54 -3.54 5.12 7.44
C GLY A 54 -2.41 4.12 7.66
N LYS A 55 -2.60 2.83 7.47
CA LYS A 55 -1.65 1.80 7.85
C LYS A 55 -1.36 0.68 6.85
N PHE A 56 -0.13 0.16 6.87
CA PHE A 56 0.21 -1.05 6.17
C PHE A 56 0.18 -2.17 7.18
N LYS A 57 -0.60 -3.23 6.95
CA LYS A 57 -0.84 -4.35 7.84
C LYS A 57 -0.99 -5.70 7.16
N LEU A 58 -1.10 -6.74 7.99
CA LEU A 58 -1.46 -8.10 7.61
C LEU A 58 -2.75 -8.56 8.28
N VAL A 59 -3.57 -9.27 7.51
CA VAL A 59 -4.64 -10.20 7.78
C VAL A 59 -3.97 -11.55 8.10
N THR A 60 -3.98 -12.11 9.31
CA THR A 60 -3.44 -13.41 9.61
C THR A 60 -4.27 -14.17 10.65
N THR A 61 -4.53 -15.44 10.37
CA THR A 61 -5.21 -16.41 11.21
C THR A 61 -4.13 -17.37 11.70
N LYS A 62 -4.01 -17.63 12.99
CA LYS A 62 -3.21 -18.69 13.58
C LYS A 62 -3.81 -20.08 13.37
N PRO A 63 -3.09 -21.19 13.53
CA PRO A 63 -3.59 -22.54 13.45
C PRO A 63 -4.50 -23.03 14.57
N ARG A 64 -5.06 -24.21 14.28
CA ARG A 64 -6.11 -24.92 14.99
C ARG A 64 -6.06 -26.42 14.80
N THR A 65 -6.86 -27.15 15.59
CA THR A 65 -7.14 -28.52 15.23
C THR A 65 -8.61 -28.86 15.47
N GLY A 66 -9.20 -29.60 14.52
CA GLY A 66 -10.54 -30.12 14.59
C GLY A 66 -10.41 -31.63 14.66
N ILE A 67 -11.47 -32.28 15.12
CA ILE A 67 -11.67 -33.71 15.11
C ILE A 67 -12.52 -34.09 13.90
N ASN A 68 -12.42 -35.36 13.52
CA ASN A 68 -13.05 -36.22 12.56
C ASN A 68 -14.40 -36.61 13.13
N PRO A 69 -15.51 -36.55 12.38
CA PRO A 69 -16.83 -36.93 12.81
C PRO A 69 -17.21 -38.40 12.70
N LYS A 70 -16.42 -39.11 11.88
CA LYS A 70 -16.65 -40.50 11.50
C LYS A 70 -15.81 -41.42 12.38
N THR A 71 -14.61 -41.07 12.84
CA THR A 71 -13.74 -41.89 13.66
C THR A 71 -13.19 -41.00 14.77
N LYS A 72 -12.42 -41.50 15.75
CA LYS A 72 -11.50 -40.81 16.63
C LYS A 72 -10.21 -40.45 15.92
N GLN A 73 -10.20 -39.52 14.96
CA GLN A 73 -9.01 -38.95 14.34
C GLN A 73 -9.15 -37.43 14.41
N LYS A 74 -8.19 -36.74 13.78
CA LYS A 74 -8.11 -35.31 13.91
C LYS A 74 -7.53 -34.63 12.66
N ILE A 75 -7.83 -33.35 12.45
CA ILE A 75 -7.33 -32.56 11.35
C ILE A 75 -6.47 -31.43 11.93
N GLN A 76 -5.23 -31.23 11.48
CA GLN A 76 -4.41 -30.08 11.80
C GLN A 76 -4.82 -29.00 10.79
N ILE A 77 -5.25 -27.83 11.25
CA ILE A 77 -5.77 -26.75 10.44
C ILE A 77 -4.61 -25.77 10.35
N PRO A 78 -4.13 -25.43 9.16
CA PRO A 78 -3.06 -24.45 9.10
C PRO A 78 -3.59 -23.03 9.24
N ALA A 79 -2.57 -22.22 9.52
CA ALA A 79 -2.59 -20.76 9.58
C ALA A 79 -2.72 -20.18 8.17
N GLY A 80 -3.33 -19.01 8.09
CA GLY A 80 -3.55 -18.16 6.92
C GLY A 80 -2.73 -16.90 7.16
N LYS A 81 -2.46 -16.13 6.11
CA LYS A 81 -1.71 -14.90 6.23
C LYS A 81 -1.85 -14.18 4.90
N LYS A 82 -2.19 -12.88 4.88
CA LYS A 82 -2.00 -12.08 3.69
C LYS A 82 -1.92 -10.60 4.03
N ILE A 83 -1.15 -9.80 3.27
CA ILE A 83 -0.92 -8.40 3.50
C ILE A 83 -2.09 -7.56 3.01
N LYS A 84 -2.28 -6.38 3.63
CA LYS A 84 -3.40 -5.50 3.44
C LYS A 84 -3.09 -4.03 3.73
N LEU A 85 -3.16 -3.13 2.74
CA LEU A 85 -3.02 -1.69 2.85
C LEU A 85 -4.43 -1.24 3.20
N THR A 86 -4.54 -0.44 4.28
CA THR A 86 -5.75 0.27 4.61
C THR A 86 -5.43 1.74 4.74
N VAL A 87 -5.51 2.50 3.64
CA VAL A 87 -5.59 3.96 3.60
C VAL A 87 -6.88 4.41 4.28
N SER A 88 -6.79 5.44 5.12
CA SER A 88 -7.86 6.09 5.88
C SER A 88 -8.77 6.71 4.84
N LYS A 89 -10.08 6.47 4.92
CA LYS A 89 -11.08 6.80 3.93
C LYS A 89 -11.03 8.23 3.36
N ILE A 90 -10.47 9.21 4.06
CA ILE A 90 -10.43 10.60 3.68
C ILE A 90 -9.75 10.84 2.34
N LEU A 91 -8.74 10.00 2.06
CA LEU A 91 -7.99 10.04 0.82
C LEU A 91 -8.74 9.29 -0.29
N THR A 92 -9.91 8.70 -0.01
CA THR A 92 -10.72 7.90 -0.92
C THR A 92 -12.21 8.12 -0.73
N ASP A 93 -12.68 9.25 -0.20
CA ASP A 93 -14.04 9.65 0.07
C ASP A 93 -14.18 11.15 -0.11
N ALA A 94 -14.88 11.50 -1.19
CA ALA A 94 -15.44 12.78 -1.54
C ALA A 94 -14.40 13.76 -2.09
N VAL A 95 -13.16 13.27 -2.04
CA VAL A 95 -11.95 13.89 -2.53
C VAL A 95 -10.89 12.88 -2.93
N ASP A 96 -9.85 13.39 -3.60
CA ASP A 96 -8.52 12.87 -3.85
C ASP A 96 -8.56 11.72 -4.84
N SER A 97 -9.26 10.61 -4.62
CA SER A 97 -9.35 9.45 -5.49
C SER A 97 -10.78 9.11 -5.92
N HIS A 98 -11.81 9.51 -5.19
CA HIS A 98 -13.13 8.91 -5.21
C HIS A 98 -14.26 9.76 -4.62
N LYS A 99 -15.34 10.00 -5.38
CA LYS A 99 -16.58 10.60 -4.99
C LYS A 99 -17.73 9.93 -5.73
N MET B 1 5.80 -3.70 18.34
CA MET B 1 4.91 -2.52 18.41
C MET B 1 4.67 -2.15 16.96
N ALA B 2 3.57 -1.44 16.70
CA ALA B 2 3.23 -0.75 15.48
C ALA B 2 4.14 0.44 15.19
N LYS B 3 4.66 0.55 13.96
CA LYS B 3 5.80 1.42 13.76
C LYS B 3 5.28 2.74 13.21
N ILE B 4 5.35 3.83 14.00
CA ILE B 4 4.94 5.15 13.61
C ILE B 4 6.13 6.00 13.21
N LYS B 5 5.79 7.15 12.65
CA LYS B 5 6.59 7.96 11.74
C LYS B 5 7.98 8.24 12.31
N SER B 6 8.14 8.52 13.60
CA SER B 6 9.39 8.77 14.28
C SER B 6 10.35 7.59 14.35
N LEU B 7 9.78 6.38 14.40
CA LEU B 7 10.56 5.18 14.60
C LEU B 7 10.91 4.55 13.27
N SER B 8 10.14 4.88 12.24
CA SER B 8 10.49 4.66 10.84
C SER B 8 11.52 5.70 10.44
N ALA B 9 11.47 6.95 10.91
CA ALA B 9 12.27 8.09 10.52
C ALA B 9 13.76 7.81 10.55
N ALA B 10 14.11 7.03 11.57
CA ALA B 10 15.47 6.55 11.75
C ALA B 10 15.88 5.34 10.92
N GLU B 11 14.99 4.37 10.78
CA GLU B 11 15.05 3.13 10.03
C GLU B 11 15.40 3.21 8.56
N TYR B 12 14.91 4.26 7.89
CA TYR B 12 15.14 4.53 6.48
C TYR B 12 16.62 4.62 6.17
N LEU B 13 17.33 5.45 6.93
CA LEU B 13 18.77 5.62 6.87
C LEU B 13 19.56 4.42 7.38
N LYS B 14 18.96 3.56 8.21
CA LYS B 14 19.58 2.38 8.76
C LYS B 14 19.64 1.27 7.72
N GLU B 15 18.58 1.20 6.91
CA GLU B 15 18.35 0.26 5.84
C GLU B 15 18.85 0.66 4.45
N MET B 16 19.09 1.95 4.22
CA MET B 16 19.33 2.56 2.93
C MET B 16 19.68 4.04 3.13
N ALA B 17 21.00 4.26 3.14
CA ALA B 17 21.53 5.58 2.95
C ALA B 17 22.24 5.70 1.61
N ASP B 18 22.71 4.58 1.07
CA ASP B 18 23.58 4.41 -0.07
C ASP B 18 25.02 4.74 0.27
N GLU B 19 25.40 4.39 1.51
CA GLU B 19 26.54 4.75 2.32
C GLU B 19 26.12 6.05 3.02
N THR B 20 26.05 7.12 2.23
CA THR B 20 25.81 8.45 2.73
C THR B 20 25.24 9.36 1.64
N ASN B 21 24.34 8.87 0.80
CA ASN B 21 23.69 9.65 -0.23
C ASN B 21 22.51 10.34 0.42
N ILE B 22 21.54 9.57 0.94
CA ILE B 22 20.31 10.06 1.49
C ILE B 22 20.58 10.69 2.86
N LYS B 23 20.06 11.89 3.13
CA LYS B 23 20.14 12.69 4.34
C LYS B 23 18.74 13.14 4.76
N VAL B 24 18.52 13.44 6.04
CA VAL B 24 17.22 13.63 6.63
C VAL B 24 16.40 14.72 5.97
N GLN B 25 17.11 15.58 5.23
CA GLN B 25 16.50 16.75 4.60
C GLN B 25 15.71 16.21 3.41
N ASP B 26 16.19 15.15 2.76
CA ASP B 26 15.73 14.49 1.54
C ASP B 26 14.50 13.67 1.87
N ILE B 27 14.51 13.04 3.04
CA ILE B 27 13.37 12.30 3.57
C ILE B 27 12.18 13.23 3.74
N ARG B 28 12.43 14.39 4.38
CA ARG B 28 11.41 15.36 4.74
C ARG B 28 10.82 16.09 3.53
N LEU B 29 11.49 16.04 2.39
CA LEU B 29 10.91 16.40 1.10
C LEU B 29 10.06 15.31 0.44
N VAL B 30 10.46 14.05 0.63
CA VAL B 30 9.65 13.00 0.03
C VAL B 30 8.43 12.63 0.87
N VAL B 31 8.49 12.73 2.20
CA VAL B 31 7.37 12.15 2.93
C VAL B 31 6.22 13.14 3.04
N THR B 32 6.34 14.35 2.48
CA THR B 32 5.35 15.42 2.44
C THR B 32 4.78 15.49 1.03
N SER B 33 5.39 14.87 0.03
CA SER B 33 5.02 15.11 -1.35
C SER B 33 4.51 13.89 -2.11
N LEU B 34 5.14 12.74 -1.81
CA LEU B 34 5.08 11.47 -2.50
C LEU B 34 3.68 11.06 -2.89
N GLN B 35 2.87 10.74 -1.88
CA GLN B 35 1.46 10.37 -1.87
C GLN B 35 0.57 11.47 -2.42
N LYS B 36 1.01 12.72 -2.43
CA LYS B 36 0.28 13.88 -2.91
C LYS B 36 0.44 14.05 -4.41
N VAL B 37 1.50 13.58 -5.08
CA VAL B 37 1.80 13.75 -6.49
C VAL B 37 1.12 12.64 -7.28
N LEU B 38 1.04 11.42 -6.74
CA LEU B 38 0.46 10.22 -7.32
C LEU B 38 -1.02 10.00 -7.10
N ALA B 39 -1.70 10.72 -6.19
CA ALA B 39 -3.10 10.63 -5.86
C ALA B 39 -3.95 10.73 -7.12
N LYS B 40 -3.53 11.60 -8.04
CA LYS B 40 -4.25 11.85 -9.27
C LYS B 40 -4.04 10.83 -10.36
N GLU B 41 -3.13 9.88 -10.17
CA GLU B 41 -2.98 8.79 -11.12
C GLU B 41 -3.77 7.57 -10.66
N LEU B 42 -3.95 7.48 -9.34
CA LEU B 42 -4.78 6.52 -8.63
C LEU B 42 -6.25 6.86 -8.79
N ALA B 43 -6.57 8.06 -9.29
CA ALA B 43 -7.93 8.56 -9.40
C ALA B 43 -8.49 8.36 -10.79
N THR B 44 -7.74 7.61 -11.60
CA THR B 44 -8.11 7.15 -12.92
C THR B 44 -7.39 5.80 -13.06
N THR B 45 -7.35 5.20 -14.25
CA THR B 45 -6.82 3.89 -14.61
C THR B 45 -5.31 3.86 -14.53
N GLY B 46 -4.82 4.07 -13.31
CA GLY B 46 -3.44 4.01 -12.90
C GLY B 46 -3.25 2.79 -12.00
N GLU B 47 -2.34 1.93 -12.45
CA GLU B 47 -1.81 0.85 -11.63
C GLU B 47 -0.35 1.22 -11.46
N VAL B 48 0.02 1.62 -10.25
CA VAL B 48 1.35 2.15 -9.97
C VAL B 48 2.25 1.09 -9.37
N ARG B 49 3.39 0.77 -9.98
CA ARG B 49 4.37 -0.22 -9.58
C ARG B 49 5.42 0.51 -8.73
N LEU B 50 5.98 -0.16 -7.72
CA LEU B 50 6.86 0.48 -6.76
C LEU B 50 7.92 -0.45 -6.18
N PHE B 51 9.10 0.06 -5.79
CA PHE B 51 10.34 -0.61 -5.47
C PHE B 51 10.17 -1.49 -4.23
N ASP B 52 10.35 -2.80 -4.50
CA ASP B 52 10.39 -3.94 -3.61
C ASP B 52 9.01 -4.45 -3.19
N ILE B 53 8.16 -3.46 -2.92
CA ILE B 53 6.89 -3.69 -2.27
C ILE B 53 5.82 -4.26 -3.21
N GLY B 54 5.88 -3.90 -4.49
CA GLY B 54 5.01 -4.46 -5.51
C GLY B 54 4.23 -3.36 -6.24
N LYS B 55 2.91 -3.47 -6.32
CA LYS B 55 2.13 -2.60 -7.18
C LYS B 55 0.81 -2.31 -6.47
N PHE B 56 0.24 -1.15 -6.76
CA PHE B 56 -0.92 -0.55 -6.14
C PHE B 56 -1.98 -0.17 -7.19
N LYS B 57 -3.28 -0.38 -6.92
CA LYS B 57 -4.38 -0.14 -7.81
C LYS B 57 -5.58 0.30 -6.98
N LEU B 58 -6.55 1.05 -7.54
CA LEU B 58 -7.79 1.38 -6.87
C LEU B 58 -8.79 0.30 -7.32
N VAL B 59 -9.42 -0.33 -6.32
CA VAL B 59 -10.48 -1.26 -6.66
C VAL B 59 -11.75 -0.77 -5.98
N THR B 60 -12.86 -1.36 -6.48
CA THR B 60 -14.21 -1.09 -6.07
C THR B 60 -14.54 -2.00 -4.89
N THR B 61 -15.49 -1.46 -4.14
CA THR B 61 -16.26 -2.27 -3.21
C THR B 61 -17.54 -2.56 -3.98
N LYS B 62 -18.17 -3.69 -3.61
CA LYS B 62 -19.44 -4.16 -4.12
C LYS B 62 -20.52 -3.12 -3.82
N PRO B 63 -21.28 -2.56 -4.75
CA PRO B 63 -22.45 -1.77 -4.40
C PRO B 63 -23.63 -2.56 -3.86
N ARG B 64 -24.53 -1.88 -3.17
CA ARG B 64 -25.83 -2.26 -2.64
C ARG B 64 -27.02 -1.74 -3.41
N THR B 65 -28.16 -2.35 -3.09
CA THR B 65 -29.47 -2.07 -3.64
C THR B 65 -30.49 -2.18 -2.51
N GLY B 66 -31.45 -1.25 -2.64
CA GLY B 66 -32.62 -1.08 -1.83
C GLY B 66 -33.91 -1.17 -2.64
N ILE B 67 -35.03 -0.95 -1.94
CA ILE B 67 -36.33 -1.08 -2.59
C ILE B 67 -37.03 0.23 -2.24
N ASN B 68 -37.66 0.89 -3.23
CA ASN B 68 -38.76 1.82 -3.04
C ASN B 68 -40.04 1.18 -2.52
N PRO B 69 -40.73 1.70 -1.50
CA PRO B 69 -41.99 1.07 -1.12
C PRO B 69 -43.28 1.40 -1.85
N LYS B 70 -43.28 2.40 -2.74
CA LYS B 70 -44.49 2.91 -3.33
C LYS B 70 -44.83 2.21 -4.64
N THR B 71 -43.81 1.65 -5.30
CA THR B 71 -43.89 0.69 -6.36
C THR B 71 -42.58 -0.05 -6.09
N LYS B 72 -42.57 -1.38 -6.25
CA LYS B 72 -41.41 -2.19 -5.93
C LYS B 72 -40.31 -2.13 -6.98
N GLN B 73 -39.45 -1.10 -6.87
CA GLN B 73 -38.40 -0.77 -7.80
C GLN B 73 -37.10 -0.53 -7.05
N LYS B 74 -35.93 -0.94 -7.58
CA LYS B 74 -34.67 -1.10 -6.92
C LYS B 74 -33.90 0.22 -6.86
N ILE B 75 -33.47 0.70 -5.69
CA ILE B 75 -32.59 1.84 -5.51
C ILE B 75 -31.17 1.32 -5.68
N GLN B 76 -30.18 2.16 -6.01
CA GLN B 76 -28.82 1.75 -6.24
C GLN B 76 -28.12 2.62 -5.20
N ILE B 77 -27.27 1.95 -4.42
CA ILE B 77 -26.75 2.64 -3.26
C ILE B 77 -25.26 2.30 -3.25
N PRO B 78 -24.38 3.31 -3.28
CA PRO B 78 -22.95 3.06 -3.30
C PRO B 78 -22.40 2.57 -1.96
N ALA B 79 -21.18 2.08 -2.03
CA ALA B 79 -20.34 1.53 -0.98
C ALA B 79 -18.87 1.90 -1.13
N GLY B 80 -18.44 2.31 -2.33
CA GLY B 80 -17.24 3.09 -2.55
C GLY B 80 -16.06 2.27 -3.06
N LYS B 81 -14.90 2.90 -2.85
CA LYS B 81 -13.63 2.38 -3.34
C LYS B 81 -12.64 2.45 -2.21
N LYS B 82 -11.42 2.02 -2.55
CA LYS B 82 -10.30 1.63 -1.71
C LYS B 82 -9.07 1.43 -2.59
N ILE B 83 -7.89 1.92 -2.20
CA ILE B 83 -6.65 1.69 -2.89
C ILE B 83 -6.15 0.40 -2.26
N LYS B 84 -5.78 -0.58 -3.08
CA LYS B 84 -5.43 -1.94 -2.78
C LYS B 84 -3.99 -2.11 -3.23
N LEU B 85 -3.11 -2.58 -2.34
CA LEU B 85 -1.77 -3.08 -2.62
C LEU B 85 -1.93 -4.52 -3.09
N THR B 86 -0.95 -4.93 -3.89
CA THR B 86 -0.67 -6.32 -4.22
C THR B 86 0.84 -6.46 -4.23
N VAL B 87 1.26 -7.57 -3.59
CA VAL B 87 2.62 -7.67 -3.09
C VAL B 87 3.54 -8.41 -4.06
N SER B 88 4.82 -8.03 -4.00
CA SER B 88 5.87 -8.44 -4.91
C SER B 88 6.14 -9.94 -4.95
N LYS B 89 6.95 -10.50 -5.84
CA LYS B 89 7.41 -11.86 -5.83
C LYS B 89 8.21 -12.23 -4.59
N ILE B 90 8.81 -11.27 -3.91
CA ILE B 90 9.54 -11.42 -2.66
C ILE B 90 8.55 -11.66 -1.52
N LEU B 91 7.65 -10.70 -1.32
CA LEU B 91 6.66 -10.70 -0.27
C LEU B 91 5.75 -11.91 -0.35
N THR B 92 5.53 -12.39 -1.57
CA THR B 92 4.66 -13.52 -1.89
C THR B 92 5.23 -14.82 -1.35
N ASP B 93 6.55 -14.97 -1.50
CA ASP B 93 7.33 -16.09 -1.00
C ASP B 93 7.40 -16.08 0.52
N ALA B 94 7.72 -14.95 1.16
CA ALA B 94 7.63 -14.69 2.58
C ALA B 94 6.33 -15.04 3.29
N VAL B 95 5.26 -14.58 2.62
CA VAL B 95 3.94 -14.96 3.06
C VAL B 95 3.55 -16.40 2.81
N ASP B 96 3.95 -16.92 1.66
CA ASP B 96 3.88 -18.36 1.42
C ASP B 96 4.66 -19.21 2.41
N SER B 97 5.97 -19.08 2.60
CA SER B 97 6.78 -19.81 3.54
C SER B 97 7.63 -18.79 4.27
N HIS B 98 7.35 -18.47 5.55
CA HIS B 98 8.11 -17.52 6.32
C HIS B 98 9.24 -18.34 6.91
N LYS B 99 10.46 -17.76 6.96
CA LYS B 99 11.72 -18.34 7.33
C LYS B 99 12.80 -17.29 7.49
N MET A 1 -6.98 -9.45 -20.40
CA MET A 1 -7.09 -8.02 -20.71
C MET A 1 -6.65 -7.14 -19.54
N ALA A 2 -5.67 -6.26 -19.63
CA ALA A 2 -5.35 -5.27 -18.61
C ALA A 2 -4.60 -4.23 -19.43
N LYS A 3 -5.36 -3.34 -20.07
CA LYS A 3 -4.89 -2.16 -20.77
C LYS A 3 -4.75 -1.08 -19.70
N ILE A 4 -3.79 -1.33 -18.80
CA ILE A 4 -3.71 -0.68 -17.51
C ILE A 4 -2.26 -0.21 -17.47
N LYS A 5 -1.95 1.04 -17.14
CA LYS A 5 -0.60 1.59 -17.10
C LYS A 5 0.10 1.16 -15.81
N SER A 6 1.34 0.79 -16.13
CA SER A 6 2.33 0.52 -15.11
C SER A 6 3.24 1.74 -14.98
N LEU A 7 3.26 2.26 -13.74
CA LEU A 7 3.92 3.50 -13.42
C LEU A 7 4.71 3.28 -12.14
N SER A 8 5.78 4.07 -11.96
CA SER A 8 6.66 4.13 -10.82
C SER A 8 7.21 5.56 -10.75
N ALA A 9 8.38 5.76 -10.16
CA ALA A 9 9.12 6.98 -9.90
C ALA A 9 9.37 7.94 -11.03
N ALA A 10 9.27 7.36 -12.25
CA ALA A 10 9.51 8.09 -13.46
C ALA A 10 8.28 8.93 -13.77
N GLU A 11 7.06 8.44 -13.50
CA GLU A 11 5.84 9.22 -13.68
C GLU A 11 5.75 10.32 -12.64
N TYR A 12 6.25 10.08 -11.42
CA TYR A 12 6.36 11.06 -10.35
C TYR A 12 7.16 12.29 -10.74
N LEU A 13 8.48 12.11 -10.95
CA LEU A 13 9.47 13.14 -10.78
C LEU A 13 9.37 14.10 -11.96
N LYS A 14 8.75 13.79 -13.10
CA LYS A 14 8.42 14.69 -14.18
C LYS A 14 7.45 15.79 -13.77
N GLU A 15 6.56 15.56 -12.79
CA GLU A 15 5.78 16.57 -12.09
C GLU A 15 6.60 17.26 -11.00
N MET A 16 7.62 16.69 -10.39
CA MET A 16 8.46 17.31 -9.38
C MET A 16 9.60 18.08 -10.01
N ALA A 17 9.64 18.43 -11.30
CA ALA A 17 10.71 19.04 -12.06
C ALA A 17 11.00 20.46 -11.57
N ASP A 18 10.11 21.15 -10.88
CA ASP A 18 10.36 22.44 -10.25
C ASP A 18 11.20 22.32 -8.99
N GLU A 19 10.95 21.23 -8.27
CA GLU A 19 11.44 20.94 -6.94
C GLU A 19 12.77 20.21 -6.94
N THR A 20 12.86 19.16 -7.76
CA THR A 20 13.97 18.23 -7.87
C THR A 20 14.45 18.26 -9.32
N ASN A 21 15.52 18.96 -9.73
CA ASN A 21 16.08 18.92 -11.07
C ASN A 21 17.59 18.78 -11.08
N ILE A 22 18.28 19.19 -10.00
CA ILE A 22 19.71 19.10 -9.87
C ILE A 22 19.98 17.77 -9.18
N LYS A 23 19.13 17.29 -8.27
CA LYS A 23 19.19 15.90 -7.84
C LYS A 23 17.93 15.21 -8.37
N VAL A 24 18.09 14.11 -9.11
CA VAL A 24 16.93 13.55 -9.75
C VAL A 24 17.01 12.02 -9.83
N GLN A 25 18.16 11.43 -10.13
CA GLN A 25 18.30 9.99 -10.25
C GLN A 25 18.44 9.36 -8.87
N ASP A 26 18.79 10.17 -7.87
CA ASP A 26 19.17 9.84 -6.50
C ASP A 26 17.90 9.79 -5.66
N ILE A 27 16.85 10.47 -6.10
CA ILE A 27 15.56 10.53 -5.44
C ILE A 27 14.67 9.30 -5.62
N ARG A 28 14.98 8.50 -6.66
CA ARG A 28 14.57 7.13 -6.80
C ARG A 28 15.04 6.22 -5.66
N LEU A 29 16.18 6.56 -5.05
CA LEU A 29 16.74 5.70 -4.05
C LEU A 29 16.00 5.93 -2.73
N VAL A 30 15.40 7.11 -2.60
CA VAL A 30 14.69 7.56 -1.42
C VAL A 30 13.31 6.93 -1.43
N VAL A 31 12.74 6.83 -2.63
CA VAL A 31 11.46 6.24 -2.96
C VAL A 31 11.55 4.75 -2.64
N THR A 32 12.73 4.14 -2.80
CA THR A 32 12.98 2.72 -2.61
C THR A 32 13.10 2.44 -1.12
N SER A 33 13.81 3.28 -0.37
CA SER A 33 14.19 3.18 1.04
C SER A 33 12.95 3.09 1.93
N LEU A 34 11.90 3.78 1.48
CA LEU A 34 10.62 3.85 2.18
C LEU A 34 9.97 2.47 2.11
N GLN A 35 9.94 1.95 0.88
CA GLN A 35 9.24 0.71 0.63
C GLN A 35 9.97 -0.47 1.24
N LYS A 36 11.30 -0.37 1.39
CA LYS A 36 12.20 -1.26 2.09
C LYS A 36 11.79 -1.51 3.54
N VAL A 37 11.59 -0.47 4.34
CA VAL A 37 11.14 -0.56 5.72
C VAL A 37 9.71 -1.06 5.73
N LEU A 38 8.76 -0.50 4.98
CA LEU A 38 7.39 -0.94 4.77
C LEU A 38 7.18 -2.43 4.62
N ALA A 39 7.74 -2.93 3.53
CA ALA A 39 7.90 -4.34 3.21
C ALA A 39 8.53 -5.10 4.36
N LYS A 40 9.66 -4.72 4.96
CA LYS A 40 10.31 -5.56 5.95
C LYS A 40 9.59 -5.67 7.30
N GLU A 41 8.93 -4.60 7.72
CA GLU A 41 8.02 -4.66 8.85
C GLU A 41 6.84 -5.60 8.65
N LEU A 42 6.29 -5.65 7.43
CA LEU A 42 5.17 -6.52 7.15
C LEU A 42 5.53 -7.99 7.20
N ALA A 43 6.66 -8.29 6.56
CA ALA A 43 7.22 -9.61 6.45
C ALA A 43 7.61 -10.33 7.73
N THR A 44 7.72 -9.56 8.82
CA THR A 44 8.06 -10.04 10.15
C THR A 44 6.79 -9.95 10.99
N THR A 45 5.64 -9.54 10.42
CA THR A 45 4.29 -9.69 10.95
C THR A 45 3.98 -8.57 11.91
N GLY A 46 4.26 -7.34 11.49
CA GLY A 46 4.08 -6.08 12.17
C GLY A 46 3.01 -5.15 11.62
N GLU A 47 3.12 -3.85 11.86
CA GLU A 47 2.30 -2.72 11.49
C GLU A 47 3.14 -1.47 11.28
N VAL A 48 2.90 -0.73 10.18
CA VAL A 48 3.49 0.57 9.96
C VAL A 48 2.34 1.56 9.91
N ARG A 49 2.54 2.74 10.53
CA ARG A 49 1.51 3.73 10.74
C ARG A 49 2.01 5.09 10.27
N LEU A 50 1.60 5.45 9.06
CA LEU A 50 2.07 6.64 8.39
C LEU A 50 1.14 7.76 8.83
N PHE A 51 1.65 8.98 8.95
CA PHE A 51 1.13 10.21 9.52
C PHE A 51 -0.04 10.80 8.76
N ASP A 52 -1.22 10.62 9.34
CA ASP A 52 -2.56 10.84 8.83
C ASP A 52 -3.05 9.80 7.83
N ILE A 53 -2.13 9.17 7.08
CA ILE A 53 -2.28 8.30 5.93
C ILE A 53 -2.97 6.99 6.28
N GLY A 54 -2.74 6.40 7.46
CA GLY A 54 -3.26 5.15 7.98
C GLY A 54 -2.11 4.17 7.97
N LYS A 55 -2.54 2.91 7.74
CA LYS A 55 -1.76 1.74 8.07
C LYS A 55 -1.67 0.68 6.98
N PHE A 56 -0.49 0.12 6.87
CA PHE A 56 -0.22 -1.19 6.29
C PHE A 56 -0.13 -2.18 7.45
N LYS A 57 -0.74 -3.35 7.30
CA LYS A 57 -0.81 -4.29 8.42
C LYS A 57 -1.08 -5.66 7.85
N LEU A 58 -1.34 -6.75 8.57
CA LEU A 58 -1.81 -8.06 8.16
C LEU A 58 -3.16 -8.31 8.82
N VAL A 59 -3.94 -9.13 8.11
CA VAL A 59 -5.09 -9.89 8.57
C VAL A 59 -4.48 -11.26 8.87
N THR A 60 -4.77 -11.80 10.05
CA THR A 60 -3.96 -12.83 10.69
C THR A 60 -4.88 -13.65 11.59
N THR A 61 -4.61 -14.95 11.57
CA THR A 61 -5.06 -16.00 12.47
C THR A 61 -3.85 -16.70 13.08
N LYS A 62 -3.98 -16.97 14.38
CA LYS A 62 -3.04 -17.66 15.24
C LYS A 62 -3.28 -19.17 15.23
N PRO A 63 -2.29 -20.04 15.50
CA PRO A 63 -2.47 -21.45 15.30
C PRO A 63 -3.46 -22.23 16.18
N ARG A 64 -3.80 -23.44 15.74
CA ARG A 64 -4.63 -24.42 16.39
C ARG A 64 -3.94 -25.77 16.41
N THR A 65 -4.02 -26.42 17.58
CA THR A 65 -3.30 -27.65 17.79
C THR A 65 -4.25 -28.51 18.61
N GLY A 66 -3.81 -29.68 19.06
CA GLY A 66 -4.54 -30.63 19.87
C GLY A 66 -4.55 -32.02 19.24
N ILE A 67 -5.63 -32.77 19.43
CA ILE A 67 -5.73 -34.17 19.10
C ILE A 67 -7.05 -34.31 18.36
N ASN A 68 -6.98 -35.14 17.32
CA ASN A 68 -8.14 -35.72 16.67
C ASN A 68 -8.95 -36.55 17.66
N PRO A 69 -10.26 -36.31 17.75
CA PRO A 69 -11.11 -36.96 18.72
C PRO A 69 -11.47 -38.42 18.45
N LYS A 70 -11.48 -38.83 17.17
CA LYS A 70 -12.04 -40.03 16.61
C LYS A 70 -10.91 -41.08 16.53
N THR A 71 -9.67 -40.63 16.35
CA THR A 71 -8.53 -41.52 16.19
C THR A 71 -7.32 -40.91 16.88
N LYS A 72 -6.31 -41.70 17.22
CA LYS A 72 -5.01 -41.28 17.71
C LYS A 72 -4.18 -40.60 16.64
N GLN A 73 -4.26 -39.26 16.52
CA GLN A 73 -3.55 -38.39 15.62
C GLN A 73 -3.59 -36.98 16.20
N LYS A 74 -2.45 -36.30 16.25
CA LYS A 74 -2.31 -34.87 16.32
C LYS A 74 -3.20 -34.00 15.42
N ILE A 75 -3.66 -32.87 15.96
CA ILE A 75 -4.17 -31.78 15.16
C ILE A 75 -3.02 -30.79 15.26
N GLN A 76 -2.66 -30.27 14.08
CA GLN A 76 -1.56 -29.33 13.97
C GLN A 76 -1.93 -28.41 12.82
N ILE A 77 -2.83 -27.45 13.05
CA ILE A 77 -3.13 -26.44 12.06
C ILE A 77 -2.19 -25.31 12.43
N PRO A 78 -1.42 -24.84 11.45
CA PRO A 78 -0.49 -23.76 11.70
C PRO A 78 -1.19 -22.41 11.52
N ALA A 79 -0.50 -21.34 11.87
CA ALA A 79 -0.82 -19.94 11.67
C ALA A 79 -1.12 -19.65 10.21
N GLY A 80 -1.97 -18.66 9.95
CA GLY A 80 -2.41 -18.17 8.65
C GLY A 80 -2.52 -16.65 8.53
N LYS A 81 -1.88 -15.98 7.58
CA LYS A 81 -1.83 -14.55 7.36
C LYS A 81 -1.73 -14.04 5.93
N LYS A 82 -2.23 -12.83 5.68
CA LYS A 82 -2.00 -12.01 4.50
C LYS A 82 -1.85 -10.54 4.84
N ILE A 83 -1.04 -9.78 4.10
CA ILE A 83 -0.91 -8.33 4.12
C ILE A 83 -2.15 -7.66 3.56
N LYS A 84 -2.50 -6.55 4.22
CA LYS A 84 -3.50 -5.60 3.79
C LYS A 84 -3.08 -4.16 4.04
N LEU A 85 -3.69 -3.22 3.30
CA LEU A 85 -3.42 -1.80 3.39
C LEU A 85 -4.73 -1.11 3.73
N THR A 86 -4.70 -0.26 4.76
CA THR A 86 -5.91 0.34 5.27
C THR A 86 -5.63 1.83 5.49
N VAL A 87 -5.46 2.52 4.36
CA VAL A 87 -5.15 3.93 4.32
C VAL A 87 -6.49 4.62 4.52
N SER A 88 -6.46 5.87 5.00
CA SER A 88 -7.56 6.77 5.21
C SER A 88 -8.25 7.12 3.91
N LYS A 89 -9.58 7.21 3.95
CA LYS A 89 -10.46 7.55 2.85
C LYS A 89 -10.14 8.85 2.14
N ILE A 90 -9.48 9.75 2.89
CA ILE A 90 -9.20 11.14 2.56
C ILE A 90 -8.26 11.42 1.40
N LEU A 91 -7.70 10.41 0.72
CA LEU A 91 -6.91 10.53 -0.48
C LEU A 91 -7.71 9.89 -1.59
N THR A 92 -8.98 9.55 -1.40
CA THR A 92 -9.82 8.72 -2.25
C THR A 92 -11.29 9.05 -1.98
N ASP A 93 -11.54 10.27 -1.46
CA ASP A 93 -12.81 10.81 -1.02
C ASP A 93 -12.78 12.32 -1.26
N ALA A 94 -13.65 12.86 -2.13
CA ALA A 94 -13.80 14.27 -2.38
C ALA A 94 -12.68 14.91 -3.19
N VAL A 95 -11.49 14.31 -3.15
CA VAL A 95 -10.23 14.86 -3.60
C VAL A 95 -9.26 13.76 -4.01
N ASP A 96 -8.23 14.09 -4.78
CA ASP A 96 -6.92 13.50 -4.90
C ASP A 96 -6.99 12.35 -5.89
N SER A 97 -7.69 11.26 -5.53
CA SER A 97 -7.89 10.15 -6.43
C SER A 97 -9.33 9.69 -6.63
N HIS A 98 -10.30 10.43 -6.10
CA HIS A 98 -11.73 10.19 -6.21
C HIS A 98 -12.44 11.49 -5.86
N LYS A 99 -13.60 11.76 -6.48
CA LYS A 99 -14.25 13.06 -6.53
C LYS A 99 -15.68 12.85 -7.03
N MET B 1 6.54 -1.93 19.02
CA MET B 1 5.43 -0.99 18.86
C MET B 1 5.07 -0.88 17.38
N ALA B 2 3.79 -0.83 16.98
CA ALA B 2 3.35 -0.54 15.62
C ALA B 2 3.93 0.78 15.12
N LYS B 3 4.83 0.74 14.14
CA LYS B 3 5.74 1.79 13.75
C LYS B 3 5.07 3.08 13.30
N ILE B 4 4.91 4.04 14.23
CA ILE B 4 4.58 5.44 14.14
C ILE B 4 5.80 6.20 13.65
N LYS B 5 5.62 7.37 13.02
CA LYS B 5 6.51 8.32 12.39
C LYS B 5 7.93 8.38 12.95
N SER B 6 8.04 8.58 14.25
CA SER B 6 9.28 8.96 14.89
C SER B 6 10.22 7.76 15.00
N LEU B 7 9.70 6.54 15.00
CA LEU B 7 10.53 5.35 15.00
C LEU B 7 11.00 5.06 13.58
N SER B 8 10.06 5.16 12.64
CA SER B 8 10.29 4.99 11.22
C SER B 8 11.20 6.01 10.53
N ALA B 9 11.21 7.29 10.92
CA ALA B 9 12.09 8.34 10.44
C ALA B 9 13.52 8.30 10.96
N ALA B 10 14.05 7.14 11.36
CA ALA B 10 15.42 6.78 11.64
C ALA B 10 15.77 5.38 11.18
N GLU B 11 14.86 4.69 10.50
CA GLU B 11 14.96 3.31 10.06
C GLU B 11 15.26 3.17 8.57
N TYR B 12 14.77 4.12 7.78
CA TYR B 12 14.71 4.17 6.32
C TYR B 12 16.14 4.27 5.84
N LEU B 13 16.83 5.36 6.25
CA LEU B 13 18.18 5.70 5.91
C LEU B 13 19.20 4.90 6.71
N LYS B 14 18.76 3.80 7.33
CA LYS B 14 19.60 2.82 7.99
C LYS B 14 19.57 1.54 7.15
N GLU B 15 18.36 1.17 6.69
CA GLU B 15 18.14 -0.01 5.87
C GLU B 15 18.68 0.22 4.47
N MET B 16 18.70 1.44 3.97
CA MET B 16 19.21 1.88 2.68
C MET B 16 19.44 3.38 2.83
N ALA B 17 20.69 3.78 3.02
CA ALA B 17 21.16 5.14 2.91
C ALA B 17 21.83 5.56 1.60
N ASP B 18 22.63 4.66 1.04
CA ASP B 18 23.53 4.90 -0.07
C ASP B 18 24.79 5.60 0.40
N GLU B 19 25.43 5.04 1.43
CA GLU B 19 26.43 5.74 2.20
C GLU B 19 25.67 6.75 3.04
N THR B 20 25.59 8.00 2.57
CA THR B 20 24.81 9.11 3.06
C THR B 20 24.20 10.03 2.01
N ASN B 21 23.80 9.45 0.87
CA ASN B 21 23.13 10.14 -0.22
C ASN B 21 21.76 10.61 0.23
N ILE B 22 21.11 9.64 0.86
CA ILE B 22 19.77 9.85 1.40
C ILE B 22 19.93 10.29 2.84
N LYS B 23 19.30 11.39 3.28
CA LYS B 23 19.32 12.05 4.56
C LYS B 23 17.86 12.29 4.91
N VAL B 24 17.55 12.72 6.15
CA VAL B 24 16.25 13.13 6.63
C VAL B 24 15.57 14.26 5.89
N GLN B 25 16.36 15.21 5.40
CA GLN B 25 16.03 16.17 4.37
C GLN B 25 15.19 15.63 3.20
N ASP B 26 15.73 14.58 2.57
CA ASP B 26 15.18 13.96 1.37
C ASP B 26 13.97 13.13 1.73
N ILE B 27 14.05 12.33 2.80
CA ILE B 27 12.98 11.50 3.32
C ILE B 27 11.72 12.33 3.49
N ARG B 28 11.87 13.50 4.11
CA ARG B 28 10.71 14.29 4.50
C ARG B 28 10.08 14.97 3.29
N LEU B 29 10.72 14.97 2.11
CA LEU B 29 10.20 15.55 0.90
C LEU B 29 9.36 14.50 0.17
N VAL B 30 9.90 13.28 0.02
CA VAL B 30 9.30 12.23 -0.76
C VAL B 30 7.99 11.79 -0.11
N VAL B 31 7.85 11.71 1.22
CA VAL B 31 6.62 11.20 1.82
C VAL B 31 5.51 12.25 1.83
N THR B 32 5.67 13.41 1.19
CA THR B 32 4.65 14.43 1.14
C THR B 32 4.38 14.87 -0.29
N SER B 33 5.05 14.24 -1.26
CA SER B 33 4.87 14.53 -2.66
C SER B 33 4.53 13.32 -3.51
N LEU B 34 4.78 12.07 -3.08
CA LEU B 34 4.87 10.87 -3.88
C LEU B 34 3.45 10.44 -4.26
N GLN B 35 2.64 10.06 -3.27
CA GLN B 35 1.21 9.90 -3.35
C GLN B 35 0.38 11.05 -3.88
N LYS B 36 0.88 12.29 -3.83
CA LYS B 36 0.13 13.46 -4.19
C LYS B 36 0.10 13.62 -5.70
N VAL B 37 1.22 13.36 -6.37
CA VAL B 37 1.39 13.39 -7.80
C VAL B 37 0.78 12.18 -8.49
N LEU B 38 0.88 11.02 -7.82
CA LEU B 38 0.47 9.77 -8.44
C LEU B 38 -1.03 9.63 -8.31
N ALA B 39 -1.77 10.47 -7.60
CA ALA B 39 -3.17 10.28 -7.23
C ALA B 39 -4.12 10.39 -8.39
N LYS B 40 -3.80 11.38 -9.24
CA LYS B 40 -4.45 11.59 -10.53
C LYS B 40 -4.38 10.43 -11.50
N GLU B 41 -3.31 9.63 -11.49
CA GLU B 41 -3.10 8.53 -12.40
C GLU B 41 -3.64 7.21 -11.84
N LEU B 42 -3.86 7.17 -10.53
CA LEU B 42 -4.58 6.10 -9.87
C LEU B 42 -6.08 6.18 -10.05
N ALA B 43 -6.62 7.41 -10.10
CA ALA B 43 -8.00 7.78 -10.40
C ALA B 43 -8.47 7.35 -11.78
N THR B 44 -7.48 7.08 -12.65
CA THR B 44 -7.71 6.67 -14.02
C THR B 44 -7.08 5.28 -14.13
N THR B 45 -6.83 4.80 -15.35
CA THR B 45 -6.26 3.51 -15.67
C THR B 45 -4.82 3.27 -15.19
N GLY B 46 -4.36 3.63 -13.99
CA GLY B 46 -2.98 3.43 -13.59
C GLY B 46 -2.96 2.49 -12.40
N GLU B 47 -1.92 1.63 -12.38
CA GLU B 47 -1.57 0.70 -11.34
C GLU B 47 -0.16 1.04 -10.91
N VAL B 48 0.06 1.70 -9.77
CA VAL B 48 1.34 2.26 -9.36
C VAL B 48 2.18 1.10 -8.82
N ARG B 49 3.24 0.71 -9.52
CA ARG B 49 4.27 -0.14 -8.97
C ARG B 49 5.21 0.71 -8.13
N LEU B 50 5.69 0.13 -7.02
CA LEU B 50 6.68 0.68 -6.13
C LEU B 50 7.59 -0.50 -5.80
N PHE B 51 8.91 -0.27 -5.72
CA PHE B 51 9.93 -1.26 -5.45
C PHE B 51 9.75 -1.97 -4.10
N ASP B 52 9.81 -3.30 -4.09
CA ASP B 52 9.66 -4.23 -2.98
C ASP B 52 8.22 -4.56 -2.57
N ILE B 53 7.50 -3.47 -2.29
CA ILE B 53 6.23 -3.51 -1.62
C ILE B 53 5.11 -4.02 -2.51
N GLY B 54 5.36 -3.94 -3.83
CA GLY B 54 4.54 -4.49 -4.89
C GLY B 54 3.85 -3.39 -5.65
N LYS B 55 2.53 -3.52 -5.81
CA LYS B 55 1.80 -2.51 -6.55
C LYS B 55 0.46 -2.08 -5.95
N PHE B 56 0.08 -0.82 -6.14
CA PHE B 56 -1.07 -0.15 -5.57
C PHE B 56 -2.11 -0.05 -6.68
N LYS B 57 -3.37 -0.40 -6.42
CA LYS B 57 -4.45 -0.07 -7.32
C LYS B 57 -5.56 0.58 -6.50
N LEU B 58 -6.41 1.34 -7.18
CA LEU B 58 -7.66 1.96 -6.75
C LEU B 58 -8.88 1.14 -7.08
N VAL B 59 -9.72 0.68 -6.14
CA VAL B 59 -10.79 -0.26 -6.35
C VAL B 59 -12.13 0.25 -5.83
N THR B 60 -13.27 -0.04 -6.44
CA THR B 60 -14.60 0.35 -6.00
C THR B 60 -15.00 -0.63 -4.91
N THR B 61 -15.61 -0.23 -3.79
CA THR B 61 -16.01 -1.02 -2.65
C THR B 61 -17.43 -1.50 -2.89
N LYS B 62 -17.78 -2.77 -2.59
CA LYS B 62 -18.98 -3.49 -2.93
C LYS B 62 -20.21 -2.62 -2.70
N PRO B 63 -21.10 -2.39 -3.66
CA PRO B 63 -22.34 -1.67 -3.46
C PRO B 63 -23.27 -2.19 -2.36
N ARG B 64 -23.88 -1.25 -1.65
CA ARG B 64 -25.00 -1.51 -0.76
C ARG B 64 -26.24 -1.44 -1.64
N THR B 65 -27.37 -1.90 -1.09
CA THR B 65 -28.66 -1.92 -1.75
C THR B 65 -29.80 -1.38 -0.90
N GLY B 66 -30.64 -0.59 -1.57
CA GLY B 66 -31.91 -0.13 -1.06
C GLY B 66 -33.06 -0.63 -1.91
N ILE B 67 -34.28 -0.15 -1.66
CA ILE B 67 -35.39 -0.23 -2.59
C ILE B 67 -35.57 1.21 -3.02
N ASN B 68 -35.78 1.41 -4.32
CA ASN B 68 -36.23 2.57 -5.05
C ASN B 68 -37.50 3.18 -4.45
N PRO B 69 -37.60 4.47 -4.18
CA PRO B 69 -38.82 5.12 -3.73
C PRO B 69 -40.05 5.21 -4.62
N LYS B 70 -39.82 5.34 -5.94
CA LYS B 70 -40.80 5.69 -6.96
C LYS B 70 -41.52 4.53 -7.61
N THR B 71 -40.89 3.35 -7.52
CA THR B 71 -41.25 2.13 -8.21
C THR B 71 -40.65 0.97 -7.42
N LYS B 72 -41.15 -0.25 -7.51
CA LYS B 72 -40.60 -1.41 -6.83
C LYS B 72 -39.43 -1.99 -7.61
N GLN B 73 -38.26 -1.40 -7.39
CA GLN B 73 -36.99 -1.64 -8.05
C GLN B 73 -35.87 -1.61 -7.01
N LYS B 74 -34.74 -2.27 -7.32
CA LYS B 74 -33.55 -2.29 -6.49
C LYS B 74 -32.69 -1.06 -6.71
N ILE B 75 -32.04 -0.50 -5.69
CA ILE B 75 -30.96 0.47 -5.76
C ILE B 75 -29.66 -0.30 -5.60
N GLN B 76 -28.61 -0.01 -6.37
CA GLN B 76 -27.18 -0.18 -6.18
C GLN B 76 -26.57 1.14 -5.75
N ILE B 77 -26.28 1.30 -4.45
CA ILE B 77 -25.78 2.50 -3.80
C ILE B 77 -24.28 2.28 -3.62
N PRO B 78 -23.41 3.16 -4.13
CA PRO B 78 -21.97 3.03 -3.95
C PRO B 78 -21.54 3.32 -2.52
N ALA B 79 -20.43 2.72 -2.07
CA ALA B 79 -19.90 2.82 -0.72
C ALA B 79 -18.49 3.37 -0.70
N GLY B 80 -17.82 3.61 -1.84
CA GLY B 80 -16.59 4.36 -1.97
C GLY B 80 -15.58 3.69 -2.90
N LYS B 81 -14.36 4.21 -2.76
CA LYS B 81 -13.14 3.68 -3.35
C LYS B 81 -12.00 3.72 -2.35
N LYS B 82 -11.26 2.60 -2.35
CA LYS B 82 -10.09 2.28 -1.55
C LYS B 82 -8.84 2.05 -2.38
N ILE B 83 -7.71 2.42 -1.79
CA ILE B 83 -6.40 2.01 -2.27
C ILE B 83 -6.14 0.64 -1.65
N LYS B 84 -5.86 -0.34 -2.51
CA LYS B 84 -5.66 -1.76 -2.27
C LYS B 84 -4.23 -2.03 -2.68
N LEU B 85 -3.40 -2.57 -1.78
CA LEU B 85 -2.09 -3.09 -2.16
C LEU B 85 -2.34 -4.53 -2.62
N THR B 86 -1.44 -5.00 -3.50
CA THR B 86 -1.20 -6.37 -3.89
C THR B 86 0.31 -6.45 -3.88
N VAL B 87 0.81 -7.35 -3.03
CA VAL B 87 2.19 -7.64 -2.73
C VAL B 87 2.84 -8.59 -3.71
N SER B 88 4.17 -8.70 -3.69
CA SER B 88 4.99 -9.56 -4.51
C SER B 88 4.67 -11.02 -4.29
N LYS B 89 5.27 -11.94 -5.05
CA LYS B 89 5.34 -13.33 -4.64
C LYS B 89 6.11 -13.57 -3.36
N ILE B 90 7.14 -12.81 -3.00
CA ILE B 90 7.96 -12.93 -1.81
C ILE B 90 7.14 -12.61 -0.57
N LEU B 91 6.38 -11.52 -0.60
CA LEU B 91 5.41 -11.07 0.38
C LEU B 91 4.06 -11.76 0.33
N THR B 92 4.02 -12.80 -0.52
CA THR B 92 3.03 -13.85 -0.42
C THR B 92 3.71 -14.97 0.35
N ASP B 93 4.68 -15.63 -0.27
CA ASP B 93 5.43 -16.82 0.09
C ASP B 93 5.88 -16.88 1.55
N ALA B 94 6.71 -15.90 1.94
CA ALA B 94 7.39 -15.79 3.22
C ALA B 94 6.58 -15.03 4.26
N VAL B 95 5.29 -14.89 3.92
CA VAL B 95 4.20 -14.64 4.85
C VAL B 95 3.28 -15.84 5.07
N ASP B 96 2.95 -16.47 3.93
CA ASP B 96 2.22 -17.70 3.71
C ASP B 96 2.89 -18.97 4.24
N SER B 97 4.21 -18.91 4.48
CA SER B 97 5.01 -19.87 5.21
C SER B 97 5.97 -19.07 6.09
N HIS B 98 6.31 -19.66 7.25
CA HIS B 98 7.05 -19.01 8.31
C HIS B 98 8.53 -18.92 7.97
N LYS B 99 8.99 -17.74 7.53
CA LYS B 99 10.31 -17.52 6.99
C LYS B 99 11.02 -16.38 7.71
#